data_9BBK
#
_entry.id   9BBK
#
_cell.length_a   1.00
_cell.length_b   1.00
_cell.length_c   1.00
_cell.angle_alpha   90.00
_cell.angle_beta   90.00
_cell.angle_gamma   90.00
#
_symmetry.space_group_name_H-M   'P 1'
#
loop_
_entity.id
_entity.type
_entity.pdbx_description
1 polymer 'Spike glycoprotein'
2 branched 2-acetamido-2-deoxy-beta-D-glucopyranose-(1-4)-2-acetamido-2-deoxy-beta-D-glucopyranose
3 branched beta-D-mannopyranose-(1-4)-2-acetamido-2-deoxy-beta-D-glucopyranose-(1-4)-2-acetamido-2-deoxy-beta-D-glucopyranose
4 branched 2-acetamido-2-deoxy-beta-D-glucopyranose-(1-4)-[alpha-L-fucopyranose-(1-6)]2-acetamido-2-deoxy-beta-D-glucopyranose
5 branched alpha-D-mannopyranose-(1-6)-beta-D-mannopyranose-(1-4)-2-acetamido-2-deoxy-beta-D-glucopyranose-(1-4)-2-acetamido-2-deoxy-beta-D-glucopyranose
6 branched beta-D-mannopyranose-(1-4)-2-acetamido-2-deoxy-beta-D-glucopyranose-(1-4)-[alpha-L-fucopyranose-(1-6)]2-acetamido-2-deoxy-beta-D-glucopyranose
7 branched alpha-D-mannopyranose-(1-3)-beta-D-mannopyranose-(1-4)-2-acetamido-2-deoxy-beta-D-glucopyranose-(1-4)-2-acetamido-2-deoxy-beta-D-glucopyranose
8 branched alpha-D-mannopyranose-(1-3)-beta-D-mannopyranose-(1-4)-2-acetamido-2-deoxy-beta-D-glucopyranose-(1-4)-[alpha-L-fucopyranose-(1-6)]2-acetamido-2-deoxy-beta-D-glucopyranose
9 non-polymer 2-acetamido-2-deoxy-beta-D-glucopyranose
#
_entity_poly.entity_id   1
_entity_poly.type   'polypeptide(L)'
_entity_poly.pdbx_seq_one_letter_code
;MFVFLVLLPLVSSQCVNLSAWSHPQFEKGGGSGGGSGGSSAWSHPQFEKSALVPRGSTTRTQLPPAYTNSFTRGVYYPDK
VFRSSVLHSTQDLFLPFFSNVTWFHAIHVSGTNGTKRFDNPVLPFNDGVYFASTEKSNIIRGWIFGTTLDSKTQSLLIVN
NATNVVIKVCEFQFCNDPFLGVYYHKNNKSWMESEFRVYSSANNCTFEYVSQPFLMDLEGKQGNFKNLREFVFKNIDGYF
KIYSKHTPINLVRDLPQGFSALEPLVDLPIGINITRFQTLLALHRSYLTPGDSSSGWTAGAAAYYVGYLQPRTFLLKYNE
NGTITDAVDCALDPLSETKCTLKSFTVEKGIYQTSNFRVQPTESIVRFPNITNLCPFGEVFNATRFASVYAWNRKRISNC
VADYSVLYNSASFSTFKCYGVSPTKLNDLCFTNVYADSFVIRGDEVRQIAPGQTGKIADYNYKLPDDFTGCVIAWNSNNL
DSKVGGNYNYLYRLFRKSNLKPFERDISTEIYQAGSTPCNGVEGFNCYFPLQSYGFQPTNGVGYQPYRVVVLSFELLHAP
ATVCGPKKSTNLVKNKCVNFNFNGLTGTGVLTESNKKFLPFQQFGRDIADTTDAVRDPQTLEILDITPCSFGGVSVITPG
TNTSNQVAVLYQGVNCTEVPVAIHADQLTPTWRVYSTGSNVFQTRAGCLIGAEHVNNSYECDIPIGAGICASYQTQTNSP
GSASSVASQSIIAYTMSLGAENSVAYSNNSIAIPTNFTISVTTEILPVSMTKTSVDCTMYICGDSTECSNLLLQYGSFCT
QLNRALTGIAVEQDKNTQEVFAQVKQIYKTPPIKDFGGFNFSQILPDPSKPSKRSFIEDLLFNKVTLADAGFIKQYGDCL
GDIAARDLICAQKFNGLTVLPPLLTDEMIAQYTSALLAGTITSGWTFGAGAALQIPFAMQMAYRFNGIGVTQNVLYENQK
LIANQFNSAIGKIQDSLSSTASALGKLQDVVNQNAQALNTLVKQLSSNFGAISSVLNDILSRLDPPEAEVQIDRLITGRL
QSLQTYVTQQLIRAAEIRASANLAATKMSECVLGQSKRVDFCGKGYHLMSFPQSAPHGVVFLHVTYVPAQEKNFTTAPAI
CHDGKAHFPREGVFVSNGTHWFVTQRNFYEPQIITTDNTFVSGNCDVVIGIVNNTVYDPLQPELDSFKEELDKYFKNHTS
PDVDLGDISGINASVVNIQKEIDRLNEVAKNLNESLIDLQELGKYEQYIKWPWYIWLGFIAGLIAIVMVTIMLCCMTSCC
SCLKGCCSCGSCCKFDEDDSEPVLKGVKLKYT
;
_entity_poly.pdbx_strand_id   A,B,C
#
loop_
_chem_comp.id
_chem_comp.type
_chem_comp.name
_chem_comp.formula
BMA D-saccharide, beta linking beta-D-mannopyranose 'C6 H12 O6'
FUC L-saccharide, alpha linking alpha-L-fucopyranose 'C6 H12 O5'
MAN D-saccharide, alpha linking alpha-D-mannopyranose 'C6 H12 O6'
NAG D-saccharide, beta linking 2-acetamido-2-deoxy-beta-D-glucopyranose 'C8 H15 N O6'
#
# COMPACT_ATOMS: atom_id res chain seq x y z
N ALA A 66 -2.21 34.58 -49.08
CA ALA A 66 -2.94 35.35 -48.09
C ALA A 66 -3.09 34.55 -46.79
N TYR A 67 -3.87 35.08 -45.86
CA TYR A 67 -4.13 34.44 -44.58
C TYR A 67 -5.62 34.45 -44.32
N THR A 68 -6.15 33.30 -43.90
CA THR A 68 -7.57 33.18 -43.62
C THR A 68 -7.79 32.07 -42.60
N ASN A 69 -8.90 32.18 -41.87
CA ASN A 69 -9.24 31.22 -40.83
C ASN A 69 -9.85 29.97 -41.47
N SER A 70 -9.20 28.83 -41.26
CA SER A 70 -9.63 27.57 -41.86
C SER A 70 -10.74 26.86 -41.08
N PHE A 71 -11.02 27.31 -39.86
CA PHE A 71 -12.12 26.75 -39.08
C PHE A 71 -11.98 25.24 -38.91
N THR A 72 -13.06 24.56 -38.51
CA THR A 72 -12.97 23.15 -38.10
C THR A 72 -12.68 22.24 -39.28
N ARG A 73 -11.40 21.92 -39.47
CA ARG A 73 -10.94 21.00 -40.50
C ARG A 73 -9.76 20.21 -39.95
N GLY A 74 -9.22 19.33 -40.77
CA GLY A 74 -7.98 18.64 -40.45
C GLY A 74 -8.04 17.77 -39.22
N VAL A 75 -9.10 16.96 -39.09
CA VAL A 75 -9.23 15.99 -38.01
C VAL A 75 -9.44 14.63 -38.64
N TYR A 76 -8.56 13.69 -38.33
CA TYR A 76 -8.55 12.38 -38.98
C TYR A 76 -8.69 11.28 -37.94
N TYR A 77 -9.21 10.14 -38.38
CA TYR A 77 -9.27 8.96 -37.53
C TYR A 77 -7.84 8.54 -37.19
N PRO A 78 -7.48 8.45 -35.91
CA PRO A 78 -6.07 8.19 -35.57
C PRO A 78 -5.62 6.77 -35.82
N ASP A 79 -6.52 5.80 -35.92
CA ASP A 79 -6.11 4.40 -36.03
C ASP A 79 -7.30 3.57 -36.50
N LYS A 80 -7.13 2.25 -36.47
CA LYS A 80 -8.06 1.30 -37.05
C LYS A 80 -9.06 0.75 -36.05
N VAL A 81 -8.96 1.14 -34.77
CA VAL A 81 -9.83 0.59 -33.75
C VAL A 81 -11.23 1.18 -33.88
N PHE A 82 -12.23 0.40 -33.47
CA PHE A 82 -13.62 0.83 -33.48
C PHE A 82 -14.07 1.07 -32.05
N ARG A 83 -14.69 2.22 -31.81
CA ARG A 83 -15.21 2.60 -30.51
C ARG A 83 -16.60 3.17 -30.68
N SER A 84 -17.49 2.92 -29.73
CA SER A 84 -18.88 3.32 -29.83
C SER A 84 -19.29 4.11 -28.60
N SER A 85 -19.79 5.33 -28.81
CA SER A 85 -20.37 6.14 -27.75
C SER A 85 -19.42 6.29 -26.56
N VAL A 86 -18.14 6.49 -26.86
CA VAL A 86 -17.13 6.68 -25.84
C VAL A 86 -16.18 7.79 -26.29
N LEU A 87 -15.81 8.67 -25.36
CA LEU A 87 -14.88 9.74 -25.63
C LEU A 87 -13.46 9.27 -25.34
N HIS A 88 -12.61 9.28 -26.37
CA HIS A 88 -11.27 8.75 -26.28
C HIS A 88 -10.27 9.88 -26.30
N SER A 89 -9.33 9.87 -25.35
CA SER A 89 -8.28 10.88 -25.27
C SER A 89 -7.00 10.32 -25.89
N THR A 90 -6.55 10.92 -26.98
CA THR A 90 -5.42 10.41 -27.74
C THR A 90 -4.35 11.48 -27.88
N GLN A 91 -3.10 11.09 -27.62
CA GLN A 91 -1.94 11.94 -27.84
C GLN A 91 -1.35 11.59 -29.19
N ASP A 92 -1.34 12.55 -30.10
CA ASP A 92 -0.90 12.27 -31.47
C ASP A 92 -0.54 13.58 -32.17
N LEU A 93 0.07 13.44 -33.35
CA LEU A 93 0.39 14.58 -34.20
C LEU A 93 -0.90 15.04 -34.88
N PHE A 94 -1.55 16.02 -34.26
CA PHE A 94 -2.80 16.55 -34.76
C PHE A 94 -2.63 17.99 -35.18
N LEU A 95 -3.58 18.47 -35.97
CA LEU A 95 -3.55 19.84 -36.46
C LEU A 95 -4.16 20.75 -35.40
N PRO A 96 -3.39 21.64 -34.77
CA PRO A 96 -3.94 22.39 -33.63
C PRO A 96 -5.15 23.21 -34.04
N PHE A 97 -6.14 23.26 -33.14
CA PHE A 97 -7.30 24.10 -33.37
C PHE A 97 -6.88 25.56 -33.38
N PHE A 98 -7.52 26.34 -34.24
CA PHE A 98 -7.25 27.77 -34.34
C PHE A 98 -5.78 28.06 -34.61
N SER A 99 -5.14 27.21 -35.43
CA SER A 99 -3.82 27.49 -35.97
C SER A 99 -3.90 28.05 -37.39
N ASN A 100 -4.82 27.52 -38.19
CA ASN A 100 -5.38 28.24 -39.32
C ASN A 100 -4.37 28.64 -40.39
N VAL A 101 -4.17 27.62 -41.23
CA VAL A 101 -3.20 27.40 -42.29
C VAL A 101 -2.84 28.56 -43.22
N THR A 102 -1.58 28.54 -43.68
CA THR A 102 -1.14 29.38 -44.78
C THR A 102 -1.83 29.01 -46.09
N TRP A 103 -2.25 30.04 -46.82
CA TRP A 103 -2.98 29.93 -48.07
C TRP A 103 -2.06 30.26 -49.24
N PHE A 104 -2.03 29.38 -50.24
CA PHE A 104 -1.22 29.56 -51.42
C PHE A 104 -2.11 29.63 -52.66
N HIS A 105 -1.85 30.62 -53.51
CA HIS A 105 -2.60 30.84 -54.74
C HIS A 105 -1.65 31.28 -55.83
N ALA A 106 -2.05 31.02 -57.08
CA ALA A 106 -1.30 31.45 -58.25
C ALA A 106 -2.28 32.05 -59.25
N ILE A 107 -1.94 33.23 -59.77
CA ILE A 107 -2.82 33.97 -60.68
C ILE A 107 -2.19 33.86 -62.07
N HIS A 108 -2.72 32.94 -62.88
CA HIS A 108 -2.25 32.75 -64.25
C HIS A 108 -0.73 32.67 -64.32
N LYS A 116 -0.58 36.33 -63.84
CA LYS A 116 0.51 35.92 -64.70
C LYS A 116 1.72 35.47 -63.88
N ARG A 117 1.46 34.99 -62.66
CA ARG A 117 2.51 34.54 -61.76
C ARG A 117 2.16 33.19 -61.18
N PHE A 118 3.19 32.38 -60.92
CA PHE A 118 3.03 31.04 -60.41
C PHE A 118 3.66 30.94 -59.02
N ASP A 119 2.95 30.27 -58.11
CA ASP A 119 3.41 30.06 -56.74
C ASP A 119 3.41 28.55 -56.49
N ASN A 120 4.53 27.90 -56.81
CA ASN A 120 4.70 26.46 -56.62
C ASN A 120 6.06 26.22 -55.97
N PRO A 121 6.23 26.66 -54.72
CA PRO A 121 7.52 26.51 -54.05
C PRO A 121 7.63 25.13 -53.39
N VAL A 122 8.78 24.89 -52.76
CA VAL A 122 9.02 23.64 -52.04
C VAL A 122 8.93 23.93 -50.54
N LEU A 123 7.74 23.73 -49.97
CA LEU A 123 7.54 23.98 -48.56
C LEU A 123 8.33 22.98 -47.72
N PRO A 124 8.68 23.34 -46.48
CA PRO A 124 9.37 22.41 -45.60
C PRO A 124 8.41 21.42 -44.96
N PHE A 125 8.91 20.23 -44.70
CA PHE A 125 8.15 19.16 -44.08
C PHE A 125 8.71 18.87 -42.70
N ASN A 126 7.84 18.81 -41.70
CA ASN A 126 8.27 18.59 -40.32
C ASN A 126 7.14 17.92 -39.55
N ASP A 127 7.34 16.67 -39.17
CA ASP A 127 6.39 15.92 -38.36
C ASP A 127 4.99 15.98 -38.97
N GLY A 128 4.92 15.68 -40.26
CA GLY A 128 3.65 15.64 -40.97
C GLY A 128 3.20 17.03 -41.39
N VAL A 129 2.22 17.02 -42.29
CA VAL A 129 1.62 18.25 -42.82
C VAL A 129 0.16 17.98 -43.14
N TYR A 130 -0.56 19.03 -43.48
CA TYR A 130 -1.99 18.98 -43.80
C TYR A 130 -2.21 19.72 -45.09
N PHE A 131 -3.07 19.18 -45.96
CA PHE A 131 -3.35 19.81 -47.24
C PHE A 131 -4.85 19.91 -47.44
N ALA A 132 -5.31 21.03 -47.99
CA ALA A 132 -6.72 21.16 -48.28
C ALA A 132 -6.91 22.02 -49.52
N SER A 133 -7.91 21.67 -50.34
CA SER A 133 -8.18 22.49 -51.51
C SER A 133 -9.52 22.12 -52.12
N THR A 134 -10.04 23.04 -52.92
CA THR A 134 -11.26 22.80 -53.70
C THR A 134 -10.86 22.10 -54.99
N GLU A 135 -11.03 20.78 -55.03
CA GLU A 135 -10.64 20.00 -56.19
C GLU A 135 -11.60 20.21 -57.35
N LYS A 136 -11.27 21.15 -58.23
CA LYS A 136 -12.10 21.49 -59.39
C LYS A 136 -11.51 20.80 -60.61
N SER A 137 -12.21 19.79 -61.12
CA SER A 137 -11.77 19.06 -62.31
C SER A 137 -10.37 18.49 -62.12
N ASN A 138 -10.08 18.03 -60.90
CA ASN A 138 -8.78 17.45 -60.58
C ASN A 138 -7.65 18.40 -60.95
N ILE A 139 -7.81 19.67 -60.56
CA ILE A 139 -6.83 20.68 -60.92
C ILE A 139 -5.45 20.31 -60.34
N ILE A 140 -5.43 19.83 -59.10
CA ILE A 140 -4.20 19.32 -58.49
C ILE A 140 -4.02 17.87 -58.91
N ARG A 141 -2.89 17.56 -59.53
CA ARG A 141 -2.64 16.23 -60.06
C ARG A 141 -1.74 15.38 -59.17
N GLY A 142 -1.23 15.93 -58.07
CA GLY A 142 -0.42 15.16 -57.16
C GLY A 142 0.56 16.05 -56.43
N TRP A 143 1.53 15.39 -55.79
CA TRP A 143 2.53 16.07 -54.97
C TRP A 143 3.85 15.33 -55.09
N ILE A 144 4.93 16.02 -54.74
CA ILE A 144 6.28 15.49 -54.79
C ILE A 144 6.94 15.73 -53.44
N PHE A 145 7.32 14.65 -52.75
CA PHE A 145 7.95 14.73 -51.45
C PHE A 145 9.39 14.25 -51.53
N GLY A 146 10.20 14.65 -50.57
CA GLY A 146 11.58 14.20 -50.54
C GLY A 146 12.33 14.80 -49.36
N THR A 147 13.62 14.52 -49.32
CA THR A 147 14.54 15.06 -48.32
C THR A 147 15.68 15.88 -48.89
N THR A 148 16.29 15.44 -49.98
CA THR A 148 17.35 16.18 -50.65
C THR A 148 16.90 16.76 -51.98
N LEU A 149 16.06 16.02 -52.71
CA LEU A 149 15.51 16.49 -53.99
C LEU A 149 16.65 16.88 -54.94
N ASP A 150 17.52 15.91 -55.22
CA ASP A 150 18.61 16.13 -56.16
C ASP A 150 18.85 14.92 -57.07
N SER A 151 17.99 13.91 -57.02
CA SER A 151 18.03 12.70 -57.83
C SER A 151 19.11 11.74 -57.36
N LYS A 152 19.96 12.11 -56.41
CA LYS A 152 20.96 11.20 -55.87
C LYS A 152 20.46 10.42 -54.66
N THR A 153 19.25 10.72 -54.18
CA THR A 153 18.62 9.99 -53.09
C THR A 153 17.20 9.62 -53.51
N GLN A 154 16.58 8.76 -52.71
CA GLN A 154 15.23 8.32 -53.02
C GLN A 154 14.25 9.49 -52.94
N SER A 155 13.29 9.49 -53.86
CA SER A 155 12.28 10.54 -53.96
C SER A 155 10.89 9.90 -53.94
N LEU A 156 9.87 10.74 -54.04
CA LEU A 156 8.48 10.28 -53.97
C LEU A 156 7.67 10.94 -55.07
N LEU A 157 6.83 10.14 -55.71
CA LEU A 157 6.13 10.53 -56.93
C LEU A 157 4.66 10.08 -56.84
N ILE A 158 3.97 10.53 -55.79
CA ILE A 158 2.53 10.37 -55.72
C ILE A 158 1.90 11.36 -56.69
N VAL A 159 1.26 10.86 -57.75
CA VAL A 159 0.59 11.71 -58.73
C VAL A 159 -0.66 10.99 -59.24
N ASN A 160 -1.42 11.71 -60.07
CA ASN A 160 -2.65 11.19 -60.66
C ASN A 160 -2.60 11.46 -62.16
N ASN A 161 -2.26 10.43 -62.94
CA ASN A 161 -2.31 10.55 -64.39
C ASN A 161 -3.76 10.58 -64.86
N ALA A 162 -3.93 10.60 -66.19
CA ALA A 162 -5.23 10.34 -66.76
C ALA A 162 -5.65 8.88 -66.61
N THR A 163 -4.68 7.98 -66.40
CA THR A 163 -4.98 6.57 -66.26
C THR A 163 -5.42 6.24 -64.83
N ASN A 164 -4.53 6.46 -63.86
CA ASN A 164 -4.80 6.09 -62.48
C ASN A 164 -3.81 6.81 -61.58
N VAL A 165 -4.14 6.84 -60.29
CA VAL A 165 -3.22 7.39 -59.30
C VAL A 165 -2.05 6.43 -59.12
N VAL A 166 -0.83 6.96 -59.19
CA VAL A 166 0.38 6.17 -59.20
C VAL A 166 1.39 6.76 -58.22
N ILE A 167 2.05 5.88 -57.47
CA ILE A 167 3.10 6.27 -56.54
C ILE A 167 4.39 5.65 -57.03
N LYS A 168 5.28 6.49 -57.57
CA LYS A 168 6.58 6.06 -58.06
C LYS A 168 7.65 6.49 -57.07
N VAL A 169 8.39 5.52 -56.54
CA VAL A 169 9.44 5.78 -55.55
C VAL A 169 10.75 5.36 -56.19
N CYS A 170 11.43 6.32 -56.83
CA CYS A 170 12.72 6.06 -57.47
C CYS A 170 13.55 7.34 -57.40
N GLU A 171 14.77 7.25 -57.92
CA GLU A 171 15.67 8.41 -58.01
C GLU A 171 15.34 9.16 -59.29
N PHE A 172 14.67 10.30 -59.16
CA PHE A 172 14.13 11.03 -60.29
C PHE A 172 14.98 12.26 -60.57
N GLN A 173 15.27 12.50 -61.85
CA GLN A 173 15.83 13.77 -62.30
C GLN A 173 14.71 14.75 -62.65
N PHE A 174 13.82 14.92 -61.68
CA PHE A 174 12.61 15.72 -61.89
C PHE A 174 12.97 17.13 -62.34
N CYS A 175 12.19 17.64 -63.29
CA CYS A 175 12.38 19.00 -63.78
C CYS A 175 11.96 20.00 -62.71
N ASN A 176 12.53 21.21 -62.80
CA ASN A 176 12.25 22.23 -61.80
C ASN A 176 10.80 22.68 -61.80
N ASP A 177 10.08 22.50 -62.91
CA ASP A 177 8.70 22.95 -63.05
C ASP A 177 7.85 21.79 -63.57
N PRO A 178 7.49 20.85 -62.70
CA PRO A 178 6.58 19.76 -63.13
C PRO A 178 5.15 20.24 -63.20
N PHE A 179 4.56 20.19 -64.39
CA PHE A 179 3.19 20.61 -64.61
C PHE A 179 2.78 20.19 -66.02
N LEU A 180 1.56 20.57 -66.40
CA LEU A 180 1.04 20.31 -67.74
C LEU A 180 1.16 21.58 -68.57
N GLY A 181 1.95 21.53 -69.64
CA GLY A 181 2.18 22.68 -70.47
C GLY A 181 1.06 22.97 -71.44
N VAL A 182 0.42 24.12 -71.29
CA VAL A 182 -0.67 24.54 -72.17
C VAL A 182 -0.71 26.05 -72.19
N TYR A 183 -1.07 26.60 -73.36
CA TYR A 183 -1.20 28.05 -73.50
C TYR A 183 -2.52 28.49 -72.89
N TYR A 184 -2.46 29.44 -71.95
CA TYR A 184 -3.65 29.94 -71.26
C TYR A 184 -4.33 30.97 -72.17
N HIS A 185 -5.07 30.46 -73.14
CA HIS A 185 -5.81 31.31 -74.06
C HIS A 185 -6.94 32.01 -73.32
N LYS A 186 -7.69 32.84 -74.06
CA LYS A 186 -8.80 33.56 -73.46
C LYS A 186 -9.83 32.61 -72.88
N ASN A 187 -10.16 31.55 -73.62
CA ASN A 187 -11.08 30.52 -73.17
C ASN A 187 -10.34 29.20 -73.03
N ASN A 188 -10.63 28.46 -71.97
CA ASN A 188 -10.01 27.16 -71.72
C ASN A 188 -10.90 26.08 -72.30
N LYS A 189 -10.60 25.67 -73.53
CA LYS A 189 -11.24 24.51 -74.14
C LYS A 189 -10.26 23.35 -74.32
N SER A 190 -8.96 23.59 -74.16
CA SER A 190 -7.92 22.58 -74.29
C SER A 190 -7.01 22.71 -73.08
N TRP A 191 -7.25 21.90 -72.05
CA TRP A 191 -6.54 22.01 -70.78
C TRP A 191 -6.15 20.63 -70.26
N MET A 192 -5.57 19.81 -71.13
CA MET A 192 -5.14 18.47 -70.78
C MET A 192 -3.62 18.38 -70.94
N GLU A 193 -3.08 17.21 -70.56
CA GLU A 193 -1.64 17.01 -70.57
C GLU A 193 -1.12 17.01 -72.00
N SER A 194 -0.35 18.04 -72.34
CA SER A 194 0.29 18.15 -73.65
C SER A 194 1.81 18.03 -73.57
N GLU A 195 2.42 18.59 -72.53
CA GLU A 195 3.84 18.47 -72.28
C GLU A 195 4.05 17.77 -70.95
N PHE A 196 4.90 16.74 -70.94
CA PHE A 196 5.24 16.01 -69.72
C PHE A 196 6.63 16.47 -69.29
N ARG A 197 6.66 17.52 -68.46
CA ARG A 197 7.91 18.08 -67.94
C ARG A 197 8.12 17.69 -66.48
N VAL A 198 7.76 16.46 -66.12
CA VAL A 198 7.85 16.04 -64.73
C VAL A 198 9.26 15.59 -64.39
N TYR A 199 9.75 14.56 -65.08
CA TYR A 199 11.06 13.99 -64.78
C TYR A 199 11.63 13.35 -66.03
N SER A 200 12.94 13.11 -65.99
CA SER A 200 13.65 12.53 -67.13
C SER A 200 13.61 11.01 -67.09
N SER A 201 14.08 10.40 -66.00
CA SER A 201 14.13 8.95 -65.90
C SER A 201 14.01 8.56 -64.43
N ALA A 202 14.09 7.25 -64.18
CA ALA A 202 14.03 6.71 -62.83
C ALA A 202 15.37 6.24 -62.30
N ASN A 203 16.27 5.78 -63.15
CA ASN A 203 17.59 5.29 -62.75
C ASN A 203 17.36 4.27 -61.63
N ASN A 204 18.10 4.35 -60.52
CA ASN A 204 17.82 3.49 -59.38
C ASN A 204 16.40 3.74 -58.87
N CYS A 205 15.69 2.66 -58.57
CA CYS A 205 14.31 2.76 -58.09
C CYS A 205 14.12 1.81 -56.92
N THR A 206 12.92 1.85 -56.36
CA THR A 206 12.57 1.07 -55.18
C THR A 206 11.08 0.72 -55.28
N PHE A 207 10.47 0.40 -54.14
CA PHE A 207 9.07 0.03 -54.09
C PHE A 207 8.22 0.91 -54.99
N GLU A 208 7.30 0.27 -55.71
CA GLU A 208 6.44 0.93 -56.68
C GLU A 208 4.99 0.64 -56.36
N TYR A 209 4.08 1.51 -56.77
CA TYR A 209 2.65 1.25 -56.62
C TYR A 209 1.92 1.85 -57.81
N VAL A 210 1.22 1.01 -58.56
CA VAL A 210 0.43 1.46 -59.71
C VAL A 210 -0.90 0.73 -59.70
N SER A 211 -1.95 1.37 -59.21
CA SER A 211 -3.26 0.75 -59.10
C SER A 211 -4.31 1.84 -58.91
N GLN A 212 -5.52 1.42 -58.56
CA GLN A 212 -6.62 2.33 -58.28
C GLN A 212 -6.96 3.17 -59.50
N PRO A 213 -7.48 2.56 -60.57
CA PRO A 213 -7.93 3.35 -61.74
C PRO A 213 -9.27 4.03 -61.49
N PHE A 214 -9.23 5.07 -60.67
CA PHE A 214 -10.42 5.83 -60.30
C PHE A 214 -10.15 7.31 -60.47
N LEU A 215 -11.20 8.05 -60.83
CA LEU A 215 -11.12 9.49 -60.99
C LEU A 215 -11.52 10.18 -59.70
N MET A 216 -10.81 11.25 -59.36
CA MET A 216 -11.09 12.01 -58.15
C MET A 216 -11.01 11.09 -56.93
N LYS A 226 -17.37 24.12 -54.94
CA LYS A 226 -18.57 23.34 -54.63
C LYS A 226 -18.22 22.17 -53.71
N ASN A 227 -16.98 21.70 -53.80
CA ASN A 227 -16.52 20.58 -52.99
C ASN A 227 -15.10 20.84 -52.51
N LEU A 228 -14.76 20.20 -51.40
CA LEU A 228 -13.45 20.32 -50.79
C LEU A 228 -12.85 18.94 -50.56
N ARG A 229 -11.56 18.84 -50.81
CA ARG A 229 -10.78 17.63 -50.57
C ARG A 229 -9.71 17.95 -49.54
N GLU A 230 -9.66 17.14 -48.48
CA GLU A 230 -8.68 17.29 -47.42
C GLU A 230 -7.80 16.06 -47.36
N PHE A 231 -6.51 16.27 -47.07
CA PHE A 231 -5.52 15.22 -47.01
C PHE A 231 -4.65 15.38 -45.76
N PHE A 233 -0.99 13.81 -44.50
CA PHE A 233 0.26 13.11 -44.70
C PHE A 233 1.08 13.10 -43.42
N LYS A 234 1.74 11.98 -43.12
CA LYS A 234 2.66 11.95 -41.99
C LYS A 234 3.56 10.73 -42.08
N ASN A 235 4.84 10.92 -41.75
CA ASN A 235 5.83 9.85 -41.80
C ASN A 235 6.22 9.47 -40.38
N ILE A 236 6.09 8.19 -40.04
CA ILE A 236 6.40 7.69 -38.71
C ILE A 236 7.02 6.30 -38.83
N ASP A 237 8.21 6.13 -38.27
CA ASP A 237 8.92 4.85 -38.23
C ASP A 237 8.92 4.17 -39.59
N GLY A 238 9.26 4.94 -40.62
CA GLY A 238 9.39 4.41 -41.96
C GLY A 238 8.08 4.12 -42.67
N TYR A 239 6.96 4.51 -42.08
CA TYR A 239 5.64 4.32 -42.67
C TYR A 239 5.07 5.66 -43.07
N PHE A 240 4.54 5.74 -44.29
CA PHE A 240 3.91 6.95 -44.79
C PHE A 240 2.40 6.77 -44.71
N LYS A 241 1.73 7.71 -44.04
CA LYS A 241 0.30 7.63 -43.77
C LYS A 241 -0.40 8.77 -44.51
N ILE A 242 -1.47 8.43 -45.21
CA ILE A 242 -2.31 9.38 -45.91
C ILE A 242 -3.73 9.23 -45.37
N TYR A 243 -4.31 10.34 -44.93
CA TYR A 243 -5.71 10.38 -44.51
C TYR A 243 -6.40 11.44 -45.34
N SER A 244 -7.64 11.14 -45.76
CA SER A 244 -8.32 12.02 -46.70
C SER A 244 -9.81 11.99 -46.48
N LYS A 245 -10.47 13.00 -47.05
CA LYS A 245 -11.93 13.04 -47.11
C LYS A 245 -12.37 14.01 -48.20
N HIS A 246 -13.54 13.70 -48.76
CA HIS A 246 -14.19 14.50 -49.79
C HIS A 246 -15.54 14.96 -49.27
N THR A 247 -15.87 16.25 -49.48
CA THR A 247 -17.18 16.71 -49.02
C THR A 247 -17.66 17.92 -49.80
N PRO A 248 -18.94 17.98 -50.18
CA PRO A 248 -19.44 19.15 -50.90
C PRO A 248 -19.56 20.35 -49.97
N ILE A 249 -19.11 21.50 -50.46
CA ILE A 249 -19.07 22.74 -49.69
C ILE A 249 -19.72 23.85 -50.50
N ASN A 250 -19.82 25.03 -49.89
CA ASN A 250 -20.42 26.19 -50.54
C ASN A 250 -19.49 27.40 -50.48
N LEU A 251 -18.68 27.49 -49.42
CA LEU A 251 -17.76 28.61 -49.28
C LEU A 251 -16.59 28.47 -50.25
N VAL A 252 -15.98 29.60 -50.60
CA VAL A 252 -14.87 29.62 -51.53
C VAL A 252 -13.66 30.29 -50.88
N ARG A 253 -13.82 31.56 -50.51
CA ARG A 253 -12.71 32.32 -49.93
C ARG A 253 -12.40 31.88 -48.52
N ASP A 254 -13.29 31.14 -47.87
CA ASP A 254 -13.09 30.67 -46.51
C ASP A 254 -13.39 29.18 -46.44
N LEU A 255 -12.73 28.50 -45.52
CA LEU A 255 -12.94 27.07 -45.35
C LEU A 255 -14.37 26.81 -44.86
N PRO A 256 -14.95 25.67 -45.23
CA PRO A 256 -16.35 25.43 -44.87
C PRO A 256 -16.55 25.25 -43.38
N GLN A 257 -17.75 25.63 -42.93
CA GLN A 257 -18.14 25.41 -41.54
C GLN A 257 -18.62 23.97 -41.36
N GLY A 258 -18.17 23.35 -40.28
CA GLY A 258 -18.61 22.01 -39.94
C GLY A 258 -17.50 21.10 -39.46
N PHE A 259 -17.84 19.85 -39.13
CA PHE A 259 -16.89 18.86 -38.68
C PHE A 259 -16.98 17.63 -39.58
N SER A 260 -15.82 17.09 -39.93
CA SER A 260 -15.76 15.92 -40.81
C SER A 260 -14.45 15.20 -40.56
N ALA A 261 -14.53 13.95 -40.12
CA ALA A 261 -13.33 13.15 -39.91
C ALA A 261 -12.79 12.67 -41.26
N LEU A 262 -11.49 12.39 -41.28
CA LEU A 262 -10.80 11.90 -42.47
C LEU A 262 -10.42 10.44 -42.27
N GLU A 263 -10.69 9.61 -43.29
CA GLU A 263 -10.34 8.21 -43.12
C GLU A 263 -8.96 7.93 -43.73
N PRO A 264 -8.23 6.95 -43.20
CA PRO A 264 -6.98 6.55 -43.84
C PRO A 264 -7.25 5.96 -45.22
N LEU A 265 -6.31 6.21 -46.13
CA LEU A 265 -6.43 5.72 -47.51
C LEU A 265 -5.22 4.92 -47.95
N VAL A 266 -4.02 5.30 -47.52
CA VAL A 266 -2.79 4.65 -47.97
C VAL A 266 -1.81 4.65 -46.81
N ASP A 267 -1.07 3.54 -46.68
CA ASP A 267 -0.11 3.36 -45.60
C ASP A 267 1.19 2.77 -46.12
N LEU A 268 1.72 3.34 -47.20
CA LEU A 268 2.92 2.79 -47.82
C LEU A 268 4.04 2.73 -46.79
N PRO A 269 4.78 1.61 -46.70
CA PRO A 269 6.00 1.61 -45.90
C PRO A 269 7.20 2.06 -46.73
N ILE A 270 7.19 3.33 -47.10
CA ILE A 270 8.26 3.86 -47.95
C ILE A 270 9.60 3.70 -47.25
N GLY A 271 9.63 3.86 -45.94
CA GLY A 271 10.87 3.69 -45.20
C GLY A 271 11.94 4.68 -45.60
N ILE A 272 11.56 5.90 -45.97
CA ILE A 272 12.49 6.98 -46.25
C ILE A 272 12.09 8.17 -45.37
N ASN A 273 13.00 9.12 -45.28
CA ASN A 273 12.81 10.34 -44.53
C ASN A 273 12.71 11.54 -45.46
N ILE A 274 11.70 12.37 -45.17
CA ILE A 274 11.20 13.44 -46.00
C ILE A 274 11.33 14.72 -45.18
N THR A 275 11.99 15.74 -45.74
CA THR A 275 12.06 17.03 -45.08
C THR A 275 11.52 18.18 -45.92
N ARG A 276 11.19 17.94 -47.19
CA ARG A 276 10.66 18.98 -48.06
C ARG A 276 9.57 18.36 -48.93
N PHE A 277 8.64 19.20 -49.38
CA PHE A 277 7.57 18.74 -50.26
C PHE A 277 7.14 19.89 -51.16
N GLN A 278 6.37 19.54 -52.19
CA GLN A 278 5.91 20.53 -53.16
C GLN A 278 4.66 19.98 -53.83
N THR A 279 3.78 20.88 -54.26
CA THR A 279 2.57 20.48 -54.94
C THR A 279 2.77 20.54 -56.45
N LEU A 280 1.81 19.95 -57.17
CA LEU A 280 1.82 19.95 -58.63
C LEU A 280 0.52 20.54 -59.13
N LEU A 281 0.59 21.12 -60.33
CA LEU A 281 -0.55 21.83 -60.89
C LEU A 281 -0.67 21.50 -62.38
N ALA A 282 -1.88 21.66 -62.91
CA ALA A 282 -2.17 21.45 -64.31
C ALA A 282 -2.55 22.77 -64.95
N LEU A 283 -1.85 23.14 -66.02
CA LEU A 283 -2.12 24.37 -66.73
C LEU A 283 -2.68 24.08 -68.12
N ALA A 301 -3.68 28.97 -61.57
CA ALA A 301 -4.94 29.09 -60.84
C ALA A 301 -4.88 28.27 -59.55
N ALA A 302 -3.74 28.27 -58.90
CA ALA A 302 -3.58 27.52 -57.65
C ALA A 302 -4.49 28.11 -56.58
N ALA A 303 -5.08 27.22 -55.77
CA ALA A 303 -5.85 27.64 -54.60
C ALA A 303 -5.83 26.47 -53.62
N TYR A 304 -4.94 26.54 -52.62
CA TYR A 304 -4.82 25.46 -51.66
C TYR A 304 -4.27 26.01 -50.35
N TYR A 305 -4.31 25.17 -49.32
CA TYR A 305 -3.86 25.54 -47.99
C TYR A 305 -2.98 24.43 -47.43
N VAL A 306 -1.85 24.83 -46.84
CA VAL A 306 -0.80 23.91 -46.39
C VAL A 306 -0.57 24.15 -44.91
N GLY A 307 -1.20 23.33 -44.07
CA GLY A 307 -1.07 23.46 -42.63
C GLY A 307 -0.07 22.47 -42.06
N TYR A 308 0.14 22.58 -40.75
CA TYR A 308 1.18 21.79 -40.09
C TYR A 308 0.62 21.13 -38.84
N LEU A 309 1.14 19.95 -38.54
CA LEU A 309 0.71 19.16 -37.41
C LEU A 309 1.68 19.31 -36.25
N GLN A 310 1.16 19.27 -35.04
CA GLN A 310 1.93 19.35 -33.81
C GLN A 310 1.48 18.26 -32.85
N PRO A 311 2.34 17.84 -31.93
CA PRO A 311 1.94 16.81 -30.97
C PRO A 311 1.01 17.36 -29.90
N ARG A 312 -0.25 16.93 -29.92
CA ARG A 312 -1.25 17.42 -28.97
C ARG A 312 -2.14 16.27 -28.54
N THR A 313 -2.90 16.51 -27.48
CA THR A 313 -3.87 15.56 -26.96
C THR A 313 -5.26 16.03 -27.34
N PHE A 314 -6.02 15.17 -27.99
CA PHE A 314 -7.38 15.47 -28.42
C PHE A 314 -8.36 14.53 -27.74
N LEU A 315 -9.54 15.04 -27.44
CA LEU A 315 -10.66 14.25 -26.96
C LEU A 315 -11.62 14.06 -28.12
N LEU A 316 -11.69 12.84 -28.64
CA LEU A 316 -12.51 12.51 -29.80
C LEU A 316 -13.78 11.83 -29.34
N LYS A 317 -14.93 12.27 -29.84
CA LYS A 317 -16.22 11.70 -29.49
C LYS A 317 -16.65 10.74 -30.59
N TYR A 318 -16.85 9.48 -30.24
CA TYR A 318 -17.34 8.47 -31.17
C TYR A 318 -18.84 8.32 -30.99
N ASN A 319 -19.57 8.31 -32.09
CA ASN A 319 -21.03 8.14 -32.04
C ASN A 319 -21.35 6.66 -31.86
N GLU A 320 -22.64 6.31 -31.97
CA GLU A 320 -23.03 4.92 -31.79
C GLU A 320 -22.45 4.02 -32.89
N ASN A 321 -22.21 4.58 -34.08
CA ASN A 321 -21.71 3.82 -35.20
C ASN A 321 -20.19 3.93 -35.35
N GLY A 322 -19.50 4.48 -34.35
CA GLY A 322 -18.06 4.53 -34.38
C GLY A 322 -17.46 5.42 -35.45
N THR A 323 -18.08 6.57 -35.70
CA THR A 323 -17.50 7.61 -36.55
C THR A 323 -17.39 8.88 -35.74
N ILE A 324 -16.20 9.48 -35.74
CA ILE A 324 -15.97 10.67 -34.93
C ILE A 324 -16.93 11.76 -35.36
N THR A 325 -17.63 12.35 -34.39
CA THR A 325 -18.57 13.42 -34.64
C THR A 325 -18.09 14.78 -34.14
N ASP A 326 -17.28 14.81 -33.11
CA ASP A 326 -16.76 16.06 -32.58
C ASP A 326 -15.44 15.81 -31.87
N ALA A 327 -14.68 16.88 -31.69
CA ALA A 327 -13.38 16.79 -31.05
C ALA A 327 -13.15 18.02 -30.18
N VAL A 328 -12.30 17.85 -29.18
CA VAL A 328 -11.92 18.91 -28.26
C VAL A 328 -10.40 18.94 -28.14
N ASP A 329 -9.83 20.13 -28.19
CA ASP A 329 -8.39 20.32 -28.09
C ASP A 329 -8.03 20.70 -26.65
N CYS A 330 -7.17 19.90 -26.03
CA CYS A 330 -6.89 20.08 -24.61
C CYS A 330 -6.27 21.45 -24.32
N ALA A 331 -5.32 21.87 -25.16
CA ALA A 331 -4.53 23.07 -24.88
C ALA A 331 -5.10 24.32 -25.50
N LEU A 332 -6.28 24.25 -26.14
CA LEU A 332 -6.82 25.43 -26.79
C LEU A 332 -7.15 26.53 -25.79
N ASP A 333 -7.75 26.17 -24.66
CA ASP A 333 -8.18 27.16 -23.68
C ASP A 333 -8.60 26.47 -22.39
N PRO A 334 -8.78 27.21 -21.29
CA PRO A 334 -9.10 26.55 -20.02
C PRO A 334 -10.37 25.71 -20.07
N LEU A 335 -11.38 26.17 -20.81
CA LEU A 335 -12.63 25.40 -20.88
C LEU A 335 -12.38 24.04 -21.53
N SER A 336 -11.64 24.03 -22.63
CA SER A 336 -11.34 22.75 -23.29
C SER A 336 -10.44 21.89 -22.42
N GLU A 337 -9.51 22.52 -21.69
CA GLU A 337 -8.65 21.76 -20.79
C GLU A 337 -9.49 21.06 -19.71
N THR A 338 -10.45 21.77 -19.14
CA THR A 338 -11.35 21.16 -18.17
C THR A 338 -12.16 20.04 -18.81
N LYS A 339 -12.67 20.28 -20.02
CA LYS A 339 -13.46 19.26 -20.69
C LYS A 339 -12.66 17.98 -20.86
N CYS A 340 -11.43 18.09 -21.33
CA CYS A 340 -10.64 16.90 -21.62
C CYS A 340 -9.95 16.33 -20.38
N THR A 341 -9.95 17.06 -19.26
CA THR A 341 -9.56 16.45 -17.99
C THR A 341 -10.73 15.69 -17.37
N LEU A 342 -11.96 16.16 -17.57
CA LEU A 342 -13.14 15.49 -17.07
C LEU A 342 -13.65 14.41 -18.00
N LYS A 343 -13.11 14.30 -19.21
CA LYS A 343 -13.54 13.28 -20.17
C LYS A 343 -15.02 13.45 -20.49
N SER A 344 -15.45 14.69 -20.67
CA SER A 344 -16.84 14.98 -20.99
C SER A 344 -16.91 16.26 -21.81
N PHE A 345 -17.85 16.31 -22.73
CA PHE A 345 -18.04 17.50 -23.55
C PHE A 345 -18.88 18.56 -22.86
N THR A 346 -19.54 18.23 -21.75
CA THR A 346 -20.26 19.19 -20.94
C THR A 346 -19.79 19.06 -19.51
N VAL A 347 -19.44 20.19 -18.90
CA VAL A 347 -18.92 20.23 -17.53
C VAL A 347 -19.90 21.01 -16.68
N GLU A 348 -20.22 20.47 -15.51
CA GLU A 348 -21.18 21.12 -14.61
C GLU A 348 -20.55 22.33 -13.93
N LYS A 349 -21.41 23.17 -13.38
CA LYS A 349 -20.95 24.35 -12.67
C LYS A 349 -20.05 23.95 -11.50
N GLY A 350 -18.96 24.66 -11.34
CA GLY A 350 -18.05 24.39 -10.25
C GLY A 350 -16.64 24.86 -10.58
N ILE A 351 -15.71 24.46 -9.73
CA ILE A 351 -14.29 24.77 -9.86
C ILE A 351 -13.52 23.46 -9.93
N TYR A 352 -12.70 23.31 -10.97
CA TYR A 352 -12.03 22.06 -11.27
C TYR A 352 -10.52 22.25 -11.32
N GLN A 353 -9.81 21.34 -10.66
CA GLN A 353 -8.35 21.33 -10.74
C GLN A 353 -7.90 20.95 -12.14
N THR A 354 -6.79 21.53 -12.58
CA THR A 354 -6.26 21.28 -13.90
C THR A 354 -4.74 21.25 -13.80
N SER A 355 -4.07 21.32 -14.95
CA SER A 355 -2.62 21.18 -14.98
C SER A 355 -1.95 22.20 -14.07
N ASN A 356 -0.95 21.73 -13.33
CA ASN A 356 -0.19 22.61 -12.44
C ASN A 356 0.59 23.63 -13.25
N PHE A 357 0.75 24.82 -12.68
CA PHE A 357 1.51 25.91 -13.27
C PHE A 357 2.86 25.99 -12.58
N ARG A 358 3.93 25.97 -13.38
CA ARG A 358 5.29 26.01 -12.89
C ARG A 358 6.08 27.05 -13.68
N VAL A 359 6.86 27.86 -12.98
CA VAL A 359 7.63 28.91 -13.63
C VAL A 359 8.93 28.30 -14.16
N GLN A 360 9.14 28.41 -15.47
CA GLN A 360 10.32 27.84 -16.08
C GLN A 360 11.55 28.72 -15.80
N PRO A 361 12.73 28.11 -15.69
CA PRO A 361 13.94 28.92 -15.48
C PRO A 361 14.26 29.75 -16.72
N THR A 362 14.90 30.89 -16.48
CA THR A 362 15.22 31.84 -17.55
C THR A 362 16.64 31.73 -18.05
N GLU A 363 17.61 31.48 -17.18
CA GLU A 363 19.00 31.43 -17.59
C GLU A 363 19.78 30.56 -16.60
N SER A 364 20.97 30.15 -17.03
CA SER A 364 21.86 29.32 -16.23
C SER A 364 23.01 30.16 -15.69
N ILE A 365 23.32 29.96 -14.42
CA ILE A 365 24.34 30.73 -13.72
C ILE A 365 25.30 29.76 -13.04
N VAL A 366 26.60 29.99 -13.22
CA VAL A 366 27.65 29.18 -12.63
C VAL A 366 28.58 30.09 -11.84
N ARG A 367 28.90 29.69 -10.61
CA ARG A 367 29.82 30.45 -9.78
C ARG A 367 30.87 29.51 -9.18
N PHE A 368 32.12 29.94 -9.21
CA PHE A 368 33.23 29.13 -8.72
C PHE A 368 34.37 30.05 -8.35
N PRO A 369 35.27 29.62 -7.46
CA PRO A 369 36.49 30.40 -7.22
C PRO A 369 37.33 30.53 -8.48
N ASN A 370 38.18 31.55 -8.51
CA ASN A 370 39.01 31.83 -9.67
C ASN A 370 39.86 30.61 -10.03
N ILE A 371 40.82 30.31 -9.16
CA ILE A 371 41.78 29.22 -9.39
C ILE A 371 42.32 28.83 -8.02
N THR A 372 42.66 27.56 -7.87
CA THR A 372 43.19 27.03 -6.62
C THR A 372 44.66 26.67 -6.79
N ASN A 373 45.25 26.06 -5.76
CA ASN A 373 46.62 25.60 -5.84
C ASN A 373 46.87 24.86 -7.14
N LEU A 374 48.08 24.96 -7.65
CA LEU A 374 48.44 24.42 -8.96
C LEU A 374 49.42 23.27 -8.79
N CYS A 375 49.23 22.22 -9.59
CA CYS A 375 50.17 21.12 -9.61
C CYS A 375 51.48 21.58 -10.24
N PRO A 376 52.58 20.85 -9.97
CA PRO A 376 53.86 21.21 -10.58
C PRO A 376 53.89 20.94 -12.08
N PHE A 377 52.99 21.59 -12.82
CA PHE A 377 52.98 21.51 -14.28
C PHE A 377 53.51 22.77 -14.93
N GLY A 378 53.48 23.91 -14.24
CA GLY A 378 54.02 25.13 -14.81
C GLY A 378 55.49 25.01 -15.14
N GLU A 379 56.26 24.34 -14.27
CA GLU A 379 57.69 24.19 -14.52
C GLU A 379 57.95 23.28 -15.72
N VAL A 380 57.23 22.17 -15.82
CA VAL A 380 57.48 21.24 -16.92
C VAL A 380 57.05 21.84 -18.25
N PHE A 381 55.94 22.58 -18.25
CA PHE A 381 55.45 23.20 -19.47
C PHE A 381 56.10 24.56 -19.75
N ASN A 382 56.91 25.07 -18.83
CA ASN A 382 57.56 26.36 -18.98
C ASN A 382 58.73 26.43 -18.02
N ALA A 383 59.94 26.55 -18.55
CA ALA A 383 61.12 26.63 -17.71
C ALA A 383 62.31 27.06 -18.57
N THR A 384 63.44 27.30 -17.91
CA THR A 384 64.64 27.75 -18.58
C THR A 384 65.55 26.59 -18.99
N ARG A 385 65.69 25.58 -18.12
CA ARG A 385 66.58 24.45 -18.38
C ARG A 385 65.83 23.16 -18.17
N PHE A 386 66.07 22.20 -19.06
CA PHE A 386 65.49 20.86 -19.00
C PHE A 386 66.58 19.83 -18.71
N ALA A 387 66.15 18.62 -18.38
CA ALA A 387 67.07 17.54 -18.09
C ALA A 387 67.67 16.99 -19.39
N SER A 388 68.73 16.20 -19.23
CA SER A 388 69.39 15.61 -20.38
C SER A 388 68.53 14.50 -20.99
N VAL A 389 68.75 14.26 -22.28
CA VAL A 389 68.00 13.21 -22.97
C VAL A 389 68.27 11.86 -22.34
N TYR A 390 69.55 11.55 -22.09
CA TYR A 390 69.88 10.29 -21.44
C TYR A 390 69.33 10.25 -20.01
N ALA A 391 69.44 11.37 -19.30
CA ALA A 391 68.87 11.49 -17.95
C ALA A 391 67.46 12.06 -18.00
N TRP A 392 66.60 11.43 -18.81
CA TRP A 392 65.22 11.86 -18.91
C TRP A 392 64.57 11.89 -17.53
N ASN A 393 63.93 13.01 -17.21
CA ASN A 393 63.39 13.22 -15.88
C ASN A 393 62.12 12.42 -15.65
N ARG A 394 61.89 12.05 -14.39
CA ARG A 394 60.66 11.37 -13.98
C ARG A 394 60.30 11.89 -12.60
N LYS A 395 59.21 12.66 -12.52
CA LYS A 395 58.76 13.29 -11.29
C LYS A 395 57.37 12.80 -10.94
N ARG A 396 57.20 12.33 -9.70
CA ARG A 396 55.89 11.92 -9.22
C ARG A 396 55.13 13.16 -8.75
N ILE A 397 53.91 13.32 -9.25
CA ILE A 397 53.10 14.50 -8.97
C ILE A 397 51.82 14.04 -8.30
N SER A 398 51.59 14.53 -7.09
CA SER A 398 50.45 14.15 -6.27
C SER A 398 50.19 15.26 -5.25
N ASN A 399 48.99 15.23 -4.67
CA ASN A 399 48.59 16.18 -3.63
C ASN A 399 48.63 17.61 -4.17
N CYS A 400 47.84 17.85 -5.20
CA CYS A 400 47.69 19.17 -5.79
C CYS A 400 46.42 19.16 -6.64
N VAL A 401 46.23 20.22 -7.43
CA VAL A 401 45.08 20.33 -8.33
C VAL A 401 45.61 20.43 -9.75
N ALA A 402 45.18 19.51 -10.61
CA ALA A 402 45.60 19.50 -12.01
C ALA A 402 44.79 20.54 -12.77
N ASP A 403 45.22 21.80 -12.63
CA ASP A 403 44.52 22.93 -13.23
C ASP A 403 45.03 23.11 -14.66
N TYR A 404 44.16 22.87 -15.63
CA TYR A 404 44.48 23.05 -17.05
C TYR A 404 44.27 24.48 -17.54
N SER A 405 43.67 25.36 -16.73
CA SER A 405 43.51 26.74 -17.17
C SER A 405 44.87 27.44 -17.28
N VAL A 406 45.66 27.37 -16.21
CA VAL A 406 46.96 28.01 -16.17
C VAL A 406 47.93 27.37 -17.16
N LEU A 407 47.62 26.16 -17.63
CA LEU A 407 48.47 25.46 -18.59
C LEU A 407 48.02 25.66 -20.04
N TYR A 408 46.71 25.77 -20.26
CA TYR A 408 46.13 25.94 -21.58
C TYR A 408 46.02 27.41 -21.98
N ASN A 409 46.28 28.34 -21.07
CA ASN A 409 46.28 29.75 -21.44
C ASN A 409 47.32 30.04 -22.53
N SER A 410 48.33 29.19 -22.67
CA SER A 410 49.35 29.40 -23.70
C SER A 410 48.73 29.31 -25.08
N ALA A 411 49.26 30.11 -26.01
CA ALA A 411 48.77 30.17 -27.38
C ALA A 411 49.77 29.67 -28.40
N SER A 412 50.99 29.31 -27.99
CA SER A 412 51.99 28.83 -28.94
C SER A 412 51.71 27.42 -29.41
N PHE A 413 50.91 26.65 -28.67
CA PHE A 413 50.59 25.29 -29.09
C PHE A 413 49.80 25.31 -30.39
N SER A 414 50.11 24.37 -31.27
CA SER A 414 49.42 24.27 -32.55
C SER A 414 48.19 23.38 -32.47
N THR A 415 48.32 22.21 -31.86
CA THR A 415 47.19 21.28 -31.71
C THR A 415 47.38 20.52 -30.41
N PHE A 416 46.73 20.99 -29.34
CA PHE A 416 46.80 20.35 -28.03
C PHE A 416 45.41 19.78 -27.73
N LYS A 417 45.18 18.56 -28.19
CA LYS A 417 43.92 17.86 -27.95
C LYS A 417 44.22 16.43 -27.52
N CYS A 418 43.36 15.89 -26.67
CA CYS A 418 43.48 14.51 -26.21
C CYS A 418 42.46 13.64 -26.93
N TYR A 419 42.91 12.45 -27.34
CA TYR A 419 42.05 11.59 -28.16
C TYR A 419 40.82 11.14 -27.39
N GLY A 420 41.01 10.70 -26.14
CA GLY A 420 39.91 10.16 -25.36
C GLY A 420 39.23 11.16 -24.46
N VAL A 421 39.89 12.29 -24.18
CA VAL A 421 39.38 13.31 -23.28
C VAL A 421 39.65 14.67 -23.92
N SER A 422 39.20 15.73 -23.24
CA SER A 422 39.39 17.10 -23.68
C SER A 422 39.82 17.94 -22.49
N PRO A 423 40.68 18.95 -22.70
CA PRO A 423 41.06 19.81 -21.58
C PRO A 423 39.88 20.50 -20.93
N THR A 424 38.89 20.93 -21.72
CA THR A 424 37.81 21.73 -21.17
C THR A 424 37.03 20.98 -20.10
N LYS A 425 36.74 19.71 -20.34
CA LYS A 425 36.01 18.89 -19.38
C LYS A 425 36.89 18.34 -18.27
N LEU A 426 38.16 18.77 -18.21
CA LEU A 426 39.03 18.36 -17.11
C LEU A 426 38.61 18.95 -15.77
N ASN A 427 37.74 19.97 -15.78
CA ASN A 427 37.41 20.69 -14.56
C ASN A 427 36.98 19.75 -13.44
N ASP A 428 36.16 18.77 -13.76
CA ASP A 428 35.63 17.83 -12.77
C ASP A 428 36.26 16.44 -12.90
N LEU A 429 37.52 16.38 -13.35
CA LEU A 429 38.24 15.13 -13.47
C LEU A 429 39.42 15.14 -12.49
N CYS A 430 39.54 14.08 -11.70
CA CYS A 430 40.57 13.97 -10.68
C CYS A 430 41.52 12.83 -11.01
N PHE A 431 42.81 13.08 -10.85
CA PHE A 431 43.86 12.13 -11.19
C PHE A 431 44.36 11.40 -9.95
N THR A 432 45.06 10.29 -10.20
CA THR A 432 45.71 9.52 -9.14
C THR A 432 47.15 9.98 -8.94
N ASN A 433 47.90 10.10 -10.02
CA ASN A 433 49.26 10.60 -9.99
C ASN A 433 49.64 11.01 -11.41
N VAL A 434 50.53 11.99 -11.51
CA VAL A 434 50.96 12.50 -12.81
C VAL A 434 52.47 12.36 -12.92
N TYR A 435 52.94 12.00 -14.11
CA TYR A 435 54.35 11.89 -14.42
C TYR A 435 54.69 12.86 -15.54
N ALA A 436 55.83 13.54 -15.38
CA ALA A 436 56.30 14.53 -16.33
C ALA A 436 57.65 14.09 -16.88
N ASP A 437 57.77 14.09 -18.20
CA ASP A 437 59.01 13.73 -18.89
C ASP A 437 59.63 14.99 -19.46
N SER A 438 60.77 15.39 -18.91
CA SER A 438 61.46 16.61 -19.30
C SER A 438 62.80 16.25 -19.91
N PHE A 439 62.97 16.54 -21.20
CA PHE A 439 64.24 16.32 -21.87
C PHE A 439 64.26 17.15 -23.14
N VAL A 440 65.46 17.34 -23.69
CA VAL A 440 65.68 18.08 -24.91
C VAL A 440 66.26 17.13 -25.95
N ILE A 441 65.59 17.04 -27.10
CA ILE A 441 65.98 16.15 -28.18
C ILE A 441 65.87 16.90 -29.50
N ARG A 442 66.15 16.20 -30.59
CA ARG A 442 66.01 16.78 -31.93
C ARG A 442 64.55 17.08 -32.20
N GLY A 443 64.30 18.19 -32.92
CA GLY A 443 62.93 18.57 -33.22
C GLY A 443 62.19 17.48 -33.98
N ASP A 444 62.84 16.88 -34.97
CA ASP A 444 62.21 15.83 -35.75
C ASP A 444 61.86 14.62 -34.90
N GLU A 445 62.41 14.51 -33.69
CA GLU A 445 62.10 13.41 -32.78
C GLU A 445 60.89 13.69 -31.91
N VAL A 446 60.21 14.83 -32.08
CA VAL A 446 59.00 15.08 -31.31
C VAL A 446 57.97 13.98 -31.56
N ARG A 447 57.80 13.59 -32.82
CA ARG A 447 56.89 12.48 -33.13
C ARG A 447 57.49 11.15 -32.71
N GLN A 448 58.83 11.05 -32.66
CA GLN A 448 59.46 9.82 -32.20
C GLN A 448 59.10 9.52 -30.75
N ILE A 449 58.80 10.56 -29.96
CA ILE A 449 58.35 10.35 -28.59
C ILE A 449 56.93 9.82 -28.55
N ALA A 450 56.16 10.01 -29.62
CA ALA A 450 54.78 9.57 -29.62
C ALA A 450 54.70 8.04 -29.64
N PRO A 451 53.66 7.45 -29.04
CA PRO A 451 53.54 5.99 -29.06
C PRO A 451 53.29 5.46 -30.46
N GLY A 452 53.70 4.21 -30.67
CA GLY A 452 53.46 3.55 -31.95
C GLY A 452 54.16 4.22 -33.10
N GLN A 453 55.43 4.56 -32.92
CA GLN A 453 56.22 5.24 -33.92
C GLN A 453 57.16 4.26 -34.62
N THR A 454 57.84 4.76 -35.66
CA THR A 454 58.80 3.99 -36.43
C THR A 454 60.17 4.63 -36.31
N GLY A 455 61.19 3.82 -36.05
CA GLY A 455 62.54 4.31 -35.92
C GLY A 455 63.24 3.81 -34.67
N LYS A 456 64.41 3.20 -34.85
CA LYS A 456 65.16 2.68 -33.71
C LYS A 456 65.91 3.77 -32.94
N ILE A 457 65.95 5.00 -33.46
CA ILE A 457 66.60 6.09 -32.75
C ILE A 457 65.76 6.57 -31.57
N ALA A 458 64.47 6.29 -31.57
CA ALA A 458 63.60 6.75 -30.49
C ALA A 458 63.83 5.94 -29.21
N ASP A 459 63.68 4.63 -29.29
CA ASP A 459 63.81 3.78 -28.11
C ASP A 459 65.24 3.74 -27.57
N TYR A 460 66.23 4.22 -28.32
CA TYR A 460 67.59 4.26 -27.80
C TYR A 460 67.67 5.15 -26.56
N ASN A 461 66.98 6.29 -26.58
CA ASN A 461 66.97 7.21 -25.45
C ASN A 461 65.67 7.17 -24.66
N TYR A 462 64.53 7.04 -25.34
CA TYR A 462 63.23 7.02 -24.68
C TYR A 462 62.40 5.89 -25.29
N LYS A 463 62.24 4.80 -24.54
CA LYS A 463 61.45 3.68 -25.01
C LYS A 463 59.97 4.07 -25.10
N LEU A 464 59.24 3.40 -25.99
CA LEU A 464 57.83 3.70 -26.22
C LEU A 464 56.96 2.61 -25.60
N PRO A 465 56.31 2.86 -24.47
CA PRO A 465 55.42 1.85 -23.90
C PRO A 465 54.19 1.63 -24.76
N ASP A 466 53.63 0.43 -24.66
CA ASP A 466 52.49 0.04 -25.48
C ASP A 466 51.15 0.53 -24.94
N ASP A 467 51.12 1.11 -23.74
CA ASP A 467 49.89 1.59 -23.12
C ASP A 467 50.09 3.02 -22.62
N PHE A 468 50.67 3.87 -23.45
CA PHE A 468 50.95 5.25 -23.10
C PHE A 468 49.72 6.10 -23.36
N THR A 469 49.14 6.65 -22.30
CA THR A 469 47.98 7.53 -22.40
C THR A 469 48.35 9.01 -22.44
N GLY A 470 49.64 9.33 -22.34
CA GLY A 470 50.07 10.71 -22.39
C GLY A 470 49.78 11.35 -23.74
N CYS A 471 49.04 12.47 -23.72
CA CYS A 471 48.71 13.17 -24.95
C CYS A 471 49.94 13.93 -25.45
N VAL A 472 50.26 13.76 -26.74
CA VAL A 472 51.43 14.40 -27.31
C VAL A 472 51.22 15.91 -27.37
N ILE A 473 52.29 16.66 -27.11
CA ILE A 473 52.26 18.11 -27.14
C ILE A 473 53.43 18.59 -27.98
N ALA A 474 53.16 19.54 -28.88
CA ALA A 474 54.17 20.13 -29.74
C ALA A 474 54.26 21.63 -29.45
N TRP A 475 55.45 22.11 -29.17
CA TRP A 475 55.67 23.53 -28.90
C TRP A 475 57.11 23.88 -29.23
N ASN A 476 57.35 25.17 -29.42
CA ASN A 476 58.66 25.67 -29.82
C ASN A 476 59.52 25.97 -28.60
N SER A 477 60.75 25.47 -28.61
CA SER A 477 61.72 25.76 -27.55
C SER A 477 63.11 25.99 -28.12
N ASN A 478 63.18 26.48 -29.38
CA ASN A 478 64.48 26.70 -30.00
C ASN A 478 65.30 27.72 -29.22
N ASN A 479 64.68 28.81 -28.77
CA ASN A 479 65.40 29.81 -28.00
C ASN A 479 65.92 29.23 -26.69
N LEU A 480 65.10 28.42 -26.02
CA LEU A 480 65.51 27.87 -24.73
C LEU A 480 66.62 26.85 -24.89
N ASP A 481 66.58 26.05 -25.95
CA ASP A 481 67.56 24.99 -26.16
C ASP A 481 68.73 25.41 -27.03
N SER A 482 68.79 26.67 -27.45
CA SER A 482 69.83 27.14 -28.36
C SER A 482 71.03 27.66 -27.59
N LYS A 483 72.22 27.40 -28.14
CA LYS A 483 73.47 27.92 -27.61
C LYS A 483 74.25 28.57 -28.75
N VAL A 484 75.09 29.55 -28.39
CA VAL A 484 75.77 30.35 -29.41
C VAL A 484 76.61 29.46 -30.31
N GLY A 485 77.41 28.57 -29.72
CA GLY A 485 78.22 27.64 -30.48
C GLY A 485 77.60 26.28 -30.72
N GLY A 486 76.49 25.98 -30.05
CA GLY A 486 75.84 24.68 -30.20
C GLY A 486 76.14 23.76 -29.04
N ASN A 487 75.08 23.28 -28.37
CA ASN A 487 75.22 22.42 -27.20
C ASN A 487 75.15 20.96 -27.64
N TYR A 488 76.29 20.28 -27.60
CA TYR A 488 76.37 18.86 -27.92
C TYR A 488 76.19 17.96 -26.70
N ASN A 489 76.09 18.53 -25.50
CA ASN A 489 75.99 17.71 -24.29
C ASN A 489 74.79 16.79 -24.33
N TYR A 490 73.74 17.17 -25.07
CA TYR A 490 72.56 16.33 -25.18
C TYR A 490 72.75 15.27 -26.26
N LEU A 491 73.83 14.50 -26.14
CA LEU A 491 74.15 13.48 -27.13
C LEU A 491 73.26 12.25 -26.93
N TYR A 492 73.22 11.41 -27.97
CA TYR A 492 72.42 10.19 -27.99
C TYR A 492 73.31 8.94 -28.03
N ARG A 493 74.35 8.93 -27.21
CA ARG A 493 75.30 7.81 -27.20
C ARG A 493 74.68 6.52 -26.69
N LEU A 494 73.48 6.57 -26.11
CA LEU A 494 72.83 5.36 -25.61
C LEU A 494 72.55 4.40 -26.76
N PHE A 495 73.30 3.30 -26.83
CA PHE A 495 73.15 2.31 -27.90
C PHE A 495 73.17 0.92 -27.32
N ARG A 496 72.47 0.70 -26.20
CA ARG A 496 72.44 -0.61 -25.57
C ARG A 496 71.80 -1.62 -26.52
N LYS A 497 72.45 -2.80 -26.63
CA LYS A 497 71.99 -3.82 -27.56
C LYS A 497 70.76 -4.56 -27.03
N SER A 498 70.67 -4.75 -25.71
CA SER A 498 69.55 -5.50 -25.15
C SER A 498 68.24 -4.78 -25.37
N ASN A 499 67.16 -5.55 -25.52
CA ASN A 499 65.84 -4.98 -25.70
C ASN A 499 65.47 -4.13 -24.48
N LEU A 500 64.79 -3.02 -24.74
CA LEU A 500 64.44 -2.05 -23.71
C LEU A 500 63.01 -2.30 -23.25
N LYS A 501 62.84 -2.51 -21.95
CA LYS A 501 61.53 -2.68 -21.36
C LYS A 501 60.83 -1.34 -21.24
N PRO A 502 59.49 -1.35 -21.11
CA PRO A 502 58.77 -0.07 -20.95
C PRO A 502 59.07 0.63 -19.64
N PHE A 503 59.75 1.76 -19.70
CA PHE A 503 60.06 2.57 -18.53
C PHE A 503 60.79 1.74 -17.47
N GLU A 504 61.96 1.24 -17.84
CA GLU A 504 62.80 0.48 -16.92
C GLU A 504 63.84 1.34 -16.23
N ARG A 505 63.98 2.61 -16.60
CA ARG A 505 64.95 3.49 -15.96
C ARG A 505 64.46 4.94 -16.02
N PRO A 530 69.81 10.53 -35.56
CA PRO A 530 69.88 11.00 -34.17
C PRO A 530 70.75 12.24 -34.01
N LEU A 531 72.07 12.07 -34.04
CA LEU A 531 73.01 13.19 -33.92
C LEU A 531 73.43 13.69 -35.30
N GLN A 532 72.42 14.12 -36.07
CA GLN A 532 72.67 14.66 -37.40
C GLN A 532 73.11 16.11 -37.37
N SER A 533 73.10 16.76 -36.20
CA SER A 533 73.53 18.14 -36.06
C SER A 533 74.68 18.21 -35.05
N TYR A 534 75.62 19.11 -35.32
CA TYR A 534 76.75 19.30 -34.39
C TYR A 534 76.25 19.74 -33.03
N GLY A 535 75.27 20.63 -32.99
CA GLY A 535 74.72 21.10 -31.73
C GLY A 535 73.42 21.82 -31.97
N PHE A 536 72.78 22.20 -30.87
CA PHE A 536 71.50 22.91 -30.94
C PHE A 536 71.77 24.36 -31.26
N GLN A 537 71.48 24.75 -32.51
CA GLN A 537 71.74 26.09 -33.00
C GLN A 537 70.48 26.66 -33.64
N PRO A 538 70.22 27.96 -33.48
CA PRO A 538 69.02 28.53 -34.13
C PRO A 538 69.07 28.47 -35.64
N THR A 539 70.25 28.25 -36.24
CA THR A 539 70.37 28.20 -37.69
C THR A 539 69.63 27.01 -38.31
N ASN A 540 69.19 26.06 -37.49
CA ASN A 540 68.46 24.91 -38.02
C ASN A 540 67.18 25.37 -38.72
N GLY A 541 66.83 24.67 -39.80
CA GLY A 541 65.68 25.03 -40.59
C GLY A 541 64.37 24.62 -39.95
N VAL A 542 63.27 24.91 -40.66
CA VAL A 542 61.94 24.61 -40.15
C VAL A 542 61.80 23.11 -39.98
N GLY A 543 61.31 22.70 -38.81
CA GLY A 543 61.14 21.30 -38.49
C GLY A 543 62.39 20.61 -38.01
N TYR A 544 63.54 21.30 -37.98
CA TYR A 544 64.79 20.72 -37.52
C TYR A 544 65.34 21.43 -36.28
N GLN A 545 64.80 22.58 -35.91
CA GLN A 545 65.28 23.28 -34.72
C GLN A 545 64.96 22.47 -33.47
N PRO A 546 65.77 22.60 -32.43
CA PRO A 546 65.53 21.82 -31.21
C PRO A 546 64.16 22.12 -30.61
N TYR A 547 63.51 21.08 -30.11
CA TYR A 547 62.22 21.19 -29.46
C TYR A 547 62.24 20.45 -28.13
N ARG A 548 61.59 21.03 -27.13
CA ARG A 548 61.44 20.41 -25.83
C ARG A 548 60.14 19.62 -25.81
N VAL A 549 60.23 18.29 -25.69
CA VAL A 549 59.06 17.44 -25.70
C VAL A 549 58.49 17.38 -24.28
N VAL A 550 57.24 17.79 -24.13
CA VAL A 550 56.55 17.78 -22.85
C VAL A 550 55.30 16.93 -23.00
N VAL A 551 55.18 15.91 -22.14
CA VAL A 551 54.00 15.04 -22.13
C VAL A 551 53.58 14.85 -20.68
N LEU A 552 52.31 15.15 -20.38
CA LEU A 552 51.76 14.99 -19.04
C LEU A 552 51.12 13.60 -18.95
N SER A 553 51.95 12.60 -18.68
CA SER A 553 51.51 11.20 -18.73
C SER A 553 50.96 10.82 -17.36
N PHE A 554 49.66 10.52 -17.30
CA PHE A 554 49.03 10.16 -16.04
C PHE A 554 48.19 8.90 -16.21
N GLU A 555 48.15 8.11 -15.16
CA GLU A 555 47.39 6.86 -15.12
C GLU A 555 46.31 6.96 -14.06
N LEU A 556 45.11 6.54 -14.41
CA LEU A 556 43.96 6.58 -13.52
C LEU A 556 43.68 5.20 -12.96
N LEU A 557 42.98 5.17 -11.82
CA LEU A 557 42.60 3.92 -11.15
C LEU A 557 43.83 3.08 -10.81
N HIS A 558 44.95 3.74 -10.54
CA HIS A 558 46.19 3.08 -10.16
C HIS A 558 46.72 3.49 -8.81
N ALA A 559 46.45 4.70 -8.37
CA ALA A 559 46.88 5.21 -7.07
C ALA A 559 45.71 5.93 -6.42
N PRO A 560 45.73 6.09 -5.09
CA PRO A 560 44.62 6.79 -4.43
C PRO A 560 44.43 8.19 -4.98
N ALA A 561 43.16 8.58 -5.12
CA ALA A 561 42.83 9.89 -5.67
C ALA A 561 43.46 10.99 -4.81
N THR A 562 44.37 11.75 -5.42
CA THR A 562 45.04 12.83 -4.71
C THR A 562 45.24 14.09 -5.55
N VAL A 563 44.70 14.14 -6.77
CA VAL A 563 44.80 15.32 -7.62
C VAL A 563 43.45 15.52 -8.32
N CYS A 564 43.02 16.78 -8.39
CA CYS A 564 41.72 17.13 -8.98
C CYS A 564 41.90 18.29 -9.95
N GLY A 565 40.80 18.68 -10.59
CA GLY A 565 40.84 19.62 -11.69
C GLY A 565 40.33 21.00 -11.34
N PRO A 566 40.40 21.92 -12.31
CA PRO A 566 39.99 23.31 -12.06
C PRO A 566 38.49 23.54 -12.21
N LYS A 567 38.09 24.82 -12.18
CA LYS A 567 36.69 25.20 -12.24
C LYS A 567 36.54 26.40 -13.17
N LYS A 568 35.29 26.72 -13.49
CA LYS A 568 34.96 27.83 -14.37
C LYS A 568 33.86 28.68 -13.73
N SER A 569 33.86 29.97 -14.05
CA SER A 569 32.95 30.93 -13.45
C SER A 569 32.18 31.69 -14.52
N THR A 570 31.11 32.35 -14.10
CA THR A 570 30.27 33.15 -14.97
C THR A 570 29.77 34.36 -14.18
N ASN A 571 28.84 35.11 -14.79
CA ASN A 571 28.31 36.31 -14.16
C ASN A 571 27.27 35.95 -13.10
N LEU A 572 26.79 36.96 -12.39
CA LEU A 572 25.85 36.79 -11.29
C LEU A 572 24.56 37.54 -11.57
N VAL A 573 23.43 36.90 -11.25
CA VAL A 573 22.11 37.51 -11.37
C VAL A 573 21.30 37.16 -10.13
N LYS A 574 20.24 37.93 -9.91
CA LYS A 574 19.44 37.78 -8.70
C LYS A 574 17.97 38.01 -9.02
N ASN A 575 17.10 37.53 -8.13
CA ASN A 575 15.67 37.79 -8.18
C ASN A 575 15.05 37.27 -9.47
N LYS A 576 15.54 36.12 -9.94
CA LYS A 576 14.98 35.47 -11.11
C LYS A 576 15.10 33.96 -10.95
N CYS A 577 14.12 33.25 -11.49
CA CYS A 577 14.14 31.79 -11.46
C CYS A 577 15.21 31.31 -12.44
N VAL A 578 16.36 30.90 -11.90
CA VAL A 578 17.51 30.50 -12.69
C VAL A 578 18.05 29.19 -12.15
N ASN A 579 18.82 28.50 -13.00
CA ASN A 579 19.48 27.25 -12.62
C ASN A 579 20.91 27.59 -12.20
N PHE A 580 21.19 27.40 -10.92
CA PHE A 580 22.47 27.80 -10.33
C PHE A 580 23.38 26.60 -10.11
N ASN A 581 24.67 26.86 -10.21
CA ASN A 581 25.71 25.87 -9.90
C ASN A 581 26.76 26.56 -9.03
N PHE A 582 26.72 26.27 -7.72
CA PHE A 582 27.63 26.88 -6.75
C PHE A 582 28.53 25.80 -6.17
N ASN A 583 29.80 25.81 -6.57
CA ASN A 583 30.78 24.86 -6.04
C ASN A 583 30.33 23.42 -6.24
N GLY A 584 29.75 23.14 -7.40
CA GLY A 584 29.25 21.82 -7.71
C GLY A 584 27.86 21.52 -7.17
N LEU A 585 27.31 22.40 -6.35
CA LEU A 585 25.93 22.27 -5.88
C LEU A 585 25.02 22.81 -6.97
N THR A 586 24.33 21.90 -7.66
CA THR A 586 23.43 22.26 -8.74
C THR A 586 22.01 22.36 -8.20
N GLY A 587 21.27 23.34 -8.71
CA GLY A 587 19.87 23.48 -8.30
C GLY A 587 19.19 24.51 -9.16
N THR A 588 17.90 24.73 -8.86
CA THR A 588 17.10 25.75 -9.53
C THR A 588 16.35 26.54 -8.48
N GLY A 589 16.26 27.85 -8.70
CA GLY A 589 15.53 28.68 -7.76
C GLY A 589 15.80 30.15 -8.00
N VAL A 590 15.42 30.95 -7.01
CA VAL A 590 15.59 32.40 -7.03
C VAL A 590 16.64 32.74 -5.97
N LEU A 591 17.67 33.46 -6.40
CA LEU A 591 18.75 33.89 -5.52
C LEU A 591 18.45 35.30 -5.03
N THR A 592 18.44 35.49 -3.72
CA THR A 592 18.12 36.78 -3.12
C THR A 592 19.18 37.15 -2.10
N GLU A 593 19.36 38.46 -1.90
CA GLU A 593 20.25 38.92 -0.84
C GLU A 593 19.63 38.60 0.51
N SER A 594 20.44 38.06 1.41
CA SER A 594 19.96 37.56 2.69
C SER A 594 20.74 38.19 3.83
N ASN A 595 20.10 38.25 4.99
CA ASN A 595 20.72 38.78 6.20
C ASN A 595 21.34 37.70 7.08
N LYS A 596 21.27 36.44 6.67
CA LYS A 596 21.89 35.37 7.46
C LYS A 596 23.39 35.57 7.51
N LYS A 597 23.98 35.22 8.65
CA LYS A 597 25.40 35.42 8.91
C LYS A 597 26.10 34.07 8.93
N PHE A 598 26.54 33.61 7.77
CA PHE A 598 27.32 32.39 7.69
C PHE A 598 28.64 32.57 8.40
N LEU A 599 29.13 31.49 9.00
CA LEU A 599 30.44 31.53 9.64
C LEU A 599 31.54 31.60 8.57
N PRO A 600 32.74 32.02 8.96
CA PRO A 600 33.79 32.27 7.95
C PRO A 600 34.07 31.08 7.05
N PHE A 601 33.91 29.86 7.55
CA PHE A 601 34.19 28.68 6.76
C PHE A 601 32.93 28.02 6.21
N GLN A 602 31.78 28.24 6.83
CA GLN A 602 30.55 27.57 6.40
C GLN A 602 30.17 28.02 4.99
N GLN A 603 29.72 27.07 4.18
CA GLN A 603 29.41 27.31 2.77
C GLN A 603 27.93 27.23 2.47
N PHE A 604 27.26 26.14 2.85
CA PHE A 604 25.86 25.92 2.53
C PHE A 604 24.99 26.19 3.76
N GLY A 605 23.69 26.17 3.53
CA GLY A 605 22.72 26.32 4.60
C GLY A 605 21.49 25.46 4.36
N ARG A 606 20.99 24.82 5.41
CA ARG A 606 19.89 23.87 5.28
C ARG A 606 18.80 24.21 6.28
N ASP A 607 17.57 23.79 5.95
CA ASP A 607 16.41 24.05 6.77
C ASP A 607 16.16 22.85 7.69
N ILE A 608 15.04 22.87 8.42
CA ILE A 608 14.72 21.80 9.35
C ILE A 608 14.61 20.47 8.61
N ALA A 609 13.97 20.48 7.45
CA ALA A 609 13.81 19.27 6.64
C ALA A 609 15.06 18.90 5.88
N ASP A 610 16.19 19.57 6.13
CA ASP A 610 17.45 19.28 5.46
C ASP A 610 17.33 19.52 3.95
N THR A 611 16.90 20.73 3.59
CA THR A 611 16.83 21.17 2.20
C THR A 611 17.56 22.50 2.08
N THR A 612 18.35 22.63 1.01
CA THR A 612 19.17 23.82 0.85
C THR A 612 18.29 25.07 0.84
N ASP A 613 18.68 26.05 1.64
CA ASP A 613 17.97 27.32 1.71
C ASP A 613 18.88 28.54 1.67
N ALA A 614 20.16 28.40 1.96
CA ALA A 614 21.12 29.50 1.86
C ALA A 614 22.41 28.99 1.25
N VAL A 615 23.13 29.87 0.59
CA VAL A 615 24.40 29.51 -0.05
C VAL A 615 25.31 30.73 -0.04
N ARG A 616 26.60 30.48 0.17
CA ARG A 616 27.59 31.55 0.17
C ARG A 616 28.27 31.61 -1.19
N ASP A 617 28.25 32.79 -1.80
CA ASP A 617 28.80 32.94 -3.14
C ASP A 617 30.31 32.72 -3.10
N PRO A 618 30.87 31.80 -3.89
CA PRO A 618 32.31 31.56 -3.82
C PRO A 618 33.14 32.78 -4.16
N GLN A 619 32.68 33.62 -5.10
CA GLN A 619 33.46 34.79 -5.49
C GLN A 619 33.36 35.88 -4.43
N THR A 620 32.16 36.40 -4.20
CA THR A 620 31.92 37.44 -3.21
C THR A 620 31.53 36.80 -1.89
N LEU A 621 32.12 37.27 -0.79
CA LEU A 621 31.80 36.77 0.54
C LEU A 621 30.44 37.35 0.95
N GLU A 622 29.39 36.71 0.45
CA GLU A 622 28.02 37.12 0.73
C GLU A 622 27.14 35.90 0.85
N ILE A 623 25.98 36.09 1.47
CA ILE A 623 25.03 35.02 1.74
C ILE A 623 23.78 35.27 0.90
N LEU A 624 23.34 34.25 0.17
CA LEU A 624 22.21 34.35 -0.73
C LEU A 624 21.15 33.33 -0.31
N ASP A 625 19.93 33.82 -0.11
CA ASP A 625 18.79 32.95 0.11
C ASP A 625 18.34 32.31 -1.20
N ILE A 626 17.92 31.05 -1.10
CA ILE A 626 17.42 30.27 -2.23
C ILE A 626 15.93 30.07 -2.01
N THR A 627 15.12 30.46 -2.99
CA THR A 627 13.68 30.27 -2.89
C THR A 627 13.19 29.51 -4.11
N PRO A 628 12.45 28.41 -3.93
CA PRO A 628 12.01 27.64 -5.10
C PRO A 628 11.14 28.48 -6.01
N CYS A 629 11.28 28.24 -7.31
CA CYS A 629 10.51 29.01 -8.29
C CYS A 629 9.02 28.82 -8.05
N SER A 630 8.26 29.89 -8.23
CA SER A 630 6.84 29.86 -7.91
C SER A 630 6.13 28.78 -8.71
N PHE A 631 5.18 28.11 -8.04
CA PHE A 631 4.42 27.04 -8.66
C PHE A 631 3.13 26.86 -7.89
N GLY A 632 2.18 26.16 -8.50
CA GLY A 632 0.96 25.83 -7.81
C GLY A 632 -0.10 25.31 -8.76
N GLY A 633 -1.16 24.77 -8.18
CA GLY A 633 -2.24 24.25 -8.98
C GLY A 633 -3.00 25.34 -9.70
N VAL A 634 -3.59 24.97 -10.83
CA VAL A 634 -4.43 25.87 -11.62
C VAL A 634 -5.84 25.29 -11.62
N SER A 635 -6.80 26.10 -11.18
CA SER A 635 -8.20 25.70 -11.14
C SER A 635 -8.99 26.53 -12.13
N VAL A 636 -10.04 25.95 -12.70
CA VAL A 636 -10.87 26.62 -13.67
C VAL A 636 -12.26 26.76 -13.07
N ILE A 637 -12.69 28.00 -12.86
CA ILE A 637 -14.02 28.31 -12.35
C ILE A 637 -14.92 28.57 -13.54
N THR A 638 -16.03 27.84 -13.63
CA THR A 638 -16.93 27.99 -14.74
C THR A 638 -18.35 27.68 -14.31
N PRO A 639 -19.34 28.38 -14.83
CA PRO A 639 -20.73 27.93 -14.68
C PRO A 639 -20.98 26.75 -15.62
N GLY A 640 -22.22 26.28 -15.63
CA GLY A 640 -22.56 25.18 -16.50
C GLY A 640 -22.27 25.52 -17.95
N THR A 641 -21.83 24.52 -18.71
CA THR A 641 -21.55 24.73 -20.13
C THR A 641 -22.76 25.31 -20.84
N ASN A 642 -23.96 24.83 -20.50
CA ASN A 642 -25.17 25.36 -21.13
C ASN A 642 -25.34 26.84 -20.80
N THR A 643 -25.04 27.23 -19.57
CA THR A 643 -25.23 28.62 -19.17
C THR A 643 -24.34 29.55 -19.97
N SER A 644 -23.08 29.17 -20.17
CA SER A 644 -22.15 30.01 -20.92
C SER A 644 -20.83 29.25 -21.06
N ASN A 645 -20.03 29.70 -22.02
CA ASN A 645 -18.69 29.17 -22.23
C ASN A 645 -17.61 30.01 -21.58
N GLN A 646 -17.98 31.09 -20.90
CA GLN A 646 -17.02 31.95 -20.24
C GLN A 646 -16.49 31.27 -18.98
N VAL A 647 -15.19 31.44 -18.72
CA VAL A 647 -14.54 30.85 -17.56
C VAL A 647 -13.56 31.84 -16.95
N ALA A 648 -13.18 31.57 -15.71
CA ALA A 648 -12.11 32.26 -15.03
C ALA A 648 -11.09 31.23 -14.55
N VAL A 649 -9.85 31.68 -14.34
CA VAL A 649 -8.77 30.77 -13.97
C VAL A 649 -8.13 31.28 -12.69
N LEU A 650 -7.95 30.38 -11.72
CA LEU A 650 -7.35 30.70 -10.44
C LEU A 650 -5.99 30.01 -10.36
N TYR A 651 -4.95 30.81 -10.10
CA TYR A 651 -3.61 30.30 -9.85
C TYR A 651 -3.42 30.25 -8.34
N GLN A 652 -3.36 29.05 -7.79
CA GLN A 652 -3.43 28.86 -6.35
C GLN A 652 -2.12 29.25 -5.67
N GLY A 653 -2.22 30.09 -4.64
CA GLY A 653 -1.06 30.43 -3.83
C GLY A 653 0.05 31.07 -4.63
N VAL A 654 -0.28 31.88 -5.62
CA VAL A 654 0.69 32.47 -6.52
C VAL A 654 0.40 33.96 -6.64
N ASN A 655 1.37 34.79 -6.25
CA ASN A 655 1.39 36.15 -6.77
C ASN A 655 1.22 36.17 -8.28
N CYS A 656 0.29 37.01 -8.73
CA CYS A 656 0.14 37.29 -10.16
C CYS A 656 1.00 38.46 -10.59
N THR A 657 2.28 38.40 -10.21
CA THR A 657 3.34 39.06 -10.94
C THR A 657 4.15 38.05 -11.74
N GLU A 658 3.75 36.78 -11.72
CA GLU A 658 4.43 35.71 -12.43
C GLU A 658 3.49 34.91 -13.33
N VAL A 659 2.20 35.21 -13.32
CA VAL A 659 1.23 34.46 -14.12
C VAL A 659 1.43 34.70 -15.62
N PRO A 660 1.93 35.85 -16.08
CA PRO A 660 2.10 36.02 -17.53
C PRO A 660 2.99 34.97 -18.16
N VAL A 661 3.95 34.44 -17.40
CA VAL A 661 4.82 33.38 -17.90
C VAL A 661 4.24 32.02 -17.54
N ARG A 673 -8.69 31.71 -20.97
CA ARG A 673 -7.99 32.92 -20.55
C ARG A 673 -6.49 32.67 -20.44
N VAL A 674 -5.98 31.74 -21.23
CA VAL A 674 -4.55 31.39 -21.21
C VAL A 674 -3.80 32.38 -22.08
N TYR A 675 -3.31 33.45 -21.48
CA TYR A 675 -2.48 34.42 -22.20
C TYR A 675 -1.73 35.26 -21.18
N SER A 676 -0.77 36.03 -21.68
CA SER A 676 0.12 36.80 -20.79
C SER A 676 -0.68 37.73 -19.90
N THR A 677 -1.57 38.53 -20.49
CA THR A 677 -2.37 39.46 -19.70
C THR A 677 -3.44 38.72 -18.92
N GLY A 678 -3.87 39.32 -17.82
CA GLY A 678 -4.84 38.70 -16.95
C GLY A 678 -6.19 39.39 -16.91
N SER A 679 -6.48 40.19 -17.95
CA SER A 679 -7.74 40.93 -18.00
C SER A 679 -7.94 41.71 -16.70
N ASN A 680 -8.98 41.36 -15.93
CA ASN A 680 -9.21 41.99 -14.63
C ASN A 680 -8.64 41.07 -13.55
N VAL A 681 -7.32 41.17 -13.36
CA VAL A 681 -6.66 40.37 -12.35
C VAL A 681 -7.20 40.73 -10.98
N PHE A 682 -7.14 39.78 -10.05
CA PHE A 682 -7.65 40.01 -8.69
C PHE A 682 -6.83 39.15 -7.74
N GLN A 683 -5.99 39.79 -6.93
CA GLN A 683 -5.22 39.09 -5.92
C GLN A 683 -6.14 38.70 -4.77
N THR A 684 -5.99 37.47 -4.26
CA THR A 684 -6.78 36.96 -3.17
C THR A 684 -5.91 36.05 -2.34
N ARG A 685 -6.28 35.87 -1.07
CA ARG A 685 -5.46 35.08 -0.17
C ARG A 685 -5.30 33.64 -0.65
N ALA A 686 -6.17 33.18 -1.54
CA ALA A 686 -6.09 31.84 -2.11
C ALA A 686 -5.50 31.84 -3.51
N GLY A 687 -4.56 32.74 -3.79
CA GLY A 687 -3.97 32.86 -5.10
C GLY A 687 -4.54 34.04 -5.87
N CYS A 688 -4.27 34.06 -7.16
CA CYS A 688 -4.74 35.14 -8.01
C CYS A 688 -5.78 34.64 -8.99
N LEU A 689 -6.91 35.35 -9.07
CA LEU A 689 -8.00 35.05 -9.96
C LEU A 689 -7.90 35.91 -11.21
N ILE A 690 -8.10 35.30 -12.37
CA ILE A 690 -7.98 35.97 -13.66
C ILE A 690 -9.27 35.73 -14.43
N GLY A 691 -9.83 36.81 -14.98
CA GLY A 691 -11.05 36.73 -15.75
C GLY A 691 -12.32 36.82 -14.95
N ALA A 692 -12.26 37.23 -13.69
CA ALA A 692 -13.43 37.36 -12.84
C ALA A 692 -13.49 38.78 -12.27
N GLU A 693 -14.63 39.44 -12.45
CA GLU A 693 -14.81 40.78 -11.93
C GLU A 693 -14.88 40.75 -10.41
N HIS A 694 -14.24 41.73 -9.77
CA HIS A 694 -14.20 41.82 -8.32
C HIS A 694 -15.36 42.70 -7.86
N VAL A 695 -16.41 42.06 -7.37
CA VAL A 695 -17.58 42.77 -6.84
C VAL A 695 -17.41 42.95 -5.34
N ASN A 696 -17.71 44.15 -4.86
CA ASN A 696 -17.50 44.50 -3.46
C ASN A 696 -18.79 44.46 -2.64
N ASN A 697 -19.84 43.85 -3.17
CA ASN A 697 -21.02 43.53 -2.39
C ASN A 697 -20.82 42.15 -1.75
N SER A 698 -21.89 41.56 -1.22
CA SER A 698 -21.82 40.25 -0.60
C SER A 698 -23.04 39.43 -1.00
N TYR A 699 -22.83 38.15 -1.24
CA TYR A 699 -23.90 37.22 -1.60
C TYR A 699 -23.60 35.87 -1.00
N GLU A 700 -24.53 34.92 -1.19
CA GLU A 700 -24.31 33.56 -0.78
C GLU A 700 -23.27 32.90 -1.69
N CYS A 701 -22.51 31.96 -1.13
CA CYS A 701 -21.47 31.31 -1.90
C CYS A 701 -22.09 30.46 -3.01
N ASP A 702 -21.53 30.57 -4.21
CA ASP A 702 -21.96 29.77 -5.35
C ASP A 702 -20.86 28.79 -5.79
N ILE A 703 -19.68 29.30 -6.08
CA ILE A 703 -18.52 28.46 -6.38
C ILE A 703 -17.42 28.84 -5.41
N PRO A 704 -17.09 28.01 -4.42
CA PRO A 704 -16.06 28.39 -3.45
C PRO A 704 -14.71 28.52 -4.11
N ILE A 705 -13.85 29.38 -3.54
CA ILE A 705 -12.49 29.56 -4.01
C ILE A 705 -11.48 29.35 -2.88
N GLY A 706 -11.68 30.03 -1.76
CA GLY A 706 -10.82 29.92 -0.61
C GLY A 706 -10.70 31.26 0.09
N ALA A 707 -10.39 31.20 1.38
CA ALA A 707 -10.24 32.41 2.19
C ALA A 707 -11.50 33.26 2.16
N GLY A 708 -12.67 32.62 2.11
CA GLY A 708 -13.91 33.35 2.13
C GLY A 708 -14.29 34.02 0.83
N ILE A 709 -13.73 33.58 -0.28
CA ILE A 709 -14.03 34.14 -1.59
C ILE A 709 -14.88 33.14 -2.37
N CYS A 710 -15.92 33.65 -3.04
CA CYS A 710 -16.78 32.81 -3.85
C CYS A 710 -17.07 33.52 -5.17
N ALA A 711 -17.18 32.72 -6.22
CA ALA A 711 -17.42 33.22 -7.58
C ALA A 711 -18.77 32.74 -8.07
N SER A 712 -19.45 33.59 -8.84
CA SER A 712 -20.76 33.26 -9.37
C SER A 712 -21.00 34.03 -10.66
N TYR A 713 -21.92 33.52 -11.47
CA TYR A 713 -22.27 34.10 -12.75
C TYR A 713 -23.46 35.04 -12.57
N GLN A 714 -23.28 36.31 -12.88
CA GLN A 714 -24.33 37.31 -12.66
C GLN A 714 -24.27 38.34 -13.78
N THR A 715 -25.19 39.30 -13.73
CA THR A 715 -25.24 40.35 -14.74
C THR A 715 -24.05 41.29 -14.61
N SER A 728 -23.50 41.07 -21.36
CA SER A 728 -23.80 41.71 -20.09
C SER A 728 -23.38 40.82 -18.93
N GLN A 729 -23.71 39.54 -19.03
CA GLN A 729 -23.39 38.59 -17.97
C GLN A 729 -21.88 38.37 -17.90
N SER A 730 -21.40 38.09 -16.68
CA SER A 730 -19.99 37.85 -16.44
C SER A 730 -19.85 37.12 -15.10
N ILE A 731 -18.63 36.62 -14.87
CA ILE A 731 -18.30 35.94 -13.63
C ILE A 731 -17.75 36.96 -12.64
N ILE A 732 -18.30 36.96 -11.43
CA ILE A 732 -17.94 37.91 -10.39
C ILE A 732 -17.40 37.14 -9.19
N ALA A 733 -16.36 37.67 -8.56
CA ALA A 733 -15.78 37.11 -7.35
C ALA A 733 -16.03 38.08 -6.20
N TYR A 734 -16.52 37.56 -5.08
CA TYR A 734 -16.92 38.38 -3.95
C TYR A 734 -16.56 37.66 -2.67
N THR A 735 -16.87 38.30 -1.54
CA THR A 735 -16.70 37.71 -0.22
C THR A 735 -18.05 37.17 0.23
N MET A 736 -18.09 35.87 0.55
CA MET A 736 -19.36 35.23 0.86
C MET A 736 -20.00 35.86 2.09
N SER A 737 -21.33 35.92 2.08
CA SER A 737 -22.11 36.41 3.20
C SER A 737 -22.68 35.22 3.97
N LEU A 738 -22.49 35.24 5.29
CA LEU A 738 -22.93 34.13 6.13
C LEU A 738 -24.43 34.07 6.30
N GLY A 739 -25.16 35.13 5.90
CA GLY A 739 -26.59 35.13 6.01
C GLY A 739 -27.14 36.50 6.36
N ALA A 740 -28.46 36.63 6.38
CA ALA A 740 -29.07 37.90 6.73
C ALA A 740 -28.82 38.23 8.20
N GLU A 741 -28.49 39.49 8.47
CA GLU A 741 -28.31 39.94 9.84
C GLU A 741 -29.66 40.05 10.52
N ASN A 742 -29.70 39.66 11.80
CA ASN A 742 -30.93 39.70 12.59
C ASN A 742 -30.61 40.20 13.98
N SER A 743 -31.46 41.08 14.49
CA SER A 743 -31.32 41.65 15.82
C SER A 743 -32.57 41.29 16.60
N VAL A 744 -32.50 40.19 17.36
CA VAL A 744 -33.65 39.75 18.14
C VAL A 744 -34.04 40.84 19.12
N ALA A 745 -35.35 41.07 19.26
CA ALA A 745 -35.85 42.12 20.13
C ALA A 745 -35.88 41.67 21.58
N TYR A 746 -34.75 41.19 22.09
CA TYR A 746 -34.68 40.77 23.48
C TYR A 746 -34.88 41.97 24.39
N SER A 747 -35.57 41.76 25.51
CA SER A 747 -35.90 42.84 26.41
C SER A 747 -36.15 42.27 27.80
N ASN A 748 -36.46 43.16 28.73
CA ASN A 748 -36.72 42.75 30.10
C ASN A 748 -37.86 41.74 30.17
N ASN A 749 -38.99 42.08 29.58
CA ASN A 749 -40.25 41.39 29.82
C ASN A 749 -41.04 41.25 28.52
N SER A 750 -40.35 40.89 27.44
CA SER A 750 -40.97 40.70 26.14
C SER A 750 -40.76 39.26 25.71
N ILE A 751 -41.84 38.57 25.37
CA ILE A 751 -41.77 37.18 24.92
C ILE A 751 -42.61 37.02 23.66
N ALA A 752 -42.06 36.32 22.68
CA ALA A 752 -42.75 36.07 21.42
C ALA A 752 -43.28 34.65 21.42
N ILE A 753 -44.59 34.51 21.27
CA ILE A 753 -45.22 33.19 21.26
C ILE A 753 -45.83 32.93 19.90
N PRO A 754 -45.68 31.74 19.33
CA PRO A 754 -46.33 31.45 18.05
C PRO A 754 -47.84 31.31 18.21
N THR A 755 -48.55 31.61 17.12
CA THR A 755 -50.00 31.52 17.09
C THR A 755 -50.48 30.60 15.97
N ASN A 756 -49.59 29.79 15.41
CA ASN A 756 -49.90 28.99 14.24
C ASN A 756 -48.68 28.11 13.97
N PHE A 757 -48.87 27.08 13.14
CA PHE A 757 -47.83 26.09 12.91
C PHE A 757 -47.81 25.70 11.44
N THR A 758 -46.73 25.03 11.05
CA THR A 758 -46.61 24.43 9.74
C THR A 758 -46.02 23.03 9.89
N ILE A 759 -46.49 22.11 9.06
CA ILE A 759 -45.95 20.75 9.01
C ILE A 759 -44.98 20.69 7.84
N SER A 760 -43.74 20.31 8.13
CA SER A 760 -42.67 20.28 7.14
C SER A 760 -42.20 18.84 6.97
N VAL A 761 -42.18 18.37 5.73
CA VAL A 761 -41.73 17.02 5.41
C VAL A 761 -40.44 17.16 4.63
N THR A 762 -39.32 16.85 5.27
CA THR A 762 -38.00 17.03 4.68
C THR A 762 -37.35 15.68 4.44
N THR A 763 -36.65 15.56 3.33
CA THR A 763 -36.00 14.30 2.97
C THR A 763 -34.60 14.22 3.56
N GLU A 764 -34.12 12.99 3.74
CA GLU A 764 -32.75 12.76 4.17
C GLU A 764 -32.28 11.43 3.59
N ILE A 765 -31.21 11.47 2.80
CA ILE A 765 -30.70 10.31 2.09
C ILE A 765 -29.42 9.86 2.77
N LEU A 766 -29.30 8.55 3.00
CA LEU A 766 -28.12 7.99 3.65
C LEU A 766 -27.66 6.73 2.93
N PRO A 767 -26.41 6.66 2.49
CA PRO A 767 -25.89 5.40 1.95
C PRO A 767 -25.92 4.31 3.01
N VAL A 768 -26.20 3.08 2.57
CA VAL A 768 -26.34 1.96 3.50
C VAL A 768 -25.39 0.83 3.11
N SER A 769 -25.04 0.74 1.84
CA SER A 769 -24.20 -0.35 1.37
C SER A 769 -23.64 0.00 0.01
N MET A 770 -22.65 -0.77 -0.43
CA MET A 770 -22.06 -0.61 -1.74
C MET A 770 -21.89 -1.98 -2.38
N THR A 771 -21.72 -1.98 -3.70
CA THR A 771 -21.67 -3.24 -4.44
C THR A 771 -20.56 -4.13 -3.91
N LYS A 772 -20.88 -5.41 -3.71
CA LYS A 772 -19.85 -6.38 -3.37
C LYS A 772 -18.91 -6.57 -4.57
N THR A 773 -17.72 -7.06 -4.28
CA THR A 773 -16.73 -7.28 -5.32
C THR A 773 -15.69 -8.28 -4.83
N SER A 774 -15.59 -9.41 -5.52
CA SER A 774 -14.53 -10.38 -5.29
C SER A 774 -13.59 -10.36 -6.49
N VAL A 775 -12.32 -10.64 -6.23
CA VAL A 775 -11.27 -10.53 -7.23
C VAL A 775 -10.52 -11.85 -7.30
N ASP A 776 -10.35 -12.37 -8.52
CA ASP A 776 -9.49 -13.52 -8.76
C ASP A 776 -8.09 -13.00 -8.95
N CYS A 777 -7.30 -13.00 -7.87
CA CYS A 777 -5.97 -12.39 -7.90
C CYS A 777 -5.10 -13.02 -8.97
N THR A 778 -5.09 -14.35 -9.05
CA THR A 778 -4.26 -15.03 -10.03
C THR A 778 -4.67 -14.65 -11.44
N MET A 779 -5.98 -14.68 -11.72
CA MET A 779 -6.44 -14.31 -13.05
C MET A 779 -6.01 -12.89 -13.40
N TYR A 780 -6.27 -11.94 -12.49
CA TYR A 780 -5.96 -10.55 -12.79
C TYR A 780 -4.47 -10.36 -13.07
N ILE A 781 -3.61 -10.94 -12.22
CA ILE A 781 -2.19 -10.67 -12.34
C ILE A 781 -1.59 -11.42 -13.54
N CYS A 782 -1.90 -12.70 -13.68
CA CYS A 782 -1.22 -13.58 -14.62
C CYS A 782 -2.23 -14.36 -15.46
N GLY A 783 -3.20 -13.65 -16.04
CA GLY A 783 -4.24 -14.32 -16.80
C GLY A 783 -3.72 -15.32 -17.81
N ASP A 784 -3.99 -16.61 -17.55
CA ASP A 784 -3.66 -17.70 -18.47
C ASP A 784 -2.18 -17.67 -18.85
N SER A 785 -1.33 -17.87 -17.85
CA SER A 785 0.11 -17.95 -18.06
C SER A 785 0.71 -18.78 -16.96
N THR A 786 1.14 -20.00 -17.30
CA THR A 786 1.71 -20.90 -16.29
C THR A 786 2.99 -20.32 -15.70
N GLU A 787 3.86 -19.76 -16.56
CA GLU A 787 5.12 -19.20 -16.07
C GLU A 787 4.86 -18.02 -15.16
N CYS A 788 3.93 -17.14 -15.53
CA CYS A 788 3.61 -16.00 -14.68
C CYS A 788 3.02 -16.45 -13.36
N SER A 789 2.16 -17.48 -13.39
CA SER A 789 1.61 -18.01 -12.14
C SER A 789 2.72 -18.57 -11.26
N ASN A 790 3.66 -19.30 -11.85
CA ASN A 790 4.76 -19.86 -11.08
C ASN A 790 5.59 -18.76 -10.44
N LEU A 791 5.87 -17.69 -11.19
CA LEU A 791 6.61 -16.57 -10.62
C LEU A 791 5.81 -15.91 -9.51
N LEU A 792 4.49 -15.82 -9.68
CA LEU A 792 3.64 -15.23 -8.65
C LEU A 792 3.65 -16.08 -7.38
N LEU A 793 3.85 -17.39 -7.51
CA LEU A 793 3.85 -18.26 -6.34
C LEU A 793 4.90 -17.87 -5.32
N GLN A 794 5.94 -17.14 -5.74
CA GLN A 794 7.02 -16.77 -4.84
C GLN A 794 6.65 -15.63 -3.90
N TYR A 795 5.52 -14.96 -4.11
CA TYR A 795 5.18 -13.77 -3.34
C TYR A 795 4.36 -14.09 -2.09
N GLY A 796 4.11 -15.36 -1.80
CA GLY A 796 3.46 -15.73 -0.56
C GLY A 796 1.96 -15.83 -0.72
N SER A 797 1.22 -15.29 0.24
CA SER A 797 -0.24 -15.40 0.29
C SER A 797 -0.92 -14.05 0.13
N PHE A 798 -0.33 -13.17 -0.68
CA PHE A 798 -0.94 -11.87 -0.92
C PHE A 798 -2.33 -12.03 -1.55
N CYS A 799 -2.46 -12.95 -2.51
CA CYS A 799 -3.76 -13.16 -3.14
C CYS A 799 -4.79 -13.62 -2.12
N THR A 800 -4.40 -14.55 -1.23
CA THR A 800 -5.33 -15.01 -0.21
C THR A 800 -5.73 -13.87 0.73
N GLN A 801 -4.77 -13.02 1.11
CA GLN A 801 -5.10 -11.90 1.97
C GLN A 801 -6.09 -10.95 1.30
N LEU A 802 -5.85 -10.63 0.02
CA LEU A 802 -6.76 -9.73 -0.68
C LEU A 802 -8.16 -10.33 -0.79
N ASN A 803 -8.24 -11.63 -1.11
CA ASN A 803 -9.54 -12.26 -1.21
C ASN A 803 -10.25 -12.25 0.13
N ARG A 804 -9.52 -12.50 1.22
CA ARG A 804 -10.13 -12.48 2.55
C ARG A 804 -10.66 -11.09 2.87
N ALA A 805 -9.88 -10.05 2.56
CA ALA A 805 -10.34 -8.69 2.83
C ALA A 805 -11.60 -8.36 2.05
N LEU A 806 -11.65 -8.73 0.77
CA LEU A 806 -12.83 -8.43 -0.02
C LEU A 806 -14.04 -9.22 0.47
N THR A 807 -13.83 -10.47 0.87
CA THR A 807 -14.94 -11.25 1.43
C THR A 807 -15.47 -10.60 2.70
N GLY A 808 -14.57 -10.13 3.57
CA GLY A 808 -15.01 -9.42 4.74
C GLY A 808 -15.82 -8.19 4.39
N ILE A 809 -15.38 -7.45 3.36
CA ILE A 809 -16.12 -6.26 2.95
C ILE A 809 -17.53 -6.65 2.51
N ALA A 810 -17.65 -7.70 1.70
CA ALA A 810 -18.96 -8.11 1.21
C ALA A 810 -19.88 -8.53 2.35
N VAL A 811 -19.36 -9.33 3.28
CA VAL A 811 -20.15 -9.73 4.43
C VAL A 811 -20.59 -8.51 5.21
N GLU A 812 -19.70 -7.52 5.34
CA GLU A 812 -20.05 -6.31 6.06
C GLU A 812 -21.16 -5.55 5.36
N GLN A 813 -21.15 -5.51 4.03
CA GLN A 813 -22.23 -4.85 3.29
C GLN A 813 -23.56 -5.53 3.57
N ASP A 814 -23.58 -6.86 3.53
CA ASP A 814 -24.82 -7.58 3.81
C ASP A 814 -25.30 -7.28 5.23
N LYS A 815 -24.38 -7.28 6.19
CA LYS A 815 -24.74 -6.98 7.57
C LYS A 815 -25.29 -5.57 7.70
N ASN A 816 -24.69 -4.61 6.97
CA ASN A 816 -25.17 -3.25 7.01
C ASN A 816 -26.62 -3.16 6.56
N THR A 817 -26.92 -3.74 5.40
CA THR A 817 -28.29 -3.69 4.91
C THR A 817 -29.24 -4.37 5.89
N GLN A 818 -28.84 -5.53 6.41
CA GLN A 818 -29.70 -6.24 7.35
C GLN A 818 -29.99 -5.39 8.58
N GLU A 819 -28.96 -4.78 9.15
CA GLU A 819 -29.16 -3.97 10.35
C GLU A 819 -30.07 -2.78 10.05
N VAL A 820 -29.86 -2.11 8.93
CA VAL A 820 -30.63 -0.91 8.63
C VAL A 820 -32.10 -1.24 8.46
N PHE A 821 -32.40 -2.30 7.70
CA PHE A 821 -33.78 -2.54 7.29
C PHE A 821 -34.51 -3.57 8.14
N ALA A 822 -33.91 -4.72 8.39
CA ALA A 822 -34.58 -5.81 9.09
C ALA A 822 -34.67 -5.49 10.59
N GLN A 823 -35.49 -4.47 10.89
CA GLN A 823 -35.77 -4.09 12.27
C GLN A 823 -37.20 -4.38 12.68
N VAL A 824 -37.92 -5.18 11.88
CA VAL A 824 -39.29 -5.58 12.19
C VAL A 824 -39.31 -7.10 12.31
N LYS A 825 -39.83 -7.60 13.42
CA LYS A 825 -39.93 -9.03 13.66
C LYS A 825 -41.19 -9.64 13.07
N GLN A 826 -41.98 -8.86 12.33
CA GLN A 826 -43.24 -9.36 11.79
C GLN A 826 -43.65 -8.44 10.66
N ILE A 827 -43.87 -9.01 9.47
CA ILE A 827 -44.23 -8.20 8.30
C ILE A 827 -45.66 -7.70 8.49
N TYR A 828 -45.81 -6.40 8.68
CA TYR A 828 -47.12 -5.80 8.87
C TYR A 828 -47.71 -5.37 7.54
N LYS A 829 -49.03 -5.44 7.44
CA LYS A 829 -49.76 -5.09 6.23
C LYS A 829 -50.80 -4.03 6.57
N THR A 830 -50.86 -2.98 5.75
CA THR A 830 -51.82 -1.92 5.96
C THR A 830 -53.24 -2.44 5.69
N PRO A 831 -54.24 -1.93 6.41
CA PRO A 831 -55.60 -2.40 6.17
C PRO A 831 -56.08 -2.01 4.79
N PRO A 832 -57.02 -2.77 4.21
CA PRO A 832 -57.48 -2.44 2.85
C PRO A 832 -58.09 -1.06 2.74
N ILE A 833 -58.75 -0.57 3.79
CA ILE A 833 -59.41 0.72 3.77
C ILE A 833 -58.50 1.74 4.44
N LYS A 834 -58.20 2.83 3.74
CA LYS A 834 -57.27 3.84 4.22
C LYS A 834 -58.04 5.00 4.86
N ASP A 835 -58.62 4.73 6.03
CA ASP A 835 -59.35 5.73 6.79
C ASP A 835 -58.43 6.24 7.89
N PHE A 836 -57.47 7.09 7.50
CA PHE A 836 -56.45 7.62 8.40
C PHE A 836 -56.77 9.04 8.86
N GLY A 837 -58.04 9.37 9.04
CA GLY A 837 -58.40 10.68 9.54
C GLY A 837 -57.98 11.82 8.65
N GLY A 838 -58.14 11.66 7.33
CA GLY A 838 -57.89 12.72 6.39
C GLY A 838 -56.50 12.73 5.77
N PHE A 839 -55.55 12.05 6.38
CA PHE A 839 -54.19 12.00 5.85
C PHE A 839 -54.14 11.08 4.63
N ASN A 840 -53.38 11.48 3.61
CA ASN A 840 -52.87 10.54 2.62
C ASN A 840 -51.58 9.87 3.05
N PHE A 841 -51.41 8.64 2.60
CA PHE A 841 -50.12 7.97 2.49
C PHE A 841 -50.01 7.24 1.16
N SER A 842 -50.89 7.57 0.21
CA SER A 842 -50.95 6.83 -1.05
C SER A 842 -49.63 6.90 -1.81
N GLN A 843 -48.92 8.02 -1.71
CA GLN A 843 -47.68 8.20 -2.46
C GLN A 843 -46.50 7.49 -1.80
N ILE A 844 -46.66 6.91 -0.63
CA ILE A 844 -45.59 6.18 0.03
C ILE A 844 -45.94 4.72 0.31
N LEU A 845 -47.21 4.36 0.32
CA LEU A 845 -47.60 2.97 0.52
C LEU A 845 -47.35 2.16 -0.73
N PRO A 846 -47.24 0.83 -0.60
CA PRO A 846 -46.96 0.00 -1.78
C PRO A 846 -48.06 0.12 -2.82
N ASP A 847 -47.67 0.09 -4.09
CA ASP A 847 -48.61 0.11 -5.20
C ASP A 847 -48.58 -1.25 -5.90
N PRO A 848 -49.63 -2.07 -5.77
CA PRO A 848 -49.59 -3.40 -6.40
C PRO A 848 -49.45 -3.35 -7.91
N SER A 849 -49.75 -2.23 -8.56
CA SER A 849 -49.67 -2.16 -10.01
C SER A 849 -48.24 -2.41 -10.49
N LYS A 850 -47.25 -1.84 -9.81
CA LYS A 850 -45.88 -2.00 -10.24
C LYS A 850 -45.47 -3.47 -10.17
N PRO A 851 -44.62 -3.93 -11.09
CA PRO A 851 -44.16 -5.34 -11.00
C PRO A 851 -43.46 -5.64 -9.69
N SER A 852 -42.69 -4.69 -9.17
CA SER A 852 -42.13 -4.76 -7.83
C SER A 852 -42.94 -3.84 -6.92
N LYS A 853 -43.42 -4.37 -5.81
CA LYS A 853 -44.37 -3.65 -4.97
C LYS A 853 -43.64 -2.52 -4.27
N ARG A 854 -43.38 -1.45 -5.03
CA ARG A 854 -42.71 -0.26 -4.54
C ARG A 854 -43.64 0.93 -4.64
N SER A 855 -43.48 1.87 -3.73
CA SER A 855 -44.32 3.05 -3.71
C SER A 855 -43.92 4.01 -4.84
N PHE A 856 -44.73 5.05 -5.02
CA PHE A 856 -44.45 6.02 -6.06
C PHE A 856 -43.10 6.71 -5.83
N ILE A 857 -42.85 7.14 -4.60
CA ILE A 857 -41.60 7.84 -4.31
C ILE A 857 -40.42 6.87 -4.44
N GLU A 858 -40.63 5.61 -4.05
CA GLU A 858 -39.56 4.62 -4.22
C GLU A 858 -39.23 4.42 -5.69
N ASP A 859 -40.26 4.37 -6.55
CA ASP A 859 -40.02 4.24 -7.98
C ASP A 859 -39.28 5.46 -8.51
N LEU A 860 -39.66 6.66 -8.06
CA LEU A 860 -38.95 7.87 -8.48
C LEU A 860 -37.49 7.79 -8.08
N LEU A 861 -37.22 7.38 -6.83
CA LEU A 861 -35.84 7.30 -6.37
C LEU A 861 -35.05 6.27 -7.19
N PHE A 862 -35.65 5.13 -7.48
CA PHE A 862 -34.96 4.11 -8.26
C PHE A 862 -34.64 4.63 -9.66
N ASN A 863 -35.59 5.33 -10.28
CA ASN A 863 -35.37 5.83 -11.63
C ASN A 863 -34.43 7.02 -11.67
N LYS A 864 -34.22 7.71 -10.54
CA LYS A 864 -33.32 8.86 -10.52
C LYS A 864 -31.87 8.48 -10.33
N VAL A 865 -31.54 7.20 -10.18
CA VAL A 865 -30.17 6.73 -10.02
C VAL A 865 -29.81 5.91 -11.24
N THR A 866 -28.73 6.28 -11.91
CA THR A 866 -28.23 5.55 -13.08
C THR A 866 -27.38 4.40 -12.56
N LEU A 867 -28.06 3.36 -12.09
CA LEU A 867 -27.37 2.24 -11.46
C LEU A 867 -26.43 1.55 -12.44
N ALA A 868 -25.29 1.09 -11.92
CA ALA A 868 -24.31 0.37 -12.70
C ALA A 868 -23.96 -0.93 -11.99
N ASP A 869 -23.47 -1.89 -12.77
CA ASP A 869 -23.15 -3.23 -12.27
C ASP A 869 -24.38 -3.86 -11.61
N ALA A 870 -25.52 -3.75 -12.29
CA ALA A 870 -26.77 -4.25 -11.76
C ALA A 870 -26.72 -5.77 -11.63
N GLY A 871 -27.79 -6.32 -11.05
CA GLY A 871 -27.91 -7.76 -10.86
C GLY A 871 -29.00 -8.36 -11.73
N ASP A 887 -20.10 -2.80 -23.11
CA ASP A 887 -20.85 -2.44 -21.91
C ASP A 887 -19.90 -2.20 -20.75
N LEU A 888 -20.18 -1.15 -19.96
CA LEU A 888 -19.36 -0.88 -18.79
C LEU A 888 -19.41 -2.04 -17.80
N ILE A 889 -20.59 -2.61 -17.59
CA ILE A 889 -20.74 -3.70 -16.63
C ILE A 889 -19.83 -4.86 -17.01
N CYS A 890 -19.95 -5.33 -18.25
CA CYS A 890 -19.15 -6.47 -18.69
C CYS A 890 -17.67 -6.13 -18.69
N ALA A 891 -17.30 -4.94 -19.17
CA ALA A 891 -15.90 -4.56 -19.25
C ALA A 891 -15.26 -4.56 -17.87
N GLN A 892 -15.96 -4.02 -16.87
CA GLN A 892 -15.40 -3.98 -15.53
C GLN A 892 -15.43 -5.34 -14.85
N LYS A 893 -16.43 -6.16 -15.15
CA LYS A 893 -16.62 -7.43 -14.44
C LYS A 893 -15.90 -8.61 -15.08
N PHE A 894 -15.33 -8.44 -16.27
CA PHE A 894 -14.84 -9.57 -17.08
C PHE A 894 -13.33 -9.60 -17.20
N ASN A 895 -12.61 -9.32 -16.10
CA ASN A 895 -11.16 -9.45 -16.06
C ASN A 895 -10.73 -10.09 -14.75
N GLY A 896 -11.44 -11.13 -14.32
CA GLY A 896 -11.19 -11.72 -13.02
C GLY A 896 -11.80 -10.95 -11.87
N LEU A 897 -12.63 -9.96 -12.15
CA LEU A 897 -13.28 -9.12 -11.14
C LEU A 897 -14.77 -9.47 -11.15
N THR A 898 -15.17 -10.37 -10.26
CA THR A 898 -16.56 -10.79 -10.21
C THR A 898 -17.34 -9.95 -9.20
N VAL A 899 -18.59 -9.66 -9.54
CA VAL A 899 -19.46 -8.85 -8.70
C VAL A 899 -20.54 -9.78 -8.14
N LEU A 900 -20.67 -9.80 -6.81
CA LEU A 900 -21.64 -10.69 -6.20
C LEU A 900 -22.95 -9.94 -5.94
N PRO A 901 -24.10 -10.60 -6.07
CA PRO A 901 -25.37 -9.93 -5.83
C PRO A 901 -25.63 -9.78 -4.34
N PRO A 902 -26.38 -8.77 -3.93
CA PRO A 902 -26.70 -8.62 -2.51
C PRO A 902 -27.60 -9.74 -2.02
N LEU A 903 -27.48 -10.05 -0.73
CA LEU A 903 -28.30 -11.11 -0.16
C LEU A 903 -29.78 -10.77 -0.23
N LEU A 904 -30.13 -9.52 0.05
CA LEU A 904 -31.51 -9.07 0.06
C LEU A 904 -31.84 -8.39 -1.26
N THR A 905 -32.79 -8.93 -2.00
CA THR A 905 -33.20 -8.33 -3.25
C THR A 905 -33.96 -7.03 -3.01
N ASP A 906 -34.03 -6.21 -4.05
CA ASP A 906 -34.77 -4.96 -3.93
C ASP A 906 -36.22 -5.22 -3.55
N GLU A 907 -36.79 -6.33 -4.01
CA GLU A 907 -38.15 -6.67 -3.61
C GLU A 907 -38.24 -6.88 -2.10
N MET A 908 -37.26 -7.58 -1.52
CA MET A 908 -37.27 -7.81 -0.07
C MET A 908 -37.06 -6.51 0.68
N ILE A 909 -36.18 -5.63 0.19
CA ILE A 909 -35.98 -4.35 0.84
C ILE A 909 -37.26 -3.54 0.82
N ALA A 910 -37.95 -3.52 -0.32
CA ALA A 910 -39.22 -2.81 -0.41
C ALA A 910 -40.25 -3.40 0.52
N GLN A 911 -40.26 -4.73 0.64
CA GLN A 911 -41.20 -5.37 1.56
C GLN A 911 -40.91 -4.97 3.01
N TYR A 912 -39.63 -4.92 3.39
CA TYR A 912 -39.28 -4.47 4.73
C TYR A 912 -39.74 -3.03 4.95
N THR A 913 -39.50 -2.16 3.99
CA THR A 913 -39.90 -0.76 4.13
C THR A 913 -41.41 -0.65 4.25
N SER A 914 -42.15 -1.43 3.46
CA SER A 914 -43.60 -1.42 3.55
C SER A 914 -44.07 -1.90 4.91
N ALA A 915 -43.45 -2.96 5.44
CA ALA A 915 -43.83 -3.44 6.76
C ALA A 915 -43.60 -2.35 7.82
N LEU A 916 -42.44 -1.70 7.76
CA LEU A 916 -42.15 -0.64 8.72
C LEU A 916 -43.17 0.48 8.63
N LEU A 917 -43.46 0.92 7.41
CA LEU A 917 -44.39 2.04 7.23
C LEU A 917 -45.79 1.68 7.71
N ALA A 918 -46.27 0.49 7.36
CA ALA A 918 -47.60 0.08 7.78
C ALA A 918 -47.68 -0.04 9.29
N GLY A 919 -46.66 -0.66 9.90
CA GLY A 919 -46.64 -0.73 11.35
C GLY A 919 -46.66 0.63 12.00
N THR A 920 -45.88 1.57 11.47
CA THR A 920 -45.89 2.93 12.01
C THR A 920 -47.27 3.54 11.92
N ILE A 921 -47.86 3.56 10.73
CA ILE A 921 -49.12 4.28 10.56
C ILE A 921 -50.28 3.59 11.24
N THR A 922 -50.15 2.30 11.58
CA THR A 922 -51.25 1.59 12.22
C THR A 922 -51.09 1.41 13.72
N SER A 923 -49.87 1.57 14.27
CA SER A 923 -49.67 1.31 15.69
C SER A 923 -48.73 2.31 16.36
N GLY A 924 -48.44 3.44 15.73
CA GLY A 924 -47.54 4.40 16.35
C GLY A 924 -46.19 3.77 16.61
N TRP A 925 -45.69 3.93 17.83
CA TRP A 925 -44.39 3.40 18.22
C TRP A 925 -44.49 2.08 18.97
N THR A 926 -45.71 1.60 19.25
CA THR A 926 -45.86 0.40 20.05
C THR A 926 -45.18 -0.80 19.40
N PHE A 927 -45.30 -0.93 18.08
CA PHE A 927 -44.69 -2.06 17.40
C PHE A 927 -43.18 -2.07 17.53
N GLY A 928 -42.59 -0.93 17.91
CA GLY A 928 -41.16 -0.89 18.13
C GLY A 928 -40.71 -1.48 19.46
N ALA A 929 -41.63 -1.65 20.40
CA ALA A 929 -41.32 -2.18 21.72
C ALA A 929 -41.85 -3.58 21.95
N GLY A 930 -43.06 -3.89 21.48
CA GLY A 930 -43.64 -5.21 21.65
C GLY A 930 -44.61 -5.50 20.53
N ALA A 931 -45.70 -6.18 20.86
CA ALA A 931 -46.72 -6.46 19.87
C ALA A 931 -47.40 -5.18 19.42
N ALA A 932 -47.58 -5.04 18.12
CA ALA A 932 -48.20 -3.83 17.59
C ALA A 932 -49.62 -3.68 18.12
N LEU A 933 -49.94 -2.48 18.59
CA LEU A 933 -51.26 -2.17 19.12
C LEU A 933 -51.90 -1.13 18.22
N GLN A 934 -53.10 -1.44 17.73
CA GLN A 934 -53.79 -0.52 16.85
C GLN A 934 -54.20 0.74 17.60
N ILE A 935 -54.23 1.86 16.88
CA ILE A 935 -54.67 3.13 17.45
C ILE A 935 -55.01 4.07 16.30
N PRO A 936 -56.13 4.79 16.35
CA PRO A 936 -56.47 5.68 15.24
C PRO A 936 -55.37 6.71 14.99
N PHE A 937 -55.17 7.04 13.72
CA PHE A 937 -54.06 7.92 13.38
C PHE A 937 -54.23 9.30 14.00
N ALA A 938 -55.48 9.78 14.14
CA ALA A 938 -55.70 11.04 14.82
C ALA A 938 -55.22 10.97 16.27
N MET A 939 -55.51 9.87 16.96
CA MET A 939 -55.04 9.69 18.32
C MET A 939 -53.52 9.62 18.37
N GLN A 940 -52.91 8.91 17.43
CA GLN A 940 -51.46 8.86 17.37
C GLN A 940 -50.89 10.25 17.21
N MET A 941 -51.52 11.07 16.37
CA MET A 941 -51.03 12.41 16.15
C MET A 941 -51.17 13.25 17.40
N ALA A 942 -52.27 13.06 18.14
CA ALA A 942 -52.43 13.74 19.42
C ALA A 942 -51.31 13.34 20.37
N TYR A 943 -50.95 12.06 20.38
CA TYR A 943 -49.85 11.61 21.22
C TYR A 943 -48.56 12.31 20.84
N ARG A 944 -48.27 12.39 19.55
CA ARG A 944 -47.03 13.03 19.11
C ARG A 944 -47.02 14.52 19.47
N PHE A 945 -48.15 15.19 19.26
CA PHE A 945 -48.23 16.61 19.62
C PHE A 945 -48.00 16.81 21.11
N ASN A 946 -48.62 15.96 21.94
CA ASN A 946 -48.34 16.02 23.37
C ASN A 946 -46.87 15.74 23.64
N GLY A 947 -46.24 14.92 22.82
CA GLY A 947 -44.82 14.64 23.00
C GLY A 947 -43.95 15.86 22.75
N ILE A 948 -44.32 16.67 21.77
CA ILE A 948 -43.51 17.86 21.46
C ILE A 948 -43.96 19.04 22.31
N GLY A 949 -44.79 18.78 23.31
CA GLY A 949 -45.18 19.80 24.26
C GLY A 949 -46.35 20.67 23.85
N VAL A 950 -47.19 20.20 22.95
CA VAL A 950 -48.37 20.94 22.50
C VAL A 950 -49.60 20.15 22.89
N THR A 951 -50.56 20.80 23.54
CA THR A 951 -51.76 20.12 23.99
C THR A 951 -52.50 19.50 22.82
N GLN A 952 -53.02 18.30 23.04
CA GLN A 952 -53.67 17.55 21.96
C GLN A 952 -54.94 18.23 21.44
N ASN A 953 -55.54 19.11 22.23
CA ASN A 953 -56.71 19.83 21.74
C ASN A 953 -56.38 20.64 20.50
N VAL A 954 -55.14 21.12 20.39
CA VAL A 954 -54.74 21.87 19.20
C VAL A 954 -54.95 21.03 17.96
N LEU A 955 -54.45 19.80 17.97
CA LEU A 955 -54.64 18.91 16.85
C LEU A 955 -56.11 18.56 16.67
N TYR A 956 -56.78 18.19 17.76
CA TYR A 956 -58.17 17.77 17.61
C TYR A 956 -59.05 18.89 17.08
N GLU A 957 -58.60 20.13 17.16
CA GLU A 957 -59.34 21.25 16.61
C GLU A 957 -58.87 21.67 15.22
N ASN A 958 -57.61 21.40 14.86
CA ASN A 958 -57.07 21.80 13.57
C ASN A 958 -56.83 20.62 12.64
N GLN A 959 -57.40 19.46 12.94
CA GLN A 959 -57.07 18.24 12.21
C GLN A 959 -57.14 18.43 10.70
N LYS A 960 -58.16 19.14 10.21
CA LYS A 960 -58.26 19.34 8.77
C LYS A 960 -57.06 20.10 8.24
N LEU A 961 -56.66 21.17 8.94
CA LEU A 961 -55.51 21.95 8.50
C LEU A 961 -54.23 21.13 8.54
N ILE A 962 -54.02 20.36 9.61
CA ILE A 962 -52.81 19.54 9.67
C ILE A 962 -52.79 18.52 8.55
N ALA A 963 -53.92 17.85 8.29
CA ALA A 963 -53.94 16.86 7.23
C ALA A 963 -53.66 17.49 5.88
N ASN A 964 -54.27 18.65 5.61
CA ASN A 964 -54.03 19.33 4.34
C ASN A 964 -52.56 19.72 4.20
N GLN A 965 -51.96 20.24 5.27
CA GLN A 965 -50.56 20.64 5.21
C GLN A 965 -49.66 19.43 4.97
N PHE A 966 -49.95 18.30 5.63
CA PHE A 966 -49.15 17.11 5.42
C PHE A 966 -49.27 16.62 3.97
N ASN A 967 -50.49 16.60 3.43
CA ASN A 967 -50.66 16.15 2.05
C ASN A 967 -49.94 17.08 1.09
N SER A 968 -50.04 18.39 1.32
CA SER A 968 -49.35 19.33 0.45
C SER A 968 -47.85 19.15 0.51
N ALA A 969 -47.31 18.92 1.71
CA ALA A 969 -45.87 18.69 1.84
C ALA A 969 -45.44 17.43 1.11
N ILE A 970 -46.24 16.37 1.19
CA ILE A 970 -45.90 15.14 0.48
C ILE A 970 -45.92 15.39 -1.03
N GLY A 971 -46.93 16.10 -1.52
CA GLY A 971 -46.95 16.45 -2.93
C GLY A 971 -45.72 17.24 -3.34
N LYS A 972 -45.33 18.20 -2.50
CA LYS A 972 -44.17 19.03 -2.83
C LYS A 972 -42.89 18.21 -2.86
N ILE A 973 -42.70 17.30 -1.90
CA ILE A 973 -41.51 16.46 -1.92
C ILE A 973 -41.50 15.57 -3.16
N GLN A 974 -42.65 15.02 -3.53
CA GLN A 974 -42.72 14.21 -4.74
C GLN A 974 -42.32 15.02 -5.96
N ASP A 975 -42.87 16.23 -6.09
CA ASP A 975 -42.55 17.06 -7.24
C ASP A 975 -41.07 17.44 -7.25
N SER A 976 -40.51 17.77 -6.08
CA SER A 976 -39.11 18.14 -6.03
C SER A 976 -38.22 16.98 -6.45
N LEU A 977 -38.51 15.77 -5.96
CA LEU A 977 -37.73 14.61 -6.36
C LEU A 977 -37.85 14.36 -7.86
N SER A 978 -39.07 14.49 -8.40
CA SER A 978 -39.26 14.26 -9.82
C SER A 978 -38.49 15.27 -10.67
N SER A 979 -38.46 16.53 -10.23
CA SER A 979 -37.87 17.59 -11.04
C SER A 979 -36.35 17.64 -10.88
N THR A 980 -35.87 17.90 -9.66
CA THR A 980 -34.46 18.09 -9.45
C THR A 980 -33.70 16.76 -9.57
N ALA A 981 -32.42 16.86 -9.89
CA ALA A 981 -31.56 15.70 -10.07
C ALA A 981 -30.41 15.62 -9.08
N SER A 982 -30.20 16.65 -8.27
CA SER A 982 -29.13 16.65 -7.28
C SER A 982 -29.57 16.09 -5.93
N ALA A 983 -30.81 15.61 -5.82
CA ALA A 983 -31.32 15.12 -4.55
C ALA A 983 -30.54 13.89 -4.08
N LEU A 984 -30.20 12.98 -5.00
CA LEU A 984 -29.57 11.71 -4.66
C LEU A 984 -28.07 11.77 -4.86
N GLY A 985 -27.48 12.92 -4.53
CA GLY A 985 -26.05 13.10 -4.74
C GLY A 985 -25.22 12.06 -4.02
N LYS A 986 -25.59 11.71 -2.79
CA LYS A 986 -24.77 10.79 -2.01
C LYS A 986 -24.74 9.41 -2.63
N LEU A 987 -25.92 8.85 -2.95
CA LEU A 987 -25.97 7.53 -3.56
C LEU A 987 -25.28 7.54 -4.92
N GLN A 988 -25.53 8.58 -5.72
CA GLN A 988 -24.88 8.66 -7.02
C GLN A 988 -23.37 8.71 -6.87
N ASP A 989 -22.88 9.45 -5.86
CA ASP A 989 -21.45 9.55 -5.65
C ASP A 989 -20.85 8.21 -5.23
N VAL A 990 -21.57 7.46 -4.39
CA VAL A 990 -21.08 6.14 -4.00
C VAL A 990 -20.96 5.24 -5.22
N VAL A 991 -22.01 5.22 -6.05
CA VAL A 991 -21.97 4.38 -7.25
C VAL A 991 -20.84 4.80 -8.17
N ASN A 992 -20.69 6.11 -8.37
CA ASN A 992 -19.64 6.62 -9.26
C ASN A 992 -18.26 6.27 -8.72
N GLN A 993 -18.06 6.38 -7.41
CA GLN A 993 -16.76 6.06 -6.83
C GLN A 993 -16.43 4.58 -7.04
N ASN A 994 -17.40 3.69 -6.81
CA ASN A 994 -17.13 2.28 -7.03
C ASN A 994 -16.81 2.00 -8.49
N ALA A 995 -17.60 2.57 -9.40
CA ALA A 995 -17.36 2.35 -10.83
C ALA A 995 -15.99 2.89 -11.25
N GLN A 996 -15.63 4.06 -10.74
CA GLN A 996 -14.35 4.65 -11.10
C GLN A 996 -13.18 3.82 -10.57
N ALA A 997 -13.30 3.31 -9.34
CA ALA A 997 -12.25 2.46 -8.81
C ALA A 997 -12.09 1.21 -9.65
N LEU A 998 -13.21 0.57 -10.02
CA LEU A 998 -13.11 -0.63 -10.85
C LEU A 998 -12.51 -0.31 -12.21
N ASN A 999 -12.91 0.82 -12.82
CA ASN A 999 -12.36 1.19 -14.11
C ASN A 999 -10.86 1.44 -14.02
N THR A 1000 -10.42 2.13 -12.97
CA THR A 1000 -8.99 2.36 -12.80
C THR A 1000 -8.25 1.05 -12.63
N LEU A 1001 -8.80 0.13 -11.84
CA LEU A 1001 -8.15 -1.17 -11.66
C LEU A 1001 -8.01 -1.91 -12.97
N VAL A 1002 -9.07 -1.92 -13.78
CA VAL A 1002 -9.01 -2.62 -15.05
C VAL A 1002 -8.05 -1.93 -16.02
N LYS A 1003 -8.03 -0.60 -15.99
CA LYS A 1003 -7.19 0.16 -16.91
C LYS A 1003 -5.72 0.08 -16.53
N GLN A 1004 -5.40 -0.23 -15.28
CA GLN A 1004 -4.01 -0.39 -14.89
C GLN A 1004 -3.33 -1.54 -15.61
N LEU A 1005 -4.11 -2.46 -16.18
CA LEU A 1005 -3.54 -3.62 -16.85
C LEU A 1005 -2.76 -3.26 -18.10
N SER A 1006 -2.96 -2.06 -18.65
CA SER A 1006 -2.32 -1.66 -19.88
C SER A 1006 -1.00 -0.93 -19.67
N SER A 1007 -0.54 -0.79 -18.43
CA SER A 1007 0.68 -0.08 -18.13
C SER A 1007 1.88 -1.02 -18.21
N ASN A 1008 3.01 -0.49 -18.70
CA ASN A 1008 4.22 -1.29 -18.84
C ASN A 1008 4.90 -1.52 -17.51
N PHE A 1009 4.84 -0.55 -16.59
CA PHE A 1009 5.57 -0.63 -15.32
C PHE A 1009 7.06 -0.79 -15.55
N GLY A 1010 7.58 -0.20 -16.61
CA GLY A 1010 8.98 -0.32 -16.96
C GLY A 1010 9.34 -1.57 -17.73
N ALA A 1011 8.37 -2.43 -18.04
CA ALA A 1011 8.64 -3.64 -18.79
C ALA A 1011 8.73 -3.34 -20.28
N ILE A 1012 9.13 -4.35 -21.05
CA ILE A 1012 9.21 -4.20 -22.50
C ILE A 1012 7.84 -3.90 -23.07
N SER A 1013 6.81 -4.62 -22.61
CA SER A 1013 5.46 -4.45 -23.11
C SER A 1013 4.48 -4.83 -22.02
N SER A 1014 3.23 -4.44 -22.22
CA SER A 1014 2.16 -4.72 -21.26
C SER A 1014 1.41 -6.00 -21.58
N VAL A 1015 1.80 -6.73 -22.62
CA VAL A 1015 1.12 -7.94 -23.04
C VAL A 1015 1.99 -9.14 -22.68
N LEU A 1016 1.46 -9.98 -21.79
CA LEU A 1016 2.22 -11.13 -21.31
C LEU A 1016 2.59 -12.07 -22.45
N ASN A 1017 1.64 -12.33 -23.34
CA ASN A 1017 1.92 -13.22 -24.47
C ASN A 1017 3.00 -12.62 -25.37
N ASP A 1018 2.96 -11.30 -25.59
CA ASP A 1018 3.99 -10.67 -26.39
C ASP A 1018 5.36 -10.85 -25.75
N ILE A 1019 5.45 -10.62 -24.44
CA ILE A 1019 6.73 -10.80 -23.75
C ILE A 1019 7.22 -12.24 -23.93
N LEU A 1020 6.34 -13.20 -23.67
CA LEU A 1020 6.73 -14.60 -23.72
C LEU A 1020 7.19 -14.98 -25.12
N SER A 1021 6.48 -14.54 -26.14
CA SER A 1021 6.81 -14.90 -27.52
C SER A 1021 7.98 -14.10 -28.07
N ARG A 1022 8.37 -13.01 -27.42
CA ARG A 1022 9.45 -12.18 -27.92
C ARG A 1022 10.77 -12.35 -27.17
N LEU A 1023 10.78 -12.99 -26.00
CA LEU A 1023 12.01 -13.14 -25.24
C LEU A 1023 12.20 -14.59 -24.79
N ASP A 1024 13.47 -14.98 -24.70
CA ASP A 1024 13.83 -16.23 -24.09
C ASP A 1024 13.45 -16.20 -22.61
N PRO A 1025 12.90 -17.27 -22.06
CA PRO A 1025 12.38 -17.21 -20.68
C PRO A 1025 13.42 -16.71 -19.69
N PRO A 1026 14.69 -17.09 -19.83
CA PRO A 1026 15.69 -16.65 -18.85
C PRO A 1026 15.74 -15.15 -18.65
N GLU A 1027 15.54 -14.36 -19.71
CA GLU A 1027 15.47 -12.91 -19.58
C GLU A 1027 14.05 -12.38 -19.51
N ALA A 1028 13.08 -13.12 -20.05
CA ALA A 1028 11.69 -12.71 -19.96
C ALA A 1028 11.17 -12.75 -18.53
N GLU A 1029 11.81 -13.55 -17.66
CA GLU A 1029 11.40 -13.58 -16.27
C GLU A 1029 11.49 -12.21 -15.62
N VAL A 1030 12.46 -11.39 -16.03
CA VAL A 1030 12.60 -10.05 -15.46
C VAL A 1030 11.38 -9.19 -15.81
N GLN A 1031 10.99 -9.21 -17.08
CA GLN A 1031 9.82 -8.43 -17.49
C GLN A 1031 8.57 -8.96 -16.80
N ILE A 1032 8.43 -10.28 -16.71
CA ILE A 1032 7.27 -10.85 -16.03
C ILE A 1032 7.24 -10.39 -14.57
N ASP A 1033 8.39 -10.36 -13.92
CA ASP A 1033 8.45 -9.91 -12.53
C ASP A 1033 8.05 -8.45 -12.41
N ARG A 1034 8.50 -7.62 -13.35
CA ARG A 1034 8.11 -6.21 -13.31
C ARG A 1034 6.60 -6.06 -13.44
N LEU A 1035 6.01 -6.77 -14.40
CA LEU A 1035 4.56 -6.69 -14.57
C LEU A 1035 3.83 -7.21 -13.34
N ILE A 1036 4.32 -8.30 -12.74
CA ILE A 1036 3.69 -8.86 -11.56
C ILE A 1036 3.74 -7.87 -10.42
N THR A 1037 4.89 -7.23 -10.22
CA THR A 1037 5.00 -6.25 -9.15
C THR A 1037 4.04 -5.09 -9.37
N GLY A 1038 3.97 -4.59 -10.60
CA GLY A 1038 3.07 -3.48 -10.88
C GLY A 1038 1.62 -3.84 -10.61
N ARG A 1039 1.19 -5.00 -11.12
CA ARG A 1039 -0.22 -5.38 -10.97
C ARG A 1039 -0.54 -5.71 -9.52
N LEU A 1040 0.39 -6.32 -8.78
CA LEU A 1040 0.16 -6.59 -7.38
C LEU A 1040 0.03 -5.29 -6.59
N GLN A 1041 0.87 -4.30 -6.88
CA GLN A 1041 0.75 -3.01 -6.21
C GLN A 1041 -0.59 -2.37 -6.53
N SER A 1042 -1.03 -2.46 -7.79
CA SER A 1042 -2.34 -1.92 -8.15
C SER A 1042 -3.45 -2.60 -7.35
N LEU A 1043 -3.39 -3.93 -7.25
CA LEU A 1043 -4.41 -4.65 -6.48
C LEU A 1043 -4.40 -4.23 -5.01
N GLN A 1044 -3.20 -4.09 -4.43
CA GLN A 1044 -3.14 -3.69 -3.03
C GLN A 1044 -3.72 -2.31 -2.82
N THR A 1045 -3.41 -1.37 -3.72
CA THR A 1045 -3.97 -0.03 -3.61
C THR A 1045 -5.49 -0.07 -3.72
N TYR A 1046 -6.00 -0.85 -4.67
CA TYR A 1046 -7.45 -0.94 -4.83
C TYR A 1046 -8.11 -1.51 -3.57
N VAL A 1047 -7.51 -2.55 -2.98
CA VAL A 1047 -8.10 -3.16 -1.81
C VAL A 1047 -8.05 -2.22 -0.61
N THR A 1048 -6.96 -1.46 -0.47
CA THR A 1048 -6.90 -0.50 0.62
C THR A 1048 -7.95 0.59 0.47
N GLN A 1049 -8.12 1.11 -0.75
CA GLN A 1049 -9.17 2.09 -0.99
C GLN A 1049 -10.53 1.51 -0.66
N GLN A 1050 -10.76 0.26 -1.06
CA GLN A 1050 -12.04 -0.38 -0.78
C GLN A 1050 -12.26 -0.53 0.72
N LEU A 1051 -11.21 -0.86 1.46
CA LEU A 1051 -11.35 -1.00 2.92
C LEU A 1051 -11.73 0.32 3.55
N ILE A 1052 -11.07 1.41 3.16
CA ILE A 1052 -11.40 2.71 3.73
C ILE A 1052 -12.82 3.11 3.36
N ARG A 1053 -13.20 2.93 2.10
CA ARG A 1053 -14.55 3.27 1.68
C ARG A 1053 -15.59 2.42 2.41
N ALA A 1054 -15.28 1.15 2.65
CA ALA A 1054 -16.19 0.29 3.39
C ALA A 1054 -16.34 0.76 4.82
N ALA A 1055 -15.25 1.21 5.45
CA ALA A 1055 -15.38 1.77 6.79
C ALA A 1055 -16.29 2.99 6.79
N GLU A 1056 -16.13 3.87 5.82
CA GLU A 1056 -16.99 5.05 5.75
C GLU A 1056 -18.45 4.66 5.54
N ILE A 1057 -18.70 3.72 4.62
CA ILE A 1057 -20.07 3.32 4.34
C ILE A 1057 -20.67 2.61 5.55
N ARG A 1058 -19.87 1.86 6.29
CA ARG A 1058 -20.38 1.20 7.49
C ARG A 1058 -20.74 2.21 8.56
N ALA A 1059 -19.94 3.28 8.69
CA ALA A 1059 -20.32 4.35 9.60
C ALA A 1059 -21.65 4.97 9.18
N SER A 1060 -21.82 5.22 7.88
CA SER A 1060 -23.08 5.77 7.40
C SER A 1060 -24.23 4.82 7.66
N ALA A 1061 -24.02 3.52 7.47
CA ALA A 1061 -25.07 2.53 7.69
C ALA A 1061 -25.45 2.45 9.16
N ASN A 1062 -24.47 2.54 10.06
CA ASN A 1062 -24.79 2.58 11.48
C ASN A 1062 -25.61 3.81 11.81
N LEU A 1063 -25.24 4.96 11.25
CA LEU A 1063 -26.04 6.17 11.47
C LEU A 1063 -27.46 5.97 10.95
N ALA A 1064 -27.61 5.35 9.78
CA ALA A 1064 -28.93 5.14 9.20
C ALA A 1064 -29.76 4.21 10.06
N ALA A 1065 -29.15 3.14 10.58
CA ALA A 1065 -29.87 2.24 11.47
C ALA A 1065 -30.32 2.95 12.73
N THR A 1066 -29.44 3.77 13.30
CA THR A 1066 -29.82 4.54 14.49
C THR A 1066 -30.98 5.47 14.17
N LYS A 1067 -30.92 6.14 13.03
CA LYS A 1067 -32.01 7.05 12.65
C LYS A 1067 -33.31 6.29 12.47
N MET A 1068 -33.26 5.13 11.83
CA MET A 1068 -34.45 4.32 11.68
C MET A 1068 -35.04 3.99 13.05
N SER A 1069 -34.21 3.47 13.95
CA SER A 1069 -34.69 3.05 15.25
C SER A 1069 -35.28 4.22 16.03
N GLU A 1070 -34.64 5.38 15.98
CA GLU A 1070 -35.01 6.47 16.87
C GLU A 1070 -36.06 7.42 16.28
N CYS A 1071 -36.26 7.42 14.96
CA CYS A 1071 -37.26 8.28 14.33
C CYS A 1071 -38.44 7.51 13.78
N VAL A 1072 -38.22 6.38 13.10
CA VAL A 1072 -39.35 5.64 12.55
C VAL A 1072 -40.04 4.83 13.64
N LEU A 1073 -39.27 4.12 14.46
CA LEU A 1073 -39.84 3.29 15.51
C LEU A 1073 -40.25 4.08 16.74
N GLY A 1074 -39.97 5.38 16.78
CA GLY A 1074 -40.38 6.19 17.92
C GLY A 1074 -40.14 7.65 17.64
N GLN A 1075 -40.58 8.48 18.57
CA GLN A 1075 -40.43 9.92 18.48
C GLN A 1075 -39.16 10.34 19.21
N SER A 1076 -38.35 11.15 18.54
CA SER A 1076 -37.03 11.52 19.05
C SER A 1076 -37.06 12.93 19.62
N LYS A 1077 -36.52 13.07 20.83
CA LYS A 1077 -36.37 14.38 21.46
C LYS A 1077 -35.05 15.04 21.11
N ARG A 1078 -34.16 14.34 20.43
CA ARG A 1078 -32.87 14.92 20.06
C ARG A 1078 -33.08 15.98 18.98
N VAL A 1079 -32.45 17.14 19.16
CA VAL A 1079 -32.65 18.26 18.27
C VAL A 1079 -31.91 18.02 16.96
N ASP A 1080 -32.55 18.37 15.85
CA ASP A 1080 -31.97 18.31 14.51
C ASP A 1080 -31.51 16.91 14.13
N PHE A 1081 -31.92 15.88 14.88
CA PHE A 1081 -31.58 14.51 14.50
C PHE A 1081 -32.52 14.00 13.41
N CYS A 1082 -33.80 13.93 13.72
CA CYS A 1082 -34.81 13.48 12.76
C CYS A 1082 -35.48 14.69 12.10
N GLY A 1083 -34.66 15.51 11.45
CA GLY A 1083 -35.14 16.63 10.67
C GLY A 1083 -35.18 17.93 11.46
N LYS A 1084 -35.23 19.02 10.72
CA LYS A 1084 -35.29 20.35 11.33
C LYS A 1084 -36.67 20.61 11.92
N GLY A 1085 -36.70 21.37 13.01
CA GLY A 1085 -37.93 21.61 13.73
C GLY A 1085 -38.21 20.49 14.71
N TYR A 1086 -39.39 20.56 15.34
CA TYR A 1086 -39.75 19.56 16.34
C TYR A 1086 -40.20 18.29 15.64
N HIS A 1087 -39.57 17.17 15.97
CA HIS A 1087 -39.83 15.92 15.26
C HIS A 1087 -41.20 15.36 15.62
N LEU A 1088 -41.97 14.94 14.61
CA LEU A 1088 -43.23 14.25 14.82
C LEU A 1088 -43.10 12.77 14.50
N MET A 1089 -42.63 12.41 13.30
CA MET A 1089 -42.34 11.02 12.99
C MET A 1089 -41.45 11.02 11.75
N SER A 1090 -41.17 9.83 11.24
CA SER A 1090 -40.45 9.67 9.98
C SER A 1090 -40.97 8.44 9.28
N PHE A 1091 -40.80 8.41 7.96
CA PHE A 1091 -41.17 7.28 7.14
C PHE A 1091 -39.96 6.86 6.30
N PRO A 1092 -39.61 5.58 6.28
CA PRO A 1092 -38.47 5.15 5.47
C PRO A 1092 -38.89 4.83 4.03
N GLN A 1093 -37.93 5.03 3.13
CA GLN A 1093 -38.11 4.69 1.73
C GLN A 1093 -36.82 4.06 1.22
N SER A 1094 -36.95 2.96 0.48
CA SER A 1094 -35.79 2.25 -0.01
C SER A 1094 -35.29 2.90 -1.30
N ALA A 1095 -33.98 3.12 -1.36
CA ALA A 1095 -33.31 3.66 -2.53
C ALA A 1095 -32.12 2.78 -2.86
N PRO A 1096 -31.67 2.78 -4.11
CA PRO A 1096 -30.55 1.90 -4.49
C PRO A 1096 -29.31 2.19 -3.64
N HIS A 1097 -28.86 1.17 -2.92
CA HIS A 1097 -27.65 1.27 -2.10
C HIS A 1097 -27.79 2.36 -1.05
N GLY A 1098 -28.99 2.52 -0.50
CA GLY A 1098 -29.19 3.53 0.52
C GLY A 1098 -30.63 3.54 0.99
N VAL A 1099 -30.92 4.49 1.88
CA VAL A 1099 -32.25 4.66 2.43
C VAL A 1099 -32.60 6.15 2.41
N VAL A 1100 -33.90 6.42 2.38
CA VAL A 1100 -34.42 7.78 2.37
C VAL A 1100 -35.45 7.90 3.48
N PHE A 1101 -35.30 8.92 4.32
CA PHE A 1101 -36.22 9.20 5.41
C PHE A 1101 -37.02 10.45 5.07
N LEU A 1102 -38.32 10.40 5.34
CA LEU A 1102 -39.21 11.55 5.18
C LEU A 1102 -39.55 12.05 6.58
N HIS A 1103 -38.71 12.93 7.11
CA HIS A 1103 -38.90 13.44 8.46
C HIS A 1103 -40.06 14.44 8.46
N VAL A 1104 -41.08 14.13 9.24
CA VAL A 1104 -42.21 15.04 9.45
C VAL A 1104 -41.93 15.85 10.71
N THR A 1105 -42.09 17.17 10.61
CA THR A 1105 -41.72 18.04 11.71
C THR A 1105 -42.75 19.16 11.86
N TYR A 1106 -42.87 19.64 13.09
CA TYR A 1106 -43.73 20.73 13.47
C TYR A 1106 -42.87 21.98 13.62
N VAL A 1107 -43.32 23.08 13.01
CA VAL A 1107 -42.53 24.32 12.98
C VAL A 1107 -43.45 25.49 13.30
N PRO A 1108 -43.26 26.20 14.41
CA PRO A 1108 -44.10 27.36 14.68
C PRO A 1108 -43.96 28.41 13.58
N ALA A 1109 -45.07 29.09 13.27
CA ALA A 1109 -45.14 29.92 12.08
C ALA A 1109 -45.29 31.40 12.38
N GLN A 1110 -46.33 31.80 13.11
CA GLN A 1110 -46.66 33.21 13.29
C GLN A 1110 -46.48 33.58 14.75
N GLU A 1111 -45.51 34.45 15.04
CA GLU A 1111 -45.15 34.81 16.40
C GLU A 1111 -45.64 36.22 16.71
N LYS A 1112 -46.18 36.38 17.92
CA LYS A 1112 -46.65 37.67 18.42
C LYS A 1112 -45.89 38.01 19.68
N ASN A 1113 -45.44 39.26 19.82
CA ASN A 1113 -44.91 39.70 21.10
C ASN A 1113 -46.01 39.92 22.13
N PHE A 1114 -45.65 39.64 23.38
CA PHE A 1114 -46.50 39.83 24.54
C PHE A 1114 -45.59 40.27 25.69
N THR A 1115 -46.19 40.87 26.71
CA THR A 1115 -45.45 41.31 27.88
C THR A 1115 -45.53 40.24 28.95
N THR A 1116 -44.39 39.71 29.38
CA THR A 1116 -44.35 38.55 30.26
C THR A 1116 -43.93 38.95 31.66
N ALA A 1117 -44.12 38.02 32.60
CA ALA A 1117 -43.79 38.23 34.00
C ALA A 1117 -43.49 36.87 34.63
N PRO A 1118 -42.37 36.73 35.36
CA PRO A 1118 -42.03 35.41 35.91
C PRO A 1118 -43.06 34.85 36.87
N ALA A 1119 -43.71 35.69 37.66
CA ALA A 1119 -44.65 35.21 38.68
C ALA A 1119 -45.76 36.24 38.84
N ILE A 1120 -46.72 35.92 39.69
CA ILE A 1120 -47.87 36.79 39.93
C ILE A 1120 -48.06 36.97 41.43
N CYS A 1121 -48.31 38.21 41.85
CA CYS A 1121 -48.65 38.52 43.23
C CYS A 1121 -50.16 38.65 43.33
N HIS A 1122 -50.78 37.81 44.17
CA HIS A 1122 -52.22 37.81 44.32
C HIS A 1122 -52.65 38.26 45.71
N ASP A 1123 -52.17 37.60 46.76
CA ASP A 1123 -52.55 37.90 48.13
C ASP A 1123 -51.34 37.85 49.02
N GLY A 1124 -50.24 38.45 48.58
CA GLY A 1124 -48.97 38.33 49.27
C GLY A 1124 -48.22 37.06 48.99
N LYS A 1125 -48.74 36.21 48.10
CA LYS A 1125 -48.09 34.96 47.72
C LYS A 1125 -47.74 35.00 46.25
N ALA A 1126 -46.67 34.31 45.89
CA ALA A 1126 -46.16 34.29 44.52
C ALA A 1126 -46.68 33.03 43.82
N HIS A 1127 -47.44 33.24 42.75
CA HIS A 1127 -47.95 32.16 41.92
C HIS A 1127 -47.05 32.00 40.71
N PHE A 1128 -46.68 30.75 40.42
CA PHE A 1128 -45.92 30.41 39.23
C PHE A 1128 -46.76 29.49 38.34
N PRO A 1129 -46.57 29.52 37.03
CA PRO A 1129 -47.39 28.69 36.14
C PRO A 1129 -47.03 27.21 36.29
N ARG A 1130 -48.07 26.37 36.34
CA ARG A 1130 -47.84 24.93 36.39
C ARG A 1130 -47.13 24.44 35.14
N GLU A 1131 -47.76 24.61 33.98
CA GLU A 1131 -47.18 24.25 32.68
C GLU A 1131 -47.59 25.35 31.70
N GLY A 1132 -46.70 26.33 31.53
CA GLY A 1132 -47.00 27.43 30.63
C GLY A 1132 -46.18 28.65 31.02
N VAL A 1133 -46.63 29.80 30.51
CA VAL A 1133 -45.97 31.07 30.75
C VAL A 1133 -47.03 32.15 30.84
N PHE A 1134 -46.73 33.17 31.67
CA PHE A 1134 -47.62 34.30 31.82
C PHE A 1134 -47.37 35.31 30.72
N VAL A 1135 -48.43 35.75 30.05
CA VAL A 1135 -48.35 36.75 29.00
C VAL A 1135 -49.41 37.80 29.24
N SER A 1136 -49.21 38.96 28.62
CA SER A 1136 -50.17 40.05 28.66
C SER A 1136 -50.23 40.70 27.30
N ASN A 1137 -51.46 40.93 26.83
CA ASN A 1137 -51.71 41.62 25.57
C ASN A 1137 -51.74 43.13 25.72
N GLY A 1138 -51.57 43.65 26.94
CA GLY A 1138 -51.54 45.07 27.17
C GLY A 1138 -52.40 45.51 28.33
N THR A 1139 -53.51 44.81 28.56
CA THR A 1139 -54.44 45.16 29.62
C THR A 1139 -54.73 44.03 30.59
N HIS A 1140 -54.78 42.79 30.12
CA HIS A 1140 -55.09 41.65 30.96
C HIS A 1140 -53.96 40.63 30.89
N TRP A 1141 -53.93 39.74 31.88
CA TRP A 1141 -52.92 38.71 31.99
C TRP A 1141 -53.54 37.34 31.76
N PHE A 1142 -52.77 36.45 31.13
CA PHE A 1142 -53.21 35.10 30.84
C PHE A 1142 -52.02 34.16 31.02
N VAL A 1143 -52.30 32.87 31.09
CA VAL A 1143 -51.29 31.83 31.13
C VAL A 1143 -51.50 30.92 29.93
N THR A 1144 -50.46 30.73 29.13
CA THR A 1144 -50.58 29.99 27.89
C THR A 1144 -49.43 29.01 27.74
N GLN A 1145 -49.69 27.91 27.02
CA GLN A 1145 -48.63 26.97 26.72
C GLN A 1145 -47.56 27.64 25.88
N ARG A 1146 -46.32 27.19 26.05
CA ARG A 1146 -45.16 27.91 25.53
C ARG A 1146 -44.98 27.77 24.02
N ASN A 1147 -45.71 26.87 23.36
CA ASN A 1147 -45.51 26.61 21.95
C ASN A 1147 -46.73 26.93 21.10
N PHE A 1148 -47.77 27.51 21.68
CA PHE A 1148 -48.98 27.83 20.93
C PHE A 1148 -49.80 28.81 21.76
N TYR A 1149 -50.16 29.94 21.17
CA TYR A 1149 -50.88 30.98 21.90
C TYR A 1149 -52.30 30.51 22.16
N GLU A 1150 -52.55 30.05 23.38
CA GLU A 1150 -53.88 29.64 23.82
C GLU A 1150 -54.15 30.29 25.17
N PRO A 1151 -54.46 31.59 25.18
CA PRO A 1151 -54.62 32.30 26.45
C PRO A 1151 -55.74 31.70 27.29
N GLN A 1152 -55.54 31.72 28.60
CA GLN A 1152 -56.54 31.20 29.53
C GLN A 1152 -56.49 32.03 30.80
N ILE A 1153 -57.64 32.10 31.49
CA ILE A 1153 -57.71 32.86 32.73
C ILE A 1153 -56.75 32.25 33.74
N ILE A 1154 -56.04 33.11 34.46
CA ILE A 1154 -55.11 32.65 35.49
C ILE A 1154 -55.91 32.25 36.71
N THR A 1155 -55.83 30.98 37.09
CA THR A 1155 -56.57 30.45 38.21
C THR A 1155 -55.65 29.60 39.08
N THR A 1156 -56.17 29.18 40.24
CA THR A 1156 -55.40 28.36 41.15
C THR A 1156 -55.04 27.01 40.55
N ASP A 1157 -55.80 26.55 39.55
CA ASP A 1157 -55.49 25.28 38.91
C ASP A 1157 -54.32 25.40 37.94
N ASN A 1158 -54.16 26.55 37.29
CA ASN A 1158 -53.08 26.75 36.34
C ASN A 1158 -51.76 27.11 37.02
N THR A 1159 -51.78 27.48 38.30
CA THR A 1159 -50.59 28.00 38.96
C THR A 1159 -50.45 27.36 40.33
N PHE A 1160 -49.23 27.39 40.85
CA PHE A 1160 -48.93 26.92 42.19
C PHE A 1160 -48.21 28.00 42.98
N VAL A 1161 -48.47 28.02 44.28
CA VAL A 1161 -47.97 29.06 45.16
C VAL A 1161 -46.63 28.65 45.75
N SER A 1162 -45.73 29.61 45.91
CA SER A 1162 -44.43 29.33 46.53
C SER A 1162 -43.82 30.64 47.00
N GLY A 1163 -43.57 30.75 48.31
CA GLY A 1163 -42.92 31.92 48.85
C GLY A 1163 -43.83 33.13 48.91
N ASN A 1164 -43.19 34.29 49.06
CA ASN A 1164 -43.88 35.57 49.16
C ASN A 1164 -43.46 36.46 48.00
N CYS A 1165 -43.94 37.71 48.02
CA CYS A 1165 -43.80 38.60 46.87
C CYS A 1165 -42.43 39.27 46.78
N ASP A 1166 -41.68 39.34 47.89
CA ASP A 1166 -40.49 40.18 47.95
C ASP A 1166 -39.20 39.39 47.72
N VAL A 1167 -39.23 38.39 46.85
CA VAL A 1167 -38.05 37.60 46.50
C VAL A 1167 -37.83 37.57 45.00
N VAL A 1168 -38.85 37.19 44.23
CA VAL A 1168 -38.71 37.06 42.79
C VAL A 1168 -38.51 38.43 42.16
N ILE A 1169 -37.60 38.49 41.18
CA ILE A 1169 -37.34 39.71 40.45
C ILE A 1169 -38.23 39.74 39.21
N GLY A 1170 -39.06 40.76 39.09
CA GLY A 1170 -39.95 40.91 37.96
C GLY A 1170 -41.38 40.52 38.22
N ILE A 1171 -41.73 40.11 39.44
CA ILE A 1171 -43.10 39.76 39.74
C ILE A 1171 -43.99 40.99 39.52
N VAL A 1172 -45.30 40.75 39.45
CA VAL A 1172 -46.26 41.80 39.14
C VAL A 1172 -47.56 41.54 39.89
N ASN A 1173 -48.19 42.63 40.37
CA ASN A 1173 -49.58 42.54 40.78
C ASN A 1173 -50.47 41.97 39.68
N ASN A 1174 -51.45 41.19 40.11
CA ASN A 1174 -52.55 40.72 39.29
C ASN A 1174 -53.41 39.86 40.21
N THR A 1175 -54.66 39.67 39.82
CA THR A 1175 -55.60 38.86 40.59
C THR A 1175 -55.65 37.45 40.03
N VAL A 1176 -55.71 36.47 40.92
CA VAL A 1176 -55.81 35.06 40.55
C VAL A 1176 -57.19 34.58 40.97
N TYR A 1177 -57.99 34.16 40.00
CA TYR A 1177 -59.38 33.80 40.25
C TYR A 1177 -59.47 32.32 40.63
N ASP A 1178 -60.09 32.07 41.79
CA ASP A 1178 -60.22 30.70 42.29
C ASP A 1178 -61.54 30.10 41.82
N PRO A 1179 -61.52 28.99 41.08
CA PRO A 1179 -62.80 28.44 40.58
C PRO A 1179 -63.77 28.04 41.67
N LEU A 1180 -63.28 27.56 42.81
CA LEU A 1180 -64.18 27.13 43.88
C LEU A 1180 -64.87 28.31 44.57
N GLN A 1181 -64.27 29.50 44.51
CA GLN A 1181 -64.86 30.66 45.18
C GLN A 1181 -66.24 30.99 44.66
N PRO A 1182 -66.47 31.13 43.35
CA PRO A 1182 -67.84 31.43 42.89
C PRO A 1182 -68.82 30.34 43.24
N GLU A 1183 -68.42 29.06 43.18
CA GLU A 1183 -69.34 27.98 43.54
C GLU A 1183 -69.76 28.09 45.00
N LEU A 1184 -68.78 28.22 45.89
CA LEU A 1184 -69.08 28.30 47.32
C LEU A 1184 -69.91 29.54 47.64
N ASP A 1185 -69.53 30.69 47.08
CA ASP A 1185 -70.24 31.93 47.36
C ASP A 1185 -71.65 31.89 46.80
N SER A 1186 -71.84 31.33 45.61
CA SER A 1186 -73.18 31.20 45.04
C SER A 1186 -74.04 30.27 45.87
N PHE A 1187 -73.47 29.16 46.33
CA PHE A 1187 -74.22 28.29 47.24
C PHE A 1187 -74.70 29.06 48.46
N LYS A 1188 -73.80 29.81 49.09
CA LYS A 1188 -74.17 30.50 50.32
C LYS A 1188 -75.16 31.63 50.04
N GLU A 1189 -75.07 32.28 48.89
CA GLU A 1189 -75.94 33.39 48.55
C GLU A 1189 -77.22 32.90 47.88
N ALA B 66 46.34 6.66 35.35
CA ALA B 66 45.27 7.64 35.57
C ALA B 66 45.11 8.52 34.34
N TYR B 67 43.88 9.02 34.14
CA TYR B 67 43.55 9.80 32.95
C TYR B 67 42.79 11.08 33.26
N THR B 68 42.42 11.34 34.51
CA THR B 68 41.75 12.58 34.87
C THR B 68 40.36 12.66 34.26
N ASN B 69 39.49 13.50 34.84
CA ASN B 69 38.13 13.64 34.35
C ASN B 69 38.10 14.42 33.04
N SER B 70 37.13 14.07 32.18
CA SER B 70 36.94 14.76 30.91
C SER B 70 35.44 14.69 30.57
N PHE B 71 34.71 15.72 30.97
CA PHE B 71 33.26 15.70 30.77
C PHE B 71 32.71 15.62 29.35
N THR B 72 32.85 16.68 28.54
CA THR B 72 32.50 16.57 27.12
C THR B 72 33.68 16.88 26.22
N ARG B 73 34.10 18.15 26.12
CA ARG B 73 35.35 18.56 25.47
C ARG B 73 35.73 17.62 24.33
N GLY B 74 34.79 17.30 23.45
CA GLY B 74 35.02 16.18 22.55
C GLY B 74 34.41 16.27 21.16
N VAL B 75 33.89 17.44 20.78
CA VAL B 75 33.24 17.60 19.49
C VAL B 75 33.70 18.90 18.87
N TYR B 76 33.89 18.88 17.55
CA TYR B 76 34.57 19.98 16.85
C TYR B 76 33.62 20.70 15.90
N TYR B 77 33.16 20.04 14.83
CA TYR B 77 32.12 20.52 13.93
C TYR B 77 31.90 19.42 12.90
N PRO B 78 30.66 19.07 12.57
CA PRO B 78 30.47 18.05 11.53
C PRO B 78 30.97 18.48 10.16
N ASP B 79 30.49 19.60 9.63
CA ASP B 79 30.78 19.98 8.25
C ASP B 79 30.48 21.47 8.09
N LYS B 80 30.48 21.94 6.83
CA LYS B 80 30.40 23.36 6.52
C LYS B 80 28.98 23.90 6.56
N VAL B 81 27.96 23.04 6.54
CA VAL B 81 26.60 23.52 6.39
C VAL B 81 26.24 24.45 7.55
N PHE B 82 25.31 25.37 7.29
CA PHE B 82 24.85 26.33 8.27
C PHE B 82 23.41 26.03 8.65
N ARG B 83 23.16 25.89 9.95
CA ARG B 83 21.83 25.59 10.48
C ARG B 83 21.53 26.56 11.61
N SER B 84 20.29 27.06 11.65
CA SER B 84 19.88 28.03 12.65
C SER B 84 18.73 27.43 13.46
N SER B 85 18.91 27.37 14.78
CA SER B 85 17.88 26.86 15.68
C SER B 85 17.40 25.47 15.25
N VAL B 86 18.36 24.62 14.91
CA VAL B 86 18.09 23.25 14.47
C VAL B 86 18.84 22.30 15.38
N LEU B 87 18.14 21.27 15.86
CA LEU B 87 18.75 20.18 16.63
C LEU B 87 19.06 19.06 15.66
N HIS B 88 20.33 18.91 15.30
CA HIS B 88 20.74 17.96 14.28
C HIS B 88 21.46 16.78 14.89
N SER B 89 21.17 15.58 14.40
CA SER B 89 21.79 14.36 14.88
C SER B 89 22.66 13.77 13.77
N THR B 90 23.88 13.37 14.14
CA THR B 90 24.84 12.85 13.18
C THR B 90 25.65 11.72 13.80
N GLN B 91 25.98 10.74 12.97
CA GLN B 91 26.77 9.57 13.37
C GLN B 91 28.17 9.73 12.77
N ASP B 92 29.14 10.10 13.60
CA ASP B 92 30.50 10.35 13.13
C ASP B 92 31.47 9.95 14.25
N LEU B 93 32.75 10.21 14.00
CA LEU B 93 33.80 9.93 14.99
C LEU B 93 33.83 11.06 16.01
N PHE B 94 33.45 10.75 17.25
CA PHE B 94 33.42 11.73 18.32
C PHE B 94 34.19 11.18 19.51
N LEU B 95 34.56 12.07 20.43
CA LEU B 95 35.14 11.67 21.69
C LEU B 95 34.00 11.44 22.68
N PRO B 96 33.78 10.21 23.17
CA PRO B 96 32.59 9.96 24.00
C PRO B 96 32.60 10.82 25.26
N PHE B 97 31.43 11.28 25.64
CA PHE B 97 31.29 12.09 26.85
C PHE B 97 31.72 11.30 28.07
N PHE B 98 32.43 11.97 28.97
CA PHE B 98 32.87 11.36 30.23
C PHE B 98 33.71 10.10 29.98
N SER B 99 34.36 10.03 28.83
CA SER B 99 35.30 8.96 28.54
C SER B 99 36.68 9.31 29.09
N ASN B 100 37.52 8.29 29.19
CA ASN B 100 38.84 8.47 29.77
C ASN B 100 39.82 8.94 28.70
N VAL B 101 40.47 10.07 28.99
CA VAL B 101 41.45 10.67 28.09
C VAL B 101 42.78 10.73 28.83
N THR B 102 43.81 10.13 28.25
CA THR B 102 45.07 9.97 28.95
C THR B 102 45.70 11.33 29.23
N TRP B 103 46.45 11.43 30.33
CA TRP B 103 47.06 12.66 30.78
C TRP B 103 48.58 12.50 30.78
N PHE B 104 49.28 13.56 30.37
CA PHE B 104 50.74 13.55 30.32
C PHE B 104 51.27 14.86 30.89
N HIS B 105 52.41 14.76 31.56
CA HIS B 105 53.12 15.93 32.08
C HIS B 105 54.54 15.89 31.52
N ALA B 106 54.89 16.89 30.72
CA ALA B 106 56.19 16.94 30.07
C ALA B 106 57.26 17.31 31.09
N ILE B 107 57.94 16.31 31.62
CA ILE B 107 59.01 16.54 32.60
C ILE B 107 60.25 17.00 31.85
N HIS B 108 60.80 18.13 32.28
CA HIS B 108 62.01 18.68 31.66
C HIS B 108 63.26 18.15 32.36
N LYS B 116 66.38 14.28 33.65
CA LYS B 116 66.49 12.87 33.28
C LYS B 116 65.16 12.34 32.76
N ARG B 117 64.10 12.53 33.54
CA ARG B 117 62.78 12.08 33.13
C ARG B 117 62.22 12.99 32.05
N PHE B 118 61.72 12.39 30.97
CA PHE B 118 61.13 13.13 29.86
C PHE B 118 59.89 12.41 29.40
N ASP B 119 58.75 13.09 29.46
CA ASP B 119 57.45 12.53 29.08
C ASP B 119 57.17 12.92 27.63
N ASN B 120 57.51 12.03 26.71
CA ASN B 120 57.28 12.28 25.29
C ASN B 120 57.27 10.97 24.53
N PRO B 121 56.27 10.11 24.76
CA PRO B 121 56.26 8.79 24.11
C PRO B 121 55.57 8.79 22.76
N VAL B 122 55.56 7.63 22.11
CA VAL B 122 54.89 7.45 20.83
C VAL B 122 53.58 6.69 21.10
N LEU B 123 52.45 7.35 20.83
CA LEU B 123 51.16 6.78 21.17
C LEU B 123 50.40 6.35 19.91
N PRO B 124 49.62 5.28 19.98
CA PRO B 124 48.88 4.83 18.79
C PRO B 124 47.84 5.86 18.36
N PHE B 125 47.52 5.82 17.07
CA PHE B 125 46.54 6.69 16.44
C PHE B 125 45.37 5.81 15.98
N ASN B 126 44.42 5.58 16.88
CA ASN B 126 43.29 4.69 16.59
C ASN B 126 42.15 5.49 15.98
N ASP B 127 42.38 5.95 14.75
CA ASP B 127 41.35 6.61 13.95
C ASP B 127 40.81 7.86 14.65
N GLY B 128 41.68 8.83 14.81
CA GLY B 128 41.29 10.14 15.35
C GLY B 128 41.86 10.35 16.74
N VAL B 129 42.27 11.58 17.02
CA VAL B 129 42.88 11.89 18.31
C VAL B 129 42.49 13.30 18.73
N TYR B 130 42.40 13.48 20.06
CA TYR B 130 42.07 14.76 20.68
C TYR B 130 43.22 15.15 21.61
N PHE B 131 43.74 16.37 21.43
CA PHE B 131 44.89 16.86 22.18
C PHE B 131 44.55 18.22 22.77
N ALA B 132 44.52 18.30 24.10
CA ALA B 132 44.21 19.55 24.78
C ALA B 132 45.37 19.91 25.69
N SER B 133 45.80 21.17 25.63
CA SER B 133 46.90 21.61 26.46
C SER B 133 46.76 23.10 26.75
N THR B 134 47.42 23.53 27.83
CA THR B 134 47.47 24.93 28.24
C THR B 134 48.89 25.47 28.19
N GLU B 135 49.79 24.79 27.47
CA GLU B 135 51.18 25.21 27.44
C GLU B 135 51.32 26.59 26.79
N LYS B 136 52.33 27.33 27.23
CA LYS B 136 52.62 28.66 26.73
C LYS B 136 54.00 28.68 26.09
N SER B 137 54.19 29.65 25.18
CA SER B 137 55.43 29.82 24.45
C SER B 137 55.71 28.66 23.49
N ASN B 138 54.67 27.92 23.12
CA ASN B 138 54.81 26.80 22.18
C ASN B 138 55.85 25.80 22.66
N ILE B 139 55.79 25.45 23.95
CA ILE B 139 56.67 24.42 24.48
C ILE B 139 56.45 23.11 23.73
N ILE B 140 55.19 22.74 23.52
CA ILE B 140 54.84 21.61 22.66
C ILE B 140 54.69 22.18 21.25
N ARG B 141 55.76 22.12 20.46
CA ARG B 141 55.79 22.81 19.18
C ARG B 141 54.82 22.17 18.19
N GLY B 142 55.03 20.90 17.86
CA GLY B 142 54.23 20.26 16.84
C GLY B 142 54.01 18.77 17.04
N TRP B 143 53.64 18.09 15.96
CA TRP B 143 53.30 16.68 16.00
C TRP B 143 54.02 15.92 14.90
N ILE B 144 54.26 14.64 15.16
CA ILE B 144 54.84 13.71 14.20
C ILE B 144 53.82 12.61 13.97
N PHE B 145 53.49 12.34 12.71
CA PHE B 145 52.51 11.34 12.35
C PHE B 145 53.13 10.34 11.40
N GLY B 146 52.97 9.05 11.68
CA GLY B 146 53.47 8.05 10.76
C GLY B 146 53.13 6.66 11.21
N THR B 147 53.41 5.70 10.33
CA THR B 147 53.18 4.28 10.61
C THR B 147 54.46 3.50 10.82
N THR B 148 55.60 4.00 10.36
CA THR B 148 56.91 3.40 10.61
C THR B 148 57.89 4.35 11.27
N LEU B 149 57.83 5.64 10.93
CA LEU B 149 58.70 6.66 11.54
C LEU B 149 60.17 6.32 11.38
N ASP B 150 60.53 5.68 10.27
CA ASP B 150 61.92 5.32 10.00
C ASP B 150 62.29 5.56 8.54
N SER B 151 61.65 6.53 7.90
CA SER B 151 61.85 6.89 6.51
C SER B 151 61.36 5.82 5.54
N LYS B 152 60.81 4.71 6.03
CA LYS B 152 60.27 3.70 5.14
C LYS B 152 58.92 4.10 4.55
N THR B 153 58.13 4.86 5.31
CA THR B 153 56.85 5.37 4.83
C THR B 153 56.80 6.87 5.09
N GLN B 154 56.24 7.61 4.14
CA GLN B 154 56.16 9.06 4.27
C GLN B 154 55.40 9.44 5.53
N SER B 155 55.94 10.42 6.26
CA SER B 155 55.40 10.84 7.55
C SER B 155 55.14 12.33 7.54
N LEU B 156 54.22 12.77 8.39
CA LEU B 156 53.80 14.16 8.45
C LEU B 156 54.40 14.85 9.66
N LEU B 157 54.76 16.11 9.47
CA LEU B 157 55.48 16.90 10.46
C LEU B 157 54.75 18.22 10.65
N ILE B 158 54.27 18.47 11.87
CA ILE B 158 53.40 19.61 12.14
C ILE B 158 54.09 20.58 13.09
N VAL B 159 55.42 20.69 13.00
CA VAL B 159 56.13 21.66 13.83
C VAL B 159 55.78 23.05 13.35
N ASN B 160 55.38 23.92 14.28
CA ASN B 160 54.86 25.23 13.95
C ASN B 160 55.57 26.31 14.75
N ASN B 161 55.93 27.39 14.06
CA ASN B 161 56.37 28.62 14.69
C ASN B 161 55.21 29.62 14.68
N ALA B 162 55.35 30.68 15.48
CA ALA B 162 54.33 31.73 15.48
C ALA B 162 54.06 32.23 14.07
N THR B 163 55.09 32.25 13.22
CA THR B 163 54.92 32.66 11.83
C THR B 163 53.98 31.71 11.09
N ASN B 164 54.38 30.46 10.92
CA ASN B 164 53.58 29.50 10.17
C ASN B 164 54.10 28.10 10.45
N VAL B 165 53.35 27.11 9.98
CA VAL B 165 53.73 25.70 10.09
C VAL B 165 54.47 25.30 8.83
N VAL B 166 55.22 24.19 8.93
CA VAL B 166 56.07 23.71 7.84
C VAL B 166 55.59 22.34 7.40
N ILE B 167 54.27 22.15 7.36
CA ILE B 167 53.66 20.85 7.06
C ILE B 167 54.41 20.17 5.93
N LYS B 168 54.80 18.92 6.14
CA LYS B 168 55.77 18.25 5.27
C LYS B 168 55.50 16.76 5.29
N VAL B 169 55.09 16.20 4.14
CA VAL B 169 54.84 14.77 4.01
C VAL B 169 55.99 14.21 3.19
N CYS B 170 56.93 13.55 3.87
CA CYS B 170 58.13 13.03 3.25
C CYS B 170 58.52 11.74 3.96
N GLU B 171 59.31 10.92 3.27
CA GLU B 171 59.88 9.70 3.86
C GLU B 171 61.05 10.08 4.77
N PHE B 172 60.73 10.88 5.78
CA PHE B 172 61.74 11.47 6.65
C PHE B 172 62.22 10.45 7.68
N GLN B 173 63.54 10.37 7.85
CA GLN B 173 64.11 9.56 8.92
C GLN B 173 64.05 10.34 10.23
N PHE B 174 63.65 9.65 11.30
CA PHE B 174 63.39 10.28 12.58
C PHE B 174 64.40 9.82 13.62
N CYS B 175 64.84 10.74 14.47
CA CYS B 175 65.74 10.44 15.56
C CYS B 175 64.95 10.15 16.83
N ASN B 176 65.66 9.73 17.87
CA ASN B 176 65.02 9.43 19.15
C ASN B 176 64.49 10.69 19.81
N ASP B 177 65.17 11.82 19.65
CA ASP B 177 64.78 13.09 20.26
C ASP B 177 64.83 14.20 19.23
N PRO B 178 63.98 14.14 18.20
CA PRO B 178 64.04 15.12 17.09
C PRO B 178 63.20 16.39 17.27
N PHE B 179 63.73 17.34 18.04
CA PHE B 179 63.08 18.64 18.14
C PHE B 179 64.15 19.71 18.35
N LEU B 180 63.73 20.96 18.25
CA LEU B 180 64.67 22.09 18.27
C LEU B 180 65.46 22.11 19.56
N GLY B 181 64.77 22.08 20.70
CA GLY B 181 65.44 22.03 21.99
C GLY B 181 66.08 23.33 22.41
N VAL B 182 65.27 24.35 22.64
CA VAL B 182 65.75 25.62 23.21
C VAL B 182 65.74 25.45 24.72
N TYR B 183 66.85 24.92 25.25
CA TYR B 183 66.96 24.59 26.67
C TYR B 183 67.33 25.84 27.48
N TYR B 184 66.44 26.84 27.43
CA TYR B 184 66.67 28.07 28.15
C TYR B 184 66.34 27.89 29.63
N HIS B 185 67.19 28.46 30.49
CA HIS B 185 67.05 28.40 31.94
C HIS B 185 67.02 26.97 32.46
N LYS B 186 67.50 26.01 31.66
CA LYS B 186 67.49 24.60 32.05
C LYS B 186 68.70 24.24 32.90
N ASN B 187 69.91 24.43 32.36
CA ASN B 187 71.14 24.15 33.09
C ASN B 187 72.17 25.27 32.97
N ASN B 188 71.87 26.35 32.24
CA ASN B 188 72.81 27.43 32.05
C ASN B 188 72.25 28.80 32.44
N LYS B 189 70.96 28.90 32.75
CA LYS B 189 70.33 30.18 33.09
C LYS B 189 70.53 31.18 31.96
N SER B 190 70.42 30.71 30.73
CA SER B 190 70.56 31.55 29.55
C SER B 190 69.72 30.96 28.43
N TRP B 191 69.40 31.79 27.44
CA TRP B 191 68.60 31.37 26.30
C TRP B 191 69.52 30.89 25.19
N MET B 192 69.42 29.62 24.83
CA MET B 192 70.24 29.04 23.78
C MET B 192 69.49 27.88 23.15
N GLU B 193 70.00 27.45 21.99
CA GLU B 193 69.40 26.35 21.22
C GLU B 193 70.49 25.31 21.00
N SER B 194 70.51 24.28 21.87
CA SER B 194 71.61 23.33 21.85
C SER B 194 71.66 22.54 20.55
N GLU B 195 70.51 22.08 20.06
CA GLU B 195 70.47 21.22 18.89
C GLU B 195 69.51 21.79 17.85
N PHE B 196 69.50 21.16 16.68
CA PHE B 196 68.63 21.52 15.56
C PHE B 196 68.04 20.27 14.94
N ARG B 197 67.63 19.32 15.77
CA ARG B 197 67.19 18.01 15.31
C ARG B 197 65.81 18.02 14.68
N VAL B 198 65.21 19.20 14.46
CA VAL B 198 63.93 19.25 13.76
C VAL B 198 64.08 18.65 12.36
N TYR B 199 65.25 18.78 11.76
CA TYR B 199 65.58 18.08 10.51
C TYR B 199 66.64 17.04 10.83
N SER B 200 66.22 15.81 11.09
CA SER B 200 67.17 14.72 11.29
C SER B 200 67.86 14.36 9.98
N SER B 201 67.09 13.93 8.98
CA SER B 201 67.62 13.69 7.65
C SER B 201 66.49 13.49 6.65
N ALA B 202 66.55 14.19 5.52
CA ALA B 202 65.52 14.10 4.49
C ALA B 202 66.03 13.18 3.38
N ASN B 203 65.91 11.87 3.62
CA ASN B 203 66.38 10.89 2.64
C ASN B 203 65.59 11.01 1.34
N ASN B 204 64.27 11.11 1.44
CA ASN B 204 63.39 11.24 0.29
C ASN B 204 62.09 11.88 0.74
N CYS B 205 61.41 12.52 -0.21
CA CYS B 205 60.18 13.25 0.10
C CYS B 205 59.20 13.12 -1.06
N THR B 206 57.93 13.41 -0.75
CA THR B 206 56.87 13.42 -1.75
C THR B 206 56.13 14.74 -1.84
N PHE B 207 56.03 15.51 -0.76
CA PHE B 207 55.38 16.80 -0.85
C PHE B 207 55.63 17.59 0.42
N GLU B 208 55.57 18.92 0.29
CA GLU B 208 55.72 19.82 1.43
C GLU B 208 54.75 20.98 1.27
N TYR B 209 54.27 21.50 2.41
CA TYR B 209 53.35 22.63 2.41
C TYR B 209 53.74 23.58 3.52
N VAL B 210 53.76 24.88 3.20
CA VAL B 210 54.02 25.94 4.17
C VAL B 210 52.78 26.80 4.25
N SER B 211 52.24 26.96 5.45
CA SER B 211 51.03 27.74 5.64
C SER B 211 51.33 29.23 5.62
N GLN B 212 50.27 30.03 5.58
CA GLN B 212 50.42 31.47 5.55
C GLN B 212 51.14 31.94 6.82
N PRO B 213 52.03 32.93 6.73
CA PRO B 213 52.72 33.40 7.93
C PRO B 213 51.77 34.10 8.90
N PHE B 214 50.95 33.30 9.58
CA PHE B 214 49.98 33.82 10.53
C PHE B 214 50.68 34.24 11.82
N LEU B 215 49.89 34.67 12.80
CA LEU B 215 50.40 35.02 14.12
C LEU B 215 49.31 34.69 15.13
N MET B 216 49.37 33.48 15.68
CA MET B 216 48.41 33.01 16.66
C MET B 216 48.92 33.24 18.08
N ASP B 217 48.00 33.18 19.04
CA ASP B 217 48.33 33.43 20.45
C ASP B 217 48.90 32.16 21.09
N LEU B 218 49.95 31.64 20.47
CA LEU B 218 50.66 30.47 20.97
C LEU B 218 51.93 30.81 21.72
N GLU B 219 52.29 32.09 21.82
CA GLU B 219 53.52 32.49 22.46
C GLU B 219 53.34 32.56 23.97
N GLY B 220 54.42 32.92 24.67
CA GLY B 220 54.42 32.92 26.11
C GLY B 220 53.97 34.22 26.74
N LYS B 221 52.71 34.28 27.16
CA LYS B 221 52.17 35.39 27.97
C LYS B 221 51.28 34.75 29.03
N GLN B 222 51.88 34.45 30.19
CA GLN B 222 51.20 33.65 31.20
C GLN B 222 49.92 34.33 31.69
N GLY B 223 50.05 35.47 32.36
CA GLY B 223 48.90 36.14 32.93
C GLY B 223 48.01 35.15 33.67
N ASN B 224 46.79 34.98 33.16
CA ASN B 224 45.91 33.89 33.59
C ASN B 224 45.70 32.96 32.40
N PHE B 225 45.84 31.66 32.64
CA PHE B 225 45.79 30.69 31.55
C PHE B 225 44.51 30.86 30.73
N LYS B 226 44.69 31.20 29.45
CA LYS B 226 43.58 31.36 28.52
C LYS B 226 43.85 30.70 27.18
N ASN B 227 44.92 29.91 27.07
CA ASN B 227 45.29 29.26 25.82
C ASN B 227 44.97 27.78 25.97
N LEU B 228 43.73 27.41 25.66
CA LEU B 228 43.27 26.03 25.71
C LEU B 228 43.31 25.49 24.28
N ARG B 229 44.48 25.01 23.87
CA ARG B 229 44.68 24.60 22.48
C ARG B 229 44.12 23.21 22.27
N GLU B 230 42.79 23.13 22.24
CA GLU B 230 42.09 21.90 21.96
C GLU B 230 42.16 21.62 20.46
N PHE B 231 42.77 20.51 20.08
CA PHE B 231 42.98 20.13 18.70
C PHE B 231 42.38 18.75 18.46
N VAL B 232 41.73 18.58 17.31
CA VAL B 232 41.19 17.30 16.89
C VAL B 232 41.78 16.95 15.54
N PHE B 233 42.38 15.76 15.45
CA PHE B 233 43.01 15.28 14.24
C PHE B 233 42.25 14.06 13.74
N LYS B 234 41.94 14.04 12.44
CA LYS B 234 41.23 12.92 11.84
C LYS B 234 41.84 12.58 10.49
N ASN B 235 41.68 11.31 10.11
CA ASN B 235 42.11 10.81 8.79
C ASN B 235 41.00 9.93 8.24
N ILE B 236 40.37 10.39 7.16
CA ILE B 236 39.29 9.62 6.53
C ILE B 236 39.38 9.77 5.02
N ASP B 237 39.23 8.65 4.32
CA ASP B 237 39.23 8.59 2.85
C ASP B 237 40.28 9.53 2.26
N GLY B 238 41.51 9.38 2.72
CA GLY B 238 42.62 10.15 2.18
C GLY B 238 42.53 11.64 2.44
N TYR B 239 42.04 12.03 3.62
CA TYR B 239 42.00 13.43 4.02
C TYR B 239 42.37 13.53 5.49
N PHE B 240 43.35 14.37 5.77
CA PHE B 240 43.80 14.68 7.13
C PHE B 240 43.22 16.04 7.53
N LYS B 241 42.47 16.07 8.61
CA LYS B 241 41.76 17.28 9.01
C LYS B 241 42.10 17.64 10.45
N ILE B 242 42.36 18.92 10.66
CA ILE B 242 42.71 19.49 11.96
C ILE B 242 41.69 20.57 12.30
N TYR B 243 41.04 20.41 13.46
CA TYR B 243 40.13 21.41 14.01
C TYR B 243 40.68 21.90 15.34
N SER B 244 40.43 23.16 15.67
CA SER B 244 40.91 23.71 16.93
C SER B 244 40.13 24.97 17.28
N LYS B 245 40.39 25.47 18.48
CA LYS B 245 39.75 26.69 18.98
C LYS B 245 40.46 27.18 20.23
N HIS B 246 40.79 28.47 20.27
CA HIS B 246 41.45 29.07 21.44
C HIS B 246 40.39 29.48 22.45
N THR B 247 40.32 28.76 23.57
CA THR B 247 39.28 28.99 24.57
C THR B 247 39.88 29.64 25.81
N PRO B 248 39.59 30.92 26.08
CA PRO B 248 40.06 31.51 27.33
C PRO B 248 39.29 30.98 28.53
N ILE B 249 40.00 30.86 29.65
CA ILE B 249 39.43 30.41 30.92
C ILE B 249 40.06 31.23 32.05
N ASN B 250 39.62 30.95 33.27
CA ASN B 250 40.13 31.63 34.46
C ASN B 250 40.68 30.69 35.51
N LEU B 251 40.42 29.39 35.42
CA LEU B 251 40.90 28.41 36.39
C LEU B 251 42.16 27.76 35.84
N VAL B 252 43.31 28.10 36.46
CA VAL B 252 44.57 27.50 36.05
C VAL B 252 44.68 26.04 36.47
N ARG B 253 43.71 25.53 37.22
CA ARG B 253 43.71 24.14 37.65
C ARG B 253 43.22 23.27 36.49
N ASP B 254 42.86 22.02 36.77
CA ASP B 254 42.45 21.07 35.74
C ASP B 254 41.34 21.65 34.86
N LEU B 255 41.13 21.03 33.71
CA LEU B 255 40.19 21.48 32.68
C LEU B 255 38.90 22.00 33.30
N PRO B 256 38.58 23.28 33.16
CA PRO B 256 37.37 23.82 33.77
C PRO B 256 36.13 23.44 32.98
N GLN B 257 34.97 23.71 33.60
CA GLN B 257 33.68 23.37 33.01
C GLN B 257 33.20 24.48 32.09
N GLY B 258 32.54 24.09 31.00
CA GLY B 258 32.04 25.05 30.03
C GLY B 258 31.64 24.34 28.77
N PHE B 259 31.57 25.10 27.67
CA PHE B 259 31.24 24.53 26.37
C PHE B 259 31.85 25.40 25.28
N SER B 260 32.45 24.74 24.30
CA SER B 260 33.05 25.43 23.17
C SER B 260 33.18 24.45 22.02
N ALA B 261 33.03 24.96 20.80
CA ALA B 261 33.11 24.16 19.59
C ALA B 261 34.37 24.53 18.82
N LEU B 262 35.01 23.52 18.23
CA LEU B 262 36.28 23.70 17.53
C LEU B 262 36.00 23.83 16.04
N GLU B 263 36.14 25.04 15.51
CA GLU B 263 35.98 25.24 14.09
C GLU B 263 37.13 24.56 13.33
N PRO B 264 36.87 24.05 12.13
CA PRO B 264 37.96 23.45 11.36
C PRO B 264 39.03 24.48 11.04
N LEU B 265 40.29 24.02 11.05
CA LEU B 265 41.41 24.87 10.68
C LEU B 265 42.05 24.46 9.36
N VAL B 266 42.33 23.17 9.16
CA VAL B 266 43.01 22.75 7.94
C VAL B 266 42.46 21.42 7.47
N ASP B 267 42.33 21.27 6.15
CA ASP B 267 42.06 20.01 5.50
C ASP B 267 43.14 19.77 4.44
N LEU B 268 43.67 18.54 4.39
CA LEU B 268 44.76 18.22 3.49
C LEU B 268 44.45 16.90 2.79
N PRO B 269 44.59 16.83 1.46
CA PRO B 269 44.42 15.56 0.74
C PRO B 269 45.72 14.75 0.67
N ILE B 270 46.38 14.60 1.83
CA ILE B 270 47.71 13.98 1.84
C ILE B 270 47.63 12.53 1.36
N GLY B 271 46.69 11.76 1.89
CA GLY B 271 46.56 10.38 1.53
C GLY B 271 47.50 9.44 2.26
N ILE B 272 48.39 9.97 3.10
CA ILE B 272 49.21 9.14 3.97
C ILE B 272 48.34 8.82 5.17
N ASN B 273 48.69 7.79 5.92
CA ASN B 273 47.68 7.17 6.76
C ASN B 273 48.28 6.47 7.96
N ILE B 274 47.98 7.05 9.13
CA ILE B 274 48.83 7.11 10.33
C ILE B 274 48.47 5.97 11.28
N THR B 275 49.49 5.27 11.78
CA THR B 275 49.30 4.27 12.82
C THR B 275 49.76 4.73 14.20
N ARG B 276 50.66 5.71 14.27
CA ARG B 276 51.14 6.23 15.54
C ARG B 276 51.49 7.70 15.39
N PHE B 277 51.53 8.40 16.52
CA PHE B 277 51.83 9.82 16.56
C PHE B 277 52.66 10.14 17.81
N GLN B 278 53.40 11.23 17.71
CA GLN B 278 54.31 11.65 18.78
C GLN B 278 54.26 13.16 18.90
N THR B 279 54.41 13.67 20.12
CA THR B 279 54.43 15.11 20.34
C THR B 279 55.87 15.62 20.37
N LEU B 280 56.03 16.89 20.01
CA LEU B 280 57.34 17.53 19.94
C LEU B 280 57.41 18.62 21.00
N LEU B 281 58.51 18.62 21.75
CA LEU B 281 58.70 19.60 22.82
C LEU B 281 59.67 20.70 22.39
N SER B 293 69.21 14.61 29.26
CA SER B 293 69.62 14.15 30.59
C SER B 293 69.73 15.32 31.55
N SER B 294 68.59 15.95 31.84
CA SER B 294 68.54 17.10 32.76
C SER B 294 68.37 16.63 34.20
N SER B 295 69.32 15.81 34.64
CA SER B 295 69.29 15.31 36.01
C SER B 295 69.51 16.46 37.00
N GLY B 296 68.72 16.45 38.08
CA GLY B 296 68.77 17.50 39.08
C GLY B 296 67.94 18.71 38.76
N TRP B 297 67.62 18.95 37.49
CA TRP B 297 66.80 20.09 37.13
C TRP B 297 65.38 19.91 37.65
N THR B 298 64.74 21.04 37.98
CA THR B 298 63.39 21.00 38.52
C THR B 298 62.43 20.34 37.53
N ALA B 299 61.46 19.61 38.07
CA ALA B 299 60.49 18.93 37.23
C ALA B 299 59.76 19.92 36.33
N GLY B 300 59.55 19.52 35.08
CA GLY B 300 58.94 20.42 34.11
C GLY B 300 57.51 20.77 34.48
N ALA B 301 57.06 21.91 33.96
CA ALA B 301 55.72 22.43 34.20
C ALA B 301 55.02 22.55 32.84
N ALA B 302 54.41 21.45 32.41
CA ALA B 302 53.66 21.42 31.16
C ALA B 302 52.81 20.16 31.10
N ALA B 303 51.53 20.30 30.76
CA ALA B 303 50.59 19.19 30.74
C ALA B 303 49.83 19.17 29.43
N TYR B 304 49.49 17.96 28.98
CA TYR B 304 48.70 17.81 27.77
C TYR B 304 47.96 16.48 27.82
N TYR B 305 46.83 16.44 27.10
CA TYR B 305 45.95 15.28 27.11
C TYR B 305 45.96 14.59 25.76
N VAL B 306 45.64 13.30 25.78
CA VAL B 306 45.53 12.51 24.56
C VAL B 306 44.32 11.59 24.68
N GLY B 307 43.24 11.93 23.98
CA GLY B 307 42.02 11.14 24.00
C GLY B 307 41.77 10.52 22.65
N TYR B 308 41.07 9.38 22.65
CA TYR B 308 40.83 8.60 21.44
C TYR B 308 39.37 8.68 21.05
N LEU B 309 39.13 8.80 19.76
CA LEU B 309 37.77 8.94 19.23
C LEU B 309 37.16 7.58 18.93
N GLN B 310 35.84 7.52 19.01
CA GLN B 310 35.05 6.35 18.70
C GLN B 310 33.86 6.77 17.84
N PRO B 311 33.30 5.84 17.07
CA PRO B 311 32.13 6.19 16.24
C PRO B 311 30.86 6.21 17.09
N ARG B 312 30.22 7.38 17.14
CA ARG B 312 29.01 7.55 17.95
C ARG B 312 28.06 8.50 17.25
N THR B 313 26.82 8.48 17.74
CA THR B 313 25.78 9.42 17.31
C THR B 313 25.66 10.54 18.32
N PHE B 314 25.58 11.77 17.83
CA PHE B 314 25.52 12.95 18.66
C PHE B 314 24.36 13.83 18.22
N LEU B 315 23.78 14.55 19.18
CA LEU B 315 22.75 15.55 18.90
C LEU B 315 23.33 16.92 19.25
N LEU B 316 23.30 17.84 18.29
CA LEU B 316 23.92 19.15 18.44
C LEU B 316 22.87 20.24 18.27
N LYS B 317 22.94 21.26 19.12
CA LYS B 317 21.94 22.32 19.18
C LYS B 317 22.51 23.57 18.54
N TYR B 318 22.24 23.74 17.25
CA TYR B 318 22.67 24.94 16.54
C TYR B 318 21.83 26.14 16.99
N ASN B 319 22.50 27.25 17.28
CA ASN B 319 21.83 28.46 17.74
C ASN B 319 21.52 29.37 16.55
N GLU B 320 21.14 30.62 16.84
CA GLU B 320 20.79 31.56 15.79
C GLU B 320 21.93 31.73 14.79
N ASN B 321 23.14 31.94 15.29
CA ASN B 321 24.32 32.12 14.44
C ASN B 321 24.82 30.82 13.83
N GLY B 322 24.14 29.70 14.07
CA GLY B 322 24.66 28.42 13.66
C GLY B 322 25.89 28.00 14.43
N THR B 323 25.94 28.34 15.72
CA THR B 323 27.00 27.91 16.62
C THR B 323 26.42 26.96 17.65
N ILE B 324 27.15 25.88 17.93
CA ILE B 324 26.62 24.83 18.82
C ILE B 324 26.68 25.34 20.25
N THR B 325 25.52 25.60 20.84
CA THR B 325 25.47 25.98 22.25
C THR B 325 25.55 24.76 23.16
N ASP B 326 25.08 23.60 22.70
CA ASP B 326 25.06 22.42 23.55
C ASP B 326 25.02 21.17 22.69
N ALA B 327 25.34 20.05 23.31
CA ALA B 327 25.35 18.76 22.62
C ALA B 327 24.96 17.66 23.60
N VAL B 328 24.53 16.53 23.05
CA VAL B 328 24.08 15.38 23.81
C VAL B 328 24.66 14.13 23.17
N ASP B 329 25.23 13.25 23.99
CA ASP B 329 25.79 11.99 23.51
C ASP B 329 24.68 10.95 23.53
N CYS B 330 24.30 10.46 22.37
CA CYS B 330 23.14 9.59 22.23
C CYS B 330 23.37 8.19 22.76
N ALA B 331 24.47 7.89 23.44
CA ALA B 331 24.66 6.56 24.02
C ALA B 331 25.27 6.60 25.41
N LEU B 332 25.33 7.78 26.04
CA LEU B 332 25.97 7.88 27.36
C LEU B 332 25.12 7.20 28.42
N ASP B 333 23.82 7.47 28.45
CA ASP B 333 22.94 6.98 29.49
C ASP B 333 21.52 7.00 28.98
N PRO B 334 20.59 6.34 29.67
CA PRO B 334 19.21 6.27 29.16
C PRO B 334 18.57 7.63 28.94
N LEU B 335 18.85 8.61 29.79
CA LEU B 335 18.26 9.93 29.61
C LEU B 335 18.74 10.54 28.29
N SER B 336 20.04 10.45 28.01
CA SER B 336 20.55 10.97 26.76
C SER B 336 20.00 10.20 25.57
N GLU B 337 19.84 8.88 25.72
CA GLU B 337 19.24 8.10 24.64
C GLU B 337 17.82 8.56 24.33
N THR B 338 17.03 8.81 25.38
CA THR B 338 15.68 9.32 25.17
C THR B 338 15.70 10.69 24.51
N LYS B 339 16.63 11.55 24.94
CA LYS B 339 16.73 12.87 24.33
C LYS B 339 17.03 12.75 22.85
N CYS B 340 17.97 11.87 22.49
CA CYS B 340 18.30 11.67 21.08
C CYS B 340 17.10 11.11 20.31
N THR B 341 16.38 10.16 20.91
CA THR B 341 15.23 9.57 20.23
C THR B 341 14.16 10.61 19.97
N LEU B 342 13.89 11.48 20.95
CA LEU B 342 12.89 12.52 20.79
C LEU B 342 13.40 13.72 20.00
N LYS B 343 14.70 13.78 19.70
CA LYS B 343 15.28 14.90 18.97
C LYS B 343 15.01 16.22 19.69
N SER B 344 15.05 16.19 21.02
CA SER B 344 14.83 17.37 21.83
C SER B 344 15.76 17.33 23.03
N PHE B 345 16.10 18.51 23.54
CA PHE B 345 16.94 18.62 24.72
C PHE B 345 16.15 18.57 26.03
N THR B 346 14.83 18.61 25.95
CA THR B 346 13.97 18.51 27.12
C THR B 346 13.00 17.36 26.92
N VAL B 347 12.90 16.49 27.92
CA VAL B 347 12.03 15.33 27.89
C VAL B 347 10.93 15.53 28.93
N GLU B 348 9.68 15.40 28.48
CA GLU B 348 8.55 15.53 29.39
C GLU B 348 8.29 14.23 30.12
N LYS B 349 7.56 14.32 31.23
CA LYS B 349 7.26 13.15 32.03
C LYS B 349 6.53 12.11 31.18
N GLY B 350 6.92 10.86 31.34
CA GLY B 350 6.30 9.77 30.62
C GLY B 350 7.26 8.61 30.48
N ILE B 351 6.84 7.63 29.67
CA ILE B 351 7.64 6.45 29.37
C ILE B 351 7.85 6.41 27.86
N TYR B 352 9.10 6.31 27.44
CA TYR B 352 9.47 6.43 26.04
C TYR B 352 10.21 5.18 25.58
N GLN B 353 9.81 4.65 24.43
CA GLN B 353 10.52 3.54 23.82
C GLN B 353 11.86 4.01 23.28
N THR B 354 12.85 3.12 23.35
CA THR B 354 14.20 3.42 22.86
C THR B 354 14.74 2.16 22.19
N SER B 355 16.05 2.15 21.95
CA SER B 355 16.68 1.00 21.31
C SER B 355 16.26 -0.30 22.00
N ASN B 356 16.28 -1.38 21.23
CA ASN B 356 15.92 -2.68 21.76
C ASN B 356 17.07 -3.26 22.58
N PHE B 357 16.81 -4.41 23.19
CA PHE B 357 17.79 -5.14 23.98
C PHE B 357 17.90 -6.54 23.42
N ARG B 358 19.14 -7.01 23.27
CA ARG B 358 19.42 -8.28 22.62
C ARG B 358 20.70 -8.85 23.20
N VAL B 359 20.62 -10.07 23.73
CA VAL B 359 21.79 -10.71 24.34
C VAL B 359 22.74 -11.13 23.22
N GLN B 360 23.99 -10.67 23.30
CA GLN B 360 24.96 -11.05 22.29
C GLN B 360 25.53 -12.44 22.60
N PRO B 361 25.85 -13.22 21.57
CA PRO B 361 26.41 -14.55 21.80
C PRO B 361 27.77 -14.48 22.46
N THR B 362 28.09 -15.52 23.23
CA THR B 362 29.37 -15.57 23.93
C THR B 362 30.47 -16.12 23.04
N GLU B 363 30.21 -17.23 22.36
CA GLU B 363 31.22 -17.84 21.50
C GLU B 363 30.52 -18.65 20.42
N SER B 364 31.31 -19.18 19.50
CA SER B 364 30.82 -20.03 18.42
C SER B 364 31.09 -21.48 18.78
N ILE B 365 30.02 -22.27 18.88
CA ILE B 365 30.10 -23.68 19.22
C ILE B 365 29.60 -24.48 18.03
N VAL B 366 30.45 -25.38 17.54
CA VAL B 366 30.10 -26.30 16.47
C VAL B 366 30.43 -27.71 16.94
N ARG B 367 29.70 -28.69 16.41
CA ARG B 367 29.85 -30.06 16.89
C ARG B 367 31.21 -30.62 16.47
N PHE B 368 31.46 -31.90 16.81
CA PHE B 368 32.73 -32.53 16.55
C PHE B 368 32.85 -32.97 15.09
N PRO B 369 34.06 -32.96 14.52
CA PRO B 369 34.25 -33.34 13.12
C PRO B 369 34.34 -34.85 12.99
N ASN B 370 34.03 -35.36 11.79
CA ASN B 370 34.13 -36.80 11.64
C ASN B 370 33.87 -37.11 10.18
N ILE B 371 33.93 -38.39 9.81
CA ILE B 371 34.18 -38.73 8.41
C ILE B 371 35.29 -37.84 7.85
N THR B 372 36.53 -38.29 8.03
CA THR B 372 37.72 -37.63 7.55
C THR B 372 38.19 -38.13 6.17
N ASN B 373 37.48 -39.05 5.55
CA ASN B 373 37.88 -39.55 4.24
C ASN B 373 37.96 -38.41 3.23
N LEU B 374 39.06 -38.36 2.48
CA LEU B 374 39.27 -37.30 1.50
C LEU B 374 38.49 -37.58 0.23
N CYS B 375 37.93 -36.52 -0.36
CA CYS B 375 37.12 -36.67 -1.55
C CYS B 375 38.01 -37.02 -2.75
N PRO B 376 37.49 -37.80 -3.71
CA PRO B 376 38.28 -38.16 -4.90
C PRO B 376 38.21 -37.11 -6.01
N PHE B 377 38.95 -36.01 -5.81
CA PHE B 377 39.04 -34.96 -6.81
C PHE B 377 40.18 -35.20 -7.78
N GLY B 378 41.28 -35.78 -7.33
CA GLY B 378 42.39 -36.06 -8.23
C GLY B 378 42.01 -37.02 -9.34
N GLU B 379 41.31 -38.10 -8.98
CA GLU B 379 40.97 -39.12 -9.97
C GLU B 379 39.99 -38.63 -11.02
N VAL B 380 39.33 -37.50 -10.80
CA VAL B 380 38.39 -36.95 -11.78
C VAL B 380 38.98 -35.77 -12.53
N PHE B 381 39.79 -34.95 -11.86
CA PHE B 381 40.41 -33.81 -12.54
C PHE B 381 41.66 -34.26 -13.31
N ASN B 382 42.62 -34.85 -12.61
CA ASN B 382 43.81 -35.38 -13.26
C ASN B 382 43.53 -36.77 -13.82
N ALA B 383 42.48 -36.87 -14.64
CA ALA B 383 42.10 -38.13 -15.25
C ALA B 383 42.62 -38.19 -16.68
N THR B 384 43.08 -39.37 -17.08
CA THR B 384 43.74 -39.52 -18.37
C THR B 384 42.79 -39.20 -19.52
N ARG B 385 41.55 -39.68 -19.44
CA ARG B 385 40.61 -39.59 -20.56
C ARG B 385 39.32 -38.92 -20.10
N PHE B 386 38.77 -38.08 -20.97
CA PHE B 386 37.48 -37.43 -20.77
C PHE B 386 36.54 -37.81 -21.90
N ALA B 387 35.29 -38.08 -21.56
CA ALA B 387 34.32 -38.47 -22.55
C ALA B 387 33.97 -37.31 -23.46
N SER B 388 33.37 -37.63 -24.60
CA SER B 388 32.92 -36.59 -25.52
C SER B 388 31.81 -35.77 -24.90
N VAL B 389 31.69 -34.51 -25.35
CA VAL B 389 30.67 -33.63 -24.81
C VAL B 389 29.29 -34.24 -24.97
N TYR B 390 28.99 -34.75 -26.17
CA TYR B 390 27.69 -35.36 -26.40
C TYR B 390 27.43 -36.50 -25.43
N ALA B 391 28.50 -37.13 -24.93
CA ALA B 391 28.37 -38.19 -23.93
C ALA B 391 29.13 -37.78 -22.66
N TRP B 392 28.93 -36.54 -22.23
CA TRP B 392 29.63 -36.02 -21.06
C TRP B 392 29.54 -37.02 -19.90
N ASN B 393 30.70 -37.28 -19.28
CA ASN B 393 30.77 -38.29 -18.23
C ASN B 393 30.36 -37.68 -16.88
N ARG B 394 29.54 -38.39 -16.13
CA ARG B 394 29.05 -37.93 -14.84
C ARG B 394 29.59 -38.80 -13.73
N LYS B 395 30.12 -38.18 -12.69
CA LYS B 395 30.67 -38.85 -11.52
C LYS B 395 29.96 -38.34 -10.28
N ARG B 396 29.82 -39.22 -9.29
CA ARG B 396 29.15 -38.91 -8.04
C ARG B 396 30.17 -38.87 -6.92
N ILE B 397 30.06 -37.87 -6.04
CA ILE B 397 30.95 -37.77 -4.89
C ILE B 397 30.10 -37.53 -3.64
N SER B 398 30.35 -38.34 -2.62
CA SER B 398 29.66 -38.28 -1.34
C SER B 398 30.50 -39.00 -0.31
N ASN B 399 30.13 -38.84 0.95
CA ASN B 399 30.82 -39.51 2.06
C ASN B 399 32.31 -39.19 2.07
N CYS B 400 32.63 -37.90 2.04
CA CYS B 400 34.01 -37.46 2.05
C CYS B 400 34.04 -35.98 2.40
N VAL B 401 35.23 -35.50 2.75
CA VAL B 401 35.47 -34.09 3.04
C VAL B 401 36.23 -33.49 1.86
N ALA B 402 35.72 -32.39 1.33
CA ALA B 402 36.29 -31.74 0.15
C ALA B 402 37.03 -30.49 0.57
N ASP B 403 38.27 -30.36 0.11
CA ASP B 403 39.11 -29.20 0.38
C ASP B 403 39.20 -28.40 -0.92
N TYR B 404 38.23 -27.51 -1.13
CA TYR B 404 38.21 -26.69 -2.33
C TYR B 404 39.29 -25.62 -2.33
N SER B 405 39.95 -25.38 -1.20
CA SER B 405 40.96 -24.34 -1.14
C SER B 405 42.09 -24.62 -2.12
N VAL B 406 42.60 -25.86 -2.13
CA VAL B 406 43.70 -26.21 -3.02
C VAL B 406 43.26 -26.09 -4.47
N LEU B 407 42.06 -26.58 -4.78
CA LEU B 407 41.57 -26.49 -6.15
C LEU B 407 41.47 -25.04 -6.62
N TYR B 408 40.96 -24.17 -5.76
CA TYR B 408 40.85 -22.76 -6.14
C TYR B 408 42.21 -22.11 -6.26
N ASN B 409 43.15 -22.47 -5.39
CA ASN B 409 44.48 -21.87 -5.42
C ASN B 409 45.30 -22.37 -6.60
N SER B 410 44.97 -23.54 -7.15
CA SER B 410 45.67 -24.05 -8.32
C SER B 410 45.29 -23.19 -9.53
N ALA B 411 46.18 -22.26 -9.89
CA ALA B 411 45.90 -21.32 -10.97
C ALA B 411 45.88 -21.98 -12.34
N SER B 412 46.10 -23.29 -12.43
CA SER B 412 46.08 -23.97 -13.72
C SER B 412 44.73 -23.83 -14.42
N PHE B 413 43.65 -23.57 -13.67
CA PHE B 413 42.33 -23.47 -14.25
C PHE B 413 42.18 -22.12 -14.95
N SER B 414 41.88 -22.17 -16.25
CA SER B 414 41.72 -20.93 -17.01
C SER B 414 40.49 -20.17 -16.54
N THR B 415 39.35 -20.86 -16.40
CA THR B 415 38.10 -20.26 -15.95
C THR B 415 37.58 -21.03 -14.75
N PHE B 416 37.28 -20.30 -13.68
CA PHE B 416 36.79 -20.88 -12.42
C PHE B 416 35.60 -20.02 -12.00
N LYS B 417 34.41 -20.37 -12.47
CA LYS B 417 33.25 -19.49 -12.35
C LYS B 417 32.14 -20.19 -11.60
N CYS B 418 31.72 -19.61 -10.48
CA CYS B 418 30.66 -20.16 -9.65
C CYS B 418 29.45 -19.23 -9.67
N TYR B 419 28.26 -19.83 -9.71
CA TYR B 419 27.02 -19.07 -9.82
C TYR B 419 26.21 -19.10 -8.52
N GLY B 420 25.87 -20.30 -8.03
CA GLY B 420 25.04 -20.38 -6.85
C GLY B 420 25.76 -19.98 -5.57
N VAL B 421 27.08 -20.17 -5.53
CA VAL B 421 27.87 -19.89 -4.33
C VAL B 421 29.15 -19.18 -4.73
N SER B 422 29.71 -18.45 -3.78
CA SER B 422 30.99 -17.79 -4.01
C SER B 422 32.13 -18.80 -3.88
N PRO B 423 33.18 -18.67 -4.68
CA PRO B 423 34.29 -19.65 -4.58
C PRO B 423 34.91 -19.72 -3.20
N THR B 424 35.03 -18.58 -2.51
CA THR B 424 35.73 -18.56 -1.23
C THR B 424 34.99 -19.39 -0.18
N LYS B 425 33.65 -19.28 -0.14
CA LYS B 425 32.88 -19.86 0.95
C LYS B 425 32.71 -21.37 0.83
N LEU B 426 33.10 -21.98 -0.29
CA LEU B 426 32.86 -23.41 -0.48
C LEU B 426 33.50 -24.24 0.62
N ASN B 427 34.58 -23.75 1.23
CA ASN B 427 35.26 -24.50 2.26
C ASN B 427 34.47 -24.59 3.56
N ASP B 428 33.39 -23.84 3.69
CA ASP B 428 32.61 -23.80 4.92
C ASP B 428 31.21 -24.37 4.78
N LEU B 429 30.78 -24.70 3.58
CA LEU B 429 29.42 -25.18 3.35
C LEU B 429 29.34 -26.69 3.49
N CYS B 430 28.11 -27.20 3.46
CA CYS B 430 27.83 -28.63 3.49
C CYS B 430 26.81 -28.96 2.43
N PHE B 431 27.05 -30.05 1.70
CA PHE B 431 26.17 -30.47 0.62
C PHE B 431 25.79 -31.94 0.80
N THR B 432 24.58 -32.28 0.35
CA THR B 432 24.11 -33.65 0.44
C THR B 432 24.93 -34.58 -0.44
N ASN B 433 25.33 -34.11 -1.62
CA ASN B 433 26.12 -34.88 -2.57
C ASN B 433 26.50 -33.95 -3.71
N VAL B 434 27.64 -34.21 -4.34
CA VAL B 434 28.13 -33.34 -5.42
C VAL B 434 28.35 -34.17 -6.67
N TYR B 435 27.79 -33.70 -7.78
CA TYR B 435 27.95 -34.31 -9.09
C TYR B 435 29.06 -33.57 -9.82
N ALA B 436 29.95 -34.32 -10.47
CA ALA B 436 31.02 -33.75 -11.27
C ALA B 436 30.88 -34.27 -12.69
N ASP B 437 30.57 -33.38 -13.63
CA ASP B 437 30.38 -33.75 -15.02
C ASP B 437 31.58 -33.24 -15.82
N SER B 438 32.28 -34.17 -16.47
CA SER B 438 33.51 -33.89 -17.18
C SER B 438 33.33 -34.11 -18.68
N PHE B 439 34.02 -33.31 -19.47
CA PHE B 439 34.05 -33.48 -20.92
C PHE B 439 35.08 -32.53 -21.51
N VAL B 440 35.18 -32.57 -22.84
CA VAL B 440 36.12 -31.74 -23.61
C VAL B 440 35.31 -30.93 -24.59
N ILE B 441 35.61 -29.63 -24.67
CA ILE B 441 34.87 -28.73 -25.55
C ILE B 441 35.84 -27.79 -26.25
N ARG B 442 35.37 -27.18 -27.34
CA ARG B 442 36.18 -26.19 -28.03
C ARG B 442 36.43 -24.99 -27.13
N GLY B 443 37.64 -24.43 -27.23
CA GLY B 443 38.02 -23.35 -26.34
C GLY B 443 37.08 -22.16 -26.39
N ASP B 444 36.46 -21.92 -27.54
CA ASP B 444 35.55 -20.80 -27.70
C ASP B 444 34.16 -21.08 -27.15
N GLU B 445 33.84 -22.32 -26.80
CA GLU B 445 32.52 -22.69 -26.34
C GLU B 445 32.38 -22.65 -24.82
N VAL B 446 33.45 -22.33 -24.09
CA VAL B 446 33.38 -22.35 -22.63
C VAL B 446 32.28 -21.42 -22.15
N ARG B 447 32.17 -20.24 -22.75
CA ARG B 447 31.12 -19.31 -22.37
C ARG B 447 29.75 -19.96 -22.43
N GLN B 448 29.49 -20.74 -23.49
CA GLN B 448 28.18 -21.36 -23.66
C GLN B 448 27.79 -22.23 -22.46
N ILE B 449 28.76 -22.59 -21.61
CA ILE B 449 28.45 -23.45 -20.46
C ILE B 449 27.72 -22.72 -19.35
N ALA B 450 27.63 -21.40 -19.40
CA ALA B 450 26.93 -20.67 -18.36
C ALA B 450 25.44 -20.97 -18.40
N PRO B 451 24.76 -20.93 -17.26
CA PRO B 451 23.32 -21.24 -17.25
C PRO B 451 22.51 -20.19 -17.98
N GLY B 452 21.37 -20.63 -18.51
CA GLY B 452 20.48 -19.71 -19.20
C GLY B 452 21.12 -19.03 -20.39
N GLN B 453 21.91 -19.76 -21.17
CA GLN B 453 22.59 -19.22 -22.33
C GLN B 453 22.35 -20.12 -23.53
N THR B 454 22.30 -19.51 -24.71
CA THR B 454 22.07 -20.23 -25.95
C THR B 454 23.41 -20.64 -26.56
N GLY B 455 23.38 -21.08 -27.80
CA GLY B 455 24.53 -21.64 -28.47
C GLY B 455 24.35 -23.12 -28.74
N LYS B 456 25.04 -23.62 -29.75
CA LYS B 456 24.83 -24.99 -30.19
C LYS B 456 25.07 -25.99 -29.06
N ILE B 457 26.17 -25.81 -28.32
CA ILE B 457 26.51 -26.75 -27.26
C ILE B 457 25.46 -26.72 -26.16
N ALA B 458 25.14 -25.54 -25.66
CA ALA B 458 24.16 -25.42 -24.58
C ALA B 458 22.75 -25.78 -25.04
N ASP B 459 22.51 -25.86 -26.35
CA ASP B 459 21.18 -26.14 -26.87
C ASP B 459 20.96 -27.60 -27.21
N TYR B 460 22.00 -28.32 -27.64
CA TYR B 460 21.81 -29.69 -28.10
C TYR B 460 22.83 -30.68 -27.56
N ASN B 461 23.78 -30.25 -26.72
CA ASN B 461 24.78 -31.14 -26.17
C ASN B 461 24.68 -31.26 -24.65
N TYR B 462 24.72 -30.14 -23.94
CA TYR B 462 24.71 -30.17 -22.48
C TYR B 462 24.22 -28.83 -21.98
N LYS B 463 23.08 -28.82 -21.29
CA LYS B 463 22.46 -27.58 -20.83
C LYS B 463 22.42 -27.56 -19.31
N LEU B 464 22.86 -26.46 -18.71
CA LEU B 464 22.74 -26.28 -17.29
C LEU B 464 21.36 -25.71 -16.94
N PRO B 465 20.78 -26.08 -15.80
CA PRO B 465 19.50 -25.49 -15.42
C PRO B 465 19.64 -24.00 -15.14
N ASP B 466 18.55 -23.27 -15.40
CA ASP B 466 18.56 -21.83 -15.19
C ASP B 466 18.91 -21.48 -13.77
N ASP B 467 18.51 -22.31 -12.80
CA ASP B 467 18.80 -22.11 -11.39
C ASP B 467 19.99 -22.92 -10.92
N PHE B 468 20.94 -23.20 -11.81
CA PHE B 468 22.07 -24.05 -11.46
C PHE B 468 22.82 -23.50 -10.26
N THR B 469 23.19 -24.39 -9.34
CA THR B 469 23.96 -24.04 -8.15
C THR B 469 25.23 -24.89 -8.16
N GLY B 470 26.38 -24.23 -8.33
CA GLY B 470 27.63 -24.95 -8.36
C GLY B 470 28.72 -24.10 -9.00
N CYS B 471 29.74 -24.78 -9.50
CA CYS B 471 30.90 -24.14 -10.07
C CYS B 471 31.27 -24.79 -11.40
N VAL B 472 32.01 -24.04 -12.22
CA VAL B 472 32.47 -24.48 -13.53
C VAL B 472 33.98 -24.33 -13.58
N ILE B 473 34.66 -25.41 -13.97
CA ILE B 473 36.11 -25.46 -14.10
C ILE B 473 36.40 -25.67 -15.58
N ALA B 474 37.27 -24.84 -16.14
CA ALA B 474 37.69 -25.01 -17.53
C ALA B 474 39.18 -24.70 -17.60
N TRP B 475 39.95 -25.61 -18.19
CA TRP B 475 41.38 -25.36 -18.33
C TRP B 475 41.86 -25.84 -19.69
N ASN B 476 42.90 -25.16 -20.17
CA ASN B 476 43.45 -25.47 -21.48
C ASN B 476 44.05 -26.87 -21.49
N SER B 477 43.61 -27.69 -22.43
CA SER B 477 44.12 -29.04 -22.61
C SER B 477 44.71 -29.22 -24.00
N ASN B 478 45.22 -28.14 -24.58
CA ASN B 478 45.79 -28.21 -25.91
C ASN B 478 46.96 -29.20 -25.95
N ASN B 479 47.88 -29.07 -25.00
CA ASN B 479 49.09 -29.89 -25.03
C ASN B 479 48.77 -31.37 -24.88
N LEU B 480 47.71 -31.72 -24.15
CA LEU B 480 47.40 -33.10 -23.84
C LEU B 480 46.32 -33.70 -24.72
N ASP B 481 45.59 -32.89 -25.49
CA ASP B 481 44.51 -33.37 -26.33
C ASP B 481 44.65 -32.98 -27.79
N SER B 482 45.73 -32.30 -28.17
CA SER B 482 45.94 -31.87 -29.54
C SER B 482 46.96 -32.78 -30.21
N LYS B 483 46.58 -33.36 -31.34
CA LYS B 483 47.44 -34.26 -32.10
C LYS B 483 47.80 -33.62 -33.43
N VAL B 484 49.04 -33.85 -33.87
CA VAL B 484 49.47 -33.31 -35.15
C VAL B 484 48.55 -33.79 -36.27
N GLY B 485 48.15 -35.05 -36.23
CA GLY B 485 47.19 -35.58 -37.17
C GLY B 485 45.74 -35.29 -36.85
N GLY B 486 45.48 -34.61 -35.74
CA GLY B 486 44.12 -34.26 -35.37
C GLY B 486 43.47 -35.29 -34.46
N ASN B 487 42.96 -34.84 -33.32
CA ASN B 487 42.30 -35.71 -32.35
C ASN B 487 40.80 -35.62 -32.60
N TYR B 488 40.26 -36.60 -33.31
CA TYR B 488 38.84 -36.63 -33.67
C TYR B 488 38.03 -37.51 -32.74
N ASN B 489 38.60 -37.97 -31.63
CA ASN B 489 37.88 -38.82 -30.70
C ASN B 489 36.72 -38.12 -30.02
N TYR B 490 36.64 -36.80 -30.10
CA TYR B 490 35.59 -36.02 -29.46
C TYR B 490 34.51 -35.69 -30.49
N LEU B 491 33.29 -36.13 -30.23
CA LEU B 491 32.17 -35.96 -31.13
C LEU B 491 31.13 -35.05 -30.48
N TYR B 492 30.54 -34.15 -31.27
CA TYR B 492 29.47 -33.30 -30.79
C TYR B 492 28.32 -33.29 -31.77
N ARG B 493 27.11 -33.14 -31.25
CA ARG B 493 25.91 -33.21 -32.06
C ARG B 493 25.75 -31.95 -32.91
N LEU B 494 25.21 -32.14 -34.11
CA LEU B 494 24.93 -31.04 -35.01
C LEU B 494 23.55 -30.43 -34.75
N PHE B 495 22.54 -31.27 -34.54
CA PHE B 495 21.21 -30.79 -34.25
C PHE B 495 20.42 -31.90 -33.58
N ARG B 496 19.41 -31.49 -32.81
CA ARG B 496 18.50 -32.41 -32.14
C ARG B 496 17.07 -31.97 -32.43
N LYS B 497 16.20 -32.95 -32.66
CA LYS B 497 14.81 -32.63 -32.98
C LYS B 497 14.15 -31.88 -31.83
N SER B 498 14.34 -32.36 -30.62
CA SER B 498 13.87 -31.67 -29.43
C SER B 498 14.92 -30.66 -28.96
N ASN B 499 14.46 -29.68 -28.18
CA ASN B 499 15.35 -28.66 -27.67
C ASN B 499 16.09 -29.22 -26.45
N LEU B 500 16.81 -28.36 -25.74
CA LEU B 500 17.54 -28.79 -24.55
C LEU B 500 16.59 -29.27 -23.47
N LYS B 501 17.07 -30.20 -22.64
CA LYS B 501 16.38 -30.61 -21.44
C LYS B 501 17.47 -30.67 -20.37
N PRO B 502 17.28 -30.00 -19.23
CA PRO B 502 18.40 -29.87 -18.28
C PRO B 502 18.93 -31.22 -17.82
N PHE B 503 20.25 -31.31 -17.73
CA PHE B 503 20.94 -32.47 -17.17
C PHE B 503 20.44 -33.76 -17.80
N GLU B 504 20.69 -33.89 -19.10
CA GLU B 504 20.33 -35.09 -19.84
C GLU B 504 21.46 -35.45 -20.80
N ARG B 505 21.50 -36.72 -21.19
CA ARG B 505 22.48 -37.23 -22.14
C ARG B 505 21.75 -37.92 -23.28
N ASP B 506 22.19 -37.65 -24.51
CA ASP B 506 21.62 -38.24 -25.71
C ASP B 506 22.68 -39.09 -26.39
N ILE B 507 22.35 -40.36 -26.63
CA ILE B 507 23.29 -41.31 -27.25
C ILE B 507 22.68 -41.85 -28.52
N SER B 508 21.85 -41.06 -29.18
CA SER B 508 21.24 -41.49 -30.44
C SER B 508 22.20 -41.26 -31.59
N THR B 509 21.88 -41.90 -32.73
CA THR B 509 22.70 -41.76 -33.92
C THR B 509 21.89 -41.62 -35.21
N GLU B 510 20.56 -41.55 -35.14
CA GLU B 510 19.75 -41.42 -36.33
C GLU B 510 19.76 -39.98 -36.83
N ILE B 511 19.27 -39.79 -38.05
CA ILE B 511 19.26 -38.49 -38.70
C ILE B 511 17.84 -38.19 -39.18
N TYR B 512 17.55 -36.91 -39.34
CA TYR B 512 16.24 -36.42 -39.75
C TYR B 512 16.27 -36.09 -41.23
N GLN B 513 15.13 -36.30 -41.90
CA GLN B 513 15.01 -35.99 -43.32
C GLN B 513 14.98 -34.48 -43.52
N ALA B 514 16.15 -33.85 -43.60
CA ALA B 514 16.23 -32.39 -43.66
C ALA B 514 16.19 -31.87 -45.09
N GLY B 515 17.16 -32.26 -45.91
CA GLY B 515 17.22 -31.75 -47.27
C GLY B 515 18.42 -32.30 -48.01
N SER B 516 18.64 -31.75 -49.21
CA SER B 516 19.72 -32.20 -50.07
C SER B 516 19.66 -33.72 -50.23
N THR B 517 20.54 -34.44 -49.54
CA THR B 517 20.44 -35.89 -49.44
C THR B 517 20.08 -36.24 -48.01
N PRO B 518 18.79 -36.17 -47.64
CA PRO B 518 18.43 -36.30 -46.21
C PRO B 518 18.89 -37.62 -45.63
N CYS B 519 18.45 -38.73 -46.20
CA CYS B 519 18.88 -40.06 -45.77
C CYS B 519 18.17 -41.08 -46.68
N ASN B 520 18.55 -42.34 -46.51
CA ASN B 520 17.94 -43.46 -47.24
C ASN B 520 17.11 -44.28 -46.26
N GLY B 521 15.84 -44.47 -46.58
CA GLY B 521 14.96 -45.19 -45.69
C GLY B 521 14.93 -44.56 -44.32
N VAL B 522 15.55 -45.21 -43.34
CA VAL B 522 15.70 -44.67 -42.00
C VAL B 522 17.15 -44.31 -41.70
N GLU B 523 18.10 -45.17 -42.09
CA GLU B 523 19.51 -44.90 -41.91
C GLU B 523 20.29 -45.61 -43.01
N GLY B 524 21.50 -45.11 -43.24
CA GLY B 524 22.36 -45.70 -44.26
C GLY B 524 23.17 -44.68 -45.02
N PHE B 525 23.42 -44.96 -46.31
CA PHE B 525 24.20 -44.05 -47.13
C PHE B 525 23.40 -42.79 -47.43
N ASN B 526 24.10 -41.79 -47.98
CA ASN B 526 23.54 -40.47 -48.27
C ASN B 526 22.82 -39.89 -47.05
N CYS B 527 23.24 -40.29 -45.86
CA CYS B 527 22.68 -39.79 -44.60
C CYS B 527 23.78 -39.01 -43.88
N TYR B 528 23.57 -37.72 -43.70
CA TYR B 528 24.54 -36.90 -42.99
C TYR B 528 24.55 -37.29 -41.52
N PHE B 529 25.74 -37.59 -40.99
CA PHE B 529 25.84 -38.07 -39.62
C PHE B 529 25.43 -36.96 -38.66
N PRO B 530 24.62 -37.26 -37.63
CA PRO B 530 24.22 -36.22 -36.68
C PRO B 530 25.33 -35.80 -35.73
N LEU B 531 26.51 -36.41 -35.82
CA LEU B 531 27.65 -36.09 -34.96
C LEU B 531 28.84 -35.71 -35.83
N GLN B 532 29.57 -34.68 -35.42
CA GLN B 532 30.80 -34.29 -36.08
C GLN B 532 31.93 -34.26 -35.05
N SER B 533 33.10 -34.71 -35.47
CA SER B 533 34.27 -34.73 -34.60
C SER B 533 34.95 -33.37 -34.61
N TYR B 534 35.99 -33.24 -33.79
CA TYR B 534 36.75 -32.00 -33.67
C TYR B 534 38.16 -32.22 -34.20
N GLY B 535 38.60 -31.35 -35.10
CA GLY B 535 39.96 -31.42 -35.62
C GLY B 535 40.94 -30.71 -34.72
N PHE B 536 41.21 -31.31 -33.56
CA PHE B 536 42.09 -30.70 -32.57
C PHE B 536 43.54 -30.97 -32.96
N GLN B 537 44.26 -29.92 -33.35
CA GLN B 537 45.68 -29.99 -33.67
C GLN B 537 46.43 -28.95 -32.87
N PRO B 538 47.69 -29.22 -32.53
CA PRO B 538 48.46 -28.23 -31.77
C PRO B 538 48.66 -26.93 -32.52
N THR B 539 48.53 -26.94 -33.85
CA THR B 539 48.67 -25.73 -34.64
C THR B 539 47.39 -24.89 -34.68
N ASN B 540 46.26 -25.44 -34.23
CA ASN B 540 45.02 -24.69 -34.25
C ASN B 540 45.11 -23.49 -33.31
N GLY B 541 44.44 -22.40 -33.69
CA GLY B 541 44.51 -21.18 -32.92
C GLY B 541 43.71 -21.24 -31.64
N VAL B 542 43.90 -20.21 -30.81
CA VAL B 542 43.17 -20.14 -29.54
C VAL B 542 41.68 -20.08 -29.82
N GLY B 543 40.92 -20.78 -28.98
CA GLY B 543 39.48 -20.87 -29.18
C GLY B 543 39.11 -22.19 -29.82
N TYR B 544 39.90 -22.63 -30.79
CA TYR B 544 39.73 -23.93 -31.40
C TYR B 544 40.50 -25.03 -30.68
N GLN B 545 41.36 -24.67 -29.72
CA GLN B 545 42.10 -25.66 -28.99
C GLN B 545 41.17 -26.42 -28.04
N PRO B 546 41.48 -27.67 -27.72
CA PRO B 546 40.61 -28.45 -26.83
C PRO B 546 40.78 -28.00 -25.38
N TYR B 547 39.66 -27.68 -24.74
CA TYR B 547 39.64 -27.29 -23.34
C TYR B 547 38.89 -28.35 -22.54
N ARG B 548 39.44 -28.71 -21.39
CA ARG B 548 38.81 -29.70 -20.53
C ARG B 548 37.93 -28.98 -19.51
N VAL B 549 36.66 -29.37 -19.44
CA VAL B 549 35.65 -28.68 -18.65
C VAL B 549 35.01 -29.68 -17.69
N VAL B 550 35.00 -29.32 -16.41
CA VAL B 550 34.38 -30.11 -15.36
C VAL B 550 33.47 -29.19 -14.56
N VAL B 551 32.19 -29.55 -14.46
CA VAL B 551 31.21 -28.74 -13.76
C VAL B 551 30.79 -29.48 -12.50
N LEU B 552 30.87 -28.79 -11.36
CA LEU B 552 30.41 -29.32 -10.08
C LEU B 552 29.03 -28.75 -9.80
N SER B 553 28.07 -29.64 -9.56
CA SER B 553 26.70 -29.27 -9.26
C SER B 553 26.30 -29.92 -7.95
N PHE B 554 25.70 -29.14 -7.05
CA PHE B 554 25.28 -29.69 -5.77
C PHE B 554 24.02 -28.99 -5.29
N GLU B 555 23.27 -29.71 -4.46
CA GLU B 555 22.04 -29.20 -3.86
C GLU B 555 22.22 -29.11 -2.36
N LEU B 556 21.32 -28.37 -1.71
CA LEU B 556 21.41 -28.09 -0.29
C LEU B 556 20.09 -28.38 0.40
N LEU B 557 20.19 -28.83 1.66
CA LEU B 557 19.03 -29.08 2.50
C LEU B 557 18.05 -30.05 1.83
N HIS B 558 18.60 -31.16 1.34
CA HIS B 558 17.79 -32.25 0.81
C HIS B 558 17.92 -33.53 1.63
N ALA B 559 18.91 -33.63 2.51
CA ALA B 559 19.17 -34.85 3.28
C ALA B 559 20.30 -34.56 4.26
N PRO B 560 20.55 -35.45 5.23
CA PRO B 560 21.73 -35.27 6.08
C PRO B 560 22.99 -35.07 5.25
N ALA B 561 23.61 -33.90 5.37
CA ALA B 561 24.76 -33.56 4.54
C ALA B 561 25.89 -34.55 4.76
N THR B 562 26.57 -34.91 3.68
CA THR B 562 27.69 -35.85 3.72
C THR B 562 29.00 -35.25 3.26
N VAL B 563 28.99 -34.13 2.55
CA VAL B 563 30.20 -33.44 2.11
C VAL B 563 30.23 -32.08 2.77
N CYS B 564 31.34 -31.79 3.46
CA CYS B 564 31.44 -30.58 4.27
C CYS B 564 32.86 -30.04 4.17
N GLY B 565 33.16 -29.04 5.00
CA GLY B 565 34.47 -28.45 5.02
C GLY B 565 35.52 -29.43 5.52
N PRO B 566 36.78 -29.00 5.51
CA PRO B 566 37.88 -29.95 5.75
C PRO B 566 37.78 -30.64 7.11
N LYS B 567 37.86 -29.88 8.20
CA LYS B 567 37.59 -30.45 9.52
C LYS B 567 36.69 -29.58 10.37
N LYS B 568 36.89 -28.26 10.37
CA LYS B 568 36.18 -27.33 11.26
C LYS B 568 35.94 -27.97 12.63
N SER B 569 37.02 -28.48 13.22
CA SER B 569 36.90 -29.11 14.54
C SER B 569 36.43 -28.10 15.58
N THR B 570 35.56 -28.56 16.48
CA THR B 570 34.94 -27.66 17.45
C THR B 570 34.41 -28.49 18.62
N ASN B 571 33.74 -27.81 19.54
CA ASN B 571 33.20 -28.43 20.74
C ASN B 571 31.79 -27.92 20.98
N LEU B 572 31.05 -28.63 21.84
CA LEU B 572 29.65 -28.34 22.10
C LEU B 572 29.50 -27.61 23.44
N VAL B 573 28.58 -26.64 23.46
CA VAL B 573 28.25 -25.90 24.67
C VAL B 573 26.73 -25.78 24.76
N LYS B 574 26.21 -25.85 25.99
CA LYS B 574 24.77 -25.86 26.22
C LYS B 574 24.39 -24.80 27.24
N ASN B 575 23.10 -24.44 27.22
CA ASN B 575 22.53 -23.50 28.18
C ASN B 575 23.27 -22.16 28.15
N LYS B 576 23.60 -21.69 26.95
CA LYS B 576 24.26 -20.41 26.78
C LYS B 576 24.00 -19.89 25.38
N CYS B 577 23.71 -18.59 25.28
CA CYS B 577 23.46 -17.97 23.98
C CYS B 577 24.75 -17.96 23.17
N VAL B 578 24.81 -18.81 22.15
CA VAL B 578 26.01 -19.00 21.35
C VAL B 578 25.63 -19.05 19.88
N ASN B 579 26.65 -18.94 19.02
CA ASN B 579 26.49 -19.09 17.59
C ASN B 579 26.74 -20.55 17.22
N PHE B 580 25.73 -21.20 16.66
CA PHE B 580 25.82 -22.60 16.29
C PHE B 580 25.89 -22.74 14.78
N ASN B 581 26.53 -23.83 14.33
CA ASN B 581 26.65 -24.14 12.91
C ASN B 581 26.64 -25.66 12.78
N PHE B 582 25.46 -26.21 12.54
CA PHE B 582 25.27 -27.66 12.42
C PHE B 582 25.16 -28.01 10.94
N ASN B 583 26.25 -28.51 10.37
CA ASN B 583 26.26 -28.91 8.96
C ASN B 583 25.87 -27.75 8.05
N GLY B 584 26.34 -26.55 8.39
CA GLY B 584 26.00 -25.36 7.64
C GLY B 584 24.72 -24.67 8.08
N LEU B 585 23.97 -25.26 9.00
CA LEU B 585 22.74 -24.65 9.51
C LEU B 585 23.12 -23.60 10.56
N THR B 586 23.74 -22.53 10.07
CA THR B 586 24.23 -21.49 10.95
C THR B 586 23.08 -20.71 11.58
N GLY B 587 23.30 -20.28 12.82
CA GLY B 587 22.30 -19.51 13.54
C GLY B 587 22.82 -19.11 14.89
N THR B 588 21.98 -18.41 15.64
CA THR B 588 22.32 -17.96 16.98
C THR B 588 21.20 -18.32 17.94
N GLY B 589 21.56 -18.79 19.12
CA GLY B 589 20.54 -19.13 20.09
C GLY B 589 21.13 -19.90 21.26
N VAL B 590 20.23 -20.39 22.11
CA VAL B 590 20.57 -21.16 23.29
C VAL B 590 20.20 -22.61 23.00
N LEU B 591 21.17 -23.51 23.13
CA LEU B 591 20.96 -24.92 22.91
C LEU B 591 20.65 -25.60 24.24
N THR B 592 19.55 -26.34 24.28
CA THR B 592 19.09 -26.98 25.49
C THR B 592 18.82 -28.45 25.21
N GLU B 593 18.89 -29.26 26.27
CA GLU B 593 18.52 -30.66 26.14
C GLU B 593 17.03 -30.75 25.84
N SER B 594 16.68 -31.55 24.84
CA SER B 594 15.32 -31.62 24.32
C SER B 594 14.71 -32.99 24.58
N ASN B 595 13.44 -33.00 24.95
CA ASN B 595 12.69 -34.23 25.15
C ASN B 595 11.90 -34.64 23.92
N LYS B 596 12.04 -33.92 22.80
CA LYS B 596 11.34 -34.29 21.59
C LYS B 596 11.74 -35.68 21.14
N LYS B 597 10.76 -36.49 20.74
CA LYS B 597 11.00 -37.87 20.33
C LYS B 597 11.22 -37.92 18.82
N PHE B 598 12.38 -37.42 18.41
CA PHE B 598 12.77 -37.49 17.01
C PHE B 598 12.80 -38.94 16.54
N LEU B 599 12.25 -39.18 15.35
CA LEU B 599 12.35 -40.50 14.76
C LEU B 599 13.77 -40.74 14.25
N PRO B 600 14.16 -42.00 14.08
CA PRO B 600 15.55 -42.28 13.71
C PRO B 600 16.01 -41.59 12.44
N PHE B 601 15.12 -41.34 11.50
CA PHE B 601 15.47 -40.76 10.21
C PHE B 601 15.32 -39.25 10.16
N GLN B 602 14.88 -38.61 11.24
CA GLN B 602 14.61 -37.18 11.24
C GLN B 602 15.82 -36.41 11.78
N GLN B 603 16.16 -35.32 11.11
CA GLN B 603 17.34 -34.52 11.45
C GLN B 603 16.97 -33.15 12.03
N PHE B 604 16.21 -32.36 11.29
CA PHE B 604 15.83 -31.02 11.73
C PHE B 604 14.44 -31.04 12.35
N GLY B 605 14.08 -29.92 12.96
CA GLY B 605 12.76 -29.78 13.56
C GLY B 605 12.19 -28.39 13.39
N ARG B 606 10.91 -28.29 13.04
CA ARG B 606 10.27 -27.03 12.72
C ARG B 606 9.13 -26.76 13.68
N ASP B 607 8.86 -25.47 13.89
CA ASP B 607 7.77 -25.03 14.76
C ASP B 607 6.49 -24.88 13.93
N ILE B 608 5.44 -24.31 14.53
CA ILE B 608 4.21 -24.08 13.80
C ILE B 608 4.43 -23.07 12.68
N ALA B 609 5.29 -22.08 12.93
CA ALA B 609 5.60 -21.05 11.95
C ALA B 609 6.70 -21.45 10.99
N ASP B 610 7.06 -22.73 10.94
CA ASP B 610 8.09 -23.23 10.04
C ASP B 610 9.43 -22.55 10.32
N THR B 611 9.90 -22.72 11.56
CA THR B 611 11.17 -22.19 12.02
C THR B 611 11.98 -23.30 12.66
N THR B 612 13.28 -23.32 12.39
CA THR B 612 14.16 -24.37 12.88
C THR B 612 14.31 -24.22 14.39
N ASP B 613 13.58 -25.04 15.13
CA ASP B 613 13.56 -24.97 16.59
C ASP B 613 14.22 -26.16 17.27
N ALA B 614 14.58 -27.20 16.52
CA ALA B 614 15.26 -28.34 17.10
C ALA B 614 16.18 -28.94 16.05
N VAL B 615 17.36 -29.38 16.50
CA VAL B 615 18.36 -29.97 15.62
C VAL B 615 18.87 -31.25 16.25
N ARG B 616 19.56 -32.05 15.45
CA ARG B 616 20.20 -33.28 15.92
C ARG B 616 21.69 -33.15 15.71
N ASP B 617 22.45 -33.27 16.78
CA ASP B 617 23.90 -33.15 16.69
C ASP B 617 24.43 -34.31 15.87
N PRO B 618 25.13 -34.07 14.75
CA PRO B 618 25.62 -35.21 13.96
C PRO B 618 26.76 -35.93 14.64
N GLN B 619 27.59 -35.22 15.42
CA GLN B 619 28.69 -35.89 16.12
C GLN B 619 28.16 -36.95 17.06
N THR B 620 27.44 -36.54 18.09
CA THR B 620 26.71 -37.44 18.97
C THR B 620 25.23 -37.29 18.66
N LEU B 621 24.59 -38.39 18.27
CA LEU B 621 23.22 -38.35 17.78
C LEU B 621 22.29 -38.07 18.95
N GLU B 622 22.16 -36.79 19.28
CA GLU B 622 21.27 -36.33 20.34
C GLU B 622 20.49 -35.12 19.86
N ILE B 623 19.30 -34.94 20.41
CA ILE B 623 18.39 -33.89 19.99
C ILE B 623 18.56 -32.69 20.90
N LEU B 624 18.74 -31.51 20.29
CA LEU B 624 18.93 -30.26 21.02
C LEU B 624 17.87 -29.26 20.60
N ASP B 625 17.18 -28.68 21.56
CA ASP B 625 16.25 -27.58 21.32
C ASP B 625 17.02 -26.28 21.16
N ILE B 626 16.47 -25.38 20.34
CA ILE B 626 17.06 -24.08 20.06
C ILE B 626 16.07 -23.02 20.49
N THR B 627 16.53 -22.09 21.33
CA THR B 627 15.69 -21.00 21.80
C THR B 627 16.41 -19.68 21.52
N PRO B 628 15.79 -18.73 20.82
CA PRO B 628 16.51 -17.50 20.49
C PRO B 628 16.96 -16.77 21.74
N CYS B 629 18.12 -16.13 21.66
CA CYS B 629 18.66 -15.41 22.79
C CYS B 629 17.68 -14.33 23.23
N SER B 630 17.67 -14.06 24.54
CA SER B 630 16.68 -13.15 25.10
C SER B 630 16.74 -11.79 24.42
N PHE B 631 15.58 -11.23 24.15
CA PHE B 631 15.48 -9.92 23.51
C PHE B 631 14.17 -9.28 23.92
N GLY B 632 14.11 -7.96 23.76
CA GLY B 632 12.89 -7.24 24.06
C GLY B 632 13.09 -5.74 24.05
N GLY B 633 11.98 -5.04 24.08
CA GLY B 633 12.03 -3.59 24.08
C GLY B 633 12.61 -3.03 25.35
N VAL B 634 13.13 -1.80 25.26
CA VAL B 634 13.61 -1.06 26.41
C VAL B 634 12.88 0.28 26.43
N SER B 635 12.24 0.59 27.55
CA SER B 635 11.54 1.85 27.73
C SER B 635 12.20 2.61 28.87
N VAL B 636 12.17 3.93 28.81
CA VAL B 636 12.77 4.78 29.84
C VAL B 636 11.66 5.56 30.51
N ILE B 637 11.49 5.33 31.81
CA ILE B 637 10.54 6.06 32.63
C ILE B 637 11.29 7.24 33.25
N THR B 638 10.86 8.46 32.93
CA THR B 638 11.50 9.64 33.44
C THR B 638 10.45 10.67 33.83
N PRO B 639 10.64 11.36 34.96
CA PRO B 639 9.78 12.52 35.23
C PRO B 639 10.18 13.68 34.33
N GLY B 640 9.58 14.85 34.53
CA GLY B 640 9.93 16.00 33.72
C GLY B 640 11.42 16.28 33.78
N THR B 641 11.99 16.70 32.65
CA THR B 641 13.43 16.97 32.61
C THR B 641 13.82 18.02 33.65
N ASN B 642 12.90 18.93 33.97
CA ASN B 642 13.20 20.05 34.87
C ASN B 642 12.74 19.80 36.30
N THR B 643 12.46 18.55 36.65
CA THR B 643 12.26 18.15 38.03
C THR B 643 13.32 17.18 38.51
N SER B 644 13.85 16.33 37.64
CA SER B 644 14.95 15.45 37.99
C SER B 644 15.57 14.91 36.71
N ASN B 645 16.87 14.64 36.78
CA ASN B 645 17.56 13.89 35.75
C ASN B 645 17.60 12.40 36.05
N GLN B 646 17.09 11.98 37.19
CA GLN B 646 17.04 10.56 37.53
C GLN B 646 16.00 9.86 36.67
N VAL B 647 16.32 8.64 36.24
CA VAL B 647 15.43 7.86 35.38
C VAL B 647 15.44 6.41 35.82
N ALA B 648 14.45 5.67 35.32
CA ALA B 648 14.38 4.22 35.48
C ALA B 648 14.22 3.61 34.10
N VAL B 649 14.57 2.32 33.99
CA VAL B 649 14.50 1.62 32.72
C VAL B 649 13.69 0.35 32.89
N LEU B 650 12.80 0.10 31.92
CA LEU B 650 11.96 -1.09 31.90
C LEU B 650 12.41 -1.95 30.72
N TYR B 651 12.96 -3.12 31.05
CA TYR B 651 13.33 -4.13 30.06
C TYR B 651 12.08 -5.00 29.88
N GLN B 652 11.37 -4.78 28.78
CA GLN B 652 10.04 -5.35 28.59
C GLN B 652 10.16 -6.79 28.11
N GLY B 653 9.77 -7.74 28.96
CA GLY B 653 9.79 -9.14 28.63
C GLY B 653 11.07 -9.85 29.00
N VAL B 654 12.15 -9.11 29.25
CA VAL B 654 13.41 -9.74 29.65
C VAL B 654 13.26 -10.36 31.04
N ASN B 655 12.60 -9.64 31.95
CA ASN B 655 12.12 -10.10 33.25
C ASN B 655 13.21 -10.20 34.30
N CYS B 656 14.36 -9.53 34.09
CA CYS B 656 15.51 -9.66 34.99
C CYS B 656 16.17 -11.02 34.79
N THR B 657 17.34 -11.19 35.38
CA THR B 657 18.16 -12.40 35.34
C THR B 657 18.80 -12.60 33.97
N GLU B 658 18.44 -11.81 32.97
CA GLU B 658 19.19 -11.70 31.73
C GLU B 658 19.78 -10.31 31.55
N VAL B 659 19.12 -9.29 32.08
CA VAL B 659 19.69 -7.94 32.05
C VAL B 659 21.04 -7.89 32.75
N PRO B 660 21.19 -8.38 33.99
CA PRO B 660 22.50 -8.25 34.66
C PRO B 660 23.62 -8.94 33.91
N VAL B 661 23.33 -10.03 33.19
CA VAL B 661 24.38 -10.79 32.52
C VAL B 661 24.57 -10.40 31.05
N ALA B 662 23.64 -9.64 30.47
CA ALA B 662 23.68 -9.31 29.05
C ALA B 662 23.52 -7.81 28.87
N ILE B 663 23.62 -7.37 27.61
CA ILE B 663 23.54 -5.98 27.23
C ILE B 663 22.82 -5.89 25.89
N HIS B 664 22.65 -4.65 25.41
CA HIS B 664 22.00 -4.43 24.12
C HIS B 664 22.89 -4.94 22.98
N THR B 671 26.94 -0.07 25.75
CA THR B 671 25.66 -0.20 26.43
C THR B 671 25.75 0.37 27.85
N TRP B 672 24.90 1.33 28.14
CA TRP B 672 24.87 1.93 29.47
C TRP B 672 24.49 0.89 30.51
N ARG B 673 25.13 0.98 31.68
CA ARG B 673 24.82 0.09 32.79
C ARG B 673 24.81 0.82 34.13
N VAL B 674 24.58 2.13 34.12
CA VAL B 674 24.62 2.90 35.37
C VAL B 674 23.64 2.33 36.38
N TYR B 675 22.42 2.02 35.92
CA TYR B 675 21.41 1.40 36.77
C TYR B 675 21.23 -0.09 36.49
N SER B 676 21.65 -0.56 35.32
CA SER B 676 21.55 -1.98 35.02
C SER B 676 22.37 -2.83 35.98
N THR B 677 23.31 -2.21 36.70
CA THR B 677 24.10 -2.94 37.69
C THR B 677 23.19 -3.62 38.70
N GLY B 678 22.21 -2.88 39.22
CA GLY B 678 21.26 -3.44 40.16
C GLY B 678 20.95 -2.55 41.34
N SER B 679 20.68 -3.16 42.49
CA SER B 679 20.31 -2.54 43.74
C SER B 679 18.86 -2.08 43.76
N ASN B 680 18.15 -2.10 42.63
CA ASN B 680 16.74 -1.73 42.61
C ASN B 680 15.92 -2.63 41.69
N VAL B 681 16.48 -3.72 41.17
CA VAL B 681 15.75 -4.57 40.24
C VAL B 681 14.45 -5.02 40.88
N PHE B 682 13.37 -4.95 40.09
CA PHE B 682 12.06 -5.33 40.58
C PHE B 682 11.28 -5.92 39.40
N GLN B 683 10.90 -7.18 39.52
CA GLN B 683 10.24 -7.86 38.42
C GLN B 683 8.77 -7.50 38.34
N THR B 684 8.28 -7.31 37.12
CA THR B 684 6.88 -6.98 36.88
C THR B 684 6.38 -7.79 35.69
N ARG B 685 5.05 -7.77 35.51
CA ARG B 685 4.47 -8.50 34.39
C ARG B 685 4.98 -7.97 33.06
N ALA B 686 5.06 -6.64 32.93
CA ALA B 686 5.59 -6.05 31.71
C ALA B 686 7.05 -6.44 31.51
N GLY B 687 7.83 -6.47 32.59
CA GLY B 687 9.22 -6.84 32.49
C GLY B 687 9.97 -6.37 33.73
N CYS B 688 11.29 -6.28 33.56
CA CYS B 688 12.17 -5.88 34.66
C CYS B 688 12.18 -4.37 34.78
N LEU B 689 11.95 -3.85 35.99
CA LEU B 689 12.01 -2.43 36.25
C LEU B 689 13.24 -2.16 37.09
N ILE B 690 14.11 -1.27 36.63
CA ILE B 690 15.39 -1.01 37.26
C ILE B 690 15.50 0.49 37.50
N GLY B 691 16.02 0.87 38.67
CA GLY B 691 16.13 2.26 39.04
C GLY B 691 14.95 2.82 39.78
N ALA B 692 13.88 2.04 39.96
CA ALA B 692 12.70 2.48 40.69
C ALA B 692 12.49 1.58 41.90
N GLU B 693 11.96 2.16 42.96
CA GLU B 693 11.74 1.46 44.22
C GLU B 693 10.28 1.07 44.34
N HIS B 694 10.03 -0.18 44.72
CA HIS B 694 8.68 -0.68 44.88
C HIS B 694 8.16 -0.34 46.27
N VAL B 695 6.95 0.18 46.34
CA VAL B 695 6.34 0.66 47.58
C VAL B 695 5.00 -0.01 47.76
N ASN B 696 4.69 -0.40 49.00
CA ASN B 696 3.44 -1.10 49.25
C ASN B 696 2.28 -0.22 48.82
N ASN B 697 2.40 1.05 49.18
CA ASN B 697 1.32 2.01 49.12
C ASN B 697 0.84 2.21 47.69
N SER B 698 -0.46 2.46 47.55
CA SER B 698 -1.09 2.63 46.26
C SER B 698 -1.57 4.07 46.09
N TYR B 699 -1.28 4.65 44.93
CA TYR B 699 -1.73 6.00 44.61
C TYR B 699 -2.38 6.02 43.24
N GLU B 700 -2.72 7.21 42.75
CA GLU B 700 -3.22 7.35 41.40
C GLU B 700 -2.10 7.11 40.39
N CYS B 701 -2.46 6.55 39.25
CA CYS B 701 -1.49 6.27 38.21
C CYS B 701 -0.93 7.57 37.66
N ASP B 702 0.40 7.66 37.58
CA ASP B 702 1.08 8.83 37.03
C ASP B 702 1.77 8.50 35.71
N ILE B 703 2.63 7.50 35.70
CA ILE B 703 3.26 7.03 34.47
C ILE B 703 2.93 5.55 34.32
N PRO B 704 2.03 5.16 33.41
CA PRO B 704 1.68 3.74 33.30
C PRO B 704 2.87 2.91 32.83
N ILE B 705 2.89 1.65 33.25
CA ILE B 705 3.91 0.70 32.82
C ILE B 705 3.28 -0.54 32.20
N GLY B 706 2.33 -1.14 32.89
CA GLY B 706 1.63 -2.31 32.38
C GLY B 706 1.21 -3.21 33.52
N ALA B 707 0.14 -3.96 33.28
CA ALA B 707 -0.39 -4.90 34.27
C ALA B 707 -0.73 -4.20 35.58
N GLY B 708 -1.18 -2.95 35.51
CA GLY B 708 -1.60 -2.22 36.68
C GLY B 708 -0.49 -1.54 37.46
N ILE B 709 0.73 -1.57 36.98
CA ILE B 709 1.86 -0.94 37.67
C ILE B 709 2.06 0.45 37.10
N CYS B 710 2.24 1.43 37.98
CA CYS B 710 2.48 2.80 37.57
C CYS B 710 3.64 3.37 38.38
N ALA B 711 4.43 4.22 37.73
CA ALA B 711 5.59 4.83 38.34
C ALA B 711 5.38 6.33 38.49
N SER B 712 5.96 6.89 39.54
CA SER B 712 5.82 8.31 39.82
C SER B 712 7.03 8.79 40.61
N TYR B 713 7.27 10.10 40.56
CA TYR B 713 8.39 10.71 41.24
C TYR B 713 7.90 11.29 42.57
N GLN B 714 8.48 10.81 43.68
CA GLN B 714 8.02 11.21 45.00
C GLN B 714 9.15 11.07 46.00
N THR B 715 8.95 11.64 47.18
CA THR B 715 9.94 11.55 48.25
C THR B 715 10.21 10.11 48.62
N SER B 728 16.60 12.24 48.82
CA SER B 728 15.25 12.10 49.34
C SER B 728 14.28 11.69 48.23
N GLN B 729 14.11 12.57 47.25
CA GLN B 729 13.21 12.29 46.14
C GLN B 729 13.77 11.19 45.25
N SER B 730 12.88 10.38 44.69
CA SER B 730 13.27 9.26 43.84
C SER B 730 12.04 8.78 43.09
N ILE B 731 12.27 7.83 42.19
CA ILE B 731 11.21 7.23 41.37
C ILE B 731 10.69 5.99 42.09
N ILE B 732 9.38 5.88 42.20
CA ILE B 732 8.72 4.78 42.88
C ILE B 732 7.78 4.09 41.91
N ALA B 733 7.58 2.80 42.12
CA ALA B 733 6.64 2.00 41.35
C ALA B 733 5.62 1.39 42.30
N TYR B 734 4.35 1.42 41.90
CA TYR B 734 3.29 0.98 42.79
C TYR B 734 2.12 0.43 41.98
N THR B 735 1.28 -0.34 42.65
CA THR B 735 0.05 -0.82 42.05
C THR B 735 -1.01 0.28 42.11
N MET B 736 -1.44 0.76 40.94
CA MET B 736 -2.33 1.91 40.90
C MET B 736 -3.62 1.61 41.64
N SER B 737 -4.15 2.64 42.30
CA SER B 737 -5.41 2.55 43.02
C SER B 737 -6.52 3.18 42.18
N LEU B 738 -7.59 2.42 41.96
CA LEU B 738 -8.66 2.91 41.10
C LEU B 738 -9.34 4.14 41.70
N GLY B 739 -9.54 4.15 43.01
CA GLY B 739 -10.18 5.27 43.65
C GLY B 739 -10.37 5.02 45.13
N ALA B 740 -11.06 5.95 45.77
CA ALA B 740 -11.33 5.86 47.20
C ALA B 740 -12.60 5.04 47.44
N GLU B 741 -12.49 4.01 48.26
CA GLU B 741 -13.65 3.20 48.59
C GLU B 741 -14.72 4.07 49.23
N ASN B 742 -15.97 3.86 48.82
CA ASN B 742 -17.11 4.63 49.34
C ASN B 742 -18.27 3.67 49.51
N SER B 743 -18.40 3.11 50.72
CA SER B 743 -19.50 2.20 51.04
C SER B 743 -20.75 3.04 51.25
N VAL B 744 -21.64 3.02 50.27
CA VAL B 744 -22.87 3.80 50.39
C VAL B 744 -23.66 3.29 51.60
N ALA B 745 -24.51 4.18 52.13
CA ALA B 745 -25.30 3.88 53.32
C ALA B 745 -26.68 3.36 52.98
N TYR B 746 -26.78 2.59 51.91
CA TYR B 746 -28.07 2.13 51.42
C TYR B 746 -28.85 1.41 52.50
N SER B 747 -30.12 1.77 52.65
CA SER B 747 -31.05 1.03 53.48
C SER B 747 -32.32 0.79 52.68
N ASN B 748 -33.37 0.27 53.30
CA ASN B 748 -34.65 0.09 52.62
C ASN B 748 -35.68 1.12 53.04
N ASN B 749 -35.32 2.07 53.92
CA ASN B 749 -36.21 3.16 54.27
C ASN B 749 -35.49 4.49 54.45
N SER B 750 -34.34 4.67 53.80
CA SER B 750 -33.54 5.89 53.94
C SER B 750 -33.25 6.46 52.57
N ILE B 751 -33.43 7.77 52.41
CA ILE B 751 -33.20 8.43 51.13
C ILE B 751 -32.46 9.73 51.37
N ALA B 752 -31.47 10.01 50.51
CA ALA B 752 -30.67 11.22 50.58
C ALA B 752 -31.17 12.19 49.51
N ILE B 753 -31.53 13.40 49.92
CA ILE B 753 -32.05 14.42 49.02
C ILE B 753 -31.16 15.65 49.15
N PRO B 754 -30.77 16.28 48.06
CA PRO B 754 -29.97 17.51 48.17
C PRO B 754 -30.78 18.68 48.70
N THR B 755 -30.08 19.57 49.40
CA THR B 755 -30.63 20.84 49.86
C THR B 755 -29.91 22.02 49.21
N ASN B 756 -29.06 21.75 48.23
CA ASN B 756 -28.30 22.77 47.53
C ASN B 756 -27.95 22.28 46.13
N PHE B 757 -27.34 23.18 45.36
CA PHE B 757 -26.87 22.90 44.03
C PHE B 757 -25.66 23.77 43.73
N THR B 758 -24.89 23.37 42.74
CA THR B 758 -23.80 24.18 42.22
C THR B 758 -23.87 24.15 40.70
N ILE B 759 -23.57 25.28 40.08
CA ILE B 759 -23.55 25.40 38.63
C ILE B 759 -22.11 25.24 38.17
N SER B 760 -21.85 24.22 37.36
CA SER B 760 -20.51 23.88 36.91
C SER B 760 -20.39 24.14 35.43
N VAL B 761 -19.37 24.89 35.04
CA VAL B 761 -19.07 25.18 33.64
C VAL B 761 -17.79 24.42 33.30
N THR B 762 -17.91 23.44 32.42
CA THR B 762 -16.79 22.59 32.04
C THR B 762 -16.51 22.72 30.56
N THR B 763 -15.24 22.77 30.20
CA THR B 763 -14.83 22.91 28.81
C THR B 763 -14.67 21.53 28.16
N GLU B 764 -14.91 21.48 26.85
CA GLU B 764 -14.71 20.26 26.09
C GLU B 764 -14.20 20.63 24.71
N ILE B 765 -13.04 20.12 24.33
CA ILE B 765 -12.38 20.47 23.08
C ILE B 765 -12.56 19.33 22.10
N LEU B 766 -12.92 19.66 20.85
CA LEU B 766 -13.12 18.66 19.81
C LEU B 766 -12.44 19.14 18.53
N PRO B 767 -11.52 18.37 17.96
CA PRO B 767 -11.00 18.72 16.62
C PRO B 767 -12.11 18.63 15.58
N VAL B 768 -12.02 19.49 14.57
CA VAL B 768 -13.01 19.55 13.51
C VAL B 768 -12.39 19.34 12.13
N SER B 769 -11.25 19.98 11.86
CA SER B 769 -10.64 19.89 10.55
C SER B 769 -9.13 19.95 10.68
N MET B 770 -8.44 19.51 9.63
CA MET B 770 -6.99 19.57 9.57
C MET B 770 -6.58 20.30 8.29
N THR B 771 -5.32 20.73 8.26
CA THR B 771 -4.83 21.51 7.13
C THR B 771 -5.02 20.74 5.83
N LYS B 772 -5.49 21.43 4.81
CA LYS B 772 -5.69 20.85 3.49
C LYS B 772 -4.40 20.95 2.71
N THR B 773 -3.86 19.81 2.28
CA THR B 773 -2.60 19.75 1.57
C THR B 773 -2.79 19.09 0.21
N SER B 774 -2.12 19.63 -0.80
CA SER B 774 -2.08 19.04 -2.13
C SER B 774 -0.63 18.80 -2.50
N VAL B 775 -0.33 17.60 -2.98
CA VAL B 775 1.03 17.20 -3.33
C VAL B 775 1.05 16.86 -4.81
N ASP B 776 1.86 17.58 -5.57
CA ASP B 776 2.05 17.30 -6.99
C ASP B 776 2.91 16.06 -7.12
N CYS B 777 2.31 14.95 -7.54
CA CYS B 777 3.02 13.68 -7.63
C CYS B 777 4.23 13.80 -8.55
N THR B 778 4.03 14.37 -9.74
CA THR B 778 5.11 14.45 -10.71
C THR B 778 6.25 15.32 -10.18
N MET B 779 5.93 16.48 -9.62
CA MET B 779 6.96 17.36 -9.10
C MET B 779 7.72 16.70 -7.95
N TYR B 780 6.99 16.04 -7.05
CA TYR B 780 7.64 15.43 -5.90
C TYR B 780 8.59 14.31 -6.33
N ILE B 781 8.12 13.43 -7.21
CA ILE B 781 8.93 12.27 -7.59
C ILE B 781 10.08 12.68 -8.51
N CYS B 782 9.79 13.51 -9.50
CA CYS B 782 10.70 13.81 -10.61
C CYS B 782 10.89 15.31 -10.76
N GLY B 783 11.18 16.00 -9.65
CA GLY B 783 11.30 17.43 -9.70
C GLY B 783 12.21 17.93 -10.80
N ASP B 784 11.64 18.56 -11.81
CA ASP B 784 12.38 19.15 -12.92
C ASP B 784 13.33 18.13 -13.56
N SER B 785 12.73 17.09 -14.14
CA SER B 785 13.51 16.05 -14.82
C SER B 785 12.63 15.42 -15.89
N THR B 786 12.91 15.75 -17.15
CA THR B 786 12.10 15.20 -18.25
C THR B 786 12.25 13.69 -18.33
N GLU B 787 13.47 13.17 -18.17
CA GLU B 787 13.68 11.73 -18.24
C GLU B 787 12.92 11.01 -17.13
N CYS B 788 12.99 11.54 -15.91
CA CYS B 788 12.28 10.92 -14.80
C CYS B 788 10.77 11.00 -15.01
N SER B 789 10.27 12.12 -15.54
CA SER B 789 8.85 12.22 -15.83
C SER B 789 8.43 11.19 -16.87
N ASN B 790 9.23 11.02 -17.92
CA ASN B 790 8.90 10.03 -18.94
C ASN B 790 8.88 8.63 -18.35
N LEU B 791 9.86 8.32 -17.50
CA LEU B 791 9.87 7.00 -16.85
C LEU B 791 8.65 6.82 -15.97
N LEU B 792 8.28 7.86 -15.22
CA LEU B 792 7.12 7.78 -14.33
C LEU B 792 5.83 7.61 -15.10
N LEU B 793 5.77 8.11 -16.33
CA LEU B 793 4.56 7.96 -17.13
C LEU B 793 4.17 6.49 -17.30
N GLN B 794 5.15 5.59 -17.21
CA GLN B 794 4.86 4.18 -17.48
C GLN B 794 4.00 3.56 -16.40
N TYR B 795 4.02 4.11 -15.18
CA TYR B 795 3.33 3.48 -14.06
C TYR B 795 1.83 3.65 -14.11
N GLY B 796 1.31 4.50 -14.98
CA GLY B 796 -0.12 4.62 -15.18
C GLY B 796 -0.71 5.81 -14.43
N SER B 797 -1.72 5.54 -13.62
CA SER B 797 -2.54 6.59 -13.00
C SER B 797 -2.33 6.69 -11.50
N PHE B 798 -1.17 6.26 -10.99
CA PHE B 798 -0.94 6.38 -9.55
C PHE B 798 -0.94 7.84 -9.11
N CYS B 799 -0.30 8.71 -9.89
CA CYS B 799 -0.29 10.12 -9.53
C CYS B 799 -1.70 10.70 -9.52
N THR B 800 -2.51 10.35 -10.52
CA THR B 800 -3.88 10.83 -10.56
C THR B 800 -4.67 10.33 -9.35
N GLN B 801 -4.48 9.06 -8.98
CA GLN B 801 -5.19 8.52 -7.83
C GLN B 801 -4.81 9.26 -6.55
N LEU B 802 -3.51 9.50 -6.36
CA LEU B 802 -3.07 10.20 -5.16
C LEU B 802 -3.63 11.62 -5.12
N ASN B 803 -3.59 12.33 -6.25
CA ASN B 803 -4.12 13.68 -6.28
C ASN B 803 -5.61 13.68 -5.99
N ARG B 804 -6.35 12.71 -6.55
CA ARG B 804 -7.78 12.65 -6.30
C ARG B 804 -8.07 12.40 -4.82
N ALA B 805 -7.29 11.51 -4.19
CA ALA B 805 -7.50 11.24 -2.77
C ALA B 805 -7.24 12.50 -1.94
N LEU B 806 -6.15 13.20 -2.23
CA LEU B 806 -5.84 14.40 -1.47
C LEU B 806 -6.92 15.48 -1.68
N THR B 807 -7.42 15.61 -2.91
CA THR B 807 -8.48 16.57 -3.16
C THR B 807 -9.74 16.19 -2.39
N GLY B 808 -10.07 14.91 -2.34
CA GLY B 808 -11.20 14.48 -1.54
C GLY B 808 -11.06 14.86 -0.08
N ILE B 809 -9.87 14.62 0.48
CA ILE B 809 -9.63 15.00 1.87
C ILE B 809 -9.80 16.51 2.06
N ALA B 810 -9.24 17.29 1.12
CA ALA B 810 -9.32 18.75 1.25
C ALA B 810 -10.77 19.23 1.24
N VAL B 811 -11.58 18.70 0.32
CA VAL B 811 -12.99 19.07 0.28
C VAL B 811 -13.69 18.62 1.56
N GLU B 812 -13.32 17.45 2.07
CA GLU B 812 -13.95 16.94 3.28
C GLU B 812 -13.69 17.85 4.47
N GLN B 813 -12.52 18.47 4.53
CA GLN B 813 -12.25 19.39 5.64
C GLN B 813 -13.24 20.55 5.65
N ASP B 814 -13.44 21.17 4.49
CA ASP B 814 -14.39 22.27 4.41
C ASP B 814 -15.80 21.80 4.73
N LYS B 815 -16.16 20.61 4.26
CA LYS B 815 -17.48 20.08 4.60
C LYS B 815 -17.63 19.91 6.10
N ASN B 816 -16.58 19.42 6.76
CA ASN B 816 -16.63 19.24 8.21
C ASN B 816 -16.86 20.57 8.92
N THR B 817 -16.07 21.58 8.56
CA THR B 817 -16.24 22.88 9.22
C THR B 817 -17.63 23.44 8.96
N GLN B 818 -18.11 23.33 7.72
CA GLN B 818 -19.46 23.81 7.39
C GLN B 818 -20.50 23.12 8.27
N GLU B 819 -20.45 21.78 8.33
CA GLU B 819 -21.45 21.05 9.09
C GLU B 819 -21.40 21.42 10.56
N VAL B 820 -20.19 21.58 11.11
CA VAL B 820 -20.08 21.86 12.54
C VAL B 820 -20.63 23.25 12.86
N PHE B 821 -20.25 24.25 12.08
CA PHE B 821 -20.50 25.63 12.47
C PHE B 821 -21.73 26.25 11.81
N ALA B 822 -21.87 26.14 10.50
CA ALA B 822 -22.94 26.80 9.77
C ALA B 822 -24.26 26.08 10.05
N GLN B 823 -24.81 26.33 11.24
CA GLN B 823 -26.07 25.73 11.65
C GLN B 823 -27.16 26.76 11.90
N VAL B 824 -26.95 28.01 11.50
CA VAL B 824 -27.89 29.09 11.73
C VAL B 824 -28.26 29.71 10.40
N LYS B 825 -29.57 29.86 10.16
CA LYS B 825 -30.02 30.47 8.91
C LYS B 825 -29.71 31.95 8.87
N GLN B 826 -29.69 32.62 10.02
CA GLN B 826 -29.46 34.05 10.10
C GLN B 826 -28.35 34.33 11.10
N ILE B 827 -27.68 35.47 10.93
CA ILE B 827 -26.62 35.90 11.83
C ILE B 827 -27.26 36.78 12.89
N TYR B 828 -27.55 36.20 14.05
CA TYR B 828 -28.12 36.96 15.14
C TYR B 828 -27.05 37.79 15.83
N LYS B 829 -27.49 38.74 16.65
CA LYS B 829 -26.57 39.53 17.45
C LYS B 829 -27.29 40.02 18.71
N THR B 830 -26.57 39.99 19.82
CA THR B 830 -27.16 40.41 21.09
C THR B 830 -27.43 41.91 21.08
N PRO B 831 -28.46 42.36 21.78
CA PRO B 831 -28.74 43.79 21.85
C PRO B 831 -27.69 44.52 22.66
N PRO B 832 -27.56 45.84 22.50
CA PRO B 832 -26.56 46.57 23.28
C PRO B 832 -26.78 46.50 24.79
N ILE B 833 -28.03 46.42 25.23
CA ILE B 833 -28.33 46.38 26.66
C ILE B 833 -28.14 44.96 27.16
N LYS B 834 -27.14 44.75 28.01
CA LYS B 834 -26.80 43.42 28.51
C LYS B 834 -27.46 43.16 29.86
N ASP B 835 -28.80 43.22 29.86
CA ASP B 835 -29.58 42.98 31.07
C ASP B 835 -30.09 41.53 31.07
N PHE B 836 -29.14 40.61 31.20
CA PHE B 836 -29.45 39.18 31.17
C PHE B 836 -29.69 38.62 32.57
N GLY B 837 -30.57 39.28 33.33
CA GLY B 837 -30.95 38.77 34.64
C GLY B 837 -29.79 38.59 35.58
N GLY B 838 -28.71 39.35 35.39
CA GLY B 838 -27.53 39.26 36.23
C GLY B 838 -26.45 38.35 35.70
N PHE B 839 -26.77 37.46 34.77
CA PHE B 839 -25.74 36.63 34.15
C PHE B 839 -24.84 37.53 33.31
N ASN B 840 -23.55 37.20 33.29
CA ASN B 840 -22.55 38.03 32.62
C ASN B 840 -21.82 37.20 31.58
N PHE B 841 -22.07 37.50 30.30
CA PHE B 841 -21.50 36.78 29.16
C PHE B 841 -20.40 37.58 28.46
N SER B 842 -19.81 38.56 29.15
CA SER B 842 -18.84 39.43 28.50
C SER B 842 -17.65 38.63 27.97
N GLN B 843 -17.18 37.65 28.76
CA GLN B 843 -15.97 36.93 28.39
C GLN B 843 -16.16 36.01 27.19
N ILE B 844 -17.40 35.72 26.81
CA ILE B 844 -17.66 34.86 25.66
C ILE B 844 -18.28 35.61 24.50
N LEU B 845 -18.85 36.79 24.72
CA LEU B 845 -19.40 37.57 23.62
C LEU B 845 -18.28 38.26 22.84
N PRO B 846 -18.53 38.62 21.59
CA PRO B 846 -17.48 39.25 20.79
C PRO B 846 -17.08 40.61 21.35
N ASP B 847 -15.83 40.98 21.11
CA ASP B 847 -15.30 42.28 21.51
C ASP B 847 -15.02 43.10 20.25
N PRO B 848 -15.86 44.07 19.90
CA PRO B 848 -15.63 44.82 18.64
C PRO B 848 -14.31 45.57 18.62
N SER B 849 -13.73 45.88 19.78
CA SER B 849 -12.51 46.68 19.79
C SER B 849 -11.37 45.97 19.06
N LYS B 850 -11.23 44.67 19.28
CA LYS B 850 -10.16 43.93 18.62
C LYS B 850 -10.44 43.85 17.12
N PRO B 851 -9.41 43.92 16.28
CA PRO B 851 -9.65 43.83 14.83
C PRO B 851 -10.36 42.55 14.43
N SER B 852 -10.00 41.43 15.05
CA SER B 852 -10.72 40.18 14.86
C SER B 852 -11.77 40.08 15.95
N LYS B 853 -13.04 40.08 15.55
CA LYS B 853 -14.13 40.14 16.51
C LYS B 853 -14.27 38.81 17.25
N ARG B 854 -13.26 38.46 18.05
CA ARG B 854 -13.25 37.23 18.80
C ARG B 854 -13.38 37.52 20.28
N SER B 855 -14.07 36.64 21.00
CA SER B 855 -14.28 36.83 22.42
C SER B 855 -12.98 36.64 23.18
N PHE B 856 -13.01 36.97 24.47
CA PHE B 856 -11.83 36.85 25.31
C PHE B 856 -11.31 35.41 25.32
N ILE B 857 -12.21 34.45 25.56
CA ILE B 857 -11.79 33.05 25.61
C ILE B 857 -11.34 32.58 24.24
N GLU B 858 -11.97 33.06 23.16
CA GLU B 858 -11.53 32.67 21.83
C GLU B 858 -10.12 33.14 21.57
N ASP B 859 -9.79 34.38 21.95
CA ASP B 859 -8.42 34.86 21.82
C ASP B 859 -7.47 34.04 22.67
N LEU B 860 -7.89 33.71 23.90
CA LEU B 860 -7.07 32.87 24.75
C LEU B 860 -6.72 31.56 24.05
N LEU B 861 -7.72 30.88 23.49
CA LEU B 861 -7.48 29.62 22.82
C LEU B 861 -6.57 29.81 21.61
N PHE B 862 -6.81 30.86 20.82
CA PHE B 862 -5.99 31.09 19.64
C PHE B 862 -4.53 31.28 20.01
N ASN B 863 -4.26 32.05 21.07
CA ASN B 863 -2.89 32.23 21.51
C ASN B 863 -2.30 30.95 22.06
N LYS B 864 -3.09 30.18 22.80
CA LYS B 864 -2.58 28.95 23.41
C LYS B 864 -2.16 27.95 22.34
N VAL B 865 -2.95 27.81 21.28
CA VAL B 865 -2.56 26.91 20.20
C VAL B 865 -1.41 27.52 19.43
N THR B 866 -0.27 26.84 19.43
CA THR B 866 0.91 27.30 18.72
C THR B 866 1.61 26.12 18.06
N LEU B 867 2.30 26.38 16.96
CA LEU B 867 3.03 25.35 16.24
C LEU B 867 4.38 25.08 16.91
N GLN B 892 9.34 23.18 3.05
CA GLN B 892 8.56 22.06 2.51
C GLN B 892 7.93 22.44 1.17
N LYS B 893 7.86 23.74 0.89
CA LYS B 893 7.30 24.21 -0.38
C LYS B 893 8.14 23.78 -1.57
N PHE B 894 9.37 23.31 -1.34
CA PHE B 894 10.29 23.06 -2.45
C PHE B 894 9.77 21.97 -3.37
N ASN B 895 9.20 20.90 -2.81
CA ASN B 895 8.98 19.64 -3.51
C ASN B 895 7.51 19.39 -3.81
N GLY B 896 6.77 20.41 -4.20
CA GLY B 896 5.41 20.21 -4.67
C GLY B 896 4.36 20.12 -3.60
N LEU B 897 4.71 20.38 -2.34
CA LEU B 897 3.75 20.33 -1.25
C LEU B 897 3.15 21.72 -1.05
N THR B 898 1.83 21.83 -1.17
CA THR B 898 1.13 23.10 -1.02
C THR B 898 0.02 22.95 -0.02
N VAL B 899 -0.29 24.04 0.68
CA VAL B 899 -1.37 24.08 1.66
C VAL B 899 -2.44 25.03 1.14
N LEU B 900 -3.65 24.51 1.01
CA LEU B 900 -4.76 25.32 0.51
C LEU B 900 -5.49 25.97 1.69
N PRO B 901 -5.76 27.27 1.64
CA PRO B 901 -6.40 27.92 2.78
C PRO B 901 -7.82 27.41 2.96
N PRO B 902 -8.33 27.39 4.19
CA PRO B 902 -9.70 26.94 4.41
C PRO B 902 -10.70 27.90 3.79
N LEU B 903 -11.84 27.34 3.38
CA LEU B 903 -12.88 28.15 2.76
C LEU B 903 -13.43 29.18 3.74
N LEU B 904 -13.67 28.77 4.98
CA LEU B 904 -14.20 29.64 6.01
C LEU B 904 -13.05 30.19 6.84
N THR B 905 -12.86 31.50 6.82
CA THR B 905 -11.77 32.11 7.56
C THR B 905 -12.11 32.18 9.05
N ASP B 906 -11.10 32.49 9.85
CA ASP B 906 -11.29 32.53 11.30
C ASP B 906 -12.31 33.59 11.69
N GLU B 907 -12.29 34.74 11.02
CA GLU B 907 -13.24 35.80 11.32
C GLU B 907 -14.68 35.33 11.08
N MET B 908 -14.89 34.62 9.98
CA MET B 908 -16.25 34.17 9.65
C MET B 908 -16.69 33.03 10.56
N ILE B 909 -15.77 32.15 10.95
CA ILE B 909 -16.11 31.13 11.94
C ILE B 909 -16.49 31.78 13.26
N ALA B 910 -15.75 32.83 13.65
CA ALA B 910 -16.10 33.57 14.86
C ALA B 910 -17.47 34.22 14.72
N GLN B 911 -17.79 34.73 13.53
CA GLN B 911 -19.13 35.28 13.32
C GLN B 911 -20.20 34.22 13.49
N TYR B 912 -19.97 33.03 12.95
CA TYR B 912 -20.93 31.95 13.13
C TYR B 912 -21.12 31.62 14.61
N THR B 913 -20.01 31.51 15.34
CA THR B 913 -20.11 31.20 16.76
C THR B 913 -20.84 32.31 17.51
N SER B 914 -20.57 33.56 17.17
CA SER B 914 -21.27 34.67 17.80
C SER B 914 -22.76 34.62 17.52
N ALA B 915 -23.13 34.28 16.28
CA ALA B 915 -24.54 34.16 15.94
C ALA B 915 -25.20 33.08 16.78
N LEU B 916 -24.53 31.92 16.90
CA LEU B 916 -25.10 30.84 17.70
C LEU B 916 -25.27 31.29 19.15
N LEU B 917 -24.25 31.94 19.71
CA LEU B 917 -24.31 32.34 21.11
C LEU B 917 -25.41 33.36 21.34
N ALA B 918 -25.51 34.36 20.47
CA ALA B 918 -26.54 35.38 20.63
C ALA B 918 -27.93 34.76 20.51
N GLY B 919 -28.11 33.87 19.53
CA GLY B 919 -29.38 33.17 19.41
C GLY B 919 -29.72 32.40 20.67
N THR B 920 -28.75 31.69 21.23
CA THR B 920 -28.98 30.96 22.47
C THR B 920 -29.45 31.90 23.58
N ILE B 921 -28.62 32.89 23.92
CA ILE B 921 -28.94 33.73 25.07
C ILE B 921 -30.21 34.55 24.86
N THR B 922 -30.61 34.79 23.61
CA THR B 922 -31.77 35.65 23.38
C THR B 922 -33.07 34.89 23.12
N SER B 923 -33.00 33.63 22.68
CA SER B 923 -34.22 32.92 22.33
C SER B 923 -34.18 31.45 22.75
N GLY B 924 -33.37 31.08 23.73
CA GLY B 924 -33.36 29.70 24.17
C GLY B 924 -33.02 28.76 23.04
N TRP B 925 -33.86 27.75 22.84
CA TRP B 925 -33.66 26.76 21.79
C TRP B 925 -34.62 26.94 20.63
N THR B 926 -35.41 28.02 20.62
CA THR B 926 -36.36 28.21 19.54
C THR B 926 -35.67 28.47 18.21
N PHE B 927 -34.58 29.26 18.22
CA PHE B 927 -33.92 29.60 16.98
C PHE B 927 -33.38 28.36 16.27
N GLY B 928 -33.17 27.27 16.98
CA GLY B 928 -32.73 26.04 16.35
C GLY B 928 -33.85 25.21 15.74
N ALA B 929 -35.10 25.57 16.02
CA ALA B 929 -36.25 24.85 15.51
C ALA B 929 -37.16 25.72 14.65
N GLY B 930 -36.78 26.94 14.35
CA GLY B 930 -37.61 27.83 13.56
C GLY B 930 -37.19 29.28 13.77
N ALA B 931 -38.16 30.17 13.58
CA ALA B 931 -37.90 31.59 13.80
C ALA B 931 -37.51 31.84 15.26
N ALA B 932 -36.46 32.61 15.45
CA ALA B 932 -35.99 32.90 16.80
C ALA B 932 -37.03 33.73 17.54
N LEU B 933 -37.41 33.28 18.73
CA LEU B 933 -38.41 33.94 19.55
C LEU B 933 -37.77 34.42 20.84
N GLN B 934 -37.88 35.71 21.12
CA GLN B 934 -37.25 36.28 22.30
C GLN B 934 -37.89 35.73 23.56
N ILE B 935 -37.12 35.73 24.65
CA ILE B 935 -37.61 35.32 25.96
C ILE B 935 -36.62 35.78 27.01
N PRO B 936 -37.05 36.36 28.12
CA PRO B 936 -36.09 36.80 29.14
C PRO B 936 -35.22 35.63 29.60
N PHE B 937 -33.94 35.93 29.83
CA PHE B 937 -33.00 34.86 30.16
C PHE B 937 -33.37 34.19 31.48
N ALA B 938 -33.97 34.93 32.41
CA ALA B 938 -34.44 34.29 33.64
C ALA B 938 -35.49 33.24 33.32
N MET B 939 -36.43 33.56 32.44
CA MET B 939 -37.45 32.58 32.05
C MET B 939 -36.82 31.40 31.32
N GLN B 940 -35.82 31.67 30.49
CA GLN B 940 -35.14 30.58 29.79
C GLN B 940 -34.49 29.63 30.79
N MET B 941 -33.79 30.20 31.78
CA MET B 941 -33.17 29.35 32.80
C MET B 941 -34.23 28.60 33.60
N ALA B 942 -35.38 29.22 33.84
CA ALA B 942 -36.46 28.51 34.50
C ALA B 942 -36.90 27.31 33.68
N TYR B 943 -37.00 27.48 32.36
CA TYR B 943 -37.33 26.35 31.49
C TYR B 943 -36.27 25.27 31.58
N ARG B 944 -35.00 25.65 31.62
CA ARG B 944 -33.94 24.65 31.73
C ARG B 944 -34.07 23.87 33.04
N PHE B 945 -34.36 24.58 34.14
CA PHE B 945 -34.53 23.91 35.42
C PHE B 945 -35.71 22.95 35.37
N ASN B 946 -36.83 23.39 34.80
CA ASN B 946 -37.97 22.51 34.66
C ASN B 946 -37.61 21.29 33.82
N GLY B 947 -36.75 21.47 32.82
CA GLY B 947 -36.32 20.34 32.01
C GLY B 947 -35.52 19.33 32.82
N ILE B 948 -34.57 19.81 33.62
CA ILE B 948 -33.79 18.89 34.45
C ILE B 948 -34.59 18.36 35.62
N GLY B 949 -35.78 18.88 35.86
CA GLY B 949 -36.67 18.34 36.87
C GLY B 949 -36.78 19.13 38.15
N VAL B 950 -36.23 20.34 38.20
CA VAL B 950 -36.31 21.19 39.37
C VAL B 950 -37.35 22.27 39.10
N THR B 951 -38.24 22.49 40.07
CA THR B 951 -39.30 23.48 39.89
C THR B 951 -38.69 24.87 39.68
N GLN B 952 -39.32 25.65 38.80
CA GLN B 952 -38.77 26.95 38.43
C GLN B 952 -38.72 27.92 39.60
N ASN B 953 -39.53 27.71 40.63
CA ASN B 953 -39.45 28.58 41.80
C ASN B 953 -38.07 28.54 42.42
N VAL B 954 -37.36 27.41 42.29
CA VAL B 954 -36.00 27.32 42.81
C VAL B 954 -35.13 28.40 42.19
N LEU B 955 -35.14 28.49 40.86
CA LEU B 955 -34.37 29.52 40.19
C LEU B 955 -34.89 30.91 40.54
N TYR B 956 -36.20 31.10 40.47
CA TYR B 956 -36.75 32.44 40.69
C TYR B 956 -36.47 32.92 42.10
N GLU B 957 -36.17 32.03 43.04
CA GLU B 957 -35.83 32.43 44.40
C GLU B 957 -34.34 32.41 44.69
N ASN B 958 -33.54 31.77 43.84
CA ASN B 958 -32.09 31.74 43.99
C ASN B 958 -31.39 32.33 42.77
N GLN B 959 -32.03 33.32 42.13
CA GLN B 959 -31.48 33.86 40.89
C GLN B 959 -30.13 34.52 41.12
N LYS B 960 -29.99 35.30 42.19
CA LYS B 960 -28.73 35.98 42.45
C LYS B 960 -27.62 34.98 42.69
N LEU B 961 -27.89 33.96 43.51
CA LEU B 961 -26.88 32.95 43.78
C LEU B 961 -26.48 32.21 42.50
N ILE B 962 -27.46 31.85 41.69
CA ILE B 962 -27.16 31.12 40.46
C ILE B 962 -26.33 31.98 39.51
N ALA B 963 -26.69 33.25 39.37
CA ALA B 963 -25.93 34.14 38.50
C ALA B 963 -24.50 34.30 39.00
N ASN B 964 -24.32 34.46 40.32
CA ASN B 964 -22.98 34.60 40.85
C ASN B 964 -22.17 33.33 40.62
N GLN B 965 -22.79 32.16 40.81
CA GLN B 965 -22.08 30.90 40.57
C GLN B 965 -21.67 30.77 39.11
N PHE B 966 -22.56 31.12 38.19
CA PHE B 966 -22.22 31.04 36.78
C PHE B 966 -21.08 31.99 36.42
N ASN B 967 -21.13 33.22 36.94
CA ASN B 967 -20.07 34.18 36.65
C ASN B 967 -18.73 33.70 37.21
N SER B 968 -18.74 33.17 38.44
CA SER B 968 -17.51 32.65 39.02
C SER B 968 -16.97 31.48 38.21
N ALA B 969 -17.85 30.60 37.73
CA ALA B 969 -17.41 29.48 36.91
C ALA B 969 -16.77 29.97 35.62
N ILE B 970 -17.38 30.97 34.98
CA ILE B 970 -16.79 31.52 33.76
C ILE B 970 -15.41 32.10 34.03
N GLY B 971 -15.29 32.85 35.13
CA GLY B 971 -13.98 33.38 35.48
C GLY B 971 -12.95 32.30 35.72
N LYS B 972 -13.35 31.23 36.42
CA LYS B 972 -12.42 30.15 36.71
C LYS B 972 -11.98 29.44 35.43
N ILE B 973 -12.89 29.19 34.51
CA ILE B 973 -12.51 28.54 33.25
C ILE B 973 -11.57 29.45 32.47
N GLN B 974 -11.84 30.76 32.47
CA GLN B 974 -10.93 31.69 31.80
C GLN B 974 -9.53 31.61 32.40
N ASP B 975 -9.45 31.61 33.73
CA ASP B 975 -8.13 31.54 34.38
C ASP B 975 -7.44 30.22 34.06
N SER B 976 -8.18 29.12 34.08
CA SER B 976 -7.58 27.82 33.78
C SER B 976 -7.01 27.80 32.36
N LEU B 977 -7.79 28.28 31.39
CA LEU B 977 -7.29 28.31 30.02
C LEU B 977 -6.08 29.21 29.90
N SER B 978 -6.09 30.36 30.57
CA SER B 978 -4.95 31.27 30.51
C SER B 978 -3.71 30.65 31.16
N SER B 979 -3.89 29.77 32.14
CA SER B 979 -2.77 29.23 32.90
C SER B 979 -2.18 27.99 32.24
N THR B 980 -2.98 26.93 32.07
CA THR B 980 -2.48 25.65 31.60
C THR B 980 -2.79 25.46 30.12
N ALA B 981 -1.79 24.94 29.39
CA ALA B 981 -1.92 24.70 27.96
C ALA B 981 -2.29 23.26 27.62
N SER B 982 -2.37 22.38 28.63
CA SER B 982 -2.68 20.98 28.38
C SER B 982 -4.13 20.76 27.95
N ALA B 983 -4.99 21.78 28.11
CA ALA B 983 -6.40 21.61 27.74
C ALA B 983 -6.56 21.37 26.24
N LEU B 984 -5.79 22.09 25.42
CA LEU B 984 -5.90 22.02 23.97
C LEU B 984 -4.98 20.95 23.38
N GLY B 985 -4.69 19.91 24.15
CA GLY B 985 -3.82 18.86 23.67
C GLY B 985 -4.34 18.19 22.42
N LYS B 986 -5.65 18.06 22.28
CA LYS B 986 -6.21 17.40 21.09
C LYS B 986 -5.84 18.16 19.83
N LEU B 987 -6.12 19.47 19.79
CA LEU B 987 -5.81 20.26 18.62
C LEU B 987 -4.31 20.33 18.39
N GLN B 988 -3.54 20.49 19.47
CA GLN B 988 -2.09 20.54 19.31
C GLN B 988 -1.56 19.24 18.72
N ASP B 989 -2.09 18.10 19.17
CA ASP B 989 -1.65 16.82 18.64
C ASP B 989 -2.03 16.66 17.18
N VAL B 990 -3.22 17.12 16.80
CA VAL B 990 -3.60 17.05 15.38
C VAL B 990 -2.60 17.84 14.54
N VAL B 991 -2.30 19.07 14.95
CA VAL B 991 -1.37 19.91 14.19
C VAL B 991 0.00 19.25 14.14
N ASN B 992 0.48 18.74 15.27
CA ASN B 992 1.79 18.13 15.32
C ASN B 992 1.86 16.89 14.43
N GLN B 993 0.80 16.08 14.43
CA GLN B 993 0.80 14.89 13.58
C GLN B 993 0.85 15.26 12.11
N ASN B 994 0.08 16.26 11.70
CA ASN B 994 0.13 16.68 10.29
C ASN B 994 1.51 17.19 9.93
N ALA B 995 2.09 18.03 10.80
CA ALA B 995 3.41 18.57 10.52
C ALA B 995 4.46 17.47 10.45
N GLN B 996 4.39 16.50 11.36
CA GLN B 996 5.35 15.40 11.36
C GLN B 996 5.21 14.55 10.11
N ALA B 997 3.98 14.29 9.67
CA ALA B 997 3.79 13.51 8.45
C ALA B 997 4.41 14.23 7.25
N LEU B 998 4.16 15.53 7.14
CA LEU B 998 4.76 16.28 6.04
C LEU B 998 6.27 16.28 6.12
N ASN B 999 6.81 16.45 7.34
CA ASN B 999 8.26 16.47 7.51
C ASN B 999 8.88 15.15 7.11
N THR B 1000 8.26 14.03 7.50
CA THR B 1000 8.77 12.73 7.11
C THR B 1000 8.70 12.55 5.59
N LEU B 1001 7.60 12.99 4.98
CA LEU B 1001 7.49 12.90 3.53
C LEU B 1001 8.61 13.66 2.85
N VAL B 1002 8.92 14.87 3.33
CA VAL B 1002 10.01 15.63 2.74
C VAL B 1002 11.35 14.94 2.97
N LYS B 1003 11.57 14.43 4.19
CA LYS B 1003 12.84 13.79 4.49
C LYS B 1003 13.06 12.55 3.63
N GLN B 1004 12.00 11.88 3.21
CA GLN B 1004 12.16 10.68 2.40
C GLN B 1004 12.87 10.96 1.08
N LEU B 1005 12.91 12.22 0.64
CA LEU B 1005 13.57 12.54 -0.61
C LEU B 1005 15.08 12.39 -0.54
N SER B 1006 15.66 12.29 0.66
CA SER B 1006 17.09 12.15 0.84
C SER B 1006 17.51 10.72 1.12
N SER B 1007 16.83 9.75 0.50
CA SER B 1007 17.13 8.33 0.69
C SER B 1007 17.49 7.70 -0.64
N ASN B 1008 18.54 6.87 -0.63
CA ASN B 1008 19.01 6.26 -1.86
C ASN B 1008 18.03 5.23 -2.39
N PHE B 1009 17.36 4.50 -1.49
CA PHE B 1009 16.52 3.37 -1.86
C PHE B 1009 17.30 2.31 -2.62
N GLY B 1010 18.61 2.25 -2.42
CA GLY B 1010 19.49 1.35 -3.12
C GLY B 1010 20.19 1.97 -4.31
N ALA B 1011 19.73 3.11 -4.79
CA ALA B 1011 20.36 3.76 -5.93
C ALA B 1011 21.74 4.27 -5.56
N ILE B 1012 22.48 4.71 -6.57
CA ILE B 1012 23.83 5.23 -6.33
C ILE B 1012 23.77 6.48 -5.48
N SER B 1013 22.82 7.36 -5.76
CA SER B 1013 22.69 8.62 -5.02
C SER B 1013 21.22 8.99 -4.93
N SER B 1014 20.92 9.89 -4.01
CA SER B 1014 19.57 10.41 -3.82
C SER B 1014 19.32 11.67 -4.63
N VAL B 1015 20.28 12.09 -5.47
CA VAL B 1015 20.16 13.32 -6.25
C VAL B 1015 19.94 12.91 -7.71
N LEU B 1016 18.76 13.25 -8.23
CA LEU B 1016 18.40 12.87 -9.59
C LEU B 1016 19.34 13.52 -10.59
N ASN B 1017 19.67 14.80 -10.40
CA ASN B 1017 20.57 15.49 -11.31
C ASN B 1017 21.96 14.85 -11.30
N ASP B 1018 22.45 14.48 -10.12
CA ASP B 1018 23.74 13.81 -10.05
C ASP B 1018 23.71 12.49 -10.80
N ILE B 1019 22.66 11.70 -10.59
CA ILE B 1019 22.55 10.43 -11.30
C ILE B 1019 22.57 10.65 -12.80
N LEU B 1020 21.74 11.59 -13.28
CA LEU B 1020 21.64 11.83 -14.71
C LEU B 1020 22.97 12.27 -15.29
N SER B 1021 23.65 13.19 -14.60
CA SER B 1021 24.91 13.72 -15.12
C SER B 1021 25.99 12.64 -15.13
N ARG B 1022 26.06 11.83 -14.08
CA ARG B 1022 27.18 10.90 -13.92
C ARG B 1022 26.95 9.55 -14.58
N LEU B 1023 25.74 9.25 -15.05
CA LEU B 1023 25.47 7.95 -15.66
C LEU B 1023 24.89 8.15 -17.06
N ASP B 1024 25.11 7.14 -17.90
CA ASP B 1024 24.63 7.14 -19.27
C ASP B 1024 23.18 6.65 -19.33
N PRO B 1025 22.51 6.88 -20.46
CA PRO B 1025 21.06 6.66 -20.54
C PRO B 1025 20.60 5.42 -19.78
N PRO B 1026 21.18 4.23 -20.05
CA PRO B 1026 20.63 3.01 -19.45
C PRO B 1026 20.79 2.93 -17.93
N GLU B 1027 22.02 3.15 -17.44
CA GLU B 1027 22.24 3.10 -16.00
C GLU B 1027 21.46 4.19 -15.30
N ALA B 1028 21.42 5.39 -15.88
CA ALA B 1028 20.63 6.46 -15.31
C ALA B 1028 19.16 6.07 -15.24
N GLU B 1029 18.66 5.39 -16.28
CA GLU B 1029 17.27 4.93 -16.25
C GLU B 1029 17.04 3.94 -15.12
N VAL B 1030 17.97 3.01 -14.92
CA VAL B 1030 17.81 2.03 -13.85
C VAL B 1030 17.77 2.72 -12.50
N GLN B 1031 18.74 3.61 -12.25
CA GLN B 1031 18.78 4.31 -10.97
C GLN B 1031 17.55 5.16 -10.76
N ILE B 1032 17.11 5.87 -11.81
CA ILE B 1032 15.95 6.74 -11.69
C ILE B 1032 14.70 5.91 -11.44
N ASP B 1033 14.62 4.72 -12.03
CA ASP B 1033 13.48 3.84 -11.76
C ASP B 1033 13.48 3.39 -10.31
N ARG B 1034 14.65 3.07 -9.77
CA ARG B 1034 14.73 2.71 -8.36
C ARG B 1034 14.25 3.85 -7.48
N LEU B 1035 14.73 5.06 -7.75
CA LEU B 1035 14.32 6.22 -6.98
C LEU B 1035 12.82 6.48 -7.12
N ILE B 1036 12.30 6.29 -8.33
CA ILE B 1036 10.87 6.49 -8.57
C ILE B 1036 10.06 5.51 -7.72
N THR B 1037 10.48 4.25 -7.69
CA THR B 1037 9.78 3.27 -6.87
C THR B 1037 9.79 3.68 -5.41
N GLY B 1038 10.95 4.06 -4.90
CA GLY B 1038 11.04 4.45 -3.49
C GLY B 1038 10.15 5.64 -3.17
N ARG B 1039 10.23 6.69 -3.98
CA ARG B 1039 9.47 7.90 -3.68
C ARG B 1039 7.98 7.66 -3.86
N LEU B 1040 7.58 6.84 -4.83
CA LEU B 1040 6.16 6.53 -5.00
C LEU B 1040 5.64 5.74 -3.81
N GLN B 1041 6.45 4.81 -3.28
CA GLN B 1041 6.06 4.13 -2.06
C GLN B 1041 5.87 5.12 -0.91
N SER B 1042 6.79 6.07 -0.79
CA SER B 1042 6.66 7.09 0.24
C SER B 1042 5.35 7.87 0.09
N LEU B 1043 5.05 8.28 -1.15
CA LEU B 1043 3.82 9.03 -1.37
C LEU B 1043 2.59 8.21 -1.02
N GLN B 1044 2.57 6.93 -1.43
CA GLN B 1044 1.41 6.11 -1.14
C GLN B 1044 1.23 5.92 0.36
N THR B 1045 2.33 5.71 1.08
CA THR B 1045 2.24 5.58 2.54
C THR B 1045 1.68 6.85 3.14
N TYR B 1046 2.18 8.01 2.71
CA TYR B 1046 1.69 9.27 3.25
C TYR B 1046 0.20 9.45 2.98
N VAL B 1047 -0.23 9.13 1.76
CA VAL B 1047 -1.63 9.35 1.40
C VAL B 1047 -2.54 8.41 2.18
N THR B 1048 -2.11 7.16 2.37
CA THR B 1048 -2.93 6.24 3.17
C THR B 1048 -3.04 6.71 4.62
N GLN B 1049 -1.93 7.16 5.20
CA GLN B 1049 -1.99 7.69 6.55
C GLN B 1049 -2.91 8.89 6.62
N GLN B 1050 -2.85 9.77 5.62
CA GLN B 1050 -3.71 10.94 5.60
C GLN B 1050 -5.17 10.54 5.49
N LEU B 1051 -5.47 9.51 4.69
CA LEU B 1051 -6.85 9.06 4.56
C LEU B 1051 -7.38 8.55 5.90
N ILE B 1052 -6.59 7.75 6.60
CA ILE B 1052 -7.05 7.23 7.90
C ILE B 1052 -7.24 8.38 8.89
N ARG B 1053 -6.28 9.31 8.93
CA ARG B 1053 -6.38 10.43 9.85
C ARG B 1053 -7.59 11.30 9.51
N ALA B 1054 -7.87 11.49 8.22
CA ALA B 1054 -9.05 12.24 7.82
C ALA B 1054 -10.32 11.53 8.22
N ALA B 1055 -10.34 10.20 8.15
CA ALA B 1055 -11.51 9.46 8.60
C ALA B 1055 -11.77 9.71 10.08
N GLU B 1056 -10.73 9.62 10.91
CA GLU B 1056 -10.94 9.85 12.33
C GLU B 1056 -11.34 11.30 12.60
N ILE B 1057 -10.77 12.25 11.86
CA ILE B 1057 -11.13 13.65 12.04
C ILE B 1057 -12.58 13.89 11.63
N ARG B 1058 -13.04 13.19 10.59
CA ARG B 1058 -14.44 13.31 10.19
C ARG B 1058 -15.36 12.75 11.26
N ALA B 1059 -14.96 11.64 11.88
CA ALA B 1059 -15.75 11.13 13.01
C ALA B 1059 -15.82 12.17 14.11
N SER B 1060 -14.70 12.81 14.43
CA SER B 1060 -14.69 13.85 15.46
C SER B 1060 -15.58 15.02 15.06
N ALA B 1061 -15.53 15.42 13.80
CA ALA B 1061 -16.34 16.55 13.34
C ALA B 1061 -17.82 16.23 13.38
N ASN B 1062 -18.21 15.01 13.02
CA ASN B 1062 -19.60 14.61 13.15
C ASN B 1062 -20.03 14.63 14.61
N LEU B 1063 -19.17 14.13 15.51
CA LEU B 1063 -19.51 14.21 16.92
C LEU B 1063 -19.68 15.65 17.38
N ALA B 1064 -18.80 16.54 16.91
CA ALA B 1064 -18.90 17.95 17.29
C ALA B 1064 -20.19 18.58 16.77
N ALA B 1065 -20.56 18.26 15.53
CA ALA B 1065 -21.81 18.78 14.99
C ALA B 1065 -23.01 18.28 15.78
N THR B 1066 -23.01 16.99 16.14
CA THR B 1066 -24.09 16.47 16.96
C THR B 1066 -24.14 17.16 18.31
N LYS B 1067 -22.97 17.39 18.92
CA LYS B 1067 -22.94 18.10 20.19
C LYS B 1067 -23.51 19.49 20.05
N MET B 1068 -23.12 20.21 19.00
CA MET B 1068 -23.67 21.54 18.76
C MET B 1068 -25.18 21.48 18.68
N SER B 1069 -25.71 20.61 17.83
CA SER B 1069 -27.15 20.57 17.61
C SER B 1069 -27.90 20.19 18.88
N GLU B 1070 -27.37 19.24 19.65
CA GLU B 1070 -28.13 18.68 20.76
C GLU B 1070 -27.87 19.36 22.10
N CYS B 1071 -26.84 20.21 22.21
CA CYS B 1071 -26.60 20.95 23.44
C CYS B 1071 -26.72 22.45 23.24
N VAL B 1072 -26.06 23.01 22.23
CA VAL B 1072 -26.13 24.46 22.03
C VAL B 1072 -27.53 24.86 21.57
N LEU B 1073 -28.09 24.11 20.62
CA LEU B 1073 -29.38 24.43 20.05
C LEU B 1073 -30.54 23.85 20.84
N GLY B 1074 -30.28 23.15 21.92
CA GLY B 1074 -31.34 22.61 22.75
C GLY B 1074 -30.77 21.91 23.96
N GLN B 1075 -31.67 21.58 24.89
CA GLN B 1075 -31.28 20.86 26.08
C GLN B 1075 -31.26 19.37 25.82
N SER B 1076 -30.35 18.67 26.48
CA SER B 1076 -30.12 17.25 26.25
C SER B 1076 -30.38 16.46 27.52
N LYS B 1077 -31.14 15.37 27.39
CA LYS B 1077 -31.37 14.45 28.49
C LYS B 1077 -30.40 13.28 28.47
N ARG B 1078 -29.45 13.26 27.54
CA ARG B 1078 -28.47 12.18 27.46
C ARG B 1078 -27.39 12.40 28.51
N VAL B 1079 -27.18 11.41 29.37
CA VAL B 1079 -26.27 11.57 30.49
C VAL B 1079 -24.84 11.65 29.99
N ASP B 1080 -24.08 12.60 30.54
CA ASP B 1080 -22.65 12.75 30.26
C ASP B 1080 -22.38 12.93 28.76
N PHE B 1081 -23.32 13.51 28.03
CA PHE B 1081 -23.11 13.86 26.64
C PHE B 1081 -22.73 15.33 26.49
N CYS B 1082 -23.48 16.23 27.12
CA CYS B 1082 -23.16 17.66 27.13
C CYS B 1082 -22.55 18.07 28.47
N GLY B 1083 -21.71 17.23 29.05
CA GLY B 1083 -21.04 17.52 30.30
C GLY B 1083 -21.53 16.63 31.43
N LYS B 1084 -20.76 16.66 32.52
CA LYS B 1084 -21.06 15.85 33.69
C LYS B 1084 -22.03 16.60 34.59
N GLY B 1085 -23.14 15.96 34.91
CA GLY B 1085 -24.22 16.56 35.67
C GLY B 1085 -25.46 16.67 34.83
N TYR B 1086 -26.46 17.36 35.38
CA TYR B 1086 -27.70 17.61 34.65
C TYR B 1086 -27.48 18.80 33.73
N HIS B 1087 -27.45 18.53 32.43
CA HIS B 1087 -27.12 19.57 31.46
C HIS B 1087 -28.16 20.68 31.50
N LEU B 1088 -27.68 21.92 31.58
CA LEU B 1088 -28.54 23.09 31.49
C LEU B 1088 -28.39 23.81 30.16
N MET B 1089 -27.16 24.04 29.70
CA MET B 1089 -26.97 24.66 28.39
C MET B 1089 -25.52 24.51 27.99
N SER B 1090 -25.20 25.00 26.79
CA SER B 1090 -23.84 24.94 26.27
C SER B 1090 -23.58 26.17 25.43
N PHE B 1091 -22.34 26.66 25.49
CA PHE B 1091 -21.92 27.82 24.72
C PHE B 1091 -20.76 27.44 23.81
N PRO B 1092 -20.84 27.66 22.50
CA PRO B 1092 -19.73 27.31 21.63
C PRO B 1092 -18.68 28.40 21.53
N GLN B 1093 -17.45 27.97 21.29
CA GLN B 1093 -16.33 28.87 21.06
C GLN B 1093 -15.46 28.24 19.97
N SER B 1094 -14.96 29.07 19.08
CA SER B 1094 -14.11 28.58 17.99
C SER B 1094 -12.67 28.54 18.44
N ALA B 1095 -11.97 27.46 18.09
CA ALA B 1095 -10.56 27.30 18.36
C ALA B 1095 -9.88 26.88 17.08
N PRO B 1096 -8.58 27.12 16.94
CA PRO B 1096 -7.90 26.78 15.69
C PRO B 1096 -8.09 25.33 15.32
N HIS B 1097 -8.74 25.10 14.19
CA HIS B 1097 -9.00 23.76 13.67
C HIS B 1097 -9.81 22.93 14.66
N GLY B 1098 -10.76 23.56 15.33
CA GLY B 1098 -11.58 22.82 16.27
C GLY B 1098 -12.58 23.72 16.97
N VAL B 1099 -13.37 23.10 17.84
CA VAL B 1099 -14.40 23.80 18.58
C VAL B 1099 -14.25 23.46 20.06
N VAL B 1100 -14.77 24.36 20.90
CA VAL B 1100 -14.77 24.20 22.35
C VAL B 1100 -16.18 24.47 22.85
N PHE B 1101 -16.68 23.59 23.70
CA PHE B 1101 -18.01 23.74 24.28
C PHE B 1101 -17.86 24.03 25.77
N LEU B 1102 -18.49 25.11 26.22
CA LEU B 1102 -18.61 25.41 27.64
C LEU B 1102 -19.96 24.87 28.08
N HIS B 1103 -19.95 23.72 28.75
CA HIS B 1103 -21.17 23.07 29.20
C HIS B 1103 -21.51 23.57 30.59
N VAL B 1104 -22.68 24.19 30.73
CA VAL B 1104 -23.20 24.65 32.00
C VAL B 1104 -24.17 23.58 32.49
N THR B 1105 -23.86 22.99 33.64
CA THR B 1105 -24.59 21.86 34.21
C THR B 1105 -24.94 22.16 35.66
N TYR B 1106 -25.97 21.47 36.14
CA TYR B 1106 -26.49 21.60 37.49
C TYR B 1106 -26.09 20.37 38.29
N VAL B 1107 -25.47 20.57 39.46
CA VAL B 1107 -24.91 19.49 40.24
C VAL B 1107 -25.45 19.57 41.67
N PRO B 1108 -26.19 18.58 42.16
CA PRO B 1108 -26.57 18.59 43.57
C PRO B 1108 -25.35 18.61 44.47
N ALA B 1109 -25.48 19.32 45.60
CA ALA B 1109 -24.31 19.65 46.42
C ALA B 1109 -24.37 19.09 47.83
N GLN B 1110 -25.47 19.32 48.56
CA GLN B 1110 -25.46 19.13 50.01
C GLN B 1110 -26.42 18.06 50.49
N GLU B 1111 -26.32 16.87 49.91
CA GLU B 1111 -27.18 15.74 50.24
C GLU B 1111 -27.39 15.61 51.75
N LYS B 1112 -28.62 15.26 52.13
CA LYS B 1112 -29.01 15.07 53.51
C LYS B 1112 -29.99 13.90 53.52
N ASN B 1113 -29.78 12.88 54.35
CA ASN B 1113 -30.78 11.82 54.40
C ASN B 1113 -31.97 12.11 55.31
N PHE B 1114 -33.07 11.47 54.93
CA PHE B 1114 -34.35 11.47 55.63
C PHE B 1114 -34.88 10.04 55.57
N THR B 1115 -35.98 9.79 56.27
CA THR B 1115 -36.63 8.50 56.25
C THR B 1115 -37.79 8.52 55.26
N THR B 1116 -37.84 7.55 54.35
CA THR B 1116 -38.77 7.59 53.24
C THR B 1116 -39.68 6.38 53.25
N ALA B 1117 -40.88 6.56 52.69
CA ALA B 1117 -41.87 5.50 52.54
C ALA B 1117 -42.46 5.56 51.14
N PRO B 1118 -42.88 4.43 50.58
CA PRO B 1118 -43.37 4.42 49.20
C PRO B 1118 -44.76 5.00 49.04
N ALA B 1119 -45.62 4.81 50.04
CA ALA B 1119 -46.98 5.33 49.99
C ALA B 1119 -47.39 5.72 51.40
N ILE B 1120 -48.64 6.16 51.56
CA ILE B 1120 -49.15 6.56 52.86
C ILE B 1120 -50.57 6.04 53.01
N CYS B 1121 -50.89 5.57 54.21
CA CYS B 1121 -52.23 5.10 54.55
C CYS B 1121 -52.97 6.20 55.29
N HIS B 1122 -54.03 6.74 54.68
CA HIS B 1122 -54.82 7.80 55.30
C HIS B 1122 -56.12 7.26 55.90
N ASP B 1123 -56.97 6.66 55.10
CA ASP B 1123 -58.26 6.15 55.54
C ASP B 1123 -58.53 4.79 54.92
N GLY B 1124 -57.53 3.92 54.94
CA GLY B 1124 -57.61 2.66 54.23
C GLY B 1124 -57.28 2.74 52.76
N LYS B 1125 -56.91 3.92 52.27
CA LYS B 1125 -56.54 4.13 50.88
C LYS B 1125 -55.05 4.46 50.80
N ALA B 1126 -54.38 3.90 49.80
CA ALA B 1126 -52.94 4.11 49.63
C ALA B 1126 -52.73 5.34 48.74
N HIS B 1127 -52.20 6.40 49.33
CA HIS B 1127 -51.85 7.61 48.60
C HIS B 1127 -50.41 7.52 48.14
N PHE B 1128 -50.17 7.84 46.87
CA PHE B 1128 -48.85 7.86 46.27
C PHE B 1128 -48.52 9.28 45.82
N PRO B 1129 -47.24 9.67 45.83
CA PRO B 1129 -46.90 11.04 45.43
C PRO B 1129 -47.09 11.24 43.95
N ARG B 1130 -47.77 12.33 43.58
CA ARG B 1130 -47.94 12.64 42.16
C ARG B 1130 -46.58 12.82 41.50
N GLU B 1131 -45.83 13.84 41.91
CA GLU B 1131 -44.42 13.96 41.57
C GLU B 1131 -43.66 14.26 42.85
N GLY B 1132 -42.60 13.50 43.11
CA GLY B 1132 -41.81 13.68 44.31
C GLY B 1132 -41.70 12.44 45.14
N VAL B 1133 -41.37 12.59 46.42
CA VAL B 1133 -41.22 11.46 47.33
C VAL B 1133 -41.67 11.92 48.72
N PHE B 1134 -42.09 10.94 49.52
CA PHE B 1134 -42.44 11.18 50.91
C PHE B 1134 -41.19 11.04 51.77
N VAL B 1135 -40.93 12.06 52.58
CA VAL B 1135 -39.75 12.08 53.43
C VAL B 1135 -40.13 12.60 54.81
N SER B 1136 -39.44 12.09 55.82
CA SER B 1136 -39.67 12.48 57.20
C SER B 1136 -38.34 12.77 57.87
N ASN B 1137 -38.33 13.77 58.75
CA ASN B 1137 -37.15 14.09 59.55
C ASN B 1137 -37.12 13.32 60.86
N GLY B 1138 -38.08 12.42 61.08
CA GLY B 1138 -38.14 11.66 62.31
C GLY B 1138 -39.48 11.77 63.01
N THR B 1139 -40.13 12.93 62.89
CA THR B 1139 -41.40 13.18 63.55
C THR B 1139 -42.55 13.35 62.57
N HIS B 1140 -42.39 14.19 61.56
CA HIS B 1140 -43.46 14.52 60.62
C HIS B 1140 -43.16 13.93 59.25
N TRP B 1141 -44.17 13.96 58.38
CA TRP B 1141 -44.07 13.46 57.03
C TRP B 1141 -44.40 14.58 56.05
N PHE B 1142 -43.63 14.66 54.97
CA PHE B 1142 -43.80 15.68 53.96
C PHE B 1142 -43.60 15.06 52.59
N VAL B 1143 -43.96 15.80 51.56
CA VAL B 1143 -43.71 15.42 50.17
C VAL B 1143 -42.80 16.48 49.56
N THR B 1144 -41.76 16.04 48.87
CA THR B 1144 -40.77 16.96 48.32
C THR B 1144 -40.36 16.49 46.93
N GLN B 1145 -39.91 17.44 46.12
CA GLN B 1145 -39.38 17.09 44.81
C GLN B 1145 -38.07 16.32 44.96
N ARG B 1146 -37.72 15.56 43.93
CA ARG B 1146 -36.68 14.56 44.03
C ARG B 1146 -35.27 15.12 43.89
N ASN B 1147 -35.12 16.37 43.45
CA ASN B 1147 -33.80 16.93 43.17
C ASN B 1147 -33.47 18.15 44.01
N PHE B 1148 -34.34 18.55 44.92
CA PHE B 1148 -34.08 19.73 45.75
C PHE B 1148 -35.02 19.67 46.95
N TYR B 1149 -34.46 19.67 48.16
CA TYR B 1149 -35.27 19.50 49.35
C TYR B 1149 -36.20 20.68 49.52
N GLU B 1150 -37.49 20.48 49.26
CA GLU B 1150 -38.52 21.50 49.44
C GLU B 1150 -39.74 20.85 50.06
N PRO B 1151 -39.68 20.52 51.35
CA PRO B 1151 -40.79 19.79 51.97
C PRO B 1151 -42.09 20.56 51.91
N GLN B 1152 -43.19 19.84 51.72
CA GLN B 1152 -44.51 20.43 51.74
C GLN B 1152 -45.48 19.46 52.41
N ILE B 1153 -46.54 20.02 53.00
CA ILE B 1153 -47.54 19.20 53.67
C ILE B 1153 -48.17 18.25 52.66
N ILE B 1154 -48.38 17.01 53.09
CA ILE B 1154 -48.99 16.00 52.23
C ILE B 1154 -50.50 16.26 52.21
N THR B 1155 -51.03 16.57 51.02
CA THR B 1155 -52.44 16.85 50.85
C THR B 1155 -52.98 16.07 49.67
N THR B 1156 -54.30 16.14 49.49
CA THR B 1156 -54.94 15.42 48.40
C THR B 1156 -54.48 15.93 47.04
N ASP B 1157 -53.99 17.16 46.96
CA ASP B 1157 -53.52 17.72 45.70
C ASP B 1157 -52.09 17.35 45.38
N ASN B 1158 -51.34 16.78 46.32
CA ASN B 1158 -49.98 16.32 46.09
C ASN B 1158 -49.91 14.83 45.79
N THR B 1159 -50.97 14.08 46.08
CA THR B 1159 -50.95 12.62 45.98
C THR B 1159 -52.18 12.13 45.24
N PHE B 1160 -52.05 10.97 44.62
CA PHE B 1160 -53.17 10.28 43.99
C PHE B 1160 -53.39 8.94 44.68
N VAL B 1161 -54.64 8.55 44.80
CA VAL B 1161 -55.02 7.36 45.55
C VAL B 1161 -55.04 6.16 44.62
N SER B 1162 -54.74 4.99 45.17
CA SER B 1162 -54.80 3.75 44.39
C SER B 1162 -54.82 2.56 45.32
N GLY B 1163 -55.79 1.68 45.14
CA GLY B 1163 -55.85 0.47 45.93
C GLY B 1163 -56.09 0.75 47.40
N ASN B 1164 -55.55 -0.13 48.25
CA ASN B 1164 -55.69 0.00 49.69
C ASN B 1164 -54.36 -0.37 50.34
N CYS B 1165 -54.35 -0.36 51.67
CA CYS B 1165 -53.10 -0.49 52.42
C CYS B 1165 -52.45 -1.85 52.22
N ASP B 1166 -53.24 -2.91 52.22
CA ASP B 1166 -52.72 -4.27 52.36
C ASP B 1166 -51.88 -4.75 51.18
N VAL B 1167 -51.56 -3.97 50.15
CA VAL B 1167 -50.79 -4.44 49.01
C VAL B 1167 -49.36 -3.88 49.04
N VAL B 1168 -49.22 -2.57 49.20
CA VAL B 1168 -47.90 -1.96 49.13
C VAL B 1168 -47.03 -2.48 50.26
N ILE B 1169 -45.76 -2.72 49.95
CA ILE B 1169 -44.80 -3.22 50.93
C ILE B 1169 -44.01 -2.01 51.44
N GLY B 1170 -44.26 -1.62 52.69
CA GLY B 1170 -43.60 -0.49 53.30
C GLY B 1170 -44.48 0.72 53.52
N ILE B 1171 -45.78 0.62 53.22
CA ILE B 1171 -46.66 1.76 53.42
C ILE B 1171 -46.68 2.13 54.90
N VAL B 1172 -46.75 3.43 55.18
CA VAL B 1172 -46.69 3.95 56.54
C VAL B 1172 -47.98 4.72 56.82
N ASN B 1173 -48.39 4.70 58.08
CA ASN B 1173 -49.59 5.42 58.49
C ASN B 1173 -49.29 6.89 58.68
N ASN B 1174 -50.17 7.74 58.17
CA ASN B 1174 -50.04 9.18 58.32
C ASN B 1174 -51.30 9.85 57.78
N THR B 1175 -51.57 11.04 58.29
CA THR B 1175 -52.74 11.79 57.85
C THR B 1175 -52.43 12.55 56.57
N VAL B 1176 -53.47 12.72 55.74
CA VAL B 1176 -53.38 13.50 54.51
C VAL B 1176 -54.42 14.61 54.59
N TYR B 1177 -53.96 15.86 54.53
CA TYR B 1177 -54.83 17.00 54.75
C TYR B 1177 -55.61 17.34 53.49
N ASP B 1178 -56.91 17.62 53.66
CA ASP B 1178 -57.79 17.95 52.55
C ASP B 1178 -58.03 19.44 52.52
N PRO B 1179 -57.59 20.16 51.48
CA PRO B 1179 -57.76 21.62 51.49
C PRO B 1179 -59.21 22.09 51.53
N LEU B 1180 -60.14 21.34 50.93
CA LEU B 1180 -61.52 21.79 50.79
C LEU B 1180 -62.31 21.68 52.08
N GLN B 1181 -61.91 20.80 52.99
CA GLN B 1181 -62.67 20.59 54.22
C GLN B 1181 -62.75 21.85 55.08
N PRO B 1182 -61.64 22.52 55.41
CA PRO B 1182 -61.77 23.78 56.16
C PRO B 1182 -62.54 24.84 55.39
N GLU B 1183 -62.40 24.87 54.05
CA GLU B 1183 -63.15 25.83 53.25
C GLU B 1183 -64.64 25.67 53.49
N LEU B 1184 -65.15 24.44 53.46
CA LEU B 1184 -66.57 24.24 53.71
C LEU B 1184 -66.92 24.39 55.19
N ASP B 1185 -66.00 24.05 56.09
CA ASP B 1185 -66.28 24.17 57.52
C ASP B 1185 -66.49 25.63 57.92
N SER B 1186 -65.71 26.53 57.32
CA SER B 1186 -65.86 27.95 57.63
C SER B 1186 -67.31 28.39 57.47
N PHE B 1187 -67.94 28.00 56.35
CA PHE B 1187 -69.35 28.31 56.15
C PHE B 1187 -70.27 27.43 56.97
N LYS B 1188 -69.83 26.23 57.35
CA LYS B 1188 -70.64 25.43 58.26
C LYS B 1188 -70.87 26.18 59.58
N GLU B 1189 -69.81 26.78 60.11
CA GLU B 1189 -69.95 27.56 61.35
C GLU B 1189 -70.63 28.89 61.07
N ALA C 66 -10.24 -58.02 -10.70
CA ALA C 66 -9.83 -58.03 -9.30
C ALA C 66 -9.46 -56.63 -8.84
N TYR C 67 -10.45 -55.88 -8.35
CA TYR C 67 -10.27 -54.51 -7.91
C TYR C 67 -10.79 -54.35 -6.49
N THR C 68 -10.07 -53.57 -5.69
CA THR C 68 -10.49 -53.26 -4.33
C THR C 68 -10.22 -51.79 -4.06
N ASN C 69 -10.65 -51.31 -2.90
CA ASN C 69 -10.59 -49.91 -2.54
C ASN C 69 -9.54 -49.69 -1.46
N SER C 70 -8.64 -48.73 -1.69
CA SER C 70 -7.66 -48.30 -0.70
C SER C 70 -8.22 -47.06 -0.02
N PHE C 71 -8.82 -47.26 1.16
CA PHE C 71 -9.55 -46.19 1.82
C PHE C 71 -8.64 -45.01 2.16
N THR C 72 -7.68 -45.24 3.06
CA THR C 72 -6.68 -44.22 3.42
C THR C 72 -5.37 -44.96 3.66
N ARG C 73 -4.58 -45.09 2.60
CA ARG C 73 -3.32 -45.81 2.66
C ARG C 73 -2.30 -45.13 1.76
N GLY C 74 -1.04 -45.42 2.00
CA GLY C 74 0.02 -44.82 1.23
C GLY C 74 0.42 -43.43 1.65
N VAL C 75 0.09 -43.03 2.88
CA VAL C 75 0.53 -41.76 3.42
C VAL C 75 1.89 -41.97 4.09
N TYR C 76 2.89 -41.24 3.62
CA TYR C 76 4.26 -41.40 4.09
C TYR C 76 4.85 -40.04 4.43
N TYR C 77 5.83 -40.06 5.31
CA TYR C 77 6.49 -38.83 5.73
C TYR C 77 7.18 -38.20 4.52
N PRO C 78 6.67 -37.07 4.01
CA PRO C 78 7.24 -36.52 2.77
C PRO C 78 8.69 -36.09 2.91
N ASP C 79 9.17 -35.82 4.12
CA ASP C 79 10.53 -35.34 4.32
C ASP C 79 11.02 -35.81 5.68
N LYS C 80 12.27 -35.48 5.98
CA LYS C 80 12.92 -35.88 7.24
C LYS C 80 12.95 -34.73 8.24
N VAL C 81 11.90 -33.92 8.27
CA VAL C 81 11.80 -32.78 9.16
C VAL C 81 10.74 -33.08 10.22
N PHE C 82 11.07 -32.80 11.48
CA PHE C 82 10.18 -33.11 12.59
C PHE C 82 9.14 -32.00 12.76
N ARG C 83 7.88 -32.39 12.80
CA ARG C 83 6.78 -31.47 13.08
C ARG C 83 5.91 -32.09 14.15
N SER C 84 5.33 -31.25 15.01
CA SER C 84 4.52 -31.72 16.12
C SER C 84 3.36 -30.78 16.37
N SER C 85 2.16 -31.35 16.52
CA SER C 85 0.96 -30.58 16.85
C SER C 85 0.74 -29.46 15.84
N VAL C 86 1.01 -29.75 14.57
CA VAL C 86 0.84 -28.77 13.50
C VAL C 86 0.22 -29.48 12.30
N LEU C 87 -0.73 -28.81 11.66
CA LEU C 87 -1.38 -29.33 10.46
C LEU C 87 -0.60 -28.79 9.26
N HIS C 88 0.18 -29.65 8.61
CA HIS C 88 1.06 -29.24 7.54
C HIS C 88 0.46 -29.65 6.18
N SER C 89 0.35 -28.69 5.29
CA SER C 89 -0.16 -28.93 3.94
C SER C 89 1.01 -29.04 2.98
N THR C 90 1.12 -30.18 2.30
CA THR C 90 2.25 -30.46 1.43
C THR C 90 1.76 -31.05 0.11
N GLN C 91 2.40 -30.64 -0.97
CA GLN C 91 2.12 -31.15 -2.30
C GLN C 91 3.23 -32.11 -2.72
N ASP C 92 2.85 -33.32 -3.12
CA ASP C 92 3.83 -34.35 -3.46
C ASP C 92 3.10 -35.50 -4.13
N LEU C 93 3.85 -36.55 -4.44
CA LEU C 93 3.27 -37.75 -5.05
C LEU C 93 2.69 -38.62 -3.95
N PHE C 94 1.37 -38.79 -3.98
CA PHE C 94 0.66 -39.56 -2.98
C PHE C 94 -0.32 -40.50 -3.66
N LEU C 95 -0.77 -41.51 -2.93
CA LEU C 95 -1.79 -42.41 -3.43
C LEU C 95 -3.16 -41.79 -3.20
N PRO C 96 -3.92 -41.47 -4.24
CA PRO C 96 -5.23 -40.85 -4.03
C PRO C 96 -6.12 -41.72 -3.16
N PHE C 97 -6.88 -41.06 -2.28
CA PHE C 97 -7.75 -41.77 -1.36
C PHE C 97 -8.86 -42.48 -2.12
N PHE C 98 -9.28 -43.63 -1.59
CA PHE C 98 -10.38 -44.39 -2.16
C PHE C 98 -10.12 -44.71 -3.63
N SER C 99 -8.88 -45.01 -3.96
CA SER C 99 -8.53 -45.39 -5.32
C SER C 99 -8.83 -46.86 -5.55
N ASN C 100 -8.82 -47.26 -6.81
CA ASN C 100 -9.11 -48.64 -7.20
C ASN C 100 -7.82 -49.41 -7.38
N VAL C 101 -7.16 -49.67 -6.24
CA VAL C 101 -5.90 -50.39 -6.25
C VAL C 101 -6.10 -51.77 -6.85
N THR C 102 -5.24 -52.15 -7.80
CA THR C 102 -5.38 -53.43 -8.47
C THR C 102 -4.94 -54.56 -7.55
N TRP C 103 -5.64 -55.68 -7.62
CA TRP C 103 -5.36 -56.87 -6.82
C TRP C 103 -4.81 -57.95 -7.74
N PHE C 104 -3.65 -58.50 -7.39
CA PHE C 104 -2.97 -59.52 -8.17
C PHE C 104 -2.80 -60.77 -7.33
N HIS C 105 -3.03 -61.92 -7.95
CA HIS C 105 -2.91 -63.20 -7.27
C HIS C 105 -2.56 -64.26 -8.28
N ALA C 106 -1.88 -65.30 -7.82
CA ALA C 106 -1.51 -66.44 -8.65
C ALA C 106 -2.52 -67.56 -8.40
N ILE C 107 -3.34 -67.85 -9.41
CA ILE C 107 -4.40 -68.83 -9.32
C ILE C 107 -4.17 -69.90 -10.37
N HIS C 108 -4.44 -71.15 -10.01
CA HIS C 108 -4.32 -72.28 -10.93
C HIS C 108 -2.90 -72.41 -11.45
N LYS C 116 2.54 -73.54 -14.95
CA LYS C 116 2.22 -72.80 -16.17
C LYS C 116 1.55 -71.47 -15.82
N ARG C 117 0.65 -71.49 -14.84
CA ARG C 117 -0.09 -70.31 -14.43
C ARG C 117 0.59 -69.72 -13.20
N PHE C 118 1.50 -68.79 -13.44
CA PHE C 118 2.21 -68.04 -12.40
C PHE C 118 2.15 -66.55 -12.72
N ASP C 119 0.95 -66.09 -13.04
CA ASP C 119 0.76 -64.77 -13.65
C ASP C 119 1.17 -63.68 -12.67
N ASN C 120 2.36 -63.13 -12.87
CA ASN C 120 2.79 -61.89 -12.22
C ASN C 120 3.42 -60.99 -13.27
N PRO C 121 2.64 -60.55 -14.25
CA PRO C 121 3.21 -59.85 -15.40
C PRO C 121 3.85 -58.53 -15.01
N VAL C 122 4.85 -58.14 -15.80
CA VAL C 122 5.50 -56.86 -15.58
C VAL C 122 4.47 -55.75 -15.73
N LEU C 123 4.43 -54.86 -14.75
CA LEU C 123 3.47 -53.77 -14.68
C LEU C 123 4.14 -52.43 -14.93
N PRO C 124 3.41 -51.46 -15.48
CA PRO C 124 4.02 -50.14 -15.69
C PRO C 124 4.41 -49.50 -14.36
N PHE C 125 5.51 -48.73 -14.40
CA PHE C 125 5.98 -47.96 -13.26
C PHE C 125 6.12 -46.52 -13.72
N ASN C 126 5.10 -45.71 -13.44
CA ASN C 126 5.10 -44.30 -13.80
C ASN C 126 4.96 -43.47 -12.54
N ASP C 127 5.85 -42.49 -12.39
CA ASP C 127 5.86 -41.53 -11.29
C ASP C 127 5.45 -42.20 -9.97
N GLY C 128 6.23 -43.22 -9.60
CA GLY C 128 6.06 -43.88 -8.32
C GLY C 128 5.06 -45.02 -8.38
N VAL C 129 5.01 -45.78 -7.29
CA VAL C 129 4.09 -46.91 -7.18
C VAL C 129 3.91 -47.26 -5.71
N TYR C 130 2.77 -47.84 -5.40
CA TYR C 130 2.43 -48.28 -4.05
C TYR C 130 2.13 -49.77 -4.08
N PHE C 131 2.78 -50.52 -3.20
CA PHE C 131 2.67 -51.96 -3.14
C PHE C 131 2.21 -52.35 -1.73
N ALA C 132 1.34 -53.35 -1.64
CA ALA C 132 0.86 -53.77 -0.32
C ALA C 132 0.48 -55.23 -0.36
N SER C 133 0.95 -56.01 0.62
CA SER C 133 0.67 -57.43 0.58
C SER C 133 0.66 -58.02 1.99
N THR C 134 -0.16 -59.04 2.17
CA THR C 134 -0.16 -59.83 3.39
C THR C 134 0.86 -60.96 3.20
N GLU C 135 1.95 -60.91 3.96
CA GLU C 135 3.07 -61.80 3.69
C GLU C 135 3.59 -62.41 4.98
N LYS C 136 4.15 -63.62 4.85
CA LYS C 136 4.79 -64.31 5.96
C LYS C 136 5.89 -65.19 5.40
N SER C 137 7.06 -65.15 6.05
CA SER C 137 8.20 -65.98 5.69
C SER C 137 8.77 -65.61 4.31
N ASN C 138 8.59 -64.36 3.89
CA ASN C 138 9.18 -63.85 2.66
C ASN C 138 8.75 -64.70 1.45
N ILE C 139 7.43 -64.71 1.21
CA ILE C 139 6.92 -65.34 0.00
C ILE C 139 7.29 -64.50 -1.23
N ILE C 140 7.19 -63.18 -1.11
CA ILE C 140 7.59 -62.27 -2.17
C ILE C 140 9.08 -62.03 -2.03
N ARG C 141 9.88 -62.66 -2.90
CA ARG C 141 11.33 -62.54 -2.79
C ARG C 141 11.76 -61.09 -2.94
N GLY C 142 11.18 -60.37 -3.90
CA GLY C 142 11.58 -58.98 -4.09
C GLY C 142 10.93 -58.35 -5.30
N TRP C 143 11.69 -57.48 -5.97
CA TRP C 143 11.19 -56.78 -7.14
C TRP C 143 12.33 -56.55 -8.12
N ILE C 144 11.97 -56.33 -9.38
CA ILE C 144 12.91 -55.95 -10.41
C ILE C 144 12.34 -54.74 -11.15
N PHE C 145 13.14 -53.68 -11.24
CA PHE C 145 12.78 -52.46 -11.93
C PHE C 145 13.67 -52.26 -13.14
N GLY C 146 13.31 -51.27 -13.96
CA GLY C 146 14.05 -50.93 -15.15
C GLY C 146 13.09 -50.58 -16.26
N THR C 147 13.63 -50.55 -17.49
CA THR C 147 12.83 -50.22 -18.67
C THR C 147 12.77 -51.36 -19.68
N THR C 148 13.79 -52.20 -19.76
CA THR C 148 13.79 -53.36 -20.65
C THR C 148 14.21 -54.65 -19.97
N LEU C 149 14.87 -54.59 -18.82
CA LEU C 149 15.29 -55.78 -18.07
C LEU C 149 15.83 -56.86 -18.99
N ASP C 150 16.69 -56.44 -19.94
CA ASP C 150 17.31 -57.38 -20.87
C ASP C 150 18.78 -57.05 -21.12
N SER C 151 19.42 -56.33 -20.21
CA SER C 151 20.84 -55.98 -20.32
C SER C 151 21.09 -54.88 -21.35
N LYS C 152 20.05 -54.48 -22.08
CA LYS C 152 20.19 -53.35 -22.99
C LYS C 152 20.25 -52.04 -22.21
N THR C 153 19.60 -51.98 -21.05
CA THR C 153 19.70 -50.86 -20.14
C THR C 153 19.78 -51.40 -18.72
N GLN C 154 20.52 -50.69 -17.87
CA GLN C 154 20.73 -51.15 -16.50
C GLN C 154 19.38 -51.27 -15.78
N SER C 155 19.19 -52.39 -15.10
CA SER C 155 17.98 -52.66 -14.35
C SER C 155 18.25 -52.45 -12.86
N LEU C 156 17.25 -52.77 -12.03
CA LEU C 156 17.35 -52.62 -10.58
C LEU C 156 16.80 -53.87 -9.92
N LEU C 157 17.48 -54.34 -8.87
CA LEU C 157 17.05 -55.52 -8.14
C LEU C 157 17.03 -55.23 -6.65
N ILE C 158 15.94 -55.60 -6.00
CA ILE C 158 15.77 -55.37 -4.56
C ILE C 158 15.53 -56.72 -3.88
N VAL C 159 16.09 -57.79 -4.45
CA VAL C 159 15.85 -59.12 -3.92
C VAL C 159 16.31 -59.20 -2.48
N ASN C 160 15.54 -59.90 -1.65
CA ASN C 160 15.86 -60.12 -0.24
C ASN C 160 15.75 -61.62 0.02
N ASN C 161 16.90 -62.30 0.04
CA ASN C 161 16.91 -63.76 0.21
C ASN C 161 17.89 -64.18 1.28
N ALA C 162 18.17 -65.49 1.37
CA ALA C 162 18.95 -66.04 2.48
C ALA C 162 20.26 -65.28 2.66
N THR C 163 20.99 -65.05 1.58
CA THR C 163 22.29 -64.40 1.68
C THR C 163 22.21 -63.11 2.47
N ASN C 164 21.44 -62.15 1.97
CA ASN C 164 21.26 -60.86 2.62
C ASN C 164 20.16 -60.11 1.87
N VAL C 165 19.93 -58.85 2.25
CA VAL C 165 19.02 -57.99 1.51
C VAL C 165 19.81 -57.37 0.37
N VAL C 166 19.85 -58.08 -0.76
CA VAL C 166 20.74 -57.71 -1.86
C VAL C 166 20.09 -56.57 -2.64
N ILE C 167 20.61 -55.37 -2.49
CA ILE C 167 20.23 -54.22 -3.33
C ILE C 167 21.31 -54.13 -4.40
N LYS C 168 21.10 -54.84 -5.49
CA LYS C 168 22.08 -54.92 -6.58
C LYS C 168 21.48 -54.28 -7.82
N VAL C 169 21.82 -53.03 -8.06
CA VAL C 169 21.38 -52.33 -9.27
C VAL C 169 22.43 -52.64 -10.33
N CYS C 170 22.25 -53.77 -11.00
CA CYS C 170 23.23 -54.22 -11.97
C CYS C 170 22.58 -54.65 -13.28
N GLU C 171 23.23 -54.28 -14.38
CA GLU C 171 22.77 -54.70 -15.69
C GLU C 171 22.72 -56.22 -15.75
N PHE C 172 21.54 -56.76 -16.02
CA PHE C 172 21.27 -58.18 -15.98
C PHE C 172 20.79 -58.64 -17.35
N GLN C 173 21.33 -59.75 -17.82
CA GLN C 173 20.92 -60.35 -19.08
C GLN C 173 20.02 -61.54 -18.78
N PHE C 174 18.77 -61.46 -19.23
CA PHE C 174 17.82 -62.54 -19.02
C PHE C 174 18.02 -63.63 -20.05
N CYS C 175 17.47 -64.80 -19.75
CA CYS C 175 17.57 -65.95 -20.64
C CYS C 175 16.56 -65.80 -21.78
N ASN C 176 16.35 -66.88 -22.55
CA ASN C 176 15.44 -66.82 -23.68
C ASN C 176 14.09 -66.22 -23.29
N ASP C 177 13.57 -66.61 -22.13
CA ASP C 177 12.30 -66.08 -21.64
C ASP C 177 12.57 -65.07 -20.53
N PRO C 178 12.29 -63.77 -20.73
CA PRO C 178 12.68 -62.77 -19.73
C PRO C 178 11.84 -62.83 -18.45
N PHE C 179 11.88 -63.96 -17.76
CA PHE C 179 11.27 -64.07 -16.44
C PHE C 179 11.92 -65.26 -15.73
N LEU C 180 11.31 -65.69 -14.63
CA LEU C 180 11.81 -66.86 -13.89
C LEU C 180 11.56 -68.08 -14.76
N GLY C 181 12.49 -68.32 -15.68
CA GLY C 181 12.37 -69.37 -16.68
C GLY C 181 12.64 -70.77 -16.20
N VAL C 182 12.91 -70.95 -14.90
CA VAL C 182 13.08 -72.30 -14.39
C VAL C 182 11.84 -73.12 -14.71
N TYR C 183 12.03 -74.42 -14.90
CA TYR C 183 10.92 -75.28 -15.29
C TYR C 183 9.86 -75.30 -14.21
N TYR C 184 8.62 -75.52 -14.63
CA TYR C 184 7.47 -75.40 -13.75
C TYR C 184 7.49 -76.49 -12.68
N HIS C 185 6.47 -76.46 -11.82
CA HIS C 185 6.41 -77.34 -10.66
C HIS C 185 6.12 -78.78 -11.07
N LYS C 186 7.17 -79.58 -11.22
CA LYS C 186 7.03 -81.02 -11.51
C LYS C 186 7.10 -81.83 -10.22
N ASN C 187 6.21 -81.49 -9.29
CA ASN C 187 6.12 -82.18 -8.00
C ASN C 187 7.46 -82.18 -7.28
N ASN C 188 8.02 -80.98 -7.10
CA ASN C 188 9.28 -80.82 -6.40
C ASN C 188 9.11 -80.44 -4.93
N LYS C 189 8.08 -79.65 -4.61
CA LYS C 189 7.81 -79.23 -3.24
C LYS C 189 9.03 -78.54 -2.63
N SER C 190 9.69 -77.71 -3.43
CA SER C 190 10.87 -76.97 -2.98
C SER C 190 10.92 -75.63 -3.70
N TRP C 191 10.93 -74.55 -2.95
CA TRP C 191 11.01 -73.20 -3.50
C TRP C 191 12.44 -72.70 -3.61
N MET C 192 13.43 -73.52 -3.27
CA MET C 192 14.81 -73.08 -3.30
C MET C 192 15.23 -72.66 -4.69
N GLU C 193 15.96 -71.55 -4.77
CA GLU C 193 16.52 -71.06 -6.03
C GLU C 193 17.71 -71.93 -6.38
N SER C 194 17.50 -72.90 -7.28
CA SER C 194 18.56 -73.83 -7.66
C SER C 194 19.35 -73.30 -8.86
N GLU C 195 18.66 -73.08 -9.99
CA GLU C 195 19.27 -72.52 -11.20
C GLU C 195 18.39 -71.35 -11.63
N PHE C 196 18.66 -70.18 -11.07
CA PHE C 196 17.82 -69.02 -11.35
C PHE C 196 17.91 -68.62 -12.81
N ARG C 197 16.76 -68.36 -13.42
CA ARG C 197 16.68 -67.87 -14.79
C ARG C 197 16.33 -66.39 -14.84
N VAL C 198 16.34 -65.70 -13.70
CA VAL C 198 16.06 -64.27 -13.69
C VAL C 198 17.08 -63.52 -14.53
N TYR C 199 18.35 -63.90 -14.42
CA TYR C 199 19.40 -63.28 -15.22
C TYR C 199 20.54 -64.28 -15.41
N SER C 200 21.34 -64.03 -16.44
CA SER C 200 22.51 -64.88 -16.69
C SER C 200 23.68 -64.48 -15.80
N SER C 201 24.07 -63.20 -15.85
CA SER C 201 25.16 -62.71 -15.02
C SER C 201 25.01 -61.20 -14.86
N ALA C 202 25.71 -60.67 -13.88
CA ALA C 202 25.73 -59.23 -13.61
C ALA C 202 26.88 -58.60 -14.39
N ASN C 203 26.59 -57.62 -15.23
CA ASN C 203 27.58 -57.08 -16.15
C ASN C 203 27.93 -55.61 -15.89
N ASN C 204 29.21 -55.34 -15.67
CA ASN C 204 29.69 -54.02 -15.24
C ASN C 204 28.94 -53.57 -13.98
N CYS C 205 27.95 -52.70 -14.11
CA CYS C 205 27.04 -51.92 -13.28
C CYS C 205 27.80 -51.08 -12.27
N THR C 206 27.08 -50.30 -11.46
CA THR C 206 27.70 -49.36 -10.52
C THR C 206 27.34 -49.64 -9.08
N PHE C 207 26.07 -49.86 -8.77
CA PHE C 207 25.60 -49.94 -7.40
C PHE C 207 25.37 -51.39 -6.99
N GLU C 208 25.98 -51.80 -5.88
CA GLU C 208 25.82 -53.14 -5.34
C GLU C 208 25.67 -53.08 -3.83
N TYR C 209 24.86 -52.14 -3.35
CA TYR C 209 24.70 -51.96 -1.91
C TYR C 209 24.09 -53.20 -1.27
N VAL C 210 24.58 -53.55 -0.09
CA VAL C 210 24.05 -54.65 0.70
C VAL C 210 23.66 -54.09 2.05
N SER C 211 22.38 -54.25 2.41
CA SER C 211 21.88 -53.79 3.69
C SER C 211 22.13 -54.87 4.76
N GLN C 212 21.51 -54.71 5.92
CA GLN C 212 21.67 -55.69 6.98
C GLN C 212 21.20 -57.06 6.48
N PRO C 213 22.02 -58.10 6.60
CA PRO C 213 21.62 -59.41 6.05
C PRO C 213 20.32 -59.91 6.67
N PHE C 214 19.49 -60.52 5.82
CA PHE C 214 18.24 -61.15 6.23
C PHE C 214 18.29 -62.60 5.78
N LEU C 215 18.12 -63.53 6.71
CA LEU C 215 18.36 -64.95 6.46
C LEU C 215 17.06 -65.73 6.58
N MET C 216 16.70 -66.45 5.52
CA MET C 216 15.62 -67.42 5.56
C MET C 216 15.79 -68.38 4.39
N ASP C 217 15.40 -69.63 4.59
CA ASP C 217 15.51 -70.66 3.58
C ASP C 217 14.18 -70.87 2.86
N LEU C 218 14.27 -71.37 1.63
CA LEU C 218 13.11 -71.63 0.78
C LEU C 218 13.03 -73.13 0.52
N GLU C 219 11.97 -73.75 1.01
CA GLU C 219 11.74 -75.18 0.81
C GLU C 219 10.36 -75.52 1.38
N GLY C 220 9.96 -76.78 1.23
CA GLY C 220 8.68 -77.21 1.75
C GLY C 220 7.52 -76.56 1.02
N LYS C 221 6.42 -76.37 1.75
CA LYS C 221 5.21 -75.74 1.23
C LYS C 221 4.87 -74.54 2.09
N GLN C 222 4.69 -73.38 1.45
CA GLN C 222 4.38 -72.14 2.14
C GLN C 222 3.12 -71.55 1.53
N GLY C 223 2.09 -71.38 2.35
CA GLY C 223 0.82 -70.84 1.87
C GLY C 223 0.10 -69.98 2.88
N ASN C 224 0.81 -69.45 3.87
CA ASN C 224 0.20 -68.72 4.97
C ASN C 224 0.64 -67.26 4.96
N PHE C 225 -0.31 -66.37 5.27
CA PHE C 225 -0.05 -64.95 5.42
C PHE C 225 -0.79 -64.44 6.65
N LYS C 226 -0.12 -63.61 7.45
CA LYS C 226 -0.70 -63.12 8.69
C LYS C 226 -0.63 -61.61 8.84
N ASN C 227 0.46 -60.98 8.39
CA ASN C 227 0.70 -59.57 8.66
C ASN C 227 0.83 -58.79 7.36
N LEU C 228 0.33 -57.56 7.40
CA LEU C 228 0.29 -56.67 6.25
C LEU C 228 1.59 -55.88 6.19
N ARG C 229 2.15 -55.78 4.99
CA ARG C 229 3.34 -54.99 4.74
C ARG C 229 3.02 -54.04 3.60
N GLU C 230 3.18 -52.74 3.86
CA GLU C 230 2.97 -51.71 2.87
C GLU C 230 4.32 -51.09 2.51
N PHE C 231 4.52 -50.91 1.19
CA PHE C 231 5.73 -50.33 0.63
C PHE C 231 5.33 -49.24 -0.36
N VAL C 232 6.15 -48.20 -0.44
CA VAL C 232 5.99 -47.15 -1.43
C VAL C 232 7.33 -46.95 -2.09
N PHE C 233 7.35 -47.03 -3.43
CA PHE C 233 8.58 -46.86 -4.20
C PHE C 233 8.46 -45.58 -5.03
N LYS C 234 9.44 -44.70 -4.88
CA LYS C 234 9.50 -43.47 -5.66
C LYS C 234 10.84 -43.39 -6.37
N ASN C 235 10.85 -42.75 -7.53
CA ASN C 235 12.06 -42.58 -8.33
C ASN C 235 12.03 -41.17 -8.92
N ILE C 236 12.75 -40.23 -8.31
CA ILE C 236 12.73 -38.85 -8.77
C ILE C 236 14.08 -38.21 -8.45
N ASP C 237 14.49 -37.28 -9.31
CA ASP C 237 15.74 -36.53 -9.16
C ASP C 237 16.91 -37.45 -8.82
N GLY C 238 17.00 -38.56 -9.54
CA GLY C 238 18.12 -39.46 -9.39
C GLY C 238 18.14 -40.27 -8.12
N TYR C 239 17.05 -40.25 -7.34
CA TYR C 239 16.98 -40.95 -6.07
C TYR C 239 15.81 -41.91 -6.07
N PHE C 240 16.02 -43.06 -5.44
CA PHE C 240 15.03 -44.12 -5.29
C PHE C 240 14.66 -44.23 -3.81
N LYS C 241 13.43 -43.85 -3.48
CA LYS C 241 12.96 -43.81 -2.10
C LYS C 241 12.12 -45.03 -1.81
N ILE C 242 12.39 -45.69 -0.69
CA ILE C 242 11.57 -46.79 -0.20
C ILE C 242 10.96 -46.37 1.13
N TYR C 243 9.64 -46.50 1.24
CA TYR C 243 8.94 -46.34 2.51
C TYR C 243 8.23 -47.65 2.82
N SER C 244 8.14 -47.99 4.10
CA SER C 244 7.50 -49.25 4.45
C SER C 244 6.95 -49.18 5.87
N LYS C 245 6.01 -50.07 6.15
CA LYS C 245 5.51 -50.22 7.52
C LYS C 245 5.00 -51.63 7.73
N HIS C 246 5.55 -52.33 8.72
CA HIS C 246 5.17 -53.69 9.07
C HIS C 246 4.04 -53.63 10.10
N THR C 247 2.81 -53.91 9.68
CA THR C 247 1.66 -53.79 10.57
C THR C 247 0.92 -55.12 10.68
N PRO C 248 0.67 -55.65 11.88
CA PRO C 248 -0.22 -56.79 12.00
C PRO C 248 -1.66 -56.37 11.85
N ILE C 249 -2.47 -57.27 11.30
CA ILE C 249 -3.88 -56.99 11.08
C ILE C 249 -4.62 -58.31 11.00
N ASN C 250 -5.81 -58.36 11.64
CA ASN C 250 -6.61 -59.58 11.61
C ASN C 250 -7.08 -59.91 10.20
N LEU C 251 -7.47 -58.89 9.43
CA LEU C 251 -7.93 -59.11 8.08
C LEU C 251 -6.82 -59.72 7.23
N VAL C 252 -7.17 -60.73 6.43
CA VAL C 252 -6.21 -61.41 5.56
C VAL C 252 -6.76 -61.52 4.15
N ARG C 253 -8.02 -61.14 3.96
CA ARG C 253 -8.69 -61.28 2.67
C ARG C 253 -8.88 -59.96 1.94
N ASP C 254 -9.02 -58.85 2.66
CA ASP C 254 -9.22 -57.54 2.04
C ASP C 254 -8.43 -56.50 2.81
N LEU C 255 -8.14 -55.40 2.14
CA LEU C 255 -7.35 -54.33 2.76
C LEU C 255 -8.11 -53.78 3.96
N PRO C 256 -7.42 -53.45 5.06
CA PRO C 256 -8.12 -53.00 6.27
C PRO C 256 -8.43 -51.52 6.26
N GLN C 257 -9.48 -51.16 6.99
CA GLN C 257 -9.89 -49.78 7.14
C GLN C 257 -9.16 -49.18 8.34
N GLY C 258 -8.39 -48.12 8.10
CA GLY C 258 -7.63 -47.50 9.16
C GLY C 258 -6.61 -46.55 8.59
N PHE C 259 -5.75 -46.06 9.47
CA PHE C 259 -4.69 -45.13 9.07
C PHE C 259 -3.37 -45.55 9.72
N SER C 260 -2.29 -45.45 8.95
CA SER C 260 -0.95 -45.73 9.46
C SER C 260 0.06 -45.13 8.49
N ALA C 261 0.89 -44.22 8.99
CA ALA C 261 1.89 -43.57 8.15
C ALA C 261 3.05 -44.52 7.86
N LEU C 262 3.72 -44.27 6.75
CA LEU C 262 4.85 -45.07 6.32
C LEU C 262 6.13 -44.26 6.47
N GLU C 263 7.10 -44.80 7.21
CA GLU C 263 8.36 -44.10 7.38
C GLU C 263 9.37 -44.53 6.31
N PRO C 264 10.26 -43.64 5.89
CA PRO C 264 11.29 -44.04 4.94
C PRO C 264 12.29 -45.00 5.57
N LEU C 265 12.91 -45.81 4.72
CA LEU C 265 13.99 -46.69 5.16
C LEU C 265 15.24 -46.62 4.32
N VAL C 266 15.18 -46.09 3.09
CA VAL C 266 16.39 -45.93 2.29
C VAL C 266 16.10 -44.97 1.15
N ASP C 267 17.09 -44.15 0.83
CA ASP C 267 17.09 -43.23 -0.30
C ASP C 267 18.33 -43.57 -1.14
N LEU C 268 18.17 -44.55 -2.01
CA LEU C 268 19.30 -45.03 -2.81
C LEU C 268 19.62 -44.03 -3.91
N PRO C 269 20.88 -43.59 -4.03
CA PRO C 269 21.24 -42.69 -5.14
C PRO C 269 21.58 -43.45 -6.43
N ILE C 270 20.53 -43.83 -7.16
CA ILE C 270 20.69 -44.69 -8.34
C ILE C 270 20.62 -43.86 -9.63
N GLY C 271 19.48 -43.26 -9.91
CA GLY C 271 19.32 -42.45 -11.10
C GLY C 271 19.41 -43.21 -12.41
N ILE C 272 18.38 -44.01 -12.71
CA ILE C 272 18.32 -44.81 -13.93
C ILE C 272 16.93 -44.64 -14.53
N ASN C 273 16.74 -45.18 -15.73
CA ASN C 273 15.38 -45.55 -16.10
C ASN C 273 14.78 -46.55 -15.14
N ILE C 274 13.52 -46.31 -14.81
CA ILE C 274 12.59 -47.31 -14.32
C ILE C 274 11.26 -46.97 -14.96
N THR C 275 10.83 -47.77 -15.93
CA THR C 275 9.55 -47.59 -16.58
C THR C 275 8.59 -48.74 -16.34
N ARG C 276 9.10 -49.93 -16.08
CA ARG C 276 8.28 -51.09 -15.78
C ARG C 276 8.94 -51.87 -14.65
N PHE C 277 8.12 -52.57 -13.86
CA PHE C 277 8.62 -53.31 -12.72
C PHE C 277 7.82 -54.58 -12.57
N GLN C 278 8.45 -55.61 -12.01
CA GLN C 278 7.84 -56.92 -11.86
C GLN C 278 8.28 -57.54 -10.53
N THR C 279 7.33 -58.10 -9.80
CA THR C 279 7.64 -58.68 -8.49
C THR C 279 8.24 -60.07 -8.65
N LEU C 280 9.02 -60.46 -7.64
CA LEU C 280 9.71 -61.73 -7.59
C LEU C 280 9.13 -62.56 -6.45
N LEU C 281 8.47 -63.66 -6.80
CA LEU C 281 7.85 -64.57 -5.86
C LEU C 281 8.72 -65.80 -5.66
N ALA C 282 8.47 -66.52 -4.57
CA ALA C 282 9.20 -67.74 -4.29
C ALA C 282 8.97 -68.75 -5.41
N LEU C 283 10.05 -69.37 -5.87
CA LEU C 283 9.97 -70.35 -6.95
C LEU C 283 9.15 -71.56 -6.53
N SER C 293 2.65 -76.13 -18.77
CA SER C 293 2.19 -77.27 -18.00
C SER C 293 0.66 -77.35 -17.98
N SER C 294 0.12 -78.23 -18.82
CA SER C 294 -1.33 -78.44 -18.84
C SER C 294 -1.83 -78.99 -17.51
N SER C 295 -1.08 -79.93 -16.92
CA SER C 295 -1.45 -80.55 -15.66
C SER C 295 -0.22 -80.68 -14.78
N GLY C 296 -0.44 -81.08 -13.54
CA GLY C 296 0.65 -81.26 -12.60
C GLY C 296 1.37 -79.97 -12.26
N TRP C 297 0.64 -78.86 -12.19
CA TRP C 297 1.20 -77.56 -11.85
C TRP C 297 0.53 -77.04 -10.59
N THR C 298 1.33 -76.56 -9.64
CA THR C 298 0.84 -76.03 -8.37
C THR C 298 0.93 -74.51 -8.39
N ALA C 299 -0.18 -73.85 -8.07
CA ALA C 299 -0.22 -72.40 -8.05
C ALA C 299 0.49 -71.85 -6.82
N GLY C 300 1.26 -70.78 -7.02
CA GLY C 300 1.91 -70.10 -5.92
C GLY C 300 0.98 -69.11 -5.26
N ALA C 301 0.04 -69.61 -4.47
CA ALA C 301 -1.00 -68.76 -3.87
C ALA C 301 -0.37 -67.59 -3.12
N ALA C 302 -0.62 -66.37 -3.61
CA ALA C 302 -0.10 -65.17 -2.98
C ALA C 302 -0.92 -63.99 -3.48
N ALA C 303 -1.24 -63.07 -2.57
CA ALA C 303 -2.06 -61.90 -2.88
C ALA C 303 -1.25 -60.64 -2.64
N TYR C 304 -1.28 -59.73 -3.62
CA TYR C 304 -0.61 -58.44 -3.44
C TYR C 304 -1.30 -57.40 -4.31
N TYR C 305 -1.41 -56.18 -3.79
CA TYR C 305 -2.09 -55.09 -4.46
C TYR C 305 -1.10 -54.02 -4.88
N VAL C 306 -1.35 -53.46 -6.06
CA VAL C 306 -0.52 -52.43 -6.66
C VAL C 306 -1.38 -51.18 -6.83
N GLY C 307 -0.88 -50.05 -6.32
CA GLY C 307 -1.47 -48.76 -6.55
C GLY C 307 -0.66 -47.93 -7.53
N TYR C 308 -0.96 -46.64 -7.57
CA TYR C 308 -0.26 -45.73 -8.46
C TYR C 308 -0.31 -44.33 -7.87
N LEU C 309 0.86 -43.75 -7.62
CA LEU C 309 0.93 -42.42 -7.05
C LEU C 309 0.57 -41.38 -8.09
N GLN C 310 0.10 -40.22 -7.60
CA GLN C 310 -0.26 -39.09 -8.43
C GLN C 310 0.21 -37.82 -7.72
N PRO C 311 0.46 -36.75 -8.47
CA PRO C 311 0.90 -35.48 -7.86
C PRO C 311 -0.24 -34.72 -7.19
N ARG C 312 -0.52 -35.08 -5.94
CA ARG C 312 -1.64 -34.54 -5.20
C ARG C 312 -1.16 -33.73 -4.01
N THR C 313 -2.08 -32.95 -3.45
CA THR C 313 -1.83 -32.13 -2.27
C THR C 313 -2.56 -32.73 -1.08
N PHE C 314 -1.85 -32.89 0.04
CA PHE C 314 -2.39 -33.51 1.24
C PHE C 314 -2.23 -32.56 2.41
N LEU C 315 -3.08 -32.76 3.43
CA LEU C 315 -2.99 -32.04 4.69
C LEU C 315 -2.79 -33.08 5.78
N LEU C 316 -1.60 -33.08 6.39
CA LEU C 316 -1.21 -34.08 7.37
C LEU C 316 -1.29 -33.51 8.76
N LYS C 317 -1.85 -34.28 9.69
CA LYS C 317 -2.02 -33.85 11.08
C LYS C 317 -0.95 -34.54 11.92
N TYR C 318 0.08 -33.79 12.28
CA TYR C 318 1.10 -34.30 13.20
C TYR C 318 0.60 -34.16 14.63
N ASN C 319 0.66 -35.27 15.37
CA ASN C 319 0.24 -35.25 16.78
C ASN C 319 1.38 -34.67 17.62
N GLU C 320 1.22 -34.71 18.94
CA GLU C 320 2.25 -34.19 19.82
C GLU C 320 3.56 -34.95 19.68
N ASN C 321 3.51 -36.15 19.08
CA ASN C 321 4.65 -37.06 19.04
C ASN C 321 5.36 -37.02 17.69
N GLY C 322 4.94 -36.14 16.79
CA GLY C 322 5.49 -36.10 15.45
C GLY C 322 5.14 -37.32 14.61
N THR C 323 3.93 -37.86 14.78
CA THR C 323 3.44 -38.97 13.98
C THR C 323 2.16 -38.55 13.28
N ILE C 324 2.07 -38.82 11.98
CA ILE C 324 0.90 -38.44 11.22
C ILE C 324 -0.27 -39.31 11.64
N THR C 325 -1.18 -38.76 12.44
CA THR C 325 -2.34 -39.50 12.87
C THR C 325 -3.40 -39.59 11.78
N ASP C 326 -3.52 -38.57 10.95
CA ASP C 326 -4.53 -38.55 9.91
C ASP C 326 -4.08 -37.63 8.79
N ALA C 327 -4.69 -37.82 7.61
CA ALA C 327 -4.41 -37.01 6.45
C ALA C 327 -5.71 -36.74 5.70
N VAL C 328 -5.76 -35.60 5.04
CA VAL C 328 -6.93 -35.17 4.26
C VAL C 328 -6.47 -34.91 2.84
N ASP C 329 -7.11 -35.56 1.88
CA ASP C 329 -6.84 -35.29 0.47
C ASP C 329 -7.49 -33.97 0.08
N CYS C 330 -6.79 -33.19 -0.74
CA CYS C 330 -7.24 -31.87 -1.13
C CYS C 330 -7.93 -31.85 -2.48
N ALA C 331 -8.24 -33.01 -3.05
CA ALA C 331 -8.96 -33.07 -4.31
C ALA C 331 -10.01 -34.17 -4.34
N LEU C 332 -10.24 -34.87 -3.22
CA LEU C 332 -11.19 -35.98 -3.24
C LEU C 332 -12.61 -35.49 -3.47
N ASP C 333 -13.04 -34.49 -2.72
CA ASP C 333 -14.42 -34.01 -2.78
C ASP C 333 -14.47 -32.59 -2.22
N PRO C 334 -15.56 -31.86 -2.48
CA PRO C 334 -15.60 -30.46 -2.03
C PRO C 334 -15.42 -30.29 -0.53
N LEU C 335 -15.93 -31.22 0.27
CA LEU C 335 -15.74 -31.12 1.71
C LEU C 335 -14.27 -31.16 2.07
N SER C 336 -13.52 -32.09 1.47
CA SER C 336 -12.09 -32.17 1.74
C SER C 336 -11.36 -30.95 1.18
N GLU C 337 -11.81 -30.41 0.05
CA GLU C 337 -11.21 -29.19 -0.45
C GLU C 337 -11.40 -28.04 0.53
N THR C 338 -12.59 -27.93 1.11
CA THR C 338 -12.83 -26.91 2.12
C THR C 338 -11.94 -27.13 3.34
N LYS C 339 -11.79 -28.39 3.76
CA LYS C 339 -10.92 -28.67 4.89
C LYS C 339 -9.50 -28.21 4.61
N CYS C 340 -8.99 -28.52 3.42
CA CYS C 340 -7.64 -28.08 3.05
C CYS C 340 -7.55 -26.56 3.02
N THR C 341 -8.56 -25.90 2.47
CA THR C 341 -8.54 -24.44 2.38
C THR C 341 -8.51 -23.81 3.77
N LEU C 342 -9.30 -24.34 4.70
CA LEU C 342 -9.35 -23.80 6.05
C LEU C 342 -8.23 -24.31 6.94
N LYS C 343 -7.42 -25.26 6.46
CA LYS C 343 -6.31 -25.79 7.24
C LYS C 343 -6.80 -26.37 8.56
N SER C 344 -7.97 -27.00 8.52
CA SER C 344 -8.55 -27.62 9.70
C SER C 344 -9.21 -28.93 9.31
N PHE C 345 -9.22 -29.86 10.26
CA PHE C 345 -9.88 -31.14 10.05
C PHE C 345 -11.37 -31.09 10.35
N THR C 346 -11.84 -30.01 10.98
CA THR C 346 -13.26 -29.81 11.23
C THR C 346 -13.64 -28.42 10.75
N VAL C 347 -14.68 -28.34 9.94
CA VAL C 347 -15.15 -27.09 9.34
C VAL C 347 -16.51 -26.76 9.91
N GLU C 348 -16.68 -25.53 10.37
CA GLU C 348 -17.94 -25.10 10.96
C GLU C 348 -19.00 -24.93 9.87
N LYS C 349 -20.25 -24.89 10.31
CA LYS C 349 -21.37 -24.71 9.39
C LYS C 349 -21.27 -23.36 8.69
N GLY C 350 -21.53 -23.35 7.39
CA GLY C 350 -21.56 -22.11 6.64
C GLY C 350 -21.21 -22.36 5.18
N ILE C 351 -20.96 -21.25 4.49
CA ILE C 351 -20.58 -21.26 3.08
C ILE C 351 -19.18 -20.71 2.98
N TYR C 352 -18.27 -21.49 2.41
CA TYR C 352 -16.86 -21.14 2.34
C TYR C 352 -16.41 -21.08 0.90
N GLN C 353 -15.76 -19.98 0.52
CA GLN C 353 -15.19 -19.86 -0.81
C GLN C 353 -13.98 -20.77 -0.92
N THR C 354 -13.92 -21.55 -1.99
CA THR C 354 -12.78 -22.43 -2.24
C THR C 354 -12.21 -22.14 -3.63
N SER C 355 -11.31 -23.00 -4.10
CA SER C 355 -10.68 -22.76 -5.39
C SER C 355 -11.73 -22.53 -6.48
N ASN C 356 -11.55 -21.46 -7.25
CA ASN C 356 -12.47 -21.13 -8.32
C ASN C 356 -12.25 -22.09 -9.48
N PHE C 357 -12.94 -21.84 -10.59
CA PHE C 357 -12.86 -22.70 -11.76
C PHE C 357 -12.76 -21.83 -13.01
N ARG C 358 -12.50 -22.49 -14.13
CA ARG C 358 -12.27 -21.79 -15.39
C ARG C 358 -12.62 -22.72 -16.54
N VAL C 359 -13.26 -22.18 -17.58
CA VAL C 359 -13.59 -22.96 -18.76
C VAL C 359 -12.38 -22.94 -19.68
N GLN C 360 -11.86 -24.14 -20.00
CA GLN C 360 -10.66 -24.21 -20.80
C GLN C 360 -10.99 -24.05 -22.28
N PRO C 361 -10.05 -23.56 -23.09
CA PRO C 361 -10.32 -23.30 -24.49
C PRO C 361 -9.94 -24.47 -25.39
N THR C 362 -10.28 -24.32 -26.68
CA THR C 362 -9.83 -25.21 -27.74
C THR C 362 -9.06 -24.38 -28.77
N GLU C 363 -7.94 -24.92 -29.23
CA GLU C 363 -6.95 -24.12 -29.95
C GLU C 363 -7.37 -23.91 -31.40
N SER C 364 -7.48 -22.64 -31.80
CA SER C 364 -7.61 -22.30 -33.22
C SER C 364 -7.15 -20.84 -33.37
N ILE C 365 -5.91 -20.65 -33.79
CA ILE C 365 -5.32 -19.31 -33.91
C ILE C 365 -4.83 -19.15 -35.34
N VAL C 366 -5.70 -18.73 -36.24
CA VAL C 366 -5.30 -18.05 -37.46
C VAL C 366 -6.54 -17.54 -38.17
N ARG C 367 -6.44 -16.37 -38.77
CA ARG C 367 -7.45 -15.92 -39.72
C ARG C 367 -6.83 -15.12 -40.87
N PHE C 368 -5.49 -15.06 -40.95
CA PHE C 368 -4.77 -14.09 -41.76
C PHE C 368 -5.37 -13.98 -43.17
N PRO C 369 -5.34 -12.79 -43.78
CA PRO C 369 -6.02 -12.61 -45.07
C PRO C 369 -5.33 -13.37 -46.19
N ASN C 370 -5.89 -13.26 -47.39
CA ASN C 370 -5.27 -13.87 -48.57
C ASN C 370 -3.98 -13.14 -48.92
N ILE C 371 -3.10 -13.85 -49.61
CA ILE C 371 -1.85 -13.28 -50.12
C ILE C 371 -1.87 -13.49 -51.63
N THR C 372 -2.35 -12.48 -52.35
CA THR C 372 -2.41 -12.59 -53.80
C THR C 372 -1.01 -12.71 -54.40
N ASN C 373 -0.04 -11.98 -53.84
CA ASN C 373 1.31 -11.98 -54.36
C ASN C 373 1.98 -13.32 -54.07
N LEU C 374 2.22 -14.09 -55.13
CA LEU C 374 2.97 -15.34 -55.04
C LEU C 374 4.38 -15.12 -55.55
N CYS C 375 5.34 -15.74 -54.89
CA CYS C 375 6.74 -15.44 -55.18
C CYS C 375 7.09 -15.92 -56.59
N PRO C 376 7.70 -15.06 -57.42
CA PRO C 376 8.20 -15.52 -58.72
C PRO C 376 9.51 -16.29 -58.63
N PHE C 377 9.88 -16.72 -57.42
CA PHE C 377 11.06 -17.54 -57.21
C PHE C 377 11.25 -18.54 -58.34
N GLY C 378 10.16 -19.19 -58.74
CA GLY C 378 10.27 -20.20 -59.79
C GLY C 378 10.85 -19.65 -61.07
N GLU C 379 10.37 -18.49 -61.51
CA GLU C 379 10.87 -17.90 -62.75
C GLU C 379 12.15 -17.10 -62.54
N VAL C 380 12.56 -16.87 -61.29
CA VAL C 380 13.83 -16.17 -61.07
C VAL C 380 14.99 -16.99 -61.63
N PHE C 381 14.99 -18.30 -61.38
CA PHE C 381 16.07 -19.18 -61.83
C PHE C 381 15.63 -20.03 -63.02
N ASN C 382 14.82 -19.46 -63.91
CA ASN C 382 14.40 -20.13 -65.13
C ASN C 382 15.09 -19.59 -66.39
N ALA C 383 15.54 -18.34 -66.37
CA ALA C 383 16.17 -17.75 -67.53
C ALA C 383 17.50 -18.42 -67.84
N THR C 384 17.88 -18.38 -69.12
CA THR C 384 19.13 -19.00 -69.54
C THR C 384 20.33 -18.34 -68.86
N ARG C 385 20.41 -17.01 -68.94
CA ARG C 385 21.51 -16.25 -68.35
C ARG C 385 20.93 -15.08 -67.58
N PHE C 386 21.28 -14.99 -66.30
CA PHE C 386 20.83 -13.91 -65.45
C PHE C 386 21.84 -12.76 -65.50
N ALA C 387 21.72 -11.81 -64.59
CA ALA C 387 22.68 -10.71 -64.52
C ALA C 387 24.09 -11.26 -64.34
N SER C 388 25.06 -10.50 -64.82
CA SER C 388 26.44 -10.97 -64.81
C SER C 388 26.92 -11.24 -63.39
N VAL C 389 27.96 -12.06 -63.28
CA VAL C 389 28.51 -12.40 -61.97
C VAL C 389 28.95 -11.14 -61.24
N TYR C 390 29.60 -10.21 -61.95
CA TYR C 390 30.04 -8.97 -61.34
C TYR C 390 28.91 -7.95 -61.24
N ALA C 391 27.94 -8.01 -62.14
CA ALA C 391 26.78 -7.13 -62.13
C ALA C 391 25.53 -7.85 -61.60
N TRP C 392 25.73 -8.70 -60.59
CA TRP C 392 24.64 -9.51 -60.03
C TRP C 392 23.37 -8.69 -59.82
N ASN C 393 22.22 -9.35 -60.01
CA ASN C 393 20.94 -8.66 -59.99
C ASN C 393 20.62 -8.13 -58.58
N ARG C 394 19.61 -7.26 -58.53
CA ARG C 394 19.13 -6.70 -57.27
C ARG C 394 17.61 -6.64 -57.22
N LYS C 395 16.92 -7.39 -58.06
CA LYS C 395 15.47 -7.36 -58.10
C LYS C 395 14.89 -7.67 -56.72
N ARG C 396 13.93 -6.86 -56.28
CA ARG C 396 13.34 -6.99 -54.95
C ARG C 396 12.12 -7.92 -55.02
N ILE C 397 12.42 -9.21 -55.18
CA ILE C 397 11.39 -10.25 -55.12
C ILE C 397 11.12 -10.51 -53.64
N SER C 398 10.06 -9.91 -53.12
CA SER C 398 9.77 -9.99 -51.70
C SER C 398 8.26 -9.84 -51.50
N ASN C 399 7.85 -9.90 -50.23
CA ASN C 399 6.44 -9.78 -49.83
C ASN C 399 5.54 -10.61 -50.76
N CYS C 400 5.79 -11.92 -50.75
CA CYS C 400 5.08 -12.85 -51.61
C CYS C 400 4.94 -14.18 -50.87
N VAL C 401 4.49 -15.20 -51.59
CA VAL C 401 4.29 -16.54 -51.03
C VAL C 401 5.29 -17.49 -51.70
N ALA C 402 6.16 -18.09 -50.89
CA ALA C 402 7.11 -19.09 -51.38
C ALA C 402 6.55 -20.49 -51.20
N ASP C 403 5.43 -20.74 -51.88
CA ASP C 403 4.77 -22.03 -51.79
C ASP C 403 5.70 -23.15 -52.24
N TYR C 404 5.74 -24.24 -51.45
CA TYR C 404 6.69 -25.31 -51.72
C TYR C 404 6.10 -26.70 -51.50
N SER C 405 4.78 -26.83 -51.33
CA SER C 405 4.19 -28.11 -50.96
C SER C 405 4.54 -29.20 -51.97
N VAL C 406 4.08 -29.06 -53.22
CA VAL C 406 4.44 -30.02 -54.26
C VAL C 406 5.84 -29.76 -54.80
N LEU C 407 6.38 -28.56 -54.58
CA LEU C 407 7.73 -28.25 -55.04
C LEU C 407 8.75 -29.16 -54.37
N TYR C 408 8.62 -29.37 -53.06
CA TYR C 408 9.52 -30.30 -52.37
C TYR C 408 9.36 -31.71 -52.90
N ASN C 409 8.12 -32.14 -53.13
CA ASN C 409 7.87 -33.50 -53.61
C ASN C 409 8.49 -33.71 -54.99
N SER C 410 8.46 -32.70 -55.84
CA SER C 410 9.02 -32.83 -57.18
C SER C 410 10.52 -33.06 -57.10
N ALA C 411 10.94 -34.31 -57.40
CA ALA C 411 12.37 -34.63 -57.33
C ALA C 411 13.16 -33.86 -58.37
N SER C 412 12.56 -33.57 -59.53
CA SER C 412 13.28 -32.83 -60.56
C SER C 412 13.69 -31.45 -60.09
N PHE C 413 13.03 -30.90 -59.07
CA PHE C 413 13.40 -29.60 -58.56
C PHE C 413 14.80 -29.64 -57.96
N SER C 414 15.50 -28.51 -58.05
CA SER C 414 16.91 -28.47 -57.65
C SER C 414 17.06 -28.27 -56.14
N THR C 415 16.62 -27.13 -55.63
CA THR C 415 16.80 -26.80 -54.21
C THR C 415 15.95 -25.61 -53.81
N PHE C 416 15.25 -25.73 -52.68
CA PHE C 416 14.37 -24.67 -52.20
C PHE C 416 14.45 -24.44 -50.71
N LYS C 417 15.28 -25.19 -49.98
CA LYS C 417 15.31 -25.11 -48.53
C LYS C 417 16.17 -23.95 -48.09
N CYS C 418 15.55 -22.97 -47.42
CA CYS C 418 16.24 -21.78 -46.92
C CYS C 418 16.57 -22.01 -45.46
N TYR C 419 17.84 -22.33 -45.18
CA TYR C 419 18.29 -22.56 -43.83
C TYR C 419 18.40 -21.28 -43.01
N GLY C 420 18.27 -20.12 -43.64
CA GLY C 420 18.39 -18.87 -42.89
C GLY C 420 17.39 -18.79 -41.76
N VAL C 421 16.12 -19.11 -42.04
CA VAL C 421 15.08 -19.15 -41.02
C VAL C 421 14.57 -20.57 -40.82
N SER C 422 14.04 -21.19 -41.87
CA SER C 422 13.65 -22.59 -41.82
C SER C 422 13.23 -23.03 -43.22
N PRO C 423 13.55 -24.27 -43.64
CA PRO C 423 13.03 -24.73 -44.94
C PRO C 423 11.52 -24.73 -45.00
N THR C 424 10.84 -25.01 -43.89
CA THR C 424 9.38 -25.01 -43.85
C THR C 424 8.81 -23.60 -43.81
N LYS C 425 9.54 -22.65 -43.23
CA LYS C 425 9.02 -21.29 -43.04
C LYS C 425 9.22 -20.49 -44.33
N LEU C 426 8.48 -20.91 -45.35
CA LEU C 426 8.50 -20.23 -46.64
C LEU C 426 7.09 -19.94 -47.15
N ASN C 427 6.14 -20.81 -46.79
CA ASN C 427 4.79 -20.69 -47.35
C ASN C 427 4.16 -19.35 -47.01
N ASP C 428 3.93 -19.10 -45.73
CA ASP C 428 3.28 -17.86 -45.28
C ASP C 428 4.28 -16.77 -44.92
N LEU C 429 5.58 -17.04 -45.01
CA LEU C 429 6.57 -16.02 -44.73
C LEU C 429 6.50 -14.94 -45.79
N CYS C 430 6.49 -13.69 -45.35
CA CYS C 430 6.55 -12.53 -46.24
C CYS C 430 7.93 -11.91 -46.12
N PHE C 431 8.59 -11.73 -47.27
CA PHE C 431 9.96 -11.25 -47.27
C PHE C 431 9.99 -9.73 -47.21
N THR C 432 10.79 -9.19 -46.30
CA THR C 432 10.83 -7.74 -46.09
C THR C 432 11.36 -7.02 -47.32
N ASN C 433 12.64 -7.20 -47.63
CA ASN C 433 13.28 -6.53 -48.76
C ASN C 433 14.28 -7.46 -49.43
N VAL C 434 13.90 -8.73 -49.63
CA VAL C 434 14.83 -9.70 -50.17
C VAL C 434 15.16 -9.34 -51.60
N TYR C 435 16.46 -9.29 -51.91
CA TYR C 435 16.96 -8.97 -53.24
C TYR C 435 17.64 -10.18 -53.84
N ALA C 436 17.27 -10.54 -55.06
CA ALA C 436 17.87 -11.66 -55.76
C ALA C 436 19.10 -11.21 -56.53
N ASP C 437 20.17 -12.00 -56.44
CA ASP C 437 21.43 -11.70 -57.11
C ASP C 437 21.78 -12.83 -58.07
N SER C 438 20.81 -13.26 -58.86
CA SER C 438 20.97 -14.43 -59.70
C SER C 438 22.10 -14.25 -60.71
N PHE C 439 22.84 -15.34 -60.94
CA PHE C 439 23.86 -15.37 -61.97
C PHE C 439 24.14 -16.82 -62.34
N VAL C 440 24.78 -17.00 -63.50
CA VAL C 440 25.10 -18.32 -64.03
C VAL C 440 26.62 -18.47 -64.05
N ILE C 441 27.11 -19.59 -63.52
CA ILE C 441 28.53 -19.87 -63.41
C ILE C 441 28.76 -21.28 -63.95
N ARG C 442 29.97 -21.81 -63.80
CA ARG C 442 30.26 -23.18 -64.19
C ARG C 442 30.13 -24.11 -62.98
N GLY C 443 30.08 -25.42 -63.27
CA GLY C 443 29.94 -26.39 -62.21
C GLY C 443 31.04 -26.31 -61.18
N ASP C 444 32.28 -26.19 -61.63
CA ASP C 444 33.42 -26.06 -60.74
C ASP C 444 33.69 -24.61 -60.34
N GLU C 445 32.95 -23.66 -60.88
CA GLU C 445 33.13 -22.26 -60.54
C GLU C 445 32.47 -21.87 -59.23
N VAL C 446 31.68 -22.77 -58.63
CA VAL C 446 31.03 -22.44 -57.35
C VAL C 446 32.06 -21.97 -56.34
N ARG C 447 33.32 -22.38 -56.51
CA ARG C 447 34.36 -22.01 -55.55
C ARG C 447 34.51 -20.49 -55.46
N GLN C 448 34.45 -19.79 -56.58
CA GLN C 448 34.59 -18.34 -56.53
C GLN C 448 33.29 -17.64 -56.15
N ILE C 449 32.20 -18.38 -55.98
CA ILE C 449 30.97 -17.81 -55.46
C ILE C 449 30.89 -18.10 -53.97
N ALA C 450 31.41 -19.26 -53.56
CA ALA C 450 31.34 -19.64 -52.16
C ALA C 450 32.16 -18.68 -51.30
N PRO C 451 31.74 -18.42 -50.06
CA PRO C 451 32.49 -17.50 -49.20
C PRO C 451 33.87 -18.05 -48.86
N GLY C 452 34.82 -17.13 -48.70
CA GLY C 452 36.13 -17.47 -48.21
C GLY C 452 36.88 -18.46 -49.07
N GLN C 453 36.90 -18.25 -50.38
CA GLN C 453 37.66 -19.09 -51.28
C GLN C 453 39.14 -18.73 -51.15
N THR C 454 39.98 -19.33 -52.00
CA THR C 454 41.41 -19.05 -51.98
C THR C 454 41.70 -17.78 -52.76
N GLY C 455 42.42 -16.86 -52.13
CA GLY C 455 42.84 -15.63 -52.78
C GLY C 455 41.85 -14.49 -52.57
N LYS C 456 42.36 -13.28 -52.79
CA LYS C 456 41.55 -12.06 -52.71
C LYS C 456 40.52 -11.97 -53.84
N ILE C 457 40.67 -12.78 -54.89
CA ILE C 457 39.84 -12.65 -56.07
C ILE C 457 38.35 -12.91 -55.80
N ALA C 458 37.99 -13.35 -54.61
CA ALA C 458 36.59 -13.56 -54.29
C ALA C 458 35.80 -12.27 -54.44
N ASP C 459 36.27 -11.20 -53.81
CA ASP C 459 35.62 -9.89 -53.91
C ASP C 459 36.20 -9.08 -55.07
N TYR C 460 36.29 -9.74 -56.23
CA TYR C 460 36.59 -9.09 -57.49
C TYR C 460 35.52 -9.49 -58.49
N ASN C 461 34.97 -10.70 -58.31
CA ASN C 461 33.84 -11.19 -59.09
C ASN C 461 32.58 -11.29 -58.24
N TYR C 462 32.62 -12.06 -57.16
CA TYR C 462 31.46 -12.16 -56.28
C TYR C 462 31.86 -12.80 -54.96
N LYS C 463 31.64 -12.11 -53.85
CA LYS C 463 32.01 -12.58 -52.53
C LYS C 463 30.74 -12.81 -51.73
N LEU C 464 30.35 -14.07 -51.59
CA LEU C 464 29.21 -14.40 -50.74
C LEU C 464 29.54 -14.04 -49.29
N PRO C 465 28.65 -13.34 -48.58
CA PRO C 465 28.98 -12.98 -47.20
C PRO C 465 29.24 -14.23 -46.35
N ASP C 466 30.25 -14.14 -45.49
CA ASP C 466 30.56 -15.25 -44.61
C ASP C 466 29.42 -15.53 -43.63
N ASP C 467 28.58 -14.54 -43.35
CA ASP C 467 27.41 -14.68 -42.50
C ASP C 467 26.13 -14.55 -43.31
N PHE C 468 26.12 -15.13 -44.50
CA PHE C 468 24.99 -15.00 -45.43
C PHE C 468 23.78 -15.71 -44.83
N THR C 469 22.85 -14.93 -44.27
CA THR C 469 21.63 -15.48 -43.71
C THR C 469 20.55 -15.69 -44.77
N GLY C 470 20.78 -15.24 -46.00
CA GLY C 470 19.78 -15.36 -47.04
C GLY C 470 19.68 -16.77 -47.58
N CYS C 471 18.72 -16.95 -48.49
CA CYS C 471 18.48 -18.23 -49.12
C CYS C 471 19.35 -18.36 -50.37
N VAL C 472 20.10 -19.45 -50.44
CA VAL C 472 20.99 -19.73 -51.56
C VAL C 472 20.42 -20.88 -52.36
N ILE C 473 20.06 -20.62 -53.61
CA ILE C 473 19.59 -21.63 -54.55
C ILE C 473 20.77 -21.95 -55.45
N ALA C 474 21.46 -23.04 -55.14
CA ALA C 474 22.65 -23.46 -55.88
C ALA C 474 22.40 -24.84 -56.48
N TRP C 475 22.62 -24.96 -57.79
CA TRP C 475 22.33 -26.21 -58.49
C TRP C 475 22.95 -26.13 -59.89
N ASN C 476 22.85 -27.24 -60.61
CA ASN C 476 23.41 -27.36 -61.95
C ASN C 476 22.28 -27.49 -62.97
N SER C 477 22.40 -26.74 -64.06
CA SER C 477 21.39 -26.73 -65.12
C SER C 477 21.76 -27.62 -66.30
N ASN C 478 23.02 -27.59 -66.72
CA ASN C 478 23.50 -28.47 -67.79
C ASN C 478 22.90 -28.08 -69.14
N ASN C 479 22.05 -28.95 -69.70
CA ASN C 479 21.57 -28.75 -71.07
C ASN C 479 20.89 -27.40 -71.24
N LEU C 480 20.36 -26.82 -70.17
CA LEU C 480 19.68 -25.54 -70.29
C LEU C 480 20.61 -24.45 -70.80
N ASP C 481 21.87 -24.44 -70.32
CA ASP C 481 22.80 -23.38 -70.68
C ASP C 481 24.13 -23.93 -71.18
N SER C 482 24.15 -25.14 -71.72
CA SER C 482 25.35 -25.74 -72.30
C SER C 482 25.11 -26.03 -73.77
N LYS C 483 26.11 -25.74 -74.60
CA LYS C 483 26.05 -25.97 -76.03
C LYS C 483 27.29 -26.71 -76.48
N VAL C 484 27.15 -27.51 -77.54
CA VAL C 484 28.25 -28.32 -78.02
C VAL C 484 29.45 -27.45 -78.35
N GLY C 485 29.22 -26.29 -78.98
CA GLY C 485 30.30 -25.38 -79.30
C GLY C 485 30.85 -24.60 -78.13
N GLY C 486 30.20 -24.68 -76.97
CA GLY C 486 30.66 -23.98 -75.79
C GLY C 486 29.85 -22.73 -75.49
N ASN C 487 28.92 -22.84 -74.54
CA ASN C 487 28.10 -21.71 -74.12
C ASN C 487 28.70 -21.15 -72.83
N TYR C 488 29.80 -20.41 -72.99
CA TYR C 488 30.49 -19.76 -71.88
C TYR C 488 30.18 -18.27 -71.86
N ASN C 489 28.94 -17.90 -72.18
CA ASN C 489 28.55 -16.49 -72.22
C ASN C 489 28.91 -15.79 -70.92
N TYR C 490 28.80 -16.49 -69.79
CA TYR C 490 29.25 -15.93 -68.52
C TYR C 490 30.77 -15.86 -68.55
N LEU C 491 31.28 -14.67 -68.82
CA LEU C 491 32.72 -14.48 -69.03
C LEU C 491 33.52 -14.88 -67.80
N TYR C 492 34.81 -15.10 -68.02
CA TYR C 492 35.73 -15.59 -67.00
C TYR C 492 36.82 -14.56 -66.71
N ARG C 493 36.45 -13.29 -66.62
CA ARG C 493 37.39 -12.22 -66.31
C ARG C 493 37.41 -11.92 -64.82
N LEU C 494 37.31 -12.97 -64.00
CA LEU C 494 37.26 -12.80 -62.55
C LEU C 494 38.33 -11.85 -62.03
N PHE C 495 39.46 -11.75 -62.72
CA PHE C 495 40.57 -10.91 -62.29
C PHE C 495 40.28 -9.41 -62.43
N ARG C 496 39.05 -9.00 -62.76
CA ARG C 496 38.73 -7.59 -62.87
C ARG C 496 39.05 -6.87 -61.56
N LYS C 497 39.21 -5.55 -61.66
CA LYS C 497 39.62 -4.73 -60.52
C LYS C 497 38.44 -4.21 -59.70
N SER C 498 37.20 -4.46 -60.13
CA SER C 498 36.05 -4.00 -59.37
C SER C 498 36.06 -4.64 -57.98
N ASN C 499 35.82 -3.81 -56.95
CA ASN C 499 35.81 -4.28 -55.57
C ASN C 499 34.39 -4.68 -55.21
N LEU C 500 34.06 -5.95 -55.44
CA LEU C 500 32.73 -6.48 -55.18
C LEU C 500 32.75 -7.21 -53.84
N LYS C 501 32.76 -6.43 -52.76
CA LYS C 501 32.71 -6.96 -51.42
C LYS C 501 31.33 -7.58 -51.17
N PRO C 502 31.15 -8.30 -50.06
CA PRO C 502 29.83 -8.89 -49.79
C PRO C 502 28.70 -7.88 -49.93
N PHE C 503 27.84 -8.09 -50.93
CA PHE C 503 26.74 -7.16 -51.22
C PHE C 503 27.25 -5.73 -51.30
N GLU C 504 28.27 -5.52 -52.14
CA GLU C 504 28.87 -4.19 -52.26
C GLU C 504 27.85 -3.17 -52.71
N ARG C 505 26.84 -3.58 -53.47
CA ARG C 505 25.82 -2.67 -53.96
C ARG C 505 24.44 -3.31 -53.87
N PRO C 530 37.41 -19.98 -63.63
CA PRO C 530 38.66 -19.74 -64.36
C PRO C 530 38.51 -19.97 -65.87
N LEU C 531 39.61 -19.85 -66.60
CA LEU C 531 39.57 -19.76 -68.05
C LEU C 531 39.63 -21.12 -68.75
N GLN C 532 39.61 -22.23 -68.01
CA GLN C 532 39.76 -23.53 -68.67
C GLN C 532 38.56 -23.88 -69.54
N SER C 533 37.46 -23.15 -69.45
CA SER C 533 36.29 -23.44 -70.27
C SER C 533 36.62 -23.21 -71.74
N TYR C 534 36.63 -24.29 -72.52
CA TYR C 534 36.89 -24.23 -73.95
C TYR C 534 35.80 -24.88 -74.80
N GLY C 535 34.97 -25.75 -74.21
CA GLY C 535 33.90 -26.39 -74.94
C GLY C 535 32.94 -27.11 -74.03
N PHE C 536 31.64 -26.91 -74.24
CA PHE C 536 30.60 -27.48 -73.41
C PHE C 536 29.80 -28.50 -74.20
N GLN C 537 28.97 -29.25 -73.49
CA GLN C 537 28.11 -30.26 -74.08
C GLN C 537 26.75 -30.24 -73.38
N PRO C 538 25.68 -30.67 -74.06
CA PRO C 538 24.37 -30.70 -73.40
C PRO C 538 24.31 -31.66 -72.23
N THR C 539 25.22 -32.62 -72.15
CA THR C 539 25.25 -33.62 -71.08
C THR C 539 26.52 -33.52 -70.25
N ASN C 540 26.96 -32.28 -69.98
CA ASN C 540 28.17 -32.08 -69.20
C ASN C 540 27.99 -32.65 -67.80
N GLY C 541 29.07 -33.22 -67.27
CA GLY C 541 29.04 -33.78 -65.93
C GLY C 541 29.16 -32.72 -64.85
N VAL C 542 29.03 -33.16 -63.60
CA VAL C 542 29.12 -32.24 -62.47
C VAL C 542 30.53 -31.66 -62.41
N GLY C 543 30.60 -30.36 -62.16
CA GLY C 543 31.86 -29.64 -62.10
C GLY C 543 32.24 -28.93 -63.38
N TYR C 544 31.59 -29.25 -64.50
CA TYR C 544 31.88 -28.58 -65.76
C TYR C 544 30.60 -28.03 -66.38
N GLN C 545 29.47 -28.66 -66.09
CA GLN C 545 28.20 -28.21 -66.62
C GLN C 545 27.82 -26.86 -66.02
N PRO C 546 26.99 -26.09 -66.71
CA PRO C 546 26.57 -24.79 -66.17
C PRO C 546 25.85 -24.95 -64.84
N TYR C 547 25.99 -23.92 -64.00
CA TYR C 547 25.53 -23.92 -62.62
C TYR C 547 24.74 -22.62 -62.40
N ARG C 548 23.42 -22.72 -62.38
CA ARG C 548 22.57 -21.57 -62.12
C ARG C 548 22.53 -21.30 -60.62
N VAL C 549 22.62 -20.04 -60.23
CA VAL C 549 22.66 -19.66 -58.83
C VAL C 549 21.73 -18.48 -58.61
N VAL C 550 20.94 -18.54 -57.54
CA VAL C 550 20.14 -17.41 -57.07
C VAL C 550 20.55 -17.15 -55.63
N VAL C 551 20.82 -15.89 -55.30
CA VAL C 551 21.39 -15.54 -54.01
C VAL C 551 20.42 -14.68 -53.23
N LEU C 552 19.13 -14.96 -53.35
CA LEU C 552 18.11 -14.25 -52.57
C LEU C 552 18.60 -14.02 -51.15
N SER C 553 18.65 -12.75 -50.76
CA SER C 553 19.31 -12.33 -49.52
C SER C 553 18.29 -11.78 -48.54
N PHE C 554 18.37 -12.22 -47.29
CA PHE C 554 17.50 -11.72 -46.23
C PHE C 554 18.17 -10.49 -45.61
N GLU C 555 17.43 -9.37 -45.59
CA GLU C 555 17.95 -8.11 -45.10
C GLU C 555 17.00 -7.53 -44.06
N LEU C 556 17.58 -6.96 -43.01
CA LEU C 556 16.82 -6.31 -41.94
C LEU C 556 17.56 -5.06 -41.53
N LEU C 557 17.00 -3.89 -41.87
CA LEU C 557 17.62 -2.61 -41.60
C LEU C 557 16.53 -1.58 -41.39
N HIS C 558 16.88 -0.29 -41.49
CA HIS C 558 15.89 0.77 -41.36
C HIS C 558 14.79 0.63 -42.41
N ALA C 559 15.05 -0.08 -43.50
CA ALA C 559 14.01 -0.35 -44.47
C ALA C 559 12.87 -1.13 -43.81
N PRO C 560 11.65 -1.01 -44.33
CA PRO C 560 10.51 -1.64 -43.65
C PRO C 560 10.70 -3.14 -43.50
N ALA C 561 10.25 -3.66 -42.36
CA ALA C 561 10.39 -5.08 -42.02
C ALA C 561 9.01 -5.72 -42.16
N THR C 562 8.69 -6.16 -43.37
CA THR C 562 7.45 -6.88 -43.64
C THR C 562 7.76 -8.37 -43.57
N VAL C 563 7.88 -8.87 -42.34
CA VAL C 563 8.28 -10.24 -42.08
C VAL C 563 7.11 -10.96 -41.41
N CYS C 564 6.74 -12.11 -41.96
CA CYS C 564 5.67 -12.95 -41.42
C CYS C 564 6.24 -14.28 -40.98
N GLY C 565 5.35 -15.18 -40.54
CA GLY C 565 5.74 -16.50 -40.08
C GLY C 565 5.08 -17.58 -40.89
N PRO C 566 5.26 -18.84 -40.48
CA PRO C 566 4.65 -19.98 -41.19
C PRO C 566 3.24 -20.27 -40.67
N LYS C 567 2.33 -19.32 -40.84
CA LYS C 567 0.97 -19.42 -40.34
C LYS C 567 0.05 -19.81 -41.49
N LYS C 568 -0.48 -21.01 -41.45
CA LYS C 568 -1.44 -21.50 -42.43
C LYS C 568 -2.85 -21.32 -41.89
N SER C 569 -3.75 -20.88 -42.77
CA SER C 569 -5.13 -20.61 -42.35
C SER C 569 -5.80 -21.88 -41.83
N THR C 570 -6.66 -21.70 -40.83
CA THR C 570 -7.44 -22.78 -40.26
C THR C 570 -8.90 -22.37 -40.21
N ASN C 571 -9.77 -23.35 -40.01
CA ASN C 571 -11.20 -23.09 -39.96
C ASN C 571 -11.54 -22.20 -38.77
N LEU C 572 -12.62 -21.45 -38.91
CA LEU C 572 -13.09 -20.53 -37.88
C LEU C 572 -14.26 -21.16 -37.15
N VAL C 573 -14.16 -21.27 -35.83
CA VAL C 573 -15.20 -21.84 -34.99
C VAL C 573 -15.79 -20.74 -34.13
N LYS C 574 -17.03 -20.96 -33.69
CA LYS C 574 -17.76 -19.97 -32.92
C LYS C 574 -18.59 -20.67 -31.85
N ASN C 575 -18.99 -19.89 -30.84
CA ASN C 575 -19.80 -20.39 -29.73
C ASN C 575 -19.03 -21.43 -28.92
N LYS C 576 -17.70 -21.29 -28.85
CA LYS C 576 -16.88 -22.18 -28.04
C LYS C 576 -15.66 -21.42 -27.56
N CYS C 577 -15.34 -21.59 -26.28
CA CYS C 577 -14.14 -20.98 -25.73
C CYS C 577 -12.92 -21.49 -26.48
N VAL C 578 -12.24 -20.59 -27.20
CA VAL C 578 -11.11 -20.94 -28.04
C VAL C 578 -10.04 -19.86 -27.92
N ASN C 579 -8.82 -20.22 -28.28
CA ASN C 579 -7.70 -19.28 -28.37
C ASN C 579 -7.68 -18.74 -29.78
N PHE C 580 -7.92 -17.45 -29.94
CA PHE C 580 -8.01 -16.80 -31.24
C PHE C 580 -6.83 -15.86 -31.45
N ASN C 581 -6.44 -15.76 -32.73
CA ASN C 581 -5.35 -14.89 -33.17
C ASN C 581 -5.75 -14.33 -34.53
N PHE C 582 -6.38 -13.16 -34.51
CA PHE C 582 -6.78 -12.44 -35.72
C PHE C 582 -5.76 -11.34 -35.98
N ASN C 583 -4.95 -11.51 -37.04
CA ASN C 583 -3.97 -10.49 -37.43
C ASN C 583 -3.00 -10.18 -36.29
N GLY C 584 -2.64 -11.19 -35.51
CA GLY C 584 -1.58 -11.02 -34.54
C GLY C 584 -2.04 -10.93 -33.10
N LEU C 585 -3.12 -10.19 -32.83
CA LEU C 585 -3.59 -10.06 -31.46
C LEU C 585 -3.92 -11.43 -30.89
N THR C 586 -3.51 -11.67 -29.65
CA THR C 586 -3.70 -12.95 -28.99
C THR C 586 -4.80 -12.81 -27.95
N GLY C 587 -5.76 -13.73 -27.97
CA GLY C 587 -6.78 -13.71 -26.94
C GLY C 587 -7.43 -15.07 -26.80
N THR C 588 -8.21 -15.21 -25.74
CA THR C 588 -9.05 -16.39 -25.56
C THR C 588 -10.47 -15.93 -25.24
N GLY C 589 -11.45 -16.59 -25.84
CA GLY C 589 -12.82 -16.22 -25.62
C GLY C 589 -13.75 -17.00 -26.54
N VAL C 590 -15.01 -16.57 -26.54
CA VAL C 590 -16.06 -17.16 -27.35
C VAL C 590 -16.36 -16.18 -28.46
N LEU C 591 -16.20 -16.64 -29.70
CA LEU C 591 -16.48 -15.81 -30.87
C LEU C 591 -17.95 -15.96 -31.24
N THR C 592 -18.63 -14.83 -31.41
CA THR C 592 -20.04 -14.85 -31.77
C THR C 592 -20.30 -13.88 -32.91
N GLU C 593 -21.31 -14.18 -33.71
CA GLU C 593 -21.71 -13.25 -34.76
C GLU C 593 -22.27 -11.98 -34.11
N SER C 594 -21.80 -10.83 -34.58
CA SER C 594 -22.12 -9.56 -33.96
C SER C 594 -22.78 -8.62 -34.96
N ASN C 595 -23.57 -7.68 -34.44
CA ASN C 595 -24.28 -6.71 -35.25
C ASN C 595 -23.55 -5.38 -35.34
N LYS C 596 -22.32 -5.30 -34.85
CA LYS C 596 -21.57 -4.04 -34.92
C LYS C 596 -21.31 -3.66 -36.37
N LYS C 597 -21.42 -2.37 -36.66
CA LYS C 597 -21.17 -1.85 -38.00
C LYS C 597 -19.79 -1.21 -38.01
N PHE C 598 -18.77 -2.05 -38.18
CA PHE C 598 -17.41 -1.55 -38.30
C PHE C 598 -17.27 -0.74 -39.58
N LEU C 599 -16.53 0.36 -39.48
CA LEU C 599 -16.25 1.16 -40.67
C LEU C 599 -15.35 0.34 -41.61
N PRO C 600 -15.42 0.61 -42.91
CA PRO C 600 -14.70 -0.23 -43.87
C PRO C 600 -13.21 -0.34 -43.57
N PHE C 601 -12.67 0.60 -42.81
CA PHE C 601 -11.24 0.63 -42.51
C PHE C 601 -10.92 0.26 -41.07
N GLN C 602 -11.85 -0.35 -40.34
CA GLN C 602 -11.66 -0.69 -38.94
C GLN C 602 -11.60 -2.20 -38.76
N GLN C 603 -10.67 -2.65 -37.91
CA GLN C 603 -10.49 -4.07 -37.62
C GLN C 603 -10.88 -4.45 -36.20
N PHE C 604 -10.34 -3.75 -35.21
CA PHE C 604 -10.55 -4.12 -33.81
C PHE C 604 -11.77 -3.39 -33.25
N GLY C 605 -12.16 -3.79 -32.04
CA GLY C 605 -13.21 -3.12 -31.32
C GLY C 605 -12.92 -3.07 -29.83
N ARG C 606 -13.11 -1.92 -29.21
CA ARG C 606 -12.78 -1.73 -27.80
C ARG C 606 -13.95 -1.07 -27.07
N ASP C 607 -13.96 -1.24 -25.76
CA ASP C 607 -14.98 -0.68 -24.89
C ASP C 607 -14.38 0.45 -24.06
N ILE C 608 -15.17 0.98 -23.14
CA ILE C 608 -14.72 2.13 -22.34
C ILE C 608 -13.48 1.78 -21.54
N ALA C 609 -13.33 0.50 -21.17
CA ALA C 609 -12.19 0.07 -20.37
C ALA C 609 -10.95 -0.23 -21.21
N ASP C 610 -11.04 -0.06 -22.52
CA ASP C 610 -9.90 -0.30 -23.43
C ASP C 610 -9.46 -1.76 -23.36
N THR C 611 -10.42 -2.65 -23.61
CA THR C 611 -10.16 -4.07 -23.76
C THR C 611 -10.87 -4.57 -25.01
N THR C 612 -10.19 -5.42 -25.77
CA THR C 612 -10.75 -5.90 -27.02
C THR C 612 -12.04 -6.66 -26.77
N ASP C 613 -13.08 -6.32 -27.54
CA ASP C 613 -14.36 -7.00 -27.45
C ASP C 613 -14.98 -7.33 -28.79
N ALA C 614 -14.43 -6.83 -29.90
CA ALA C 614 -14.96 -7.15 -31.22
C ALA C 614 -13.83 -7.08 -32.22
N VAL C 615 -13.79 -8.06 -33.13
CA VAL C 615 -12.74 -8.14 -34.13
C VAL C 615 -13.39 -8.35 -35.50
N ARG C 616 -12.58 -8.17 -36.54
CA ARG C 616 -13.00 -8.41 -37.91
C ARG C 616 -12.14 -9.53 -38.49
N ASP C 617 -12.78 -10.55 -39.03
CA ASP C 617 -12.04 -11.69 -39.55
C ASP C 617 -11.22 -11.26 -40.76
N PRO C 618 -9.89 -11.39 -40.73
CA PRO C 618 -9.11 -10.94 -41.90
C PRO C 618 -9.50 -11.60 -43.20
N GLN C 619 -9.90 -12.88 -43.18
CA GLN C 619 -10.20 -13.57 -44.43
C GLN C 619 -11.55 -13.11 -44.99
N THR C 620 -12.62 -13.35 -44.26
CA THR C 620 -13.94 -12.88 -44.63
C THR C 620 -14.28 -11.64 -43.81
N LEU C 621 -14.78 -10.61 -44.47
CA LEU C 621 -15.05 -9.32 -43.82
C LEU C 621 -16.31 -9.47 -42.97
N GLU C 622 -16.13 -10.06 -41.79
CA GLU C 622 -17.20 -10.25 -40.83
C GLU C 622 -16.73 -9.81 -39.45
N ILE C 623 -17.67 -9.32 -38.64
CA ILE C 623 -17.39 -8.81 -37.31
C ILE C 623 -17.86 -9.84 -36.29
N LEU C 624 -16.99 -10.16 -35.34
CA LEU C 624 -17.27 -11.15 -34.32
C LEU C 624 -17.06 -10.55 -32.93
N ASP C 625 -18.04 -10.73 -32.06
CA ASP C 625 -17.93 -10.37 -30.66
C ASP C 625 -17.08 -11.39 -29.91
N ILE C 626 -16.36 -10.89 -28.91
CA ILE C 626 -15.43 -11.68 -28.10
C ILE C 626 -15.98 -11.69 -26.68
N THR C 627 -16.59 -12.80 -26.28
CA THR C 627 -17.10 -12.92 -24.92
C THR C 627 -16.15 -13.79 -24.11
N PRO C 628 -15.48 -13.28 -23.08
CA PRO C 628 -14.47 -14.09 -22.41
C PRO C 628 -15.07 -15.37 -21.84
N CYS C 629 -14.28 -16.44 -21.85
CA CYS C 629 -14.75 -17.74 -21.42
C CYS C 629 -15.31 -17.65 -20.01
N SER C 630 -16.42 -18.35 -19.77
CA SER C 630 -17.10 -18.25 -18.49
C SER C 630 -16.17 -18.62 -17.35
N PHE C 631 -16.27 -17.87 -16.26
CA PHE C 631 -15.47 -18.13 -15.06
C PHE C 631 -16.22 -17.59 -13.86
N GLY C 632 -15.81 -18.04 -12.69
CA GLY C 632 -16.44 -17.59 -11.46
C GLY C 632 -16.00 -18.39 -10.26
N GLY C 633 -16.25 -17.86 -9.07
CA GLY C 633 -15.85 -18.55 -7.86
C GLY C 633 -16.70 -19.77 -7.59
N VAL C 634 -16.11 -20.67 -6.80
CA VAL C 634 -16.79 -21.86 -6.32
C VAL C 634 -16.89 -21.76 -4.81
N SER C 635 -18.10 -21.96 -4.29
CA SER C 635 -18.34 -21.88 -2.85
C SER C 635 -18.97 -23.19 -2.40
N VAL C 636 -18.55 -23.68 -1.24
CA VAL C 636 -19.04 -24.94 -0.70
C VAL C 636 -19.93 -24.63 0.49
N ILE C 637 -21.15 -25.11 0.44
CA ILE C 637 -22.13 -24.96 1.52
C ILE C 637 -22.12 -26.24 2.33
N THR C 638 -21.82 -26.12 3.62
CA THR C 638 -21.75 -27.27 4.49
C THR C 638 -22.52 -27.00 5.77
N PRO C 639 -23.24 -27.98 6.31
CA PRO C 639 -23.99 -27.78 7.55
C PRO C 639 -23.19 -28.03 8.83
N GLY C 640 -21.88 -28.13 8.74
CA GLY C 640 -21.05 -28.43 9.90
C GLY C 640 -20.51 -29.83 9.78
N THR C 641 -19.22 -29.99 10.10
CA THR C 641 -18.58 -31.30 9.96
C THR C 641 -19.24 -32.33 10.86
N ASN C 642 -19.51 -31.96 12.11
CA ASN C 642 -20.10 -32.91 13.04
C ASN C 642 -21.52 -33.28 12.63
N THR C 643 -22.31 -32.30 12.18
CA THR C 643 -23.70 -32.59 11.83
C THR C 643 -23.78 -33.59 10.68
N SER C 644 -22.95 -33.41 9.65
CA SER C 644 -22.98 -34.30 8.50
C SER C 644 -21.82 -33.96 7.59
N ASN C 645 -21.47 -34.92 6.73
CA ASN C 645 -20.42 -34.75 5.74
C ASN C 645 -20.97 -34.46 4.35
N GLN C 646 -22.27 -34.19 4.24
CA GLN C 646 -22.89 -33.87 2.97
C GLN C 646 -22.82 -32.37 2.73
N VAL C 647 -22.43 -31.98 1.52
CA VAL C 647 -22.25 -30.57 1.17
C VAL C 647 -22.88 -30.32 -0.19
N ALA C 648 -23.01 -29.04 -0.52
CA ALA C 648 -23.43 -28.61 -1.85
C ALA C 648 -22.41 -27.61 -2.37
N VAL C 649 -22.42 -27.41 -3.68
CA VAL C 649 -21.48 -26.47 -4.30
C VAL C 649 -22.28 -25.41 -5.04
N LEU C 650 -21.67 -24.24 -5.19
CA LEU C 650 -22.27 -23.10 -5.86
C LEU C 650 -21.21 -22.50 -6.76
N TYR C 651 -21.41 -22.61 -8.07
CA TYR C 651 -20.60 -21.90 -9.05
C TYR C 651 -21.25 -20.54 -9.22
N GLN C 652 -20.70 -19.52 -8.56
CA GLN C 652 -21.38 -18.25 -8.44
C GLN C 652 -21.22 -17.43 -9.72
N GLY C 653 -22.33 -16.86 -10.19
CA GLY C 653 -22.32 -16.09 -11.42
C GLY C 653 -22.04 -16.91 -12.65
N VAL C 654 -22.59 -18.12 -12.73
CA VAL C 654 -22.30 -19.03 -13.83
C VAL C 654 -23.58 -19.71 -14.28
N ASN C 655 -23.65 -20.01 -15.57
CA ASN C 655 -24.77 -20.72 -16.15
C ASN C 655 -24.72 -22.18 -15.74
N CYS C 656 -25.89 -22.81 -15.67
CA CYS C 656 -25.97 -24.23 -15.31
C CYS C 656 -25.74 -25.15 -16.49
N THR C 657 -25.23 -24.63 -17.61
CA THR C 657 -24.77 -25.45 -18.72
C THR C 657 -23.25 -25.51 -18.84
N GLU C 658 -22.56 -24.43 -18.48
CA GLU C 658 -21.10 -24.45 -18.48
C GLU C 658 -20.57 -25.49 -17.50
N VAL C 659 -21.18 -25.58 -16.31
CA VAL C 659 -20.75 -26.59 -15.35
C VAL C 659 -20.95 -28.00 -15.87
N PRO C 660 -22.11 -28.38 -16.41
CA PRO C 660 -22.20 -29.70 -17.07
C PRO C 660 -21.18 -29.87 -18.17
N VAL C 661 -20.91 -28.83 -18.95
CA VAL C 661 -19.85 -28.92 -19.94
C VAL C 661 -18.51 -29.18 -19.27
N ALA C 662 -18.37 -28.79 -18.01
CA ALA C 662 -17.17 -29.04 -17.22
C ALA C 662 -17.23 -30.37 -16.49
N ILE C 663 -18.00 -31.33 -17.00
CA ILE C 663 -18.12 -32.65 -16.38
C ILE C 663 -16.73 -33.25 -16.17
N TRP C 672 -12.83 -32.82 -8.80
CA TRP C 672 -14.00 -33.66 -8.54
C TRP C 672 -15.14 -33.28 -9.48
N ARG C 673 -15.83 -34.30 -10.02
CA ARG C 673 -16.95 -34.06 -10.91
C ARG C 673 -18.13 -35.00 -10.63
N VAL C 674 -18.13 -35.70 -9.50
CA VAL C 674 -19.27 -36.56 -9.18
C VAL C 674 -20.54 -35.75 -9.03
N TYR C 675 -20.42 -34.51 -8.54
CA TYR C 675 -21.57 -33.64 -8.41
C TYR C 675 -22.00 -33.05 -9.75
N SER C 676 -21.07 -32.88 -10.68
CA SER C 676 -21.41 -32.29 -11.97
C SER C 676 -22.49 -33.08 -12.70
N THR C 677 -22.63 -34.37 -12.41
CA THR C 677 -23.68 -35.16 -13.05
C THR C 677 -25.05 -34.58 -12.75
N GLY C 678 -25.30 -34.21 -11.49
CA GLY C 678 -26.50 -33.48 -11.14
C GLY C 678 -27.62 -34.34 -10.60
N SER C 679 -28.77 -34.31 -11.27
CA SER C 679 -30.05 -34.86 -10.87
C SER C 679 -30.74 -33.98 -9.83
N ASN C 680 -30.06 -32.98 -9.27
CA ASN C 680 -30.67 -32.00 -8.38
C ASN C 680 -30.13 -30.61 -8.66
N VAL C 681 -29.74 -30.34 -9.90
CA VAL C 681 -29.16 -29.06 -10.25
C VAL C 681 -30.22 -27.96 -10.17
N PHE C 682 -29.86 -26.83 -9.58
CA PHE C 682 -30.74 -25.69 -9.43
C PHE C 682 -30.04 -24.46 -9.97
N GLN C 683 -30.78 -23.61 -10.66
CA GLN C 683 -30.26 -22.37 -11.21
C GLN C 683 -30.85 -21.20 -10.43
N THR C 684 -29.98 -20.35 -9.90
CA THR C 684 -30.39 -19.23 -9.07
C THR C 684 -29.68 -17.98 -9.55
N ARG C 685 -30.24 -16.82 -9.18
CA ARG C 685 -29.62 -15.57 -9.57
C ARG C 685 -28.18 -15.47 -9.09
N ALA C 686 -27.85 -16.17 -8.01
CA ALA C 686 -26.49 -16.16 -7.51
C ALA C 686 -25.55 -17.01 -8.35
N GLY C 687 -26.07 -18.07 -8.97
CA GLY C 687 -25.24 -18.95 -9.78
C GLY C 687 -25.89 -20.31 -9.91
N CYS C 688 -25.05 -21.31 -10.19
CA CYS C 688 -25.52 -22.68 -10.34
C CYS C 688 -25.26 -23.42 -9.04
N LEU C 689 -26.33 -23.88 -8.40
CA LEU C 689 -26.25 -24.63 -7.15
C LEU C 689 -26.42 -26.11 -7.45
N ILE C 690 -25.50 -26.93 -6.96
CA ILE C 690 -25.50 -28.36 -7.20
C ILE C 690 -25.45 -29.08 -5.86
N GLY C 691 -26.28 -30.11 -5.72
CA GLY C 691 -26.31 -30.90 -4.51
C GLY C 691 -27.33 -30.45 -3.49
N ALA C 692 -28.12 -29.43 -3.79
CA ALA C 692 -29.11 -28.92 -2.86
C ALA C 692 -30.50 -29.05 -3.48
N GLU C 693 -31.44 -29.60 -2.72
CA GLU C 693 -32.80 -29.76 -3.18
C GLU C 693 -33.58 -28.46 -2.99
N HIS C 694 -34.20 -27.97 -4.07
CA HIS C 694 -34.92 -26.70 -4.03
C HIS C 694 -36.33 -26.95 -3.51
N VAL C 695 -36.53 -26.78 -2.20
CA VAL C 695 -37.84 -26.92 -1.60
C VAL C 695 -38.70 -25.74 -2.04
N ASN C 696 -40.00 -25.83 -1.78
CA ASN C 696 -40.96 -24.85 -2.26
C ASN C 696 -41.44 -23.88 -1.18
N ASN C 697 -41.21 -24.19 0.09
CA ASN C 697 -41.65 -23.35 1.18
C ASN C 697 -40.62 -22.24 1.41
N SER C 698 -40.82 -21.46 2.48
CA SER C 698 -39.90 -20.41 2.86
C SER C 698 -39.63 -20.51 4.36
N TYR C 699 -38.36 -20.35 4.74
CA TYR C 699 -37.95 -20.40 6.13
C TYR C 699 -36.97 -19.26 6.39
N GLU C 700 -36.56 -19.12 7.65
CA GLU C 700 -35.54 -18.15 7.98
C GLU C 700 -34.21 -18.54 7.35
N CYS C 701 -33.38 -17.55 7.07
CA CYS C 701 -32.10 -17.80 6.44
C CYS C 701 -31.18 -18.55 7.40
N ASP C 702 -30.60 -19.65 6.92
CA ASP C 702 -29.63 -20.42 7.68
C ASP C 702 -28.22 -20.21 7.15
N ILE C 703 -28.00 -20.46 5.86
CA ILE C 703 -26.73 -20.18 5.20
C ILE C 703 -27.05 -19.32 3.98
N PRO C 704 -26.67 -18.04 3.97
CA PRO C 704 -27.07 -17.17 2.84
C PRO C 704 -26.25 -17.49 1.61
N ILE C 705 -26.93 -17.55 0.47
CA ILE C 705 -26.28 -17.80 -0.81
C ILE C 705 -26.22 -16.52 -1.65
N GLY C 706 -27.32 -15.81 -1.73
CA GLY C 706 -27.40 -14.56 -2.47
C GLY C 706 -28.72 -14.44 -3.20
N ALA C 707 -29.09 -13.20 -3.50
CA ALA C 707 -30.31 -12.92 -4.25
C ALA C 707 -31.54 -13.50 -3.55
N GLY C 708 -31.53 -13.46 -2.22
CA GLY C 708 -32.67 -13.93 -1.45
C GLY C 708 -32.77 -15.42 -1.30
N ILE C 709 -31.72 -16.17 -1.59
CA ILE C 709 -31.71 -17.62 -1.47
C ILE C 709 -30.88 -18.01 -0.26
N CYS C 710 -31.39 -18.97 0.51
CA CYS C 710 -30.68 -19.49 1.66
C CYS C 710 -30.78 -21.00 1.67
N ALA C 711 -29.72 -21.65 2.15
CA ALA C 711 -29.64 -23.09 2.22
C ALA C 711 -29.55 -23.53 3.68
N SER C 712 -30.14 -24.69 3.96
CA SER C 712 -30.18 -25.21 5.31
C SER C 712 -30.14 -26.73 5.25
N TYR C 713 -29.92 -27.34 6.41
CA TYR C 713 -29.89 -28.80 6.54
C TYR C 713 -31.14 -29.23 7.30
N GLN C 714 -32.08 -29.88 6.60
CA GLN C 714 -33.35 -30.24 7.20
C GLN C 714 -33.83 -31.56 6.60
N THR C 715 -34.99 -32.00 7.06
CA THR C 715 -35.58 -33.26 6.58
C THR C 715 -36.38 -33.02 5.31
N SER C 728 -35.06 -38.96 7.14
CA SER C 728 -34.15 -38.56 6.08
C SER C 728 -33.75 -37.10 6.23
N GLN C 729 -32.47 -36.81 5.98
CA GLN C 729 -31.94 -35.46 6.08
C GLN C 729 -31.22 -35.11 4.78
N SER C 730 -31.20 -33.82 4.46
CA SER C 730 -30.57 -33.35 3.24
C SER C 730 -30.47 -31.84 3.29
N ILE C 731 -29.72 -31.29 2.34
CA ILE C 731 -29.54 -29.85 2.20
C ILE C 731 -30.61 -29.31 1.26
N ILE C 732 -31.32 -28.29 1.71
CA ILE C 732 -32.41 -27.69 0.97
C ILE C 732 -32.05 -26.24 0.68
N ALA C 733 -32.53 -25.74 -0.46
CA ALA C 733 -32.40 -24.34 -0.85
C ALA C 733 -33.77 -23.74 -0.99
N TYR C 734 -33.94 -22.51 -0.50
CA TYR C 734 -35.25 -21.88 -0.48
C TYR C 734 -35.09 -20.38 -0.54
N THR C 735 -36.22 -19.70 -0.74
CA THR C 735 -36.27 -18.24 -0.68
C THR C 735 -36.51 -17.81 0.75
N MET C 736 -35.61 -17.00 1.29
CA MET C 736 -35.70 -16.62 2.69
C MET C 736 -37.03 -15.91 2.97
N SER C 737 -37.60 -16.19 4.14
CA SER C 737 -38.82 -15.55 4.59
C SER C 737 -38.47 -14.41 5.54
N LEU C 738 -39.07 -13.24 5.31
CA LEU C 738 -38.77 -12.07 6.12
C LEU C 738 -39.50 -12.07 7.46
N GLY C 739 -40.48 -12.91 7.64
CA GLY C 739 -41.23 -12.99 8.88
C GLY C 739 -42.70 -13.26 8.62
N ALA C 740 -43.37 -13.78 9.64
CA ALA C 740 -44.80 -14.07 9.51
C ALA C 740 -45.59 -12.80 9.23
N GLU C 741 -46.45 -12.85 8.23
CA GLU C 741 -47.26 -11.69 7.90
C GLU C 741 -48.31 -11.44 8.97
N ASN C 742 -48.50 -10.17 9.31
CA ASN C 742 -49.47 -9.76 10.32
C ASN C 742 -50.28 -8.59 9.79
N SER C 743 -51.59 -8.66 10.01
CA SER C 743 -52.51 -7.61 9.60
C SER C 743 -53.10 -6.99 10.86
N VAL C 744 -52.63 -5.79 11.20
CA VAL C 744 -53.11 -5.12 12.40
C VAL C 744 -54.58 -4.76 12.23
N ALA C 745 -55.37 -5.02 13.28
CA ALA C 745 -56.81 -4.76 13.23
C ALA C 745 -57.10 -3.26 13.41
N TYR C 746 -56.57 -2.48 12.48
CA TYR C 746 -56.76 -1.04 12.52
C TYR C 746 -58.21 -0.68 12.25
N SER C 747 -58.67 0.38 12.91
CA SER C 747 -60.04 0.85 12.74
C SER C 747 -60.12 2.30 13.16
N ASN C 748 -61.25 2.93 12.84
CA ASN C 748 -61.43 4.34 13.15
C ASN C 748 -61.40 4.58 14.66
N ASN C 749 -62.03 3.70 15.43
CA ASN C 749 -62.25 3.92 16.85
C ASN C 749 -61.98 2.65 17.65
N SER C 750 -60.88 1.96 17.34
CA SER C 750 -60.47 0.77 18.06
C SER C 750 -59.03 0.94 18.52
N ILE C 751 -58.78 0.65 19.80
CA ILE C 751 -57.45 0.82 20.38
C ILE C 751 -57.13 -0.40 21.24
N ALA C 752 -55.89 -0.86 21.17
CA ALA C 752 -55.43 -2.00 21.96
C ALA C 752 -54.50 -1.48 23.05
N ILE C 753 -54.82 -1.82 24.31
CA ILE C 753 -54.04 -1.39 25.46
C ILE C 753 -53.56 -2.64 26.18
N PRO C 754 -52.30 -2.70 26.61
CA PRO C 754 -51.85 -3.88 27.36
C PRO C 754 -52.42 -3.89 28.77
N THR C 755 -52.77 -5.08 29.24
CA THR C 755 -53.28 -5.29 30.59
C THR C 755 -52.26 -5.95 31.49
N ASN C 756 -51.02 -6.12 31.03
CA ASN C 756 -50.01 -6.87 31.76
C ASN C 756 -48.68 -6.65 31.06
N PHE C 757 -47.60 -6.99 31.76
CA PHE C 757 -46.26 -6.69 31.28
C PHE C 757 -45.32 -7.86 31.56
N THR C 758 -44.14 -7.76 30.97
CA THR C 758 -43.05 -8.70 31.22
C THR C 758 -41.74 -7.94 31.26
N ILE C 759 -40.89 -8.30 32.21
CA ILE C 759 -39.56 -7.70 32.32
C ILE C 759 -38.58 -8.60 31.60
N SER C 760 -37.92 -8.06 30.57
CA SER C 760 -37.02 -8.82 29.73
C SER C 760 -35.59 -8.31 29.91
N VAL C 761 -34.67 -9.23 30.15
CA VAL C 761 -33.25 -8.91 30.30
C VAL C 761 -32.53 -9.48 29.09
N THR C 762 -31.99 -8.59 28.26
CA THR C 762 -31.31 -9.00 27.03
C THR C 762 -29.85 -8.59 27.10
N THR C 763 -28.97 -9.46 26.64
CA THR C 763 -27.55 -9.20 26.68
C THR C 763 -27.10 -8.49 25.40
N GLU C 764 -25.96 -7.80 25.48
CA GLU C 764 -25.39 -7.12 24.32
C GLU C 764 -23.88 -7.07 24.49
N ILE C 765 -23.15 -7.65 23.55
CA ILE C 765 -21.69 -7.73 23.63
C ILE C 765 -21.09 -6.68 22.71
N LEU C 766 -20.11 -5.94 23.22
CA LEU C 766 -19.43 -4.90 22.44
C LEU C 766 -17.92 -5.05 22.62
N PRO C 767 -17.15 -5.21 21.54
CA PRO C 767 -15.70 -5.16 21.67
C PRO C 767 -15.26 -3.78 22.15
N VAL C 768 -14.18 -3.77 22.93
CA VAL C 768 -13.64 -2.54 23.49
C VAL C 768 -12.18 -2.34 23.11
N SER C 769 -11.36 -3.38 23.19
CA SER C 769 -9.94 -3.26 22.90
C SER C 769 -9.45 -4.56 22.28
N MET C 770 -8.29 -4.49 21.64
CA MET C 770 -7.63 -5.64 21.05
C MET C 770 -6.20 -5.71 21.57
N THR C 771 -5.61 -6.90 21.45
CA THR C 771 -4.28 -7.13 22.01
C THR C 771 -3.28 -6.13 21.44
N LYS C 772 -2.46 -5.57 22.31
CA LYS C 772 -1.44 -4.61 21.91
C LYS C 772 -0.22 -5.36 21.42
N THR C 773 0.08 -5.25 20.13
CA THR C 773 1.23 -5.92 19.52
C THR C 773 2.23 -4.89 19.04
N SER C 774 3.51 -5.21 19.22
CA SER C 774 4.61 -4.38 18.75
C SER C 774 5.54 -5.22 17.90
N VAL C 775 6.00 -4.65 16.79
CA VAL C 775 6.89 -5.33 15.87
C VAL C 775 8.08 -4.42 15.58
N ASP C 776 9.28 -4.98 15.68
CA ASP C 776 10.51 -4.22 15.49
C ASP C 776 10.91 -4.24 14.01
N CYS C 777 11.70 -3.22 13.62
CA CYS C 777 12.19 -3.14 12.26
C CYS C 777 13.07 -4.33 11.92
N THR C 778 14.22 -4.39 12.57
CA THR C 778 15.28 -5.31 12.16
C THR C 778 14.97 -6.74 12.56
N MET C 779 14.43 -6.95 13.76
CA MET C 779 14.18 -8.32 14.20
C MET C 779 13.28 -9.05 13.22
N TYR C 780 12.46 -8.31 12.46
CA TYR C 780 11.61 -8.92 11.44
C TYR C 780 12.27 -8.89 10.07
N ILE C 781 12.55 -7.69 9.55
CA ILE C 781 13.02 -7.58 8.18
C ILE C 781 14.42 -8.16 8.04
N CYS C 782 15.33 -7.74 8.91
CA CYS C 782 16.75 -8.05 8.83
C CYS C 782 17.23 -8.67 10.13
N GLY C 783 16.49 -9.66 10.62
CA GLY C 783 16.74 -10.21 11.94
C GLY C 783 18.19 -10.57 12.20
N ASP C 784 18.82 -9.82 13.08
CA ASP C 784 20.19 -10.12 13.54
C ASP C 784 21.15 -10.29 12.36
N SER C 785 21.33 -9.22 11.61
CA SER C 785 22.24 -9.23 10.47
C SER C 785 22.70 -7.80 10.22
N THR C 786 23.99 -7.55 10.46
CA THR C 786 24.51 -6.20 10.31
C THR C 786 24.45 -5.75 8.85
N GLU C 787 24.81 -6.61 7.91
CA GLU C 787 24.77 -6.23 6.51
C GLU C 787 23.35 -5.90 6.08
N CYS C 788 22.39 -6.72 6.48
CA CYS C 788 21.00 -6.46 6.13
C CYS C 788 20.50 -5.17 6.78
N SER C 789 20.90 -4.91 8.03
CA SER C 789 20.51 -3.66 8.66
C SER C 789 21.08 -2.46 7.92
N ASN C 790 22.34 -2.54 7.51
CA ASN C 790 22.95 -1.44 6.76
C ASN C 790 22.24 -1.23 5.43
N LEU C 791 21.89 -2.31 4.75
CA LEU C 791 21.15 -2.18 3.50
C LEU C 791 19.78 -1.57 3.74
N LEU C 792 19.13 -1.94 4.84
CA LEU C 792 17.80 -1.41 5.14
C LEU C 792 17.86 0.07 5.51
N LEU C 793 18.99 0.52 6.07
CA LEU C 793 19.09 1.93 6.42
C LEU C 793 18.89 2.84 5.22
N GLN C 794 19.11 2.34 4.01
CA GLN C 794 18.98 3.16 2.81
C GLN C 794 17.52 3.47 2.47
N TYR C 795 16.56 2.82 3.12
CA TYR C 795 15.15 2.99 2.78
C TYR C 795 14.49 4.11 3.59
N GLY C 796 15.24 4.83 4.42
CA GLY C 796 14.69 5.96 5.13
C GLY C 796 14.12 5.60 6.49
N SER C 797 12.96 6.17 6.81
CA SER C 797 12.32 5.98 8.11
C SER C 797 11.04 5.17 8.01
N PHE C 798 10.96 4.27 7.02
CA PHE C 798 9.77 3.44 6.88
C PHE C 798 9.48 2.69 8.17
N CYS C 799 10.50 2.02 8.72
CA CYS C 799 10.27 1.19 9.89
C CYS C 799 9.98 2.04 11.11
N THR C 800 10.58 3.22 11.21
CA THR C 800 10.24 4.12 12.30
C THR C 800 8.78 4.53 12.23
N GLN C 801 8.29 4.80 11.03
CA GLN C 801 6.87 5.11 10.88
C GLN C 801 6.01 3.93 11.30
N LEU C 802 6.41 2.71 10.91
CA LEU C 802 5.64 1.53 11.31
C LEU C 802 5.61 1.38 12.82
N ASN C 803 6.75 1.57 13.47
CA ASN C 803 6.80 1.47 14.93
C ASN C 803 5.92 2.54 15.57
N ARG C 804 5.95 3.76 15.04
CA ARG C 804 5.11 4.82 15.57
C ARG C 804 3.64 4.45 15.46
N ALA C 805 3.23 3.93 14.31
CA ALA C 805 1.82 3.56 14.14
C ALA C 805 1.42 2.47 15.12
N LEU C 806 2.25 1.44 15.25
CA LEU C 806 1.90 0.35 16.15
C LEU C 806 1.85 0.81 17.60
N THR C 807 2.78 1.67 18.02
CA THR C 807 2.75 2.20 19.37
C THR C 807 1.51 3.06 19.60
N GLY C 808 1.12 3.84 18.59
CA GLY C 808 -0.10 4.61 18.71
C GLY C 808 -1.31 3.71 18.91
N ILE C 809 -1.40 2.62 18.15
CA ILE C 809 -2.50 1.69 18.34
C ILE C 809 -2.47 1.11 19.74
N ALA C 810 -1.28 0.73 20.22
CA ALA C 810 -1.17 0.14 21.55
C ALA C 810 -1.67 1.10 22.62
N VAL C 811 -1.28 2.37 22.53
CA VAL C 811 -1.76 3.35 23.51
C VAL C 811 -3.26 3.55 23.37
N GLU C 812 -3.76 3.57 22.13
CA GLU C 812 -5.19 3.76 21.92
C GLU C 812 -6.00 2.65 22.56
N GLN C 813 -5.47 1.44 22.63
CA GLN C 813 -6.21 0.35 23.29
C GLN C 813 -6.47 0.69 24.76
N ASP C 814 -5.43 1.11 25.48
CA ASP C 814 -5.60 1.47 26.88
C ASP C 814 -6.51 2.68 27.00
N LYS C 815 -6.41 3.63 26.07
CA LYS C 815 -7.33 4.77 26.11
C LYS C 815 -8.78 4.31 25.98
N ASN C 816 -9.04 3.37 25.06
CA ASN C 816 -10.39 2.85 24.87
C ASN C 816 -10.89 2.20 26.15
N THR C 817 -10.07 1.34 26.76
CA THR C 817 -10.51 0.66 27.98
C THR C 817 -10.81 1.67 29.08
N GLN C 818 -9.92 2.66 29.25
CA GLN C 818 -10.15 3.68 30.27
C GLN C 818 -11.45 4.42 30.03
N GLU C 819 -11.67 4.85 28.79
CA GLU C 819 -12.89 5.60 28.48
C GLU C 819 -14.13 4.77 28.75
N VAL C 820 -14.10 3.48 28.39
CA VAL C 820 -15.28 2.65 28.54
C VAL C 820 -15.59 2.40 30.01
N PHE C 821 -14.57 2.03 30.79
CA PHE C 821 -14.81 1.53 32.14
C PHE C 821 -14.61 2.58 33.23
N ALA C 822 -13.48 3.28 33.22
CA ALA C 822 -13.18 4.21 34.30
C ALA C 822 -14.03 5.46 34.21
N GLN C 823 -15.35 5.31 34.39
CA GLN C 823 -16.25 6.44 34.35
C GLN C 823 -16.54 7.03 35.71
N VAL C 824 -16.37 6.26 36.79
CA VAL C 824 -16.57 6.73 38.15
C VAL C 824 -15.27 6.54 38.90
N LYS C 825 -14.79 7.62 39.54
CA LYS C 825 -13.56 7.59 40.31
C LYS C 825 -13.81 7.45 41.80
N GLN C 826 -14.85 6.71 42.18
CA GLN C 826 -15.13 6.44 43.59
C GLN C 826 -15.73 5.04 43.66
N ILE C 827 -14.93 4.09 44.16
CA ILE C 827 -15.32 2.69 44.14
C ILE C 827 -16.40 2.42 45.17
N TYR C 828 -17.65 2.37 44.70
CA TYR C 828 -18.76 2.03 45.58
C TYR C 828 -18.80 0.53 45.80
N LYS C 829 -19.25 0.12 46.99
CA LYS C 829 -19.41 -1.27 47.32
C LYS C 829 -20.78 -1.49 47.93
N THR C 830 -21.44 -2.56 47.52
CA THR C 830 -22.78 -2.85 48.01
C THR C 830 -22.73 -3.20 49.49
N PRO C 831 -23.76 -2.82 50.25
CA PRO C 831 -23.76 -3.13 51.69
C PRO C 831 -23.88 -4.62 51.93
N PRO C 832 -23.45 -5.11 53.10
CA PRO C 832 -23.56 -6.55 53.36
C PRO C 832 -24.98 -7.06 53.31
N ILE C 833 -25.95 -6.26 53.72
CA ILE C 833 -27.35 -6.66 53.65
C ILE C 833 -27.86 -6.43 52.24
N LYS C 834 -28.68 -7.36 51.75
CA LYS C 834 -29.14 -7.32 50.36
C LYS C 834 -30.65 -7.21 50.28
N ASP C 835 -31.23 -6.30 51.07
CA ASP C 835 -32.68 -6.09 51.06
C ASP C 835 -33.06 -5.17 49.90
N PHE C 836 -32.89 -5.70 48.70
CA PHE C 836 -33.22 -4.96 47.47
C PHE C 836 -34.65 -5.24 47.02
N GLY C 837 -35.60 -5.09 47.93
CA GLY C 837 -37.01 -5.19 47.60
C GLY C 837 -37.37 -6.48 46.90
N GLY C 838 -36.63 -7.56 47.20
CA GLY C 838 -36.88 -8.86 46.59
C GLY C 838 -36.07 -9.15 45.36
N PHE C 839 -35.39 -8.16 44.78
CA PHE C 839 -34.55 -8.41 43.62
C PHE C 839 -33.26 -9.13 44.01
N ASN C 840 -32.87 -10.11 43.20
CA ASN C 840 -31.67 -10.91 43.40
C ASN C 840 -30.62 -10.47 42.40
N PHE C 841 -29.51 -9.93 42.89
CA PHE C 841 -28.36 -9.62 42.05
C PHE C 841 -27.15 -10.50 42.36
N SER C 842 -27.37 -11.66 42.96
CA SER C 842 -26.26 -12.51 43.35
C SER C 842 -25.43 -12.92 42.14
N GLN C 843 -26.09 -13.23 41.03
CA GLN C 843 -25.39 -13.75 39.86
C GLN C 843 -24.55 -12.69 39.14
N ILE C 844 -24.69 -11.42 39.49
CA ILE C 844 -23.91 -10.36 38.85
C ILE C 844 -22.98 -9.64 39.81
N LEU C 845 -23.23 -9.68 41.11
CA LEU C 845 -22.34 -9.03 42.06
C LEU C 845 -21.09 -9.87 42.28
N PRO C 846 -20.02 -9.27 42.80
CA PRO C 846 -18.78 -10.02 42.99
C PRO C 846 -18.96 -11.19 43.95
N ASP C 847 -18.21 -12.26 43.69
CA ASP C 847 -18.21 -13.43 44.55
C ASP C 847 -16.89 -13.48 45.32
N PRO C 848 -16.88 -13.19 46.62
CA PRO C 848 -15.60 -13.17 47.34
C PRO C 848 -14.90 -14.53 47.39
N SER C 849 -15.62 -15.63 47.17
CA SER C 849 -15.01 -16.95 47.30
C SER C 849 -13.87 -17.12 46.30
N LYS C 850 -14.09 -16.71 45.06
CA LYS C 850 -13.07 -16.87 44.03
C LYS C 850 -11.94 -15.88 44.27
N PRO C 851 -10.73 -16.19 43.77
CA PRO C 851 -9.60 -15.27 43.97
C PRO C 851 -9.79 -13.99 43.20
N SER C 852 -10.05 -14.10 41.90
CA SER C 852 -10.51 -12.96 41.14
C SER C 852 -11.93 -12.61 41.55
N LYS C 853 -12.20 -11.32 41.70
CA LYS C 853 -13.48 -10.86 42.22
C LYS C 853 -14.55 -10.78 41.13
N ARG C 854 -14.35 -11.47 40.01
CA ARG C 854 -15.37 -11.49 38.96
C ARG C 854 -16.61 -12.20 39.46
N SER C 855 -17.75 -11.81 38.92
CA SER C 855 -19.03 -12.40 39.30
C SER C 855 -19.25 -13.70 38.52
N PHE C 856 -20.40 -14.33 38.76
CA PHE C 856 -20.71 -15.59 38.12
C PHE C 856 -20.75 -15.45 36.60
N ILE C 857 -21.48 -14.45 36.12
CA ILE C 857 -21.63 -14.27 34.68
C ILE C 857 -20.30 -13.85 34.05
N GLU C 858 -19.52 -13.03 34.76
CA GLU C 858 -18.21 -12.65 34.26
C GLU C 858 -17.31 -13.87 34.11
N ASP C 859 -17.34 -14.77 35.11
CA ASP C 859 -16.57 -16.00 35.01
C ASP C 859 -17.05 -16.84 33.83
N LEU C 860 -18.37 -16.93 33.64
CA LEU C 860 -18.89 -17.68 32.51
C LEU C 860 -18.36 -17.13 31.20
N LEU C 861 -18.41 -15.81 31.03
CA LEU C 861 -17.93 -15.20 29.80
C LEU C 861 -16.44 -15.46 29.59
N PHE C 862 -15.65 -15.30 30.66
CA PHE C 862 -14.21 -15.50 30.54
C PHE C 862 -13.90 -16.93 30.14
N ASN C 863 -14.61 -17.90 30.72
CA ASN C 863 -14.39 -19.29 30.34
C ASN C 863 -14.86 -19.57 28.92
N LYS C 864 -15.94 -18.90 28.48
CA LYS C 864 -16.46 -19.14 27.14
C LYS C 864 -15.65 -18.46 26.05
N VAL C 865 -14.77 -17.52 26.39
CA VAL C 865 -13.87 -16.92 25.42
C VAL C 865 -12.48 -17.53 25.58
N THR C 866 -11.91 -18.01 24.48
CA THR C 866 -10.58 -18.62 24.47
C THR C 866 -9.58 -17.59 23.95
N LEU C 867 -8.72 -17.11 24.84
CA LEU C 867 -7.72 -16.11 24.48
C LEU C 867 -6.42 -16.80 24.06
N ALA C 868 -5.41 -16.00 23.75
CA ALA C 868 -4.11 -16.51 23.36
C ALA C 868 -3.04 -15.48 23.67
N ASP C 869 -1.84 -15.96 23.99
CA ASP C 869 -0.68 -15.10 24.22
C ASP C 869 -0.95 -14.10 25.36
N ALA C 870 -1.13 -14.67 26.55
CA ALA C 870 -1.31 -13.84 27.74
C ALA C 870 -0.14 -12.87 27.90
N GLY C 871 1.07 -13.30 27.56
CA GLY C 871 2.23 -12.43 27.62
C GLY C 871 2.82 -12.25 28.99
N PHE C 872 2.48 -13.11 29.95
CA PHE C 872 3.01 -13.00 31.31
C PHE C 872 4.35 -13.72 31.42
N ILE C 873 5.31 -13.25 30.62
CA ILE C 873 6.64 -13.82 30.58
C ILE C 873 6.54 -15.30 30.22
N LYS C 874 6.19 -15.58 28.97
CA LYS C 874 6.06 -16.96 28.50
C LYS C 874 7.45 -17.59 28.33
N ASP C 887 3.54 -24.29 19.97
CA ASP C 887 2.82 -23.12 20.46
C ASP C 887 3.07 -21.91 19.56
N LEU C 888 1.98 -21.38 18.98
CA LEU C 888 2.11 -20.20 18.13
C LEU C 888 2.67 -19.02 18.91
N ILE C 889 2.44 -18.98 20.23
CA ILE C 889 2.88 -17.83 21.02
C ILE C 889 4.39 -17.70 20.99
N CYS C 890 5.11 -18.80 21.26
CA CYS C 890 6.56 -18.74 21.29
C CYS C 890 7.13 -18.44 19.90
N ALA C 891 6.60 -19.08 18.87
CA ALA C 891 7.10 -18.83 17.52
C ALA C 891 6.90 -17.37 17.13
N GLN C 892 5.75 -16.80 17.45
CA GLN C 892 5.52 -15.39 17.16
C GLN C 892 6.45 -14.50 17.98
N LYS C 893 6.72 -14.89 19.23
CA LYS C 893 7.62 -14.10 20.06
C LYS C 893 9.07 -14.21 19.61
N PHE C 894 9.41 -15.22 18.83
CA PHE C 894 10.79 -15.51 18.47
C PHE C 894 11.24 -14.88 17.16
N ASN C 895 10.44 -13.98 16.58
CA ASN C 895 10.83 -13.34 15.33
C ASN C 895 10.50 -11.85 15.32
N GLY C 896 10.58 -11.20 16.49
CA GLY C 896 10.44 -9.77 16.57
C GLY C 896 9.06 -9.25 16.93
N LEU C 897 8.12 -10.14 17.28
CA LEU C 897 6.77 -9.75 17.65
C LEU C 897 6.62 -9.88 19.15
N THR C 898 6.07 -8.84 19.79
CA THR C 898 5.84 -8.84 21.23
C THR C 898 4.42 -8.38 21.50
N VAL C 899 3.87 -8.82 22.62
CA VAL C 899 2.55 -8.41 23.07
C VAL C 899 2.73 -7.66 24.39
N LEU C 900 2.28 -6.43 24.41
CA LEU C 900 2.38 -5.59 25.61
C LEU C 900 1.17 -5.82 26.50
N PRO C 901 1.35 -6.15 27.77
CA PRO C 901 0.20 -6.42 28.61
C PRO C 901 -0.67 -5.19 28.76
N PRO C 902 -1.99 -5.36 28.88
CA PRO C 902 -2.86 -4.20 29.05
C PRO C 902 -2.58 -3.47 30.36
N LEU C 903 -2.79 -2.16 30.35
CA LEU C 903 -2.51 -1.37 31.54
C LEU C 903 -3.39 -1.78 32.71
N LEU C 904 -4.68 -2.01 32.45
CA LEU C 904 -5.63 -2.39 33.50
C LEU C 904 -5.79 -3.91 33.50
N THR C 905 -5.51 -4.53 34.63
CA THR C 905 -5.65 -5.96 34.74
C THR C 905 -7.12 -6.36 34.79
N ASP C 906 -7.38 -7.64 34.54
CA ASP C 906 -8.75 -8.15 34.60
C ASP C 906 -9.36 -7.90 35.96
N GLU C 907 -8.55 -8.00 37.03
CA GLU C 907 -9.07 -7.70 38.36
C GLU C 907 -9.51 -6.25 38.46
N MET C 908 -8.73 -5.33 37.90
CA MET C 908 -9.11 -3.92 37.95
C MET C 908 -10.36 -3.65 37.12
N ILE C 909 -10.48 -4.29 35.96
CA ILE C 909 -11.69 -4.11 35.16
C ILE C 909 -12.90 -4.64 35.92
N ALA C 910 -12.76 -5.80 36.56
CA ALA C 910 -13.86 -6.36 37.34
C ALA C 910 -14.22 -5.45 38.50
N GLN C 911 -13.21 -4.84 39.14
CA GLN C 911 -13.49 -3.92 40.24
C GLN C 911 -14.24 -2.69 39.74
N TYR C 912 -13.85 -2.16 38.58
CA TYR C 912 -14.58 -1.03 38.00
C TYR C 912 -16.02 -1.40 37.71
N THR C 913 -16.24 -2.57 37.12
CA THR C 913 -17.61 -3.00 36.82
C THR C 913 -18.41 -3.17 38.09
N SER C 914 -17.80 -3.75 39.13
CA SER C 914 -18.48 -3.90 40.40
C SER C 914 -18.84 -2.55 41.01
N ALA C 915 -17.93 -1.58 40.90
CA ALA C 915 -18.22 -0.25 41.41
C ALA C 915 -19.41 0.35 40.68
N LEU C 916 -19.42 0.26 39.36
CA LEU C 916 -20.54 0.81 38.59
C LEU C 916 -21.85 0.13 38.98
N LEU C 917 -21.82 -1.20 39.07
CA LEU C 917 -23.04 -1.93 39.38
C LEU C 917 -23.56 -1.61 40.79
N ALA C 918 -22.66 -1.57 41.77
CA ALA C 918 -23.08 -1.25 43.13
C ALA C 918 -23.62 0.17 43.22
N GLY C 919 -22.95 1.12 42.57
CA GLY C 919 -23.47 2.48 42.56
C GLY C 919 -24.85 2.55 41.96
N THR C 920 -25.04 1.89 40.81
CA THR C 920 -26.36 1.88 40.18
C THR C 920 -27.40 1.31 41.14
N ILE C 921 -27.12 0.15 41.72
CA ILE C 921 -28.11 -0.52 42.56
C ILE C 921 -28.47 0.36 43.75
N THR C 922 -27.47 0.97 44.39
CA THR C 922 -27.71 1.66 45.64
C THR C 922 -28.16 3.10 45.49
N SER C 923 -27.94 3.73 44.32
CA SER C 923 -28.25 5.15 44.21
C SER C 923 -28.87 5.53 42.87
N GLY C 924 -29.41 4.57 42.11
CA GLY C 924 -30.02 4.93 40.86
C GLY C 924 -29.04 5.62 39.93
N TRP C 925 -29.50 6.70 39.30
CA TRP C 925 -28.68 7.47 38.37
C TRP C 925 -27.99 8.65 39.04
N THR C 926 -28.21 8.88 40.34
CA THR C 926 -27.65 10.05 40.98
C THR C 926 -26.12 10.02 40.97
N PHE C 927 -25.53 8.85 41.18
CA PHE C 927 -24.08 8.76 41.23
C PHE C 927 -23.44 9.16 39.90
N GLY C 928 -24.18 9.02 38.80
CA GLY C 928 -23.65 9.44 37.51
C GLY C 928 -23.62 10.94 37.33
N ALA C 929 -24.46 11.67 38.05
CA ALA C 929 -24.51 13.13 37.95
C ALA C 929 -23.75 13.83 39.07
N GLY C 930 -23.52 13.16 40.19
CA GLY C 930 -22.78 13.76 41.28
C GLY C 930 -22.53 12.79 42.41
N ALA C 931 -22.57 13.29 43.65
CA ALA C 931 -22.41 12.41 44.80
C ALA C 931 -23.54 11.39 44.83
N ALA C 932 -23.21 10.13 45.03
CA ALA C 932 -24.21 9.09 45.05
C ALA C 932 -25.18 9.32 46.21
N LEU C 933 -26.47 9.21 45.91
CA LEU C 933 -27.52 9.40 46.90
C LEU C 933 -28.25 8.09 47.08
N GLN C 934 -28.31 7.61 48.32
CA GLN C 934 -28.99 6.36 48.62
C GLN C 934 -30.48 6.49 48.35
N ILE C 935 -31.10 5.38 47.98
CA ILE C 935 -32.54 5.34 47.73
C ILE C 935 -32.98 3.87 47.68
N PRO C 936 -34.08 3.49 48.31
CA PRO C 936 -34.51 2.10 48.25
C PRO C 936 -34.74 1.64 46.82
N PHE C 937 -34.41 0.38 46.56
CA PHE C 937 -34.49 -0.12 45.19
C PHE C 937 -35.92 -0.10 44.66
N ALA C 938 -36.91 -0.34 45.52
CA ALA C 938 -38.29 -0.24 45.08
C ALA C 938 -38.60 1.17 44.60
N MET C 939 -38.13 2.18 45.33
CA MET C 939 -38.37 3.56 44.91
C MET C 939 -37.63 3.87 43.61
N GLN C 940 -36.43 3.32 43.46
CA GLN C 940 -35.73 3.49 42.19
C GLN C 940 -36.53 2.89 41.05
N MET C 941 -37.11 1.71 41.27
CA MET C 941 -37.94 1.10 40.24
C MET C 941 -39.15 1.97 39.93
N ALA C 942 -39.74 2.57 40.95
CA ALA C 942 -40.85 3.48 40.73
C ALA C 942 -40.42 4.65 39.87
N TYR C 943 -39.23 5.19 40.13
CA TYR C 943 -38.70 6.25 39.28
C TYR C 943 -38.60 5.79 37.84
N ARG C 944 -38.03 4.60 37.62
CA ARG C 944 -37.88 4.11 36.25
C ARG C 944 -39.24 3.94 35.58
N PHE C 945 -40.21 3.38 36.30
CA PHE C 945 -41.54 3.19 35.73
C PHE C 945 -42.17 4.52 35.35
N ASN C 946 -42.05 5.53 36.21
CA ASN C 946 -42.49 6.87 35.82
C ASN C 946 -41.75 7.32 34.58
N GLY C 947 -40.47 6.96 34.46
CA GLY C 947 -39.70 7.35 33.30
C GLY C 947 -40.25 6.79 32.01
N ILE C 948 -40.72 5.54 32.04
CA ILE C 948 -41.25 4.92 30.83
C ILE C 948 -42.73 5.23 30.69
N GLY C 949 -43.23 6.16 31.50
CA GLY C 949 -44.62 6.57 31.38
C GLY C 949 -45.63 5.60 31.96
N VAL C 950 -45.29 4.94 33.05
CA VAL C 950 -46.21 4.03 33.75
C VAL C 950 -46.29 4.49 35.20
N THR C 951 -47.51 4.58 35.72
CA THR C 951 -47.71 5.03 37.08
C THR C 951 -47.01 4.11 38.07
N GLN C 952 -46.43 4.70 39.10
CA GLN C 952 -45.65 3.93 40.07
C GLN C 952 -46.51 3.00 40.91
N ASN C 953 -47.81 3.27 41.02
CA ASN C 953 -48.68 2.35 41.74
C ASN C 953 -48.67 0.98 41.11
N VAL C 954 -48.48 0.91 39.78
CA VAL C 954 -48.39 -0.39 39.12
C VAL C 954 -47.27 -1.21 39.71
N LEU C 955 -46.08 -0.62 39.82
CA LEU C 955 -44.97 -1.32 40.44
C LEU C 955 -45.27 -1.66 41.89
N TYR C 956 -45.69 -0.66 42.67
CA TYR C 956 -45.88 -0.90 44.10
C TYR C 956 -46.92 -1.98 44.36
N GLU C 957 -47.80 -2.24 43.40
CA GLU C 957 -48.78 -3.31 43.52
C GLU C 957 -48.32 -4.63 42.91
N ASN C 958 -47.35 -4.60 41.99
CA ASN C 958 -46.83 -5.81 41.37
C ASN C 958 -45.35 -6.00 41.67
N GLN C 959 -44.92 -5.59 42.86
CA GLN C 959 -43.50 -5.69 43.21
C GLN C 959 -43.03 -7.13 43.22
N LYS C 960 -43.81 -8.03 43.84
CA LYS C 960 -43.43 -9.43 43.93
C LYS C 960 -43.31 -10.03 42.54
N LEU C 961 -44.32 -9.80 41.69
CA LEU C 961 -44.30 -10.36 40.34
C LEU C 961 -43.11 -9.82 39.55
N ILE C 962 -42.84 -8.52 39.65
CA ILE C 962 -41.73 -7.94 38.91
C ILE C 962 -40.40 -8.52 39.38
N ALA C 963 -40.24 -8.68 40.70
CA ALA C 963 -39.01 -9.26 41.21
C ALA C 963 -38.83 -10.69 40.72
N ASN C 964 -39.90 -11.48 40.75
CA ASN C 964 -39.81 -12.85 40.28
C ASN C 964 -39.46 -12.89 38.80
N GLN C 965 -40.07 -12.02 38.00
CA GLN C 965 -39.78 -11.99 36.57
C GLN C 965 -38.33 -11.61 36.32
N PHE C 966 -37.81 -10.62 37.05
CA PHE C 966 -36.42 -10.23 36.87
C PHE C 966 -35.48 -11.38 37.24
N ASN C 967 -35.75 -12.05 38.36
CA ASN C 967 -34.90 -13.17 38.76
C ASN C 967 -34.94 -14.28 37.72
N SER C 968 -36.12 -14.60 37.20
CA SER C 968 -36.23 -15.63 36.18
C SER C 968 -35.47 -15.24 34.92
N ALA C 969 -35.56 -13.97 34.52
CA ALA C 969 -34.82 -13.53 33.34
C ALA C 969 -33.32 -13.65 33.55
N ILE C 970 -32.85 -13.29 34.75
CA ILE C 970 -31.43 -13.43 35.05
C ILE C 970 -31.01 -14.89 34.96
N GLY C 971 -31.81 -15.79 35.52
CA GLY C 971 -31.51 -17.21 35.40
C GLY C 971 -31.46 -17.66 33.95
N LYS C 972 -32.39 -17.16 33.13
CA LYS C 972 -32.42 -17.55 31.73
C LYS C 972 -31.16 -17.10 31.01
N ILE C 973 -30.72 -15.86 31.25
CA ILE C 973 -29.49 -15.41 30.59
C ILE C 973 -28.30 -16.23 31.06
N GLN C 974 -28.25 -16.55 32.36
CA GLN C 974 -27.16 -17.39 32.85
C GLN C 974 -27.13 -18.73 32.14
N ASP C 975 -28.30 -19.37 32.01
CA ASP C 975 -28.35 -20.67 31.35
C ASP C 975 -27.98 -20.56 29.88
N SER C 976 -28.44 -19.51 29.21
CA SER C 976 -28.11 -19.33 27.80
C SER C 976 -26.60 -19.18 27.61
N LEU C 977 -25.97 -18.36 28.45
CA LEU C 977 -24.53 -18.18 28.34
C LEU C 977 -23.79 -19.48 28.65
N SER C 978 -24.26 -20.23 29.65
CA SER C 978 -23.61 -21.48 29.99
C SER C 978 -23.70 -22.49 28.85
N SER C 979 -24.86 -22.57 28.21
CA SER C 979 -25.05 -23.58 27.17
C SER C 979 -24.45 -23.17 25.84
N THR C 980 -24.94 -22.08 25.26
CA THR C 980 -24.51 -21.69 23.93
C THR C 980 -23.08 -21.16 23.97
N ALA C 981 -22.35 -21.42 22.88
CA ALA C 981 -20.95 -21.03 22.76
C ALA C 981 -20.70 -19.96 21.71
N SER C 982 -21.71 -19.57 20.93
CA SER C 982 -21.57 -18.53 19.92
C SER C 982 -22.10 -17.19 20.39
N ALA C 983 -22.36 -17.03 21.69
CA ALA C 983 -22.89 -15.77 22.19
C ALA C 983 -21.87 -14.65 22.07
N LEU C 984 -20.58 -14.95 22.24
CA LEU C 984 -19.51 -13.96 22.21
C LEU C 984 -18.82 -13.92 20.85
N GLY C 985 -19.62 -14.08 19.79
CA GLY C 985 -19.06 -14.15 18.45
C GLY C 985 -18.26 -12.92 18.08
N LYS C 986 -18.66 -11.75 18.54
CA LYS C 986 -17.96 -10.52 18.16
C LYS C 986 -16.55 -10.51 18.73
N LEU C 987 -16.41 -10.77 20.03
CA LEU C 987 -15.08 -10.81 20.64
C LEU C 987 -14.25 -11.92 20.03
N GLN C 988 -14.86 -13.09 19.81
CA GLN C 988 -14.10 -14.18 19.21
C GLN C 988 -13.63 -13.82 17.82
N ASP C 989 -14.45 -13.12 17.05
CA ASP C 989 -14.06 -12.71 15.71
C ASP C 989 -12.93 -11.71 15.75
N VAL C 990 -12.96 -10.78 16.70
CA VAL C 990 -11.85 -9.83 16.84
C VAL C 990 -10.55 -10.59 17.10
N VAL C 991 -10.59 -11.52 18.06
CA VAL C 991 -9.39 -12.28 18.41
C VAL C 991 -8.91 -13.07 17.20
N ASN C 992 -9.83 -13.72 16.49
CA ASN C 992 -9.45 -14.54 15.35
C ASN C 992 -8.85 -13.69 14.24
N GLN C 993 -9.41 -12.51 14.00
CA GLN C 993 -8.85 -11.63 12.96
C GLN C 993 -7.43 -11.22 13.31
N ASN C 994 -7.20 -10.83 14.57
CA ASN C 994 -5.84 -10.45 14.94
C ASN C 994 -4.89 -11.63 14.81
N ALA C 995 -5.31 -12.82 15.24
CA ALA C 995 -4.45 -13.98 15.15
C ALA C 995 -4.15 -14.33 13.70
N GLN C 996 -5.14 -14.23 12.82
CA GLN C 996 -4.92 -14.52 11.42
C GLN C 996 -3.94 -13.53 10.81
N ALA C 997 -4.08 -12.25 11.13
CA ALA C 997 -3.15 -11.26 10.61
C ALA C 997 -1.73 -11.56 11.06
N LEU C 998 -1.55 -11.87 12.34
CA LEU C 998 -0.21 -12.17 12.84
C LEU C 998 0.35 -13.43 12.19
N ASN C 999 -0.48 -14.45 12.02
CA ASN C 999 -0.01 -15.69 11.41
C ASN C 999 0.41 -15.45 9.96
N THR C 1000 -0.36 -14.66 9.21
CA THR C 1000 0.05 -14.34 7.84
C THR C 1000 1.36 -13.57 7.83
N LEU C 1001 1.50 -12.59 8.74
CA LEU C 1001 2.74 -11.83 8.78
C LEU C 1001 3.93 -12.75 9.05
N VAL C 1002 3.77 -13.69 9.98
CA VAL C 1002 4.87 -14.61 10.28
C VAL C 1002 5.17 -15.51 9.10
N LYS C 1003 4.12 -16.05 8.47
CA LYS C 1003 4.34 -16.96 7.34
C LYS C 1003 5.01 -16.25 6.18
N GLN C 1004 4.81 -14.94 6.04
CA GLN C 1004 5.45 -14.22 4.96
C GLN C 1004 6.97 -14.26 5.07
N LEU C 1005 7.51 -14.57 6.25
CA LEU C 1005 8.95 -14.68 6.41
C LEU C 1005 9.54 -15.88 5.67
N SER C 1006 8.70 -16.79 5.19
CA SER C 1006 9.16 -18.00 4.49
C SER C 1006 8.92 -17.91 2.98
N SER C 1007 9.02 -16.71 2.43
CA SER C 1007 8.80 -16.48 1.00
C SER C 1007 10.09 -15.99 0.36
N ASN C 1008 10.48 -16.60 -0.75
CA ASN C 1008 11.73 -16.23 -1.41
C ASN C 1008 11.68 -14.81 -1.92
N PHE C 1009 10.54 -14.39 -2.47
CA PHE C 1009 10.43 -13.09 -3.12
C PHE C 1009 11.40 -12.97 -4.30
N GLY C 1010 11.74 -14.10 -4.90
CA GLY C 1010 12.67 -14.13 -6.02
C GLY C 1010 14.12 -14.33 -5.63
N ALA C 1011 14.44 -14.34 -4.36
CA ALA C 1011 15.81 -14.57 -3.93
C ALA C 1011 16.17 -16.04 -4.06
N ILE C 1012 17.46 -16.34 -3.89
CA ILE C 1012 17.90 -17.73 -3.96
C ILE C 1012 17.32 -18.54 -2.81
N SER C 1013 17.17 -17.92 -1.64
CA SER C 1013 16.63 -18.61 -0.48
C SER C 1013 15.90 -17.60 0.39
N SER C 1014 15.05 -18.11 1.28
CA SER C 1014 14.30 -17.28 2.20
C SER C 1014 14.97 -17.14 3.55
N VAL C 1015 16.19 -17.67 3.71
CA VAL C 1015 16.92 -17.62 4.96
C VAL C 1015 18.07 -16.63 4.80
N LEU C 1016 18.02 -15.55 5.58
CA LEU C 1016 19.06 -14.52 5.49
C LEU C 1016 20.43 -15.09 5.82
N ASN C 1017 20.50 -15.97 6.81
CA ASN C 1017 21.77 -16.58 7.17
C ASN C 1017 22.31 -17.42 6.02
N ASP C 1018 21.44 -18.19 5.35
CA ASP C 1018 21.89 -18.98 4.21
C ASP C 1018 22.40 -18.08 3.10
N ILE C 1019 21.70 -16.99 2.81
CA ILE C 1019 22.17 -16.07 1.77
C ILE C 1019 23.54 -15.52 2.15
N LEU C 1020 23.69 -15.09 3.40
CA LEU C 1020 24.94 -14.48 3.84
C LEU C 1020 26.09 -15.48 3.92
N SER C 1021 25.78 -16.77 4.05
CA SER C 1021 26.80 -17.79 4.24
C SER C 1021 27.18 -18.51 2.96
N ARG C 1022 26.70 -18.03 1.81
CA ARG C 1022 26.97 -18.73 0.55
C ARG C 1022 27.54 -17.79 -0.51
N LEU C 1023 27.18 -16.50 -0.44
CA LEU C 1023 27.59 -15.53 -1.44
C LEU C 1023 28.50 -14.47 -0.83
N ASP C 1024 29.39 -13.92 -1.65
CA ASP C 1024 30.18 -12.78 -1.26
C ASP C 1024 29.31 -11.53 -1.25
N PRO C 1025 29.71 -10.50 -0.49
CA PRO C 1025 28.81 -9.36 -0.26
C PRO C 1025 28.25 -8.78 -1.56
N PRO C 1026 29.09 -8.58 -2.57
CA PRO C 1026 28.58 -7.95 -3.80
C PRO C 1026 27.44 -8.72 -4.44
N GLU C 1027 27.49 -10.05 -4.43
CA GLU C 1027 26.40 -10.84 -4.99
C GLU C 1027 25.25 -10.98 -3.99
N ALA C 1028 25.57 -11.09 -2.70
CA ALA C 1028 24.54 -11.25 -1.68
C ALA C 1028 23.60 -10.04 -1.67
N GLU C 1029 24.14 -8.85 -1.89
CA GLU C 1029 23.34 -7.64 -1.76
C GLU C 1029 22.05 -7.72 -2.55
N VAL C 1030 22.07 -8.33 -3.73
CA VAL C 1030 20.87 -8.39 -4.56
C VAL C 1030 19.79 -9.21 -3.87
N GLN C 1031 20.13 -10.41 -3.40
CA GLN C 1031 19.16 -11.25 -2.72
C GLN C 1031 18.68 -10.58 -1.43
N ILE C 1032 19.61 -9.97 -0.70
CA ILE C 1032 19.23 -9.30 0.54
C ILE C 1032 18.23 -8.19 0.26
N ASP C 1033 18.45 -7.44 -0.82
CA ASP C 1033 17.54 -6.36 -1.18
C ASP C 1033 16.17 -6.92 -1.57
N ARG C 1034 16.14 -8.02 -2.31
CA ARG C 1034 14.86 -8.62 -2.68
C ARG C 1034 14.09 -9.04 -1.43
N LEU C 1035 14.77 -9.69 -0.49
CA LEU C 1035 14.11 -10.08 0.76
C LEU C 1035 13.64 -8.86 1.53
N ILE C 1036 14.47 -7.81 1.59
CA ILE C 1036 14.10 -6.61 2.32
C ILE C 1036 12.85 -6.00 1.72
N THR C 1037 12.79 -5.91 0.39
CA THR C 1037 11.61 -5.34 -0.26
C THR C 1037 10.36 -6.16 0.06
N GLY C 1038 10.46 -7.48 -0.07
CA GLY C 1038 9.30 -8.30 0.20
C GLY C 1038 8.81 -8.18 1.63
N ARG C 1039 9.73 -8.25 2.59
CA ARG C 1039 9.34 -8.20 3.99
C ARG C 1039 8.84 -6.81 4.38
N LEU C 1040 9.41 -5.76 3.79
CA LEU C 1040 8.90 -4.42 4.04
C LEU C 1040 7.48 -4.28 3.52
N GLN C 1041 7.20 -4.84 2.34
CA GLN C 1041 5.84 -4.82 1.83
C GLN C 1041 4.89 -5.55 2.78
N SER C 1042 5.31 -6.72 3.27
CA SER C 1042 4.46 -7.46 4.21
C SER C 1042 4.18 -6.65 5.46
N LEU C 1043 5.22 -6.02 6.02
CA LEU C 1043 5.04 -5.24 7.23
C LEU C 1043 4.11 -4.05 6.99
N GLN C 1044 4.27 -3.36 5.86
CA GLN C 1044 3.40 -2.23 5.55
C GLN C 1044 1.95 -2.67 5.43
N THR C 1045 1.72 -3.79 4.74
CA THR C 1045 0.34 -4.28 4.63
C THR C 1045 -0.23 -4.61 6.00
N TYR C 1046 0.56 -5.29 6.84
CA TYR C 1046 0.07 -5.65 8.16
C TYR C 1046 -0.27 -4.40 8.98
N VAL C 1047 0.60 -3.38 8.91
CA VAL C 1047 0.38 -2.18 9.71
C VAL C 1047 -0.85 -1.43 9.23
N THR C 1048 -1.06 -1.37 7.91
CA THR C 1048 -2.25 -0.70 7.39
C THR C 1048 -3.52 -1.43 7.83
N GLN C 1049 -3.53 -2.76 7.71
CA GLN C 1049 -4.68 -3.52 8.17
C GLN C 1049 -4.93 -3.29 9.65
N GLN C 1050 -3.87 -3.26 10.45
CA GLN C 1050 -4.01 -3.02 11.88
C GLN C 1050 -4.57 -1.64 12.15
N LEU C 1051 -4.13 -0.63 11.40
CA LEU C 1051 -4.64 0.72 11.59
C LEU C 1051 -6.15 0.76 11.32
N ILE C 1052 -6.58 0.15 10.23
CA ILE C 1052 -8.01 0.16 9.91
C ILE C 1052 -8.80 -0.58 10.97
N ARG C 1053 -8.31 -1.75 11.40
CA ARG C 1053 -9.01 -2.51 12.42
C ARG C 1053 -9.05 -1.76 13.73
N ALA C 1054 -7.99 -1.03 14.07
CA ALA C 1054 -7.98 -0.23 15.29
C ALA C 1054 -8.98 0.90 15.21
N ALA C 1055 -9.12 1.51 14.03
CA ALA C 1055 -10.16 2.53 13.87
C ALA C 1055 -11.54 1.94 14.11
N GLU C 1056 -11.80 0.75 13.55
CA GLU C 1056 -13.09 0.10 13.77
C GLU C 1056 -13.30 -0.19 15.26
N ILE C 1057 -12.28 -0.71 15.94
CA ILE C 1057 -12.40 -1.03 17.35
C ILE C 1057 -12.60 0.24 18.17
N ARG C 1058 -11.97 1.34 17.77
CA ARG C 1058 -12.18 2.60 18.49
C ARG C 1058 -13.61 3.09 18.33
N ALA C 1059 -14.17 2.94 17.13
CA ALA C 1059 -15.58 3.29 16.95
C ALA C 1059 -16.46 2.44 17.85
N SER C 1060 -16.18 1.13 17.91
CA SER C 1060 -16.97 0.27 18.78
C SER C 1060 -16.81 0.64 20.25
N ALA C 1061 -15.59 1.01 20.65
CA ALA C 1061 -15.34 1.38 22.05
C ALA C 1061 -16.04 2.68 22.40
N ASN C 1062 -16.06 3.64 21.48
CA ASN C 1062 -16.83 4.86 21.72
C ASN C 1062 -18.32 4.55 21.86
N LEU C 1063 -18.83 3.67 21.01
CA LEU C 1063 -20.24 3.27 21.15
C LEU C 1063 -20.49 2.63 22.50
N ALA C 1064 -19.58 1.76 22.95
CA ALA C 1064 -19.75 1.11 24.25
C ALA C 1064 -19.69 2.11 25.39
N ALA C 1065 -18.78 3.08 25.30
CA ALA C 1065 -18.70 4.11 26.34
C ALA C 1065 -19.98 4.92 26.40
N THR C 1066 -20.52 5.30 25.24
CA THR C 1066 -21.79 6.01 25.22
C THR C 1066 -22.91 5.15 25.82
N LYS C 1067 -22.93 3.87 25.48
CA LYS C 1067 -23.93 2.97 26.03
C LYS C 1067 -23.83 2.92 27.54
N MET C 1068 -22.62 2.81 28.07
CA MET C 1068 -22.46 2.82 29.52
C MET C 1068 -23.00 4.12 30.10
N SER C 1069 -22.53 5.25 29.58
CA SER C 1069 -22.89 6.55 30.17
C SER C 1069 -24.39 6.78 30.12
N GLU C 1070 -25.08 6.26 29.11
CA GLU C 1070 -26.51 6.53 28.97
C GLU C 1070 -27.38 5.48 29.65
N CYS C 1071 -27.21 4.21 29.27
CA CYS C 1071 -28.05 3.15 29.82
C CYS C 1071 -27.70 2.86 31.28
N VAL C 1072 -26.41 2.73 31.60
CA VAL C 1072 -26.03 2.31 32.93
C VAL C 1072 -26.13 3.46 33.92
N LEU C 1073 -25.57 4.61 33.57
CA LEU C 1073 -25.56 5.76 34.47
C LEU C 1073 -26.86 6.54 34.45
N GLY C 1074 -27.80 6.17 33.58
CA GLY C 1074 -29.08 6.86 33.53
C GLY C 1074 -30.09 6.02 32.78
N GLN C 1075 -31.29 6.58 32.62
CA GLN C 1075 -32.36 5.93 31.89
C GLN C 1075 -32.51 6.60 30.53
N SER C 1076 -32.46 5.81 29.47
CA SER C 1076 -32.42 6.33 28.11
C SER C 1076 -33.79 6.20 27.46
N LYS C 1077 -34.24 7.28 26.83
CA LYS C 1077 -35.48 7.28 26.07
C LYS C 1077 -35.26 7.02 24.59
N ARG C 1078 -34.01 6.83 24.16
CA ARG C 1078 -33.73 6.50 22.78
C ARG C 1078 -34.21 5.09 22.48
N VAL C 1079 -34.98 4.93 21.41
CA VAL C 1079 -35.59 3.65 21.11
C VAL C 1079 -34.54 2.68 20.60
N ASP C 1080 -34.62 1.43 21.06
CA ASP C 1080 -33.76 0.34 20.62
C ASP C 1080 -32.28 0.59 20.90
N PHE C 1081 -31.95 1.63 21.66
CA PHE C 1081 -30.56 1.86 22.03
C PHE C 1081 -30.13 0.91 23.13
N CYS C 1082 -30.79 0.98 24.28
CA CYS C 1082 -30.49 0.11 25.41
C CYS C 1082 -31.50 -1.04 25.44
N GLY C 1083 -31.35 -1.94 24.48
CA GLY C 1083 -32.19 -3.12 24.40
C GLY C 1083 -33.49 -2.88 23.67
N LYS C 1084 -34.26 -3.96 23.54
CA LYS C 1084 -35.54 -3.91 22.84
C LYS C 1084 -36.67 -3.67 23.84
N GLY C 1085 -37.55 -2.74 23.50
CA GLY C 1085 -38.64 -2.35 24.38
C GLY C 1085 -38.28 -1.12 25.19
N TYR C 1086 -39.22 -0.75 26.06
CA TYR C 1086 -39.00 0.39 26.93
C TYR C 1086 -37.88 0.08 27.92
N HIS C 1087 -36.97 1.02 28.09
CA HIS C 1087 -35.75 0.79 28.86
C HIS C 1087 -35.98 1.06 30.34
N LEU C 1088 -35.55 0.13 31.19
CA LEU C 1088 -35.53 0.33 32.63
C LEU C 1088 -34.13 0.60 33.16
N MET C 1089 -33.15 -0.22 32.80
CA MET C 1089 -31.75 0.13 33.10
C MET C 1089 -30.84 -0.87 32.38
N SER C 1090 -29.55 -0.77 32.68
CA SER C 1090 -28.57 -1.74 32.19
C SER C 1090 -27.59 -2.05 33.31
N PHE C 1091 -27.01 -3.23 33.24
CA PHE C 1091 -25.96 -3.67 34.17
C PHE C 1091 -24.72 -4.03 33.39
N PRO C 1092 -23.55 -3.47 33.70
CA PRO C 1092 -22.33 -3.83 32.97
C PRO C 1092 -21.72 -5.13 33.47
N GLN C 1093 -20.94 -5.76 32.59
CA GLN C 1093 -20.23 -6.98 32.92
C GLN C 1093 -18.98 -7.04 32.05
N SER C 1094 -17.81 -7.07 32.67
CA SER C 1094 -16.58 -7.15 31.90
C SER C 1094 -16.49 -8.49 31.19
N ALA C 1095 -15.91 -8.49 30.00
CA ALA C 1095 -15.63 -9.71 29.26
C ALA C 1095 -14.26 -9.53 28.61
N PRO C 1096 -13.59 -10.63 28.28
CA PRO C 1096 -12.24 -10.51 27.70
C PRO C 1096 -12.22 -9.58 26.50
N HIS C 1097 -11.53 -8.45 26.64
CA HIS C 1097 -11.39 -7.49 25.55
C HIS C 1097 -12.74 -6.96 25.09
N GLY C 1098 -13.65 -6.73 26.03
CA GLY C 1098 -14.95 -6.20 25.68
C GLY C 1098 -15.84 -6.05 26.89
N VAL C 1099 -17.06 -5.57 26.62
CA VAL C 1099 -18.04 -5.35 27.67
C VAL C 1099 -19.35 -6.02 27.26
N VAL C 1100 -20.17 -6.33 28.26
CA VAL C 1100 -21.46 -6.98 28.05
C VAL C 1100 -22.48 -6.23 28.88
N PHE C 1101 -23.54 -5.75 28.24
CA PHE C 1101 -24.59 -5.01 28.91
C PHE C 1101 -25.80 -5.92 29.06
N LEU C 1102 -26.33 -6.00 30.28
CA LEU C 1102 -27.59 -6.67 30.55
C LEU C 1102 -28.65 -5.58 30.61
N HIS C 1103 -29.38 -5.40 29.51
CA HIS C 1103 -30.42 -4.40 29.43
C HIS C 1103 -31.72 -4.96 30.02
N VAL C 1104 -32.19 -4.36 31.10
CA VAL C 1104 -33.48 -4.68 31.67
C VAL C 1104 -34.50 -3.71 31.10
N THR C 1105 -35.52 -4.27 30.43
CA THR C 1105 -36.52 -3.50 29.70
C THR C 1105 -37.90 -4.00 30.06
N TYR C 1106 -38.89 -3.14 29.84
CA TYR C 1106 -40.29 -3.40 30.15
C TYR C 1106 -41.05 -3.58 28.84
N VAL C 1107 -41.81 -4.68 28.74
CA VAL C 1107 -42.49 -5.03 27.51
C VAL C 1107 -43.97 -5.31 27.81
N PRO C 1108 -44.90 -4.55 27.25
CA PRO C 1108 -46.32 -4.89 27.45
C PRO C 1108 -46.62 -6.28 26.90
N ALA C 1109 -47.53 -6.99 27.58
CA ALA C 1109 -47.69 -8.41 27.35
C ALA C 1109 -49.03 -8.79 26.74
N GLN C 1110 -50.14 -8.45 27.39
CA GLN C 1110 -51.45 -8.98 27.01
C GLN C 1110 -52.34 -7.82 26.55
N GLU C 1111 -52.38 -7.60 25.24
CA GLU C 1111 -53.19 -6.53 24.69
C GLU C 1111 -54.67 -6.88 24.75
N LYS C 1112 -55.49 -5.86 24.99
CA LYS C 1112 -56.94 -5.97 25.02
C LYS C 1112 -57.49 -4.82 24.19
N ASN C 1113 -58.41 -5.11 23.29
CA ASN C 1113 -58.98 -4.07 22.43
C ASN C 1113 -60.22 -3.46 23.06
N PHE C 1114 -60.37 -2.15 22.85
CA PHE C 1114 -61.48 -1.37 23.37
C PHE C 1114 -61.90 -0.36 22.31
N THR C 1115 -63.03 0.30 22.54
CA THR C 1115 -63.52 1.31 21.60
C THR C 1115 -63.18 2.70 22.14
N THR C 1116 -62.48 3.50 21.35
CA THR C 1116 -61.88 4.73 21.83
C THR C 1116 -62.44 5.94 21.09
N ALA C 1117 -62.45 7.08 21.78
CA ALA C 1117 -62.93 8.34 21.22
C ALA C 1117 -61.98 9.48 21.59
N PRO C 1118 -61.75 10.43 20.67
CA PRO C 1118 -60.78 11.49 20.97
C PRO C 1118 -61.16 12.37 22.15
N ALA C 1119 -62.44 12.65 22.35
CA ALA C 1119 -62.88 13.56 23.38
C ALA C 1119 -64.25 13.13 23.87
N ILE C 1120 -64.77 13.86 24.85
CA ILE C 1120 -66.08 13.57 25.44
C ILE C 1120 -66.93 14.82 25.45
N CYS C 1121 -68.20 14.67 25.09
CA CYS C 1121 -69.18 15.75 25.21
C CYS C 1121 -69.99 15.53 26.48
N HIS C 1122 -69.94 16.49 27.38
CA HIS C 1122 -70.63 16.39 28.66
C HIS C 1122 -71.77 17.40 28.78
N ASP C 1123 -71.47 18.69 28.63
CA ASP C 1123 -72.47 19.74 28.76
C ASP C 1123 -72.27 20.78 27.68
N GLY C 1124 -72.06 20.33 26.45
CA GLY C 1124 -71.71 21.23 25.37
C GLY C 1124 -70.25 21.62 25.32
N LYS C 1125 -69.42 21.02 26.16
CA LYS C 1125 -67.99 21.29 26.21
C LYS C 1125 -67.22 20.03 25.89
N ALA C 1126 -66.06 20.20 25.27
CA ALA C 1126 -65.22 19.08 24.86
C ALA C 1126 -64.17 18.81 25.93
N HIS C 1127 -64.21 17.61 26.51
CA HIS C 1127 -63.26 17.20 27.53
C HIS C 1127 -62.23 16.26 26.90
N PHE C 1128 -60.95 16.55 27.16
CA PHE C 1128 -59.85 15.71 26.71
C PHE C 1128 -59.09 15.17 27.92
N PRO C 1129 -58.50 13.98 27.81
CA PRO C 1129 -57.79 13.42 28.97
C PRO C 1129 -56.55 14.24 29.30
N ARG C 1130 -56.30 14.40 30.60
CA ARG C 1130 -55.08 15.09 31.03
C ARG C 1130 -53.85 14.28 30.67
N GLU C 1131 -53.83 13.01 31.05
CA GLU C 1131 -52.74 12.11 30.71
C GLU C 1131 -53.33 10.70 30.63
N GLY C 1132 -53.65 10.28 29.42
CA GLY C 1132 -54.27 9.00 29.21
C GLY C 1132 -55.14 9.04 27.97
N VAL C 1133 -55.95 8.00 27.82
CA VAL C 1133 -56.84 7.87 26.68
C VAL C 1133 -58.19 7.39 27.17
N PHE C 1134 -59.24 7.80 26.46
CA PHE C 1134 -60.59 7.31 26.73
C PHE C 1134 -60.78 5.96 26.07
N VAL C 1135 -61.34 5.01 26.82
CA VAL C 1135 -61.63 3.68 26.30
C VAL C 1135 -63.04 3.29 26.72
N SER C 1136 -63.59 2.33 25.99
CA SER C 1136 -64.93 1.84 26.22
C SER C 1136 -64.92 0.32 26.16
N ASN C 1137 -65.47 -0.27 27.22
CA ASN C 1137 -65.68 -1.70 27.40
C ASN C 1137 -67.05 -2.15 26.93
N GLY C 1138 -67.77 -1.31 26.21
CA GLY C 1138 -68.98 -1.72 25.53
C GLY C 1138 -70.20 -0.94 25.97
N THR C 1139 -70.23 -0.58 27.25
CA THR C 1139 -71.39 0.09 27.82
C THR C 1139 -71.00 1.38 28.52
N HIS C 1140 -69.81 1.39 29.12
CA HIS C 1140 -69.34 2.53 29.90
C HIS C 1140 -68.01 3.03 29.34
N TRP C 1141 -67.69 4.27 29.68
CA TRP C 1141 -66.46 4.92 29.24
C TRP C 1141 -65.57 5.19 30.44
N PHE C 1142 -64.28 4.91 30.28
CA PHE C 1142 -63.28 5.18 31.31
C PHE C 1142 -62.10 5.88 30.68
N VAL C 1143 -61.22 6.40 31.54
CA VAL C 1143 -59.95 6.99 31.12
C VAL C 1143 -58.83 6.18 31.76
N THR C 1144 -57.85 5.78 30.96
CA THR C 1144 -56.77 4.94 31.45
C THR C 1144 -55.45 5.38 30.83
N GLN C 1145 -54.37 5.16 31.57
CA GLN C 1145 -53.05 5.42 31.01
C GLN C 1145 -52.83 4.57 29.76
N ARG C 1146 -51.83 4.96 28.98
CA ARG C 1146 -51.65 4.41 27.64
C ARG C 1146 -50.80 3.15 27.60
N ASN C 1147 -50.23 2.72 28.72
CA ASN C 1147 -49.35 1.56 28.74
C ASN C 1147 -49.76 0.49 29.74
N PHE C 1148 -50.88 0.68 30.45
CA PHE C 1148 -51.35 -0.33 31.39
C PHE C 1148 -52.82 -0.09 31.66
N TYR C 1149 -53.67 -1.04 31.29
CA TYR C 1149 -55.11 -0.86 31.37
C TYR C 1149 -55.55 -0.85 32.83
N GLU C 1150 -55.89 0.33 33.35
CA GLU C 1150 -56.53 0.46 34.65
C GLU C 1150 -57.61 1.52 34.53
N PRO C 1151 -58.83 1.14 34.18
CA PRO C 1151 -59.87 2.13 33.91
C PRO C 1151 -60.14 3.00 35.13
N GLN C 1152 -60.40 4.29 34.87
CA GLN C 1152 -60.75 5.23 35.91
C GLN C 1152 -61.99 6.00 35.47
N ILE C 1153 -62.87 6.29 36.44
CA ILE C 1153 -64.06 7.06 36.14
C ILE C 1153 -63.65 8.41 35.57
N ILE C 1154 -64.33 8.83 34.50
CA ILE C 1154 -64.00 10.09 33.84
C ILE C 1154 -64.56 11.23 34.69
N THR C 1155 -63.68 11.98 35.33
CA THR C 1155 -64.05 13.10 36.16
C THR C 1155 -63.33 14.36 35.69
N THR C 1156 -63.68 15.49 36.30
CA THR C 1156 -63.05 16.75 35.94
C THR C 1156 -61.56 16.76 36.26
N ASP C 1157 -61.11 15.92 37.19
CA ASP C 1157 -59.70 15.86 37.52
C ASP C 1157 -58.91 15.10 36.46
N ASN C 1158 -59.51 14.08 35.86
CA ASN C 1158 -58.82 13.31 34.84
C ASN C 1158 -58.74 14.05 33.51
N THR C 1159 -59.62 15.02 33.28
CA THR C 1159 -59.77 15.65 31.98
C THR C 1159 -59.68 17.16 32.11
N PHE C 1160 -59.62 17.83 30.97
CA PHE C 1160 -59.65 19.27 30.89
C PHE C 1160 -60.51 19.69 29.71
N VAL C 1161 -61.14 20.85 29.85
CA VAL C 1161 -62.11 21.34 28.87
C VAL C 1161 -61.41 22.23 27.86
N SER C 1162 -61.87 22.16 26.62
CA SER C 1162 -61.31 23.03 25.57
C SER C 1162 -62.32 23.10 24.43
N GLY C 1163 -62.90 24.29 24.21
CA GLY C 1163 -63.80 24.48 23.11
C GLY C 1163 -65.17 23.88 23.36
N ASN C 1164 -65.87 23.60 22.27
CA ASN C 1164 -67.20 23.02 22.30
C ASN C 1164 -67.22 21.75 21.46
N CYS C 1165 -68.42 21.21 21.26
CA CYS C 1165 -68.60 19.90 20.66
C CYS C 1165 -68.65 19.91 19.14
N ASP C 1166 -68.57 21.08 18.50
CA ASP C 1166 -68.84 21.20 17.07
C ASP C 1166 -67.58 21.14 16.21
N VAL C 1167 -66.40 20.92 16.80
CA VAL C 1167 -65.14 20.97 16.08
C VAL C 1167 -64.50 19.60 15.97
N VAL C 1168 -64.37 18.88 17.10
CA VAL C 1168 -63.64 17.63 17.09
C VAL C 1168 -64.36 16.61 16.20
N ILE C 1169 -63.59 15.69 15.63
CA ILE C 1169 -64.09 14.63 14.77
C ILE C 1169 -64.03 13.34 15.55
N GLY C 1170 -65.19 12.72 15.76
CA GLY C 1170 -65.28 11.47 16.50
C GLY C 1170 -65.63 11.63 17.96
N ILE C 1171 -65.94 12.85 18.42
CA ILE C 1171 -66.35 13.04 19.80
C ILE C 1171 -67.60 12.21 20.06
N VAL C 1172 -67.81 11.86 21.33
CA VAL C 1172 -68.91 11.00 21.74
C VAL C 1172 -69.57 11.59 22.97
N ASN C 1173 -70.89 11.42 23.06
CA ASN C 1173 -71.63 11.80 24.24
C ASN C 1173 -71.24 10.91 25.42
N ASN C 1174 -71.24 11.50 26.61
CA ASN C 1174 -71.06 10.78 27.86
C ASN C 1174 -71.21 11.79 28.98
N THR C 1175 -71.23 11.28 30.21
CA THR C 1175 -71.31 12.11 31.40
C THR C 1175 -69.95 12.14 32.10
N VAL C 1176 -69.57 13.32 32.57
CA VAL C 1176 -68.30 13.51 33.28
C VAL C 1176 -68.63 13.79 34.73
N TYR C 1177 -68.26 12.88 35.61
CA TYR C 1177 -68.55 13.03 37.03
C TYR C 1177 -67.79 14.23 37.60
N ASP C 1178 -68.46 14.96 38.48
CA ASP C 1178 -67.85 16.12 39.14
C ASP C 1178 -67.58 15.76 40.60
N PRO C 1179 -66.32 15.60 41.01
CA PRO C 1179 -66.06 15.18 42.39
C PRO C 1179 -66.60 16.15 43.43
N LEU C 1180 -66.61 17.44 43.12
CA LEU C 1180 -67.12 18.43 44.06
C LEU C 1180 -68.63 18.36 44.23
N GLN C 1181 -69.34 17.75 43.28
CA GLN C 1181 -70.80 17.78 43.33
C GLN C 1181 -71.37 17.01 44.53
N PRO C 1182 -70.94 15.79 44.83
CA PRO C 1182 -71.48 15.12 46.03
C PRO C 1182 -71.22 15.88 47.32
N GLU C 1183 -70.02 16.45 47.45
CA GLU C 1183 -69.72 17.24 48.65
C GLU C 1183 -70.61 18.48 48.70
N LEU C 1184 -70.83 19.13 47.56
CA LEU C 1184 -71.72 20.28 47.54
C LEU C 1184 -73.15 19.90 47.88
N ASP C 1185 -73.58 18.72 47.44
CA ASP C 1185 -74.93 18.27 47.76
C ASP C 1185 -75.08 18.01 49.26
N SER C 1186 -74.09 17.35 49.86
CA SER C 1186 -74.12 17.16 51.30
C SER C 1186 -74.08 18.50 52.03
N PHE C 1187 -73.28 19.43 51.52
CA PHE C 1187 -73.21 20.77 52.09
C PHE C 1187 -74.57 21.46 52.05
N LYS C 1188 -75.27 21.35 50.93
CA LYS C 1188 -76.62 21.89 50.82
C LYS C 1188 -77.56 21.23 51.82
N GLU C 1189 -77.46 19.91 51.95
CA GLU C 1189 -78.29 19.17 52.89
C GLU C 1189 -77.97 19.59 54.33
C1 NAG D . 3.09 40.12 -4.80
C2 NAG D . 2.89 40.63 -3.36
C3 NAG D . 2.83 42.11 -3.37
C4 NAG D . 4.07 42.72 -3.94
C5 NAG D . 4.27 42.29 -5.39
C6 NAG D . 5.62 42.76 -5.83
C7 NAG D . 1.49 39.22 -1.72
C8 NAG D . 0.10 38.80 -1.18
N2 NAG D . 1.58 40.20 -2.79
O3 NAG D . 2.56 42.62 -2.03
O4 NAG D . 3.99 44.15 -3.92
O5 NAG D . 4.25 40.82 -5.48
O6 NAG D . 6.58 41.83 -5.38
O7 NAG D . 2.47 38.75 -1.26
C1 NAG D . 5.22 44.72 -3.39
C2 NAG D . 6.00 43.61 -2.71
C3 NAG D . 7.40 43.97 -2.34
C4 NAG D . 8.15 44.68 -3.41
C5 NAG D . 7.34 45.87 -3.93
C6 NAG D . 8.13 46.54 -5.02
C7 NAG D . 5.07 41.81 -1.13
C8 NAG D . 4.34 41.41 0.15
N2 NAG D . 5.30 43.22 -1.44
O3 NAG D . 8.12 42.74 -2.00
O4 NAG D . 9.40 45.15 -2.88
O5 NAG D . 6.03 45.42 -4.45
O6 NAG D . 8.86 47.62 -4.49
O7 NAG D . 5.46 40.98 -1.90
C1 NAG E . 38.39 36.46 -9.03
C2 NAG E . 38.97 37.02 -7.73
C3 NAG E . 38.33 38.30 -7.33
C4 NAG E . 38.31 39.35 -8.42
C5 NAG E . 37.97 38.81 -9.81
C6 NAG E . 38.46 39.79 -10.83
C7 NAG E . 37.47 35.82 -5.99
C8 NAG E . 37.34 34.83 -4.83
N2 NAG E . 38.79 36.06 -6.59
O3 NAG E . 39.07 38.84 -6.19
O4 NAG E . 37.27 40.28 -8.11
O5 NAG E . 38.54 37.49 -10.12
O6 NAG E . 39.69 40.31 -10.40
O7 NAG E . 36.50 36.39 -6.40
C1 NAG E . 37.72 41.39 -7.31
C2 NAG E . 37.37 41.10 -5.86
C3 NAG E . 37.52 42.34 -5.06
C4 NAG E . 38.92 42.87 -5.15
C5 NAG E . 39.50 42.90 -6.58
C6 NAG E . 40.98 43.03 -6.50
C7 NAG E . 35.73 39.24 -5.34
C8 NAG E . 34.30 38.70 -5.28
N2 NAG E . 35.97 40.61 -5.80
O3 NAG E . 37.21 42.04 -3.66
O4 NAG E . 38.92 44.21 -4.62
O5 NAG E . 39.18 41.70 -7.39
O6 NAG E . 41.42 43.91 -7.50
O7 NAG E . 36.64 38.56 -5.03
C1 BMA E . 37.73 44.88 -5.07
C2 BMA E . 36.81 45.12 -3.84
C3 BMA E . 35.61 45.98 -4.23
C4 BMA E . 36.06 47.24 -4.99
C5 BMA E . 36.92 46.83 -6.20
C6 BMA E . 37.42 48.03 -6.99
O2 BMA E . 37.51 45.82 -2.82
O3 BMA E . 34.84 46.35 -3.10
O4 BMA E . 34.93 47.97 -5.44
O5 BMA E . 38.06 46.11 -5.71
O6 BMA E . 37.99 47.55 -8.21
C1 NAG F . -52.20 29.01 9.96
C2 NAG F . -53.48 29.64 9.43
C3 NAG F . -54.02 28.89 8.27
C4 NAG F . -53.01 28.57 7.21
C5 NAG F . -51.63 28.16 7.73
C6 NAG F . -50.63 28.29 6.62
C7 NAG F . -54.65 30.82 11.37
C8 NAG F . -53.76 32.05 11.13
N2 NAG F . -54.49 29.64 10.52
O3 NAG F . -55.08 29.68 7.68
O4 NAG F . -53.49 27.45 6.47
O5 NAG F . -51.17 28.96 8.87
O6 NAG F . -50.16 27.02 6.26
O7 NAG F . -55.46 30.83 12.24
C1 NAG F . -54.16 27.89 5.28
C2 NAG F . -55.50 27.17 5.20
C3 NAG F . -56.27 27.53 3.99
C4 NAG F . -56.37 29.02 3.77
C5 NAG F . -55.04 29.75 3.98
C6 NAG F . -55.30 31.23 4.00
C7 NAG F . -54.47 24.99 4.22
C8 NAG F . -53.80 25.76 3.08
N2 NAG F . -55.28 25.68 5.23
O3 NAG F . -57.60 26.97 4.17
O4 NAG F . -56.79 29.28 2.43
O5 NAG F . -54.36 29.37 5.23
O6 NAG F . -56.69 31.46 4.02
O7 NAG F . -54.34 23.82 4.30
C1 BMA F . -58.11 28.72 2.21
C2 BMA F . -59.10 29.44 3.13
C3 BMA F . -60.47 29.60 2.43
C4 BMA F . -60.82 28.44 1.45
C5 BMA F . -59.62 28.06 0.54
C6 BMA F . -59.92 28.20 -0.94
O2 BMA F . -58.65 30.75 3.44
O3 BMA F . -60.58 30.86 1.78
O4 BMA F . -61.27 27.31 2.17
O5 BMA F . -58.50 28.88 0.86
O6 BMA F . -61.16 27.53 -1.21
C1 NAG G . -54.18 11.40 -2.19
C2 NAG G . -55.68 11.31 -2.40
C3 NAG G . -55.89 10.74 -3.77
C4 NAG G . -54.95 11.24 -4.85
C5 NAG G . -53.54 11.57 -4.36
C6 NAG G . -52.71 12.30 -5.37
C7 NAG G . -57.41 10.85 -0.57
C8 NAG G . -57.93 12.29 -0.70
N2 NAG G . -56.31 10.38 -1.42
O3 NAG G . -57.26 10.99 -4.20
O4 NAG G . -54.82 10.24 -5.88
O5 NAG G . -53.61 12.38 -3.15
O6 NAG G . -51.36 11.97 -5.15
O7 NAG G . -57.91 10.11 0.22
C1 NAG G . -54.72 10.90 -7.16
C2 NAG G . -54.18 9.96 -8.24
C3 NAG G . -54.15 10.61 -9.58
C4 NAG G . -55.47 11.23 -9.96
C5 NAG G . -56.01 12.13 -8.86
C6 NAG G . -57.41 12.55 -9.21
C7 NAG G . -51.63 10.38 -8.09
C8 NAG G . -50.22 9.88 -7.72
N2 NAG G . -52.79 9.51 -7.90
O3 NAG G . -53.79 9.62 -10.59
O4 NAG G . -55.30 11.99 -11.15
O5 NAG G . -56.06 11.46 -7.56
O6 NAG G . -58.32 11.65 -8.64
O7 NAG G . -51.75 11.49 -8.51
C1 BMA G . -56.24 11.49 -12.13
C2 BMA G . -56.37 12.54 -13.26
C3 BMA G . -57.25 11.97 -14.38
C4 BMA G . -56.79 10.56 -14.79
C5 BMA G . -56.73 9.65 -13.55
C6 BMA G . -56.25 8.24 -13.87
O2 BMA G . -55.10 12.83 -13.82
O3 BMA G . -57.24 12.83 -15.51
O4 BMA G . -57.71 10.01 -15.72
O5 BMA G . -55.80 10.23 -12.63
O6 BMA G . -57.21 7.63 -14.72
C1 NAG H . -42.47 42.03 17.79
C2 NAG H . -42.91 42.85 16.58
C3 NAG H . -41.75 43.23 15.73
C4 NAG H . -40.82 44.14 16.45
C5 NAG H . -40.30 43.50 17.74
C6 NAG H . -40.25 44.57 18.80
C7 NAG H . -43.33 40.65 15.35
C8 NAG H . -44.22 39.75 14.48
N2 NAG H . -43.79 41.97 15.75
O3 NAG H . -42.23 43.88 14.50
O4 NAG H . -39.73 44.43 15.56
O5 NAG H . -41.06 42.34 18.26
O6 NAG H . -41.28 44.41 19.74
O7 NAG H . -42.26 40.25 15.69
C1 NAG H . -38.45 44.51 16.25
C2 NAG H . -37.32 44.41 15.24
C3 NAG H . -35.98 44.47 15.88
C4 NAG H . -35.83 45.70 16.71
C5 NAG H . -36.97 45.87 17.71
C6 NAG H . -36.84 47.22 18.35
C7 NAG H . -37.26 41.82 14.98
C8 NAG H . -36.95 41.61 16.47
N2 NAG H . -37.43 43.15 14.42
O3 NAG H . -34.95 44.46 14.85
O4 NAG H . -34.59 45.62 17.43
O5 NAG H . -38.30 45.75 17.09
O6 NAG H . -38.08 47.65 18.81
O7 NAG H . -37.37 40.85 14.28
C1 FUC H . -42.42 45.20 19.31
C2 FUC H . -43.35 45.38 20.53
C3 FUC H . -44.34 46.52 20.31
C4 FUC H . -44.45 46.85 18.81
C5 FUC H . -43.07 47.29 18.28
C6 FUC H . -42.96 47.25 16.77
O2 FUC H . -42.62 45.58 21.73
O3 FUC H . -45.64 46.12 20.76
O4 FUC H . -44.90 45.72 18.08
O5 FUC H . -42.01 46.46 18.80
C1 NAG I . -56.65 41.68 25.96
C2 NAG I . -57.34 42.85 25.26
C3 NAG I . -58.54 43.30 26.01
C4 NAG I . -59.50 42.19 26.33
C5 NAG I . -58.80 40.97 26.93
C6 NAG I . -59.78 39.83 26.98
C7 NAG I . -56.08 44.59 23.89
C8 NAG I . -55.09 45.75 23.80
N2 NAG I . -56.37 43.98 25.18
O3 NAG I . -59.22 44.31 25.22
O4 NAG I . -60.42 42.73 27.30
O5 NAG I . -57.62 40.55 26.14
O6 NAG I . -59.90 39.26 25.71
O7 NAG I . -56.61 44.18 22.91
C1 NAG I . -61.79 42.38 27.01
C2 NAG I . -61.91 41.72 25.63
C3 NAG I . -63.18 40.98 25.38
C4 NAG I . -63.70 40.21 26.55
C5 NAG I . -63.70 41.06 27.82
C6 NAG I . -64.18 40.22 28.97
C7 NAG I . -60.86 42.66 23.50
C8 NAG I . -60.77 43.76 22.43
N2 NAG I . -61.82 42.79 24.59
O3 NAG I . -62.96 40.06 24.27
O4 NAG I . -65.04 39.78 26.30
O5 NAG I . -62.35 41.53 28.13
O6 NAG I . -64.62 41.04 30.01
O7 NAG I . -60.14 41.71 23.43
C1 BMA I . -65.73 40.71 25.42
C2 BMA I . -67.20 40.27 25.29
C3 BMA I . -68.00 41.30 24.50
C4 BMA I . -67.73 42.74 24.99
C5 BMA I . -66.22 42.99 25.02
C6 BMA I . -65.85 44.38 25.52
O2 BMA I . -67.81 40.16 26.57
O3 BMA I . -69.40 41.03 24.56
O4 BMA I . -68.35 43.67 24.12
O5 BMA I . -65.64 42.04 25.91
O6 BMA I . -64.43 44.48 25.53
C1 NAG J . -48.03 44.20 44.34
C2 NAG J . -46.71 44.96 44.36
C3 NAG J . -46.28 45.13 45.77
C4 NAG J . -47.28 45.93 46.54
C5 NAG J . -48.67 45.30 46.49
C6 NAG J . -49.63 46.30 47.07
C7 NAG J . -45.33 44.46 42.27
C8 NAG J . -44.23 43.64 41.57
N2 NAG J . -45.66 44.17 43.66
O3 NAG J . -44.96 45.77 45.80
O4 NAG J . -46.82 45.99 47.90
O5 NAG J . -49.06 44.99 45.11
O6 NAG J . -49.42 47.54 46.44
O7 NAG J . -45.90 45.32 41.69
C1 NAG J . -46.59 47.34 48.36
C2 NAG J . -46.74 48.37 47.24
C3 NAG J . -46.60 49.76 47.74
C4 NAG J . -47.48 50.04 48.93
C5 NAG J . -47.33 49.00 50.03
C6 NAG J . -48.39 49.24 51.07
C7 NAG J . -46.03 48.17 44.78
C8 NAG J . -44.95 47.99 43.72
N2 NAG J . -45.67 48.20 46.21
O3 NAG J . -46.95 50.68 46.68
O4 NAG J . -47.09 51.32 49.47
O5 NAG J . -47.50 47.63 49.51
O6 NAG J . -49.52 48.47 50.77
O7 NAG J . -47.17 48.26 44.47
C1 BMA J . -45.87 51.14 50.22
C2 BMA J . -44.81 52.10 49.63
C3 BMA J . -43.54 52.05 50.48
C4 BMA J . -43.85 52.23 51.97
C5 BMA J . -44.90 51.20 52.41
C6 BMA J . -45.30 51.34 53.87
O2 BMA J . -45.26 53.44 49.66
O3 BMA J . -42.59 53.04 50.06
O4 BMA J . -42.67 52.05 52.74
O5 BMA J . -46.08 51.40 51.61
O6 BMA J . -45.96 52.60 54.03
C1 NAG K . -35.41 45.19 34.06
C2 NAG K . -34.75 46.57 34.02
C3 NAG K . -34.19 46.99 35.32
C4 NAG K . -35.33 47.05 36.29
C5 NAG K . -35.98 45.66 36.45
C6 NAG K . -37.17 45.79 37.35
C7 NAG K . -34.03 46.90 31.61
C8 NAG K . -32.96 46.96 30.50
N2 NAG K . -33.66 46.59 32.98
O3 NAG K . -33.56 48.28 35.14
O4 NAG K . -34.90 47.56 37.55
O5 NAG K . -36.41 45.09 35.16
O6 NAG K . -37.22 44.71 38.23
O7 NAG K . -35.17 47.10 31.35
C1 NAG K . -34.79 49.00 37.49
C2 NAG K . -36.08 49.60 36.89
C3 NAG K . -36.56 50.92 37.40
C4 NAG K . -36.12 51.28 38.79
C5 NAG K . -34.63 50.99 38.97
C6 NAG K . -34.19 51.46 40.32
C7 NAG K . -36.70 49.09 34.43
C8 NAG K . -36.45 49.27 32.94
N2 NAG K . -35.85 49.77 35.42
O3 NAG K . -38.02 50.91 37.37
O4 NAG K . -36.36 52.67 39.05
O5 NAG K . -34.42 49.54 38.86
O6 NAG K . -32.84 51.86 40.26
O7 NAG K . -37.59 48.39 34.81
C1 BMA K . -36.25 53.45 37.85
C2 BMA K . -36.44 54.94 38.24
C3 BMA K . -36.09 55.87 37.07
C4 BMA K . -34.77 55.47 36.39
C5 BMA K . -34.84 54.00 35.99
C6 BMA K . -33.58 53.51 35.29
O2 BMA K . -35.57 55.29 39.30
O3 BMA K . -36.04 57.23 37.48
O4 BMA K . -34.56 56.26 35.23
O5 BMA K . -35.00 53.24 37.19
O6 BMA K . -33.87 52.25 34.68
C1 NAG L . -25.68 3.25 -38.01
C2 NAG L . -26.73 4.31 -38.30
C3 NAG L . -28.09 3.71 -38.36
C4 NAG L . -28.17 2.54 -39.30
C5 NAG L . -27.02 1.53 -39.12
C6 NAG L . -27.04 0.57 -40.26
C7 NAG L . -25.90 6.55 -37.38
C8 NAG L . -25.07 6.75 -38.65
N2 NAG L . -26.71 5.34 -37.22
O3 NAG L . -29.03 4.73 -38.80
O4 NAG L . -29.40 1.86 -39.07
O5 NAG L . -25.70 2.18 -39.06
O6 NAG L . -26.11 0.98 -41.23
O7 NAG L . -25.88 7.37 -36.52
C1 NAG L . -30.37 2.34 -40.01
C2 NAG L . -31.42 3.16 -39.28
C3 NAG L . -32.37 3.83 -40.19
C4 NAG L . -31.67 4.61 -41.26
C5 NAG L . -30.68 3.73 -42.03
C6 NAG L . -29.95 4.58 -43.02
C7 NAG L . -31.58 1.74 -37.14
C8 NAG L . -32.38 0.81 -36.22
N2 NAG L . -32.20 2.26 -38.37
O3 NAG L . -33.22 4.74 -39.42
O4 NAG L . -32.64 5.13 -42.18
O5 NAG L . -29.70 3.11 -41.12
O6 NAG L . -29.90 3.90 -44.26
O7 NAG L . -30.46 2.03 -36.86
C1 NAG M . 60.32 30.01 13.69
C2 NAG M . 60.19 30.15 12.17
C3 NAG M . 61.49 30.35 11.51
C4 NAG M . 62.52 29.37 11.99
C5 NAG M . 62.73 29.46 13.51
C6 NAG M . 64.10 30.01 13.78
C7 NAG M . 58.89 28.92 10.32
C8 NAG M . 58.86 30.20 9.49
N2 NAG M . 59.54 28.90 11.63
O3 NAG M . 61.96 31.70 11.78
O4 NAG M . 62.07 28.05 11.69
O5 NAG M . 61.73 30.32 14.15
O6 NAG M . 65.03 29.33 12.99
O7 NAG M . 58.40 27.93 9.90
C1 NAG M . 62.67 27.63 10.46
C2 NAG M . 61.62 26.96 9.59
C3 NAG M . 62.19 26.48 8.31
C4 NAG M . 62.87 27.58 7.57
C5 NAG M . 63.89 28.33 8.42
C6 NAG M . 64.37 29.54 7.68
C7 NAG M . 61.57 24.90 11.28
C8 NAG M . 63.05 24.98 11.65
N2 NAG M . 60.93 25.83 10.32
O3 NAG M . 61.11 25.94 7.49
O4 NAG M . 63.54 27.02 6.43
O5 NAG M . 63.33 28.77 9.72
O6 NAG M . 63.29 30.14 7.01
O7 NAG M . 60.90 24.06 11.78
C1 NAG N . 23.99 36.26 15.12
C2 NAG N . 22.66 36.54 15.79
C3 NAG N . 22.37 37.99 15.86
C4 NAG N . 23.49 38.82 16.43
C5 NAG N . 24.87 38.43 15.88
C6 NAG N . 25.92 39.06 16.76
C7 NAG N . 21.27 36.16 13.63
C8 NAG N . 22.09 37.21 12.85
N2 NAG N . 21.56 35.86 15.03
O3 NAG N . 21.17 38.20 16.67
O4 NAG N . 23.22 40.18 16.06
O5 NAG N . 25.09 36.99 15.84
O6 NAG N . 26.07 40.41 16.41
O7 NAG N . 20.39 35.59 13.07
C1 NAG N . 23.30 41.09 17.18
C2 NAG N . 23.46 40.36 18.51
C3 NAG N . 23.76 41.25 19.67
C4 NAG N . 24.82 42.27 19.38
C5 NAG N . 24.53 43.02 18.08
C6 NAG N . 25.66 43.99 17.82
C7 NAG N . 22.18 38.31 19.37
C8 NAG N . 20.84 37.63 19.72
N2 NAG N . 22.17 39.67 18.85
O3 NAG N . 24.20 40.44 20.79
O4 NAG N . 24.85 43.21 20.46
O5 NAG N . 24.41 42.09 16.96
O6 NAG N . 25.81 44.83 18.93
O7 NAG N . 23.20 37.73 19.52
C1 NAG O . -25.35 26.44 48.56
C2 NAG O . -25.30 27.52 49.64
C3 NAG O . -24.68 28.77 49.13
C4 NAG O . -23.43 28.61 48.30
C5 NAG O . -23.50 27.48 47.29
C6 NAG O . -22.12 27.19 46.81
C7 NAG O . -27.09 28.08 51.40
C8 NAG O . -26.06 27.86 52.51
N2 NAG O . -26.70 27.89 50.00
O3 NAG O . -24.38 29.69 50.23
O4 NAG O . -23.21 29.79 47.53
O5 NAG O . -24.00 26.27 47.94
O6 NAG O . -21.76 28.14 45.84
O7 NAG O . -28.21 28.37 51.68
C1 NAG O . -22.11 30.53 48.10
C2 NAG O . -22.64 31.92 48.44
C3 NAG O . -21.77 32.70 49.35
C4 NAG O . -21.28 31.88 50.51
C5 NAG O . -20.58 30.63 50.01
C6 NAG O . -20.05 29.85 51.18
C7 NAG O . -21.63 32.89 46.31
C8 NAG O . -21.76 33.69 45.00
N2 NAG O . -22.79 32.70 47.17
O3 NAG O . -22.53 33.84 49.85
O4 NAG O . -20.36 32.65 51.29
O5 NAG O . -21.51 29.78 49.25
O6 NAG O . -20.81 30.18 52.32
O7 NAG O . -20.57 32.45 46.63
C1 BMA O . -21.13 33.47 52.20
C2 BMA O . -22.36 32.65 52.66
C3 BMA O . -23.14 33.43 53.72
C4 BMA O . -22.20 33.97 54.82
C5 BMA O . -21.04 34.75 54.18
C6 BMA O . -20.04 35.28 55.18
O2 BMA O . -21.97 31.43 53.28
O3 BMA O . -24.17 32.65 54.30
O4 BMA O . -22.92 34.83 55.69
O5 BMA O . -20.35 33.86 53.32
O6 BMA O . -19.08 36.04 54.47
C1 MAN O . -19.71 36.67 53.35
C2 MAN O . -18.99 36.19 52.05
C3 MAN O . -17.61 36.84 51.93
C4 MAN O . -17.70 38.35 52.12
C5 MAN O . -18.37 38.66 53.47
C6 MAN O . -18.52 40.15 53.73
O2 MAN O . -19.70 36.58 50.88
O3 MAN O . -16.99 36.53 50.69
O4 MAN O . -16.41 38.93 52.09
O5 MAN O . -19.68 38.08 53.47
O6 MAN O . -19.11 40.31 55.01
C1 NAG P . -18.89 41.05 32.81
C2 NAG P . -18.89 42.12 33.90
C3 NAG P . -17.58 42.36 34.54
C4 NAG P . -16.81 41.09 34.68
C5 NAG P . -16.50 40.49 33.32
C6 NAG P . -16.51 38.99 33.47
C7 NAG P . -20.72 43.86 33.74
C8 NAG P . -21.32 45.15 33.14
N2 NAG P . -19.41 43.38 33.29
O3 NAG P . -17.92 42.85 35.87
O4 NAG P . -15.60 41.32 35.41
O5 NAG P . -17.49 40.84 32.30
O6 NAG P . -15.73 38.64 34.58
O7 NAG P . -21.31 43.26 34.58
C1 NAG P . -15.19 42.69 35.35
C2 NAG P . -15.01 43.21 36.76
C3 NAG P . -14.67 44.65 36.76
C4 NAG P . -13.44 44.93 35.97
C5 NAG P . -12.91 43.74 35.13
C6 NAG P . -12.03 42.89 36.01
C7 NAG P . -16.42 41.70 38.25
C8 NAG P . -17.68 41.42 39.08
N2 NAG P . -16.26 42.99 37.56
O3 NAG P . -14.43 45.06 38.14
O4 NAG P . -13.69 46.03 35.09
O5 NAG P . -13.95 42.89 34.51
O6 NAG P . -11.88 43.52 37.25
O7 NAG P . -15.58 40.87 38.16
C1 BMA P . -14.48 45.55 33.98
C2 BMA P . -15.60 46.57 33.76
C3 BMA P . -15.01 47.91 33.34
C4 BMA P . -14.02 47.79 32.15
C5 BMA P . -13.01 46.61 32.31
C6 BMA P . -11.76 46.94 33.14
O2 BMA P . -16.31 46.81 34.97
O3 BMA P . -14.38 48.56 34.44
O4 BMA P . -14.75 47.65 30.94
O5 BMA P . -13.66 45.40 32.82
O6 BMA P . -12.11 47.03 34.50
C1 MAN P . -11.52 48.22 35.06
C2 MAN P . -9.97 48.05 35.07
C3 MAN P . -9.55 47.04 36.14
C4 MAN P . -10.19 47.37 37.49
C5 MAN P . -11.70 47.43 37.34
C6 MAN P . -12.42 47.78 38.62
O2 MAN P . -9.31 49.26 35.41
O3 MAN P . -8.13 46.96 36.27
O4 MAN P . -9.84 46.39 38.45
O5 MAN P . -12.03 48.45 36.38
O6 MAN P . -13.78 47.38 38.49
C1 NAG Q . -27.70 10.03 56.00
C2 NAG Q . -26.30 10.26 56.58
C3 NAG Q . -25.51 8.99 56.58
C4 NAG Q . -26.16 7.85 57.32
C5 NAG Q . -27.49 7.58 56.62
C6 NAG Q . -28.61 7.48 57.62
C7 NAG Q . -25.10 12.47 55.61
C8 NAG Q . -25.42 13.39 56.79
N2 NAG Q . -25.53 11.07 55.58
O3 NAG Q . -24.16 9.23 57.08
O4 NAG Q . -25.33 6.68 57.23
O5 NAG Q . -27.73 8.58 55.53
O6 NAG Q . -28.67 8.55 58.55
O7 NAG Q . -24.47 12.90 54.69
C1 NAG Q . -24.35 6.59 58.29
C2 NAG Q . -23.08 5.89 57.75
C3 NAG Q . -21.88 6.04 58.60
C4 NAG Q . -21.62 7.46 58.97
C5 NAG Q . -22.84 8.05 59.69
C6 NAG Q . -22.59 9.50 59.95
C7 NAG Q . -22.70 3.64 56.54
C8 NAG Q . -21.77 4.34 55.53
N2 NAG Q . -23.34 4.41 57.61
O3 NAG Q . -20.71 5.53 57.90
O4 NAG Q . -20.48 7.54 59.84
O5 NAG Q . -24.07 7.95 58.88
O6 NAG Q . -23.68 10.03 60.66
O7 NAG Q . -22.89 2.47 56.45
C1 BMA Q . -19.60 8.59 59.35
C2 BMA Q . -19.11 9.40 60.57
C3 BMA Q . -18.22 8.54 61.46
C4 BMA Q . -17.09 7.84 60.66
C5 BMA Q . -17.60 7.17 59.35
C6 BMA Q . -18.25 5.81 59.56
O2 BMA Q . -20.20 9.81 61.39
O3 BMA Q . -18.97 7.59 62.20
O4 BMA Q . -16.06 8.76 60.36
O5 BMA Q . -18.50 8.05 58.61
O6 BMA Q . -19.33 5.95 60.47
C1 FUC Q . -29.96 8.47 59.21
C2 FUC Q . -30.36 9.83 59.89
C3 FUC Q . -31.87 10.10 59.79
C4 FUC Q . -32.66 8.79 59.85
C5 FUC Q . -32.30 7.90 58.64
C6 FUC Q . -32.55 6.42 58.87
O2 FUC Q . -29.60 10.94 59.42
O3 FUC Q . -32.30 10.92 60.87
O4 FUC Q . -32.37 8.11 61.06
O5 FUC Q . -30.91 8.03 58.25
C1 NAG R . -39.80 18.03 60.86
C2 NAG R . -39.45 18.59 62.24
C3 NAG R . -40.62 19.18 62.92
C4 NAG R . -41.28 20.26 62.13
C5 NAG R . -41.45 19.90 60.64
C6 NAG R . -41.64 21.18 59.87
C7 NAG R . -37.56 17.62 63.65
C8 NAG R . -36.98 16.51 64.54
N2 NAG R . -38.90 17.49 63.10
O3 NAG R . -40.17 19.75 64.18
O4 NAG R . -42.59 20.46 62.69
O5 NAG R . -40.33 19.16 60.02
O6 NAG R . -41.08 22.24 60.59
O7 NAG R . -36.91 18.59 63.41
C1 NAG R . -42.83 21.85 63.02
C2 NAG R . -41.66 22.41 63.81
C3 NAG R . -41.78 23.86 64.08
C4 NAG R . -42.04 24.65 62.83
C5 NAG R . -43.26 24.09 62.08
C6 NAG R . -43.42 24.85 60.78
C7 NAG R . -42.71 21.83 66.07
C8 NAG R . -42.66 21.11 67.43
N2 NAG R . -41.59 21.69 65.13
O3 NAG R . -40.56 24.35 64.70
O4 NAG R . -42.26 26.02 63.16
O5 NAG R . -43.11 22.67 61.77
O6 NAG R . -43.50 23.94 59.72
O7 NAG R . -43.64 22.51 65.78
C1 BMA R . -43.25 26.13 64.20
C2 BMA R . -42.65 27.02 65.32
C3 BMA R . -43.72 27.28 66.38
C4 BMA R . -45.01 27.81 65.75
C5 BMA R . -45.50 26.82 64.70
C6 BMA R . -46.77 27.26 64.00
O2 BMA R . -42.26 28.27 64.82
O3 BMA R . -43.26 28.16 67.40
O4 BMA R . -46.01 27.98 66.75
O5 BMA R . -44.46 26.68 63.70
O6 BMA R . -47.34 26.14 63.34
C1 MAN R . -43.10 27.46 68.66
C2 MAN R . -42.01 26.32 68.47
C3 MAN R . -42.61 24.98 68.05
C4 MAN R . -43.85 24.64 68.87
C5 MAN R . -44.89 25.74 68.65
C6 MAN R . -46.21 25.45 69.33
O2 MAN R . -41.32 26.05 69.70
O3 MAN R . -41.67 23.92 68.13
O4 MAN R . -44.39 23.40 68.45
O5 MAN R . -44.37 26.98 69.19
O6 MAN R . -45.99 25.44 70.75
C1 NAG S . -52.14 1.73 60.54
C2 NAG S . -51.33 0.57 61.10
C3 NAG S . -52.05 -0.72 60.96
C4 NAG S . -53.42 -0.65 61.58
C5 NAG S . -54.23 0.55 61.07
C6 NAG S . -55.49 0.67 61.87
C7 NAG S . -48.77 0.51 61.07
C8 NAG S . -47.44 0.41 60.30
N2 NAG S . -50.04 0.47 60.34
O3 NAG S . -51.29 -1.76 61.63
O4 NAG S . -54.11 -1.86 61.25
O5 NAG S . -53.48 1.81 61.19
O6 NAG S . -55.70 2.02 62.20
O7 NAG S . -48.77 0.62 62.25
C1 NAG S . -54.76 -2.36 62.44
C2 NAG S . -55.45 -3.67 62.12
C3 NAG S . -56.19 -4.20 63.30
C4 NAG S . -55.31 -4.31 64.51
C5 NAG S . -54.51 -3.02 64.79
C6 NAG S . -53.49 -3.32 65.85
C7 NAG S . -57.52 -2.56 61.02
C8 NAG S . -57.79 -1.72 62.27
N2 NAG S . -56.38 -3.49 60.96
O3 NAG S . -56.71 -5.52 62.97
O4 NAG S . -56.14 -4.57 65.65
O5 NAG S . -53.81 -2.51 63.59
O6 NAG S . -54.09 -4.06 66.87
O7 NAG S . -58.23 -2.45 60.07
C1 BMA S . -56.13 -5.98 65.91
C2 BMA S . -56.45 -6.19 67.41
C3 BMA S . -56.62 -7.68 67.72
C4 BMA S . -57.58 -8.35 66.72
C5 BMA S . -57.09 -8.08 65.28
C6 BMA S . -58.00 -8.70 64.23
O2 BMA S . -57.68 -5.56 67.76
O3 BMA S . -57.09 -7.89 69.04
O4 BMA S . -57.62 -9.75 66.96
O5 BMA S . -57.07 -6.67 65.09
O6 BMA S . -58.09 -10.09 64.48
C1 NAG T . 46.72 -32.75 -10.28
C2 NAG T . 46.09 -32.34 -8.95
C3 NAG T . 46.57 -31.01 -8.52
C4 NAG T . 48.07 -30.92 -8.47
C5 NAG T . 48.73 -31.43 -9.76
C6 NAG T . 50.20 -31.53 -9.55
C7 NAG T . 43.73 -32.66 -8.00
C8 NAG T . 42.20 -32.60 -8.18
N2 NAG T . 44.60 -32.28 -9.11
O3 NAG T . 46.03 -30.73 -7.20
O4 NAG T . 48.44 -29.56 -8.28
O5 NAG T . 48.22 -32.75 -10.17
O6 NAG T . 50.47 -32.20 -8.35
O7 NAG T . 44.20 -33.01 -6.97
C1 NAG T . 49.17 -29.43 -7.04
C2 NAG T . 48.18 -29.40 -5.88
C3 NAG T . 48.84 -29.41 -4.55
C4 NAG T . 49.90 -30.45 -4.41
C5 NAG T . 50.89 -30.45 -5.58
C6 NAG T . 51.80 -31.63 -5.45
C7 NAG T . 47.90 -26.82 -5.94
C8 NAG T . 49.41 -26.60 -5.76
N2 NAG T . 47.33 -28.17 -5.99
O3 NAG T . 47.82 -29.63 -3.53
O4 NAG T . 50.61 -30.24 -3.18
O5 NAG T . 50.20 -30.52 -6.88
O6 NAG T . 51.24 -32.72 -6.14
O7 NAG T . 47.18 -25.88 -6.02
C1 BMA T . 51.57 -29.18 -3.35
C2 BMA T . 50.90 -27.85 -2.90
C3 BMA T . 51.93 -26.72 -2.89
C4 BMA T . 53.20 -27.13 -2.14
C5 BMA T . 53.76 -28.43 -2.72
C6 BMA T . 55.00 -28.92 -1.99
O2 BMA T . 50.41 -27.97 -1.56
O3 BMA T . 51.40 -25.52 -2.33
O4 BMA T . 54.18 -26.11 -2.24
O5 BMA T . 52.75 -29.44 -2.61
O6 BMA T . 55.49 -30.06 -2.66
C1 NAG U . -36.84 -2.75 55.93
C2 NAG U . -38.20 -3.44 55.96
C3 NAG U . -38.59 -3.84 57.33
C4 NAG U . -37.54 -4.66 58.00
C5 NAG U . -36.16 -3.98 57.96
C6 NAG U . -35.14 -4.93 58.50
C7 NAG U . -39.43 -2.37 53.99
C8 NAG U . -40.47 -1.39 53.44
N2 NAG U . -39.23 -2.48 55.43
O3 NAG U . -39.82 -4.62 57.27
O4 NAG U . -37.90 -4.87 59.37
O5 NAG U . -35.78 -3.59 56.59
O6 NAG U . -33.85 -4.47 58.15
O7 NAG U . -38.78 -3.03 53.25
C1 NAG U . -38.25 -6.24 59.55
C2 NAG U . -37.94 -6.65 60.99
C3 NAG U . -38.31 -8.06 61.25
C4 NAG U . -39.73 -8.34 60.90
C5 NAG U . -40.08 -7.91 59.47
C6 NAG U . -41.56 -8.03 59.28
C7 NAG U . -36.01 -5.32 62.01
C8 NAG U . -34.51 -5.13 62.28
N2 NAG U . -36.47 -6.47 61.24
O3 NAG U . -38.10 -8.34 62.67
O4 NAG U . -39.98 -9.75 61.03
O5 NAG U . -39.68 -6.52 59.20
O6 NAG U . -42.21 -7.02 60.01
O7 NAG U . -36.80 -4.53 62.44
C2 NAG V . -11.34 -14.73 -50.89
C3 NAG V . -12.51 -14.84 -49.98
C4 NAG V . -12.43 -16.00 -49.04
C5 NAG V . -11.27 -15.92 -48.05
C6 NAG V . -11.04 -17.28 -47.46
C7 NAG V . -11.17 -12.16 -50.82
C8 NAG V . -11.25 -10.80 -51.52
N2 NAG V . -11.42 -13.39 -51.57
O3 NAG V . -13.71 -15.00 -50.80
O4 NAG V . -13.63 -16.03 -48.28
O5 NAG V . -10.01 -15.47 -48.65
O6 NAG V . -10.21 -18.02 -48.32
O7 NAG V . -10.93 -12.22 -49.65
H2 NAG V . -11.39 -15.51 -51.64
H3 NAG V . -12.60 -13.93 -49.40
H4 NAG V . -12.34 -16.92 -49.62
H5 NAG V . -11.53 -15.24 -47.25
H61 NAG V . -11.98 -17.79 -47.35
H62 NAG V . -10.55 -17.19 -46.49
H81 NAG V . -11.27 -10.01 -50.79
H82 NAG V . -12.15 -10.75 -52.13
H83 NAG V . -10.38 -10.67 -52.16
HN2 NAG V . -11.62 -13.34 -52.55
HO3 NAG V . -14.47 -14.72 -50.32
HO6 NAG V . -10.09 -17.54 -49.13
C1 NAG V . -14.57 -16.95 -48.84
C2 NAG V . -15.92 -16.70 -48.18
C3 NAG V . -16.98 -17.56 -48.76
C4 NAG V . -17.07 -17.35 -50.24
C5 NAG V . -15.73 -17.66 -50.92
C6 NAG V . -15.82 -17.37 -52.39
C7 NAG V . -15.18 -18.20 -46.21
C8 NAG V . -15.07 -18.42 -44.70
N2 NAG V . -15.79 -16.97 -46.71
O3 NAG V . -18.26 -17.21 -48.15
O4 NAG V . -18.10 -18.21 -50.76
O5 NAG V . -14.64 -16.85 -50.34
O6 NAG V . -16.16 -16.01 -52.57
O7 NAG V . -14.77 -19.02 -46.96
H2 NAG V . -16.19 -15.67 -48.34
H3 NAG V . -16.76 -18.60 -48.55
H4 NAG V . -17.32 -16.32 -50.43
H5 NAG V . -15.50 -18.71 -50.78
H61 NAG V . -16.59 -17.99 -52.84
H62 NAG V . -14.87 -17.57 -52.85
H81 NAG V . -14.55 -19.35 -44.51
H82 NAG V . -16.06 -18.48 -44.26
H83 NAG V . -14.52 -17.61 -44.24
HN2 NAG V . -16.14 -16.28 -46.06
HO3 NAG V . -18.88 -17.91 -48.30
HO6 NAG V . -17.10 -15.93 -52.63
C1 BMA V . -18.96 -17.47 -51.64
C2 BMA V . -20.11 -18.39 -52.09
C3 BMA V . -21.43 -17.59 -52.18
C4 BMA V . -21.23 -16.13 -52.68
C5 BMA V . -20.08 -15.42 -51.95
C6 BMA V . -20.52 -14.18 -51.21
O2 BMA V . -20.32 -19.42 -51.12
O3 BMA V . -22.13 -17.61 -50.95
O4 BMA V . -21.00 -16.13 -54.07
O5 BMA V . -19.50 -16.32 -51.01
O6 BMA V . -19.37 -13.55 -50.66
H2 BMA V . -19.86 -18.82 -53.06
H3 BMA V . -22.09 -18.10 -52.90
H4 BMA V . -22.15 -15.58 -52.44
H5 BMA V . -19.31 -15.12 -52.68
H61 BMA V . -21.23 -14.47 -50.42
H62 BMA V . -21.04 -13.53 -51.92
HO2 BMA V . -20.98 -19.07 -50.51
HO3 BMA V . -22.90 -17.04 -51.08
HO4 BMA V . -20.71 -15.23 -54.29
HO6 BMA V . -18.70 -14.24 -50.52
C1 NAG W . -28.27 -20.12 -18.93
C2 NAG W . -28.52 -18.94 -19.85
C3 NAG W . -29.87 -18.97 -20.44
C4 NAG W . -30.07 -20.23 -21.22
C5 NAG W . -29.77 -21.47 -20.38
C6 NAG W . -29.77 -22.68 -21.27
C7 NAG W . -29.11 -17.43 -17.86
C8 NAG W . -28.93 -16.13 -17.07
N2 NAG W . -28.34 -17.67 -19.07
O3 NAG W . -30.00 -17.82 -21.32
O4 NAG W . -31.42 -20.30 -21.69
O5 NAG W . -28.47 -21.42 -19.68
O6 NAG W . -28.60 -22.68 -22.03
O7 NAG W . -29.89 -18.25 -17.49
C1 NAG W . -31.54 -19.50 -22.89
C2 NAG W . -32.32 -20.26 -23.95
C3 NAG W . -32.54 -19.45 -25.18
C4 NAG W . -33.15 -18.12 -24.88
C5 NAG W . -32.36 -17.35 -23.80
C6 NAG W . -33.11 -16.10 -23.45
C7 NAG W . -30.22 -21.38 -24.89
C8 NAG W . -29.45 -22.65 -25.27
N2 NAG W . -31.56 -21.49 -24.32
O3 NAG W . -33.42 -20.18 -26.07
O4 NAG W . -33.16 -17.33 -26.07
O5 NAG W . -32.17 -18.16 -22.59
O6 NAG W . -32.81 -15.10 -24.39
O7 NAG W . -29.73 -20.31 -25.05
C1 BMA W . -34.44 -17.48 -26.71
C2 BMA W . -34.91 -16.08 -27.18
C3 BMA W . -36.18 -16.19 -28.02
C4 BMA W . -36.06 -17.28 -29.10
C5 BMA W . -35.63 -18.60 -28.46
C6 BMA W . -35.44 -19.71 -29.48
O2 BMA W . -33.93 -15.48 -28.02
O3 BMA W . -36.54 -14.95 -28.62
O4 BMA W . -37.29 -17.46 -29.76
O5 BMA W . -34.37 -18.39 -27.80
O6 BMA W . -36.63 -19.81 -30.24
C1 NAG X . 13.92 -44.93 -20.85
C2 NAG X . 13.57 -43.45 -20.90
C3 NAG X . 12.17 -43.49 -21.41
C4 NAG X . 12.05 -44.23 -22.72
C5 NAG X . 12.85 -45.56 -22.80
C6 NAG X . 12.91 -46.05 -24.22
C7 NAG X . 14.24 -41.47 -19.41
C8 NAG X . 14.95 -40.82 -20.60
N2 NAG X . 13.56 -42.76 -19.58
O3 NAG X . 11.62 -42.15 -21.50
O4 NAG X . 10.66 -44.55 -22.89
O5 NAG X . 14.20 -45.45 -22.23
O6 NAG X . 11.78 -46.85 -24.45
O7 NAG X . 14.23 -40.92 -18.35
C1 NAG X . 10.21 -44.33 -24.26
C2 NAG X . 11.18 -43.37 -24.96
C3 NAG X . 10.97 -43.28 -26.44
C4 NAG X . 10.85 -44.62 -27.10
C5 NAG X . 9.75 -45.45 -26.43
C6 NAG X . 9.65 -46.78 -27.11
C7 NAG X . 12.16 -41.24 -23.94
C8 NAG X . 11.97 -39.84 -23.36
N2 NAG X . 10.99 -42.00 -24.40
O3 NAG X . 12.10 -42.58 -27.03
O4 NAG X . 10.54 -44.44 -28.48
O5 NAG X . 10.04 -45.64 -25.00
O6 NAG X . 8.91 -46.66 -28.29
O7 NAG X . 13.24 -41.72 -24.00
C1 NAG Y . 3.40 -40.06 22.60
C2 NAG Y . 1.92 -40.36 22.81
C3 NAG Y . 1.56 -40.38 24.26
C4 NAG Y . 2.49 -41.26 25.04
C5 NAG Y . 3.96 -40.92 24.79
C6 NAG Y . 4.86 -41.84 25.56
C7 NAG Y . -0.18 -39.57 21.56
C8 NAG Y . -0.75 -40.99 21.63
N2 NAG Y . 1.13 -39.28 22.14
O3 NAG Y . 0.21 -40.90 24.40
O4 NAG Y . 2.18 -41.11 26.42
O5 NAG Y . 4.27 -41.02 23.35
O6 NAG Y . 5.29 -42.87 24.72
O7 NAG Y . -0.80 -38.70 21.05
C1 NAG Y . 2.19 -42.40 27.04
C2 NAG Y . 1.80 -42.26 28.50
C3 NAG Y . 1.90 -43.57 29.21
C4 NAG Y . 1.14 -44.65 28.51
C5 NAG Y . 1.43 -44.72 27.01
C6 NAG Y . 0.49 -45.69 26.36
C7 NAG Y . 4.13 -41.39 29.23
C8 NAG Y . 4.83 -42.63 28.65
N2 NAG Y . 2.68 -41.24 29.15
O3 NAG Y . 1.38 -43.42 30.56
O4 NAG Y . 1.50 -45.91 29.09
O5 NAG Y . 1.30 -43.41 26.35
O6 NAG Y . 0.90 -46.99 26.64
O7 NAG Y . 4.78 -40.55 29.75
C1 NAG Z . -48.79 -11.21 33.64
C2 NAG Z . -49.60 -12.39 34.13
C3 NAG Z . -48.87 -13.04 35.25
C4 NAG Z . -47.57 -13.58 34.75
C5 NAG Z . -46.72 -12.53 34.04
C6 NAG Z . -45.62 -13.22 33.29
C7 NAG Z . -51.21 -10.99 35.61
C8 NAG Z . -50.04 -10.34 36.37
N2 NAG Z . -50.97 -11.97 34.55
O3 NAG Z . -49.68 -14.12 35.77
O4 NAG Z . -46.79 -14.05 35.85
O5 NAG Z . -47.48 -11.70 33.07
O6 NAG Z . -45.78 -13.00 31.92
O7 NAG Z . -52.33 -10.69 35.90
C1 NAG Z . -47.07 -15.43 36.10
C2 NAG Z . -46.61 -15.69 37.54
C3 NAG Z . -47.37 -16.70 38.32
C4 NAG Z . -48.83 -16.64 38.04
C5 NAG Z . -49.08 -16.87 36.57
C6 NAG Z . -50.55 -16.95 36.32
C7 NAG Z . -44.13 -15.30 38.07
C8 NAG Z . -42.66 -15.73 38.01
N2 NAG Z . -45.17 -16.13 37.48
O3 NAG Z . -47.15 -16.45 39.73
O4 NAG Z . -49.51 -17.65 38.78
O5 NAG Z . -48.51 -15.76 35.79
O6 NAG Z . -50.90 -18.29 36.09
O7 NAG Z . -44.42 -14.27 38.60
C1 BMA Z . -48.70 -18.83 38.83
C2 BMA Z . -48.32 -19.07 40.30
C3 BMA Z . -47.74 -20.50 40.51
C4 BMA Z . -48.54 -21.58 39.75
C5 BMA Z . -48.67 -21.16 38.29
C6 BMA Z . -49.41 -22.18 37.44
O2 BMA Z . -49.46 -18.94 41.14
O3 BMA Z . -47.53 -20.86 41.90
O4 BMA Z . -47.87 -22.82 39.83
O5 BMA Z . -49.40 -19.93 38.25
O6 BMA Z . -48.60 -23.34 37.33
C1 MAN Z . -48.74 -21.09 42.65
C2 MAN Z . -48.78 -22.61 43.01
C3 MAN Z . -50.17 -22.99 43.48
C4 MAN Z . -50.96 -21.73 43.86
C5 MAN Z . -51.17 -20.88 42.61
C6 MAN Z . -51.76 -19.51 42.91
O2 MAN Z . -47.90 -22.90 44.09
O3 MAN Z . -50.13 -23.91 44.58
O4 MAN Z . -52.22 -22.10 44.40
O5 MAN Z . -49.92 -20.69 41.93
O6 MAN Z . -50.77 -18.74 43.57
C1 NAG AA . -30.36 -14.86 45.63
C2 NAG AA . -30.89 -15.84 46.68
C3 NAG AA . -31.45 -17.08 46.10
C4 NAG AA . -30.40 -17.80 45.31
C5 NAG AA . -29.77 -16.92 44.23
C6 NAG AA . -30.69 -16.89 43.05
C7 NAG AA . -29.04 -15.31 48.39
C8 NAG AA . -27.80 -15.74 49.19
N2 NAG AA . -29.68 -16.25 47.47
O3 NAG AA . -32.57 -16.74 45.25
O4 NAG AA . -29.36 -18.24 46.19
O5 NAG AA . -29.45 -15.53 44.64
O6 NAG AA . -31.27 -18.16 42.93
O7 NAG AA . -29.49 -14.21 48.52
C1 NAG AA . -28.81 -19.51 45.76
C2 NAG AA . -29.16 -20.57 46.80
C3 NAG AA . -28.57 -21.90 46.46
C4 NAG AA . -28.86 -22.34 45.05
C5 NAG AA . -28.68 -21.22 44.01
C6 NAG AA . -29.32 -21.67 42.73
C7 NAG AA . -29.23 -19.04 48.85
C8 NAG AA . -28.66 -18.60 50.22
N2 NAG AA . -28.60 -20.15 48.13
O3 NAG AA . -29.12 -22.89 47.37
O4 NAG AA . -27.96 -23.40 44.73
O5 NAG AA . -29.28 -19.94 44.40
O6 NAG AA . -28.32 -21.97 41.79
O7 NAG AA . -30.15 -18.47 48.38
C1 BMA AA . -28.61 -24.68 44.91
C2 BMA AA . -27.59 -25.78 44.54
C3 BMA AA . -27.07 -26.49 45.80
C4 BMA AA . -28.22 -27.08 46.65
C5 BMA AA . -29.48 -26.21 46.53
C6 BMA AA . -30.31 -26.20 47.81
O2 BMA AA . -26.45 -25.23 43.90
O3 BMA AA . -26.29 -25.62 46.60
O4 BMA AA . -28.51 -28.41 46.23
O5 BMA AA . -29.08 -24.86 46.23
O6 BMA AA . -29.48 -25.70 48.86
C1 MAN AA . -25.00 -26.23 46.86
C2 MAN AA . -24.33 -25.39 47.98
C3 MAN AA . -22.85 -25.77 48.16
C4 MAN AA . -22.11 -25.92 46.82
C5 MAN AA . -22.90 -26.79 45.83
C6 MAN AA . -22.98 -28.24 46.24
O2 MAN AA . -24.95 -25.61 49.25
O3 MAN AA . -22.72 -26.96 48.95
O4 MAN AA . -21.87 -24.63 46.25
O5 MAN AA . -24.24 -26.28 45.68
O6 MAN AA . -23.57 -28.97 45.16
C1 NAG BA . -59.53 -6.68 19.02
C2 NAG BA . -58.55 -7.76 19.49
C3 NAG BA . -58.63 -9.12 18.91
C4 NAG BA . -59.45 -9.32 17.66
C5 NAG BA . -60.61 -8.33 17.54
C6 NAG BA . -61.60 -8.66 18.62
C7 NAG BA . -56.04 -7.86 20.03
C8 NAG BA . -56.32 -8.97 21.04
N2 NAG BA . -57.14 -7.26 19.27
O3 NAG BA . -59.14 -10.02 19.93
O4 NAG BA . -58.63 -9.21 16.49
O5 NAG BA . -60.13 -6.96 17.66
O6 NAG BA . -62.91 -8.60 18.11
O7 NAG BA . -54.93 -7.46 19.85
C1 NAG BA . -59.19 -10.07 15.48
C2 NAG BA . -59.14 -9.36 14.13
C3 NAG BA . -59.57 -10.22 13.00
C4 NAG BA . -58.90 -11.57 13.00
C5 NAG BA . -59.04 -12.26 14.36
C6 NAG BA . -58.27 -13.55 14.34
C7 NAG BA . -61.46 -8.23 14.42
C8 NAG BA . -62.15 -9.57 14.63
N2 NAG BA . -60.01 -8.14 14.18
O3 NAG BA . -59.25 -9.56 11.74
O4 NAG BA . -59.52 -12.40 12.01
O5 NAG BA . -58.51 -11.41 15.45
O6 NAG BA . -57.59 -13.71 15.55
O7 NAG BA . -62.09 -7.22 14.45
C1 FUC BA . -63.26 -7.23 17.88
C2 FUC BA . -64.64 -7.23 17.19
C3 FUC BA . -65.70 -7.75 18.15
C4 FUC BA . -65.71 -6.90 19.43
C5 FUC BA . -64.31 -6.87 20.05
C6 FUC BA . -64.21 -5.87 21.20
O2 FUC BA . -64.63 -7.98 15.99
O3 FUC BA . -66.98 -7.66 17.56
O4 FUC BA . -66.13 -5.59 19.13
O5 FUC BA . -63.29 -6.49 19.09
C1 NAG CA . -68.27 -2.64 31.30
C2 NAG CA . -69.02 -3.92 31.64
C3 NAG CA . -70.21 -3.65 32.50
C4 NAG CA . -69.90 -2.86 33.73
C5 NAG CA . -68.98 -1.65 33.46
C6 NAG CA . -68.46 -1.12 34.77
C7 NAG CA . -68.58 -5.45 29.65
C8 NAG CA . -69.02 -6.14 28.35
N2 NAG CA . -69.49 -4.57 30.38
O3 NAG CA . -70.82 -4.92 32.86
O4 NAG CA . -71.14 -2.35 34.24
O5 NAG CA . -67.84 -1.97 32.58
O6 NAG CA . -68.26 -2.18 35.67
O7 NAG CA . -67.49 -5.62 30.07
C1 NAG CA . -71.44 -2.81 35.58
C2 NAG CA . -70.74 -4.14 35.87
C3 NAG CA . -70.92 -4.62 37.27
C4 NAG CA . -70.85 -3.57 38.34
C5 NAG CA . -71.51 -2.24 37.95
C6 NAG CA . -71.15 -1.20 38.96
C7 NAG CA . -72.72 -5.56 35.07
C8 NAG CA . -73.31 -6.63 34.15
N2 NAG CA . -71.31 -5.19 34.96
O3 NAG CA . -69.89 -5.62 37.54
O4 NAG CA . -71.49 -4.04 39.54
O5 NAG CA . -71.09 -1.79 36.62
O6 NAG CA . -69.89 -0.67 38.63
O7 NAG CA . -73.41 -5.03 35.89
C1 BMA CA . -71.96 -5.40 39.38
C2 BMA CA . -71.81 -6.12 40.74
C3 BMA CA . -72.70 -5.44 41.76
C4 BMA CA . -74.17 -5.41 41.30
C5 BMA CA . -74.31 -4.85 39.86
C6 BMA CA . -74.22 -3.32 39.79
O2 BMA CA . -70.48 -6.00 41.22
O3 BMA CA . -72.26 -4.12 42.03
O4 BMA CA . -74.72 -6.73 41.36
O5 BMA CA . -73.33 -5.42 38.95
O6 BMA CA . -75.12 -2.79 40.76
C1 MAN CA . -72.13 -3.92 43.45
C2 MAN CA . -73.54 -4.02 44.08
C3 MAN CA . -74.40 -2.84 43.63
C4 MAN CA . -73.67 -1.51 43.84
C5 MAN CA . -72.30 -1.55 43.15
C6 MAN CA . -71.48 -0.29 43.36
O2 MAN CA . -73.48 -3.94 45.50
O3 MAN CA . -75.65 -2.82 44.30
O4 MAN CA . -74.44 -0.44 43.31
O5 MAN CA . -71.55 -2.66 43.69
O6 MAN CA . -72.18 0.80 42.78
C1 FUC CA . -66.83 -2.35 35.84
C2 FUC CA . -66.61 -3.33 37.02
C3 FUC CA . -67.16 -4.71 36.67
C4 FUC CA . -66.58 -5.20 35.34
C5 FUC CA . -66.78 -4.15 34.25
C6 FUC CA . -66.08 -4.48 32.94
O2 FUC CA . -67.16 -2.85 38.23
O3 FUC CA . -66.82 -5.65 37.68
O4 FUC CA . -65.19 -5.47 35.49
O5 FUC CA . -66.28 -2.86 34.66
C1 NAG DA . -73.37 15.01 22.26
C2 NAG DA . -73.41 14.68 20.78
C3 NAG DA . -73.96 15.79 19.97
C4 NAG DA . -75.25 16.32 20.51
C5 NAG DA . -75.16 16.66 22.00
C6 NAG DA . -76.53 17.06 22.48
C7 NAG DA . -71.68 13.42 19.34
C8 NAG DA . -72.80 12.55 18.77
N2 NAG DA . -71.99 14.47 20.32
O3 NAG DA . -74.18 15.29 18.62
O4 NAG DA . -75.58 17.50 19.76
O5 NAG DA . -74.70 15.50 22.77
O6 NAG DA . -77.37 15.95 22.42
O7 NAG DA . -70.56 13.25 19.00
C1 NAG DA . -76.90 17.44 19.17
C2 NAG DA . -77.63 16.14 19.52
C3 NAG DA . -79.07 16.15 19.14
C4 NAG DA . -79.82 17.40 19.49
C5 NAG DA . -79.05 18.68 19.13
C6 NAG DA . -79.74 19.85 19.77
C7 NAG DA . -76.56 13.81 19.46
C8 NAG DA . -75.94 12.64 18.67
N2 NAG DA . -77.03 14.99 18.75
O3 NAG DA . -79.74 15.03 19.79
O4 NAG DA . -81.06 17.38 18.79
O5 NAG DA . -77.68 18.65 19.62
O6 NAG DA . -79.13 20.11 21.01
O7 NAG DA . -76.64 13.74 20.63
C1 BMA DA . -80.90 18.07 17.52
C2 BMA DA . -80.56 17.02 16.44
C3 BMA DA . -80.54 17.69 15.05
C4 BMA DA . -81.79 18.54 14.82
C5 BMA DA . -81.97 19.54 15.97
C6 BMA DA . -83.20 20.41 15.81
O2 BMA DA . -81.54 15.99 16.39
O3 BMA DA . -80.40 16.73 14.01
O4 BMA DA . -81.68 19.24 13.58
O5 BMA DA . -82.09 18.79 17.19
O6 BMA DA . -83.09 21.13 14.59
C1 NAG EA . 10.70 -22.50 -63.49
C2 NAG EA . 11.66 -23.60 -63.01
C3 NAG EA . 11.03 -24.65 -62.15
C4 NAG EA . 10.14 -24.06 -61.11
C5 NAG EA . 9.03 -23.28 -61.80
C6 NAG EA . 8.04 -22.79 -60.79
C7 NAG EA . 13.68 -24.40 -64.38
C8 NAG EA . 14.62 -23.83 -63.31
N2 NAG EA . 12.23 -24.28 -64.21
O3 NAG EA . 12.10 -25.38 -61.49
O4 NAG EA . 9.56 -25.01 -60.17
O5 NAG EA . 9.61 -22.13 -62.51
O6 NAG EA . 7.38 -23.89 -60.21
O7 NAG EA . 14.12 -24.94 -65.34
C1 NAG EA . 9.60 -26.42 -60.51
C2 NAG EA . 8.62 -26.69 -61.66
C3 NAG EA . 9.16 -27.65 -62.65
C4 NAG EA . 9.84 -28.81 -61.98
C5 NAG EA . 11.02 -28.37 -61.12
C6 NAG EA . 12.30 -28.69 -61.82
C7 NAG EA . 6.70 -26.74 -59.92
C8 NAG EA . 5.44 -27.42 -59.38
N2 NAG EA . 7.37 -27.30 -61.10
O3 NAG EA . 10.13 -26.98 -63.51
O4 NAG EA . 8.88 -29.48 -61.16
O5 NAG EA . 10.99 -26.92 -60.84
O6 NAG EA . 12.74 -27.56 -62.52
O7 NAG EA . 7.13 -25.78 -59.38
C1 NAG FA . -64.92 5.55 10.97
C2 NAG FA . -65.80 6.60 11.62
C3 NAG FA . -67.11 6.04 11.97
C4 NAG FA . -67.81 5.49 10.77
C5 NAG FA . -66.94 4.45 10.05
C6 NAG FA . -67.59 4.08 8.75
C7 NAG FA . -64.58 8.46 12.88
C8 NAG FA . -63.89 8.99 14.14
N2 NAG FA . -65.13 7.10 12.86
O3 NAG FA . -67.94 7.07 12.59
O4 NAG FA . -69.05 4.91 11.18
O5 NAG FA . -65.59 4.95 9.76
O6 NAG FA . -67.57 5.19 7.89
O7 NAG FA . -64.67 9.15 11.91
C1 NAG FA . -70.12 5.27 10.29
C2 NAG FA . -69.73 6.49 9.44
C3 NAG FA . -70.72 6.80 8.39
C4 NAG FA . -71.06 5.60 7.55
C5 NAG FA . -71.51 4.43 8.42
C6 NAG FA . -71.72 3.23 7.54
C7 NAG FA . -68.41 8.54 10.23
C8 NAG FA . -68.28 9.79 11.11
N2 NAG FA . -69.61 7.71 10.31
O3 NAG FA . -70.19 7.84 7.52
O4 NAG FA . -72.11 5.95 6.65
O5 NAG FA . -70.51 4.09 9.44
O6 NAG FA . -70.54 2.47 7.51
O7 NAG FA . -67.52 8.25 9.48
C1 NAG GA . 1.88 7.84 -64.96
C2 NAG GA . 2.05 6.41 -65.49
C3 NAG GA . 3.45 5.96 -65.73
C4 NAG GA . 4.30 7.00 -66.37
C5 NAG GA . 4.23 8.30 -65.58
C6 NAG GA . 5.14 9.29 -66.22
C7 NAG GA . 0.21 4.77 -64.82
C8 NAG GA . -0.46 5.00 -66.17
N2 NAG GA . 1.45 5.47 -64.48
O3 NAG GA . 3.40 4.80 -66.62
O4 NAG GA . 5.66 6.55 -66.38
O5 NAG GA . 2.84 8.82 -65.56
O6 NAG GA . 4.70 9.57 -67.52
O7 NAG GA . -0.27 4.02 -64.03
C1 NAG HA . 16.78 10.96 -42.42
C2 NAG HA . 17.12 9.72 -43.29
C3 NAG HA . 18.29 8.95 -42.77
C4 NAG HA . 19.27 9.69 -41.92
C5 NAG HA . 18.66 10.83 -41.11
C6 NAG HA . 19.69 11.42 -40.17
C7 NAG HA . 15.67 7.79 -44.24
C8 NAG HA . 14.53 6.80 -43.96
N2 NAG HA . 16.06 8.67 -43.14
O3 NAG HA . 19.05 8.35 -43.87
O4 NAG HA . 19.83 8.81 -40.96
O5 NAG HA . 18.03 11.74 -42.08
O6 NAG HA . 19.81 12.79 -40.42
O7 NAG HA . 16.20 7.86 -45.31
C1 NAG IA . -7.49 26.52 -68.20
C2 NAG IA . -6.96 27.78 -68.88
C3 NAG IA . -5.81 28.29 -68.10
C4 NAG IA . -5.90 27.89 -66.66
C5 NAG IA . -7.35 27.77 -66.12
C6 NAG IA . -7.94 29.14 -66.04
C7 NAG IA . -5.64 26.53 -70.74
C8 NAG IA . -4.90 25.66 -69.71
N2 NAG IA . -6.62 27.53 -70.31
O3 NAG IA . -5.77 29.74 -68.19
O4 NAG IA . -5.24 26.64 -66.47
O5 NAG IA . -8.22 26.91 -66.95
O6 NAG IA . -6.99 30.03 -65.50
O7 NAG IA . -5.42 26.40 -71.90
C1 NAG JA . 18.76 2.92 -54.58
C2 NAG JA . 19.69 1.76 -54.24
C3 NAG JA . 19.38 1.18 -52.90
C4 NAG JA . 19.38 2.23 -51.82
C5 NAG JA . 18.48 3.41 -52.17
C6 NAG JA . 18.68 4.49 -51.14
C7 NAG JA . 20.38 0.68 -56.45
C8 NAG JA . 20.23 -0.43 -57.51
N2 NAG JA . 19.54 0.67 -55.26
O3 NAG JA . 20.38 0.17 -52.57
O4 NAG JA . 18.92 1.64 -50.61
O5 NAG JA . 18.77 3.98 -53.50
O6 NAG JA . 18.06 5.68 -51.58
O7 NAG JA . 21.19 1.54 -56.60
C1 NAG KA . 55.49 28.35 -22.19
C2 NAG KA . 56.30 29.00 -23.31
C3 NAG KA . 55.37 29.59 -24.30
C4 NAG KA . 54.38 28.59 -24.83
C5 NAG KA . 53.77 27.65 -23.77
C6 NAG KA . 53.21 26.46 -24.48
C7 NAG KA . 58.62 30.01 -22.97
C8 NAG KA . 59.54 31.10 -22.40
N2 NAG KA . 57.18 30.07 -22.73
O3 NAG KA . 56.14 30.12 -25.41
O4 NAG KA . 53.31 29.32 -25.42
O5 NAG KA . 54.73 27.19 -22.75
O6 NAG KA . 54.08 25.36 -24.32
O7 NAG KA . 59.08 29.12 -23.61
C1 NAG LA . -28.10 24.24 -17.34
C2 NAG LA . -29.34 23.43 -17.03
C3 NAG LA . -29.95 23.86 -15.75
C4 NAG LA . -28.96 23.85 -14.61
C5 NAG LA . -27.65 24.55 -14.96
C6 NAG LA . -26.66 24.28 -13.87
C7 NAG LA . -30.26 22.78 -19.33
C8 NAG LA . -31.29 22.96 -20.47
N2 NAG LA . -30.34 23.61 -18.13
O3 NAG LA . -31.06 22.96 -15.42
O4 NAG LA . -29.55 24.50 -13.48
O5 NAG LA . -27.08 24.11 -16.25
O6 NAG LA . -27.20 24.67 -12.64
O7 NAG LA . -29.40 21.96 -19.43
C1 NAG MA . -15.46 48.44 -3.95
C2 NAG MA . -16.88 48.86 -4.33
C3 NAG MA . -17.05 50.32 -4.08
C4 NAG MA . -16.68 50.69 -2.66
C5 NAG MA . -15.34 50.09 -2.19
C6 NAG MA . -15.20 50.30 -0.71
C7 NAG MA . -18.34 47.83 -6.15
C8 NAG MA . -18.62 47.51 -7.62
N2 NAG MA . -17.13 48.57 -5.78
O3 NAG MA . -18.44 50.68 -4.30
O4 NAG MA . -16.58 52.11 -2.59
O5 NAG MA . -15.24 48.64 -2.48
O6 NAG MA . -15.10 51.68 -0.46
O7 NAG MA . -19.10 47.46 -5.31
C1 NAG NA . -8.79 27.02 -37.28
C2 NAG NA . -8.20 25.62 -37.18
C3 NAG NA . -9.23 24.57 -37.07
C4 NAG NA . -10.10 24.89 -35.89
C5 NAG NA . -10.71 26.29 -36.04
C6 NAG NA . -11.63 26.52 -34.89
C7 NAG NA . -6.90 24.18 -38.94
C8 NAG NA . -5.97 24.17 -40.16
N2 NAG NA . -7.30 25.46 -38.37
O3 NAG NA . -8.60 23.28 -36.84
O4 NAG NA . -11.15 23.93 -35.76
O5 NAG NA . -9.65 27.34 -36.08
O6 NAG NA . -11.45 25.48 -33.97
O7 NAG NA . -7.30 23.16 -38.49
C1 NAG OA . 37.71 5.74 33.51
C2 NAG OA . 38.28 4.43 34.03
C3 NAG OA . 37.85 4.15 35.42
C4 NAG OA . 38.17 5.28 36.34
C5 NAG OA . 37.61 6.61 35.84
C6 NAG OA . 38.14 7.71 36.71
C7 NAG OA . 38.56 2.06 33.08
C8 NAG OA . 38.08 0.93 32.16
N2 NAG OA . 37.81 3.32 33.14
O3 NAG OA . 38.53 2.94 35.90
O4 NAG OA . 37.62 5.00 37.63
O5 NAG OA . 38.01 6.88 34.45
O6 NAG OA . 38.77 7.15 37.83
O7 NAG OA . 39.54 1.92 33.73
C1 NAG PA . 74.47 24.85 28.16
C2 NAG PA . 73.67 23.60 28.52
C3 NAG PA . 73.88 22.42 27.64
C4 NAG PA . 73.85 22.77 26.19
C5 NAG PA . 74.86 23.88 25.88
C6 NAG PA . 74.80 24.21 24.42
C7 NAG PA . 75.36 22.75 30.31
C8 NAG PA . 76.50 22.69 29.27
N2 NAG PA . 74.01 23.18 29.93
O3 NAG PA . 72.84 21.44 27.90
O4 NAG PA . 74.18 21.61 25.42
O5 NAG PA . 74.57 25.09 26.66
O6 NAG PA . 74.96 25.59 24.25
O7 NAG PA . 75.58 22.44 31.42
C1 NAG QA . 61.59 8.90 -3.68
C2 NAG QA . 62.49 8.59 -4.87
C3 NAG QA . 61.72 8.45 -6.14
C4 NAG QA . 60.58 7.49 -6.03
C5 NAG QA . 59.66 7.85 -4.85
C6 NAG QA . 58.64 6.76 -4.68
C7 NAG QA . 64.76 9.69 -4.39
C8 NAG QA . 65.75 10.84 -4.58
N2 NAG QA . 63.47 9.72 -5.05
O3 NAG QA . 62.63 7.97 -7.18
O4 NAG QA . 59.82 7.52 -7.23
O5 NAG QA . 60.42 7.96 -3.59
O6 NAG QA . 59.15 5.77 -3.84
O7 NAG QA . 65.06 8.76 -3.69
C1 NAG RA . 47.01 3.47 5.05
C2 NAG RA . 45.83 3.88 4.13
C3 NAG RA . 45.29 3.10 2.98
C4 NAG RA . 46.27 2.11 2.54
C5 NAG RA . 46.60 1.34 3.81
C6 NAG RA . 47.11 -0.02 3.40
C7 NAG RA . 44.47 5.87 3.98
C8 NAG RA . 43.40 6.91 4.35
N2 NAG RA . 44.70 4.64 4.75
O3 NAG RA . 45.12 4.05 1.87
O4 NAG RA . 45.65 1.27 1.57
O5 NAG RA . 47.53 2.11 4.67
O6 NAG RA . 46.58 -0.25 2.12
O7 NAG RA . 45.19 6.05 3.04
C1 NAG SA . 4.88 -4.78 51.09
C2 NAG SA . 5.90 -4.46 52.19
C3 NAG SA . 6.74 -5.61 52.63
C4 NAG SA . 5.86 -6.76 52.98
C5 NAG SA . 4.95 -7.13 51.82
C6 NAG SA . 4.04 -8.23 52.27
C7 NAG SA . 7.56 -2.56 52.65
C8 NAG SA . 8.52 -1.48 52.15
N2 NAG SA . 6.82 -3.39 51.69
O3 NAG SA . 7.49 -5.20 53.80
O4 NAG SA . 6.67 -7.88 53.37
O5 NAG SA . 4.08 -6.00 51.44
O6 NAG SA . 3.64 -7.94 53.58
O7 NAG SA . 7.40 -2.75 53.81
C1 NAG TA . 31.46 -37.53 15.13
C2 NAG TA . 31.28 -39.03 15.33
C3 NAG TA . 31.17 -39.12 16.80
C4 NAG TA . 32.35 -38.49 17.51
C5 NAG TA . 32.79 -37.09 17.04
C6 NAG TA . 34.14 -36.74 17.63
C7 NAG TA . 30.07 -40.26 13.47
C8 NAG TA . 28.76 -40.70 12.83
N2 NAG TA . 30.01 -39.49 14.70
O3 NAG TA . 31.08 -40.50 17.20
O4 NAG TA . 32.05 -38.39 18.90
O5 NAG TA . 32.80 -37.04 15.58
O6 NAG TA . 34.90 -37.91 17.70
O7 NAG TA . 31.12 -40.53 12.95
C1 NAG UA . 8.93 21.71 35.25
C2 NAG UA . 8.33 22.28 33.98
C3 NAG UA . 6.86 22.45 34.11
C4 NAG UA . 6.20 21.15 34.46
C5 NAG UA . 6.86 20.46 35.67
C6 NAG UA . 6.30 19.08 35.80
C7 NAG UA . 8.98 24.74 34.55
C8 NAG UA . 8.29 24.67 35.91
N2 NAG UA . 8.99 23.59 33.63
O3 NAG UA . 6.33 22.92 32.83
O4 NAG UA . 4.83 21.40 34.78
O5 NAG UA . 8.33 20.37 35.55
O6 NAG UA . 6.88 18.24 34.85
O7 NAG UA . 9.52 25.74 34.21
C1 NAG VA . 12.07 -14.89 34.67
C2 NAG VA . 11.16 -16.10 34.50
C3 NAG VA . 11.43 -17.05 35.59
C4 NAG VA . 12.91 -17.36 35.72
C5 NAG VA . 13.82 -16.12 35.63
C6 NAG VA . 15.25 -16.57 35.59
C7 NAG VA . 9.19 -14.92 35.73
C8 NAG VA . 10.07 -14.60 36.96
N2 NAG VA . 9.72 -15.63 34.57
O3 NAG VA . 10.72 -18.30 35.34
O4 NAG VA . 13.11 -17.97 37.00
O5 NAG VA . 13.50 -15.27 34.46
O6 NAG VA . 15.67 -16.82 36.90
O7 NAG VA . 8.06 -14.57 35.73
C1 NAG WA . 20.55 -65.56 -2.58
C2 NAG WA . 20.67 -66.66 -3.64
C3 NAG WA . 21.58 -66.43 -4.80
C4 NAG WA . 21.74 -64.99 -5.15
C5 NAG WA . 22.20 -64.21 -3.92
C6 NAG WA . 22.53 -62.81 -4.32
C7 NAG WA . 20.23 -68.66 -2.09
C8 NAG WA . 20.71 -69.94 -1.38
N2 NAG WA . 21.14 -67.91 -2.95
O3 NAG WA . 21.05 -67.14 -5.95
O4 NAG WA . 22.73 -64.86 -6.18
O5 NAG WA . 21.12 -64.20 -2.92
O6 NAG WA . 22.31 -62.65 -5.70
O7 NAG WA . 19.11 -68.29 -1.94
C1 NAG XA . -11.64 -47.57 -10.56
C2 NAG XA . -12.07 -49.02 -10.76
C3 NAG XA . -13.53 -49.19 -10.57
C4 NAG XA . -14.28 -47.89 -10.60
C5 NAG XA . -13.78 -46.89 -9.56
C6 NAG XA . -14.44 -47.18 -8.23
C7 NAG XA . -12.09 -50.75 -12.68
C8 NAG XA . -11.70 -51.15 -14.10
N2 NAG XA . -11.70 -49.44 -12.16
O3 NAG XA . -13.78 -49.84 -9.30
O4 NAG XA . -14.16 -47.30 -11.90
O5 NAG XA . -12.32 -46.95 -9.36
O6 NAG XA . -15.83 -47.28 -8.44
O7 NAG XA . -12.71 -51.51 -12.00
C1 NAG YA . 29.88 -53.46 -20.16
C2 NAG YA . 29.82 -54.98 -20.38
C3 NAG YA . 29.83 -55.48 -21.79
C4 NAG YA . 29.50 -54.50 -22.88
C5 NAG YA . 29.96 -53.09 -22.53
C6 NAG YA . 29.74 -52.11 -23.66
C7 NAG YA . 30.99 -56.77 -18.93
C8 NAG YA . 32.27 -57.31 -18.29
N2 NAG YA . 31.05 -55.56 -19.75
O3 NAG YA . 28.92 -56.62 -21.91
O4 NAG YA . 30.16 -54.90 -24.09
O5 NAG YA . 29.32 -52.65 -21.29
O6 NAG YA . 28.46 -52.18 -24.22
O7 NAG YA . 29.94 -57.31 -18.74
C1 NAG ZA . -20.52 -31.60 17.11
C2 NAG ZA . -21.92 -31.02 16.93
C3 NAG ZA . -22.84 -31.47 18.00
C4 NAG ZA . -22.33 -31.16 19.37
C5 NAG ZA . -20.89 -31.67 19.60
C6 NAG ZA . -20.93 -33.17 19.81
C7 NAG ZA . -22.01 -28.75 15.76
C8 NAG ZA . -22.29 -29.46 14.43
N2 NAG ZA . -21.82 -29.52 16.98
O3 NAG ZA . -23.05 -32.91 17.87
O4 NAG ZA . -22.34 -29.75 19.56
O5 NAG ZA . -19.97 -31.35 18.50
O6 NAG ZA . -19.67 -33.70 19.50
O7 NAG ZA . -21.94 -27.56 15.79
C1 NAG AB . -44.26 -24.94 -5.94
C2 NAG AB . -43.63 -25.71 -7.10
C3 NAG AB . -44.18 -25.29 -8.42
C4 NAG AB . -45.67 -25.40 -8.45
C5 NAG AB . -46.31 -24.60 -7.31
C6 NAG AB . -47.79 -24.85 -7.31
C7 NAG AB . -41.25 -26.64 -7.06
C8 NAG AB . -39.73 -26.43 -7.05
N2 NAG AB . -42.16 -25.50 -7.10
O3 NAG AB . -43.62 -26.15 -9.45
O4 NAG AB . -46.14 -24.89 -9.70
O5 NAG AB . -45.77 -24.98 -5.99
O6 NAG AB . -48.03 -26.21 -7.57
O7 NAG AB . -41.69 -27.74 -7.01
#